data_6PFC
#
_entry.id   6PFC
#
_cell.length_a   214.982
_cell.length_b   117.116
_cell.length_c   221.798
_cell.angle_alpha   90.00
_cell.angle_beta   95.26
_cell.angle_gamma   90.00
#
_symmetry.space_group_name_H-M   'C 1 2 1'
#
loop_
_entity.id
_entity.type
_entity.pdbx_description
1 polymer 'Bifunctional dihydrofolate reductase-thymidylate synthase'
2 non-polymer 'NADPH DIHYDRO-NICOTINAMIDE-ADENINE-DINUCLEOTIDE PHOSPHATE'
3 non-polymer "5-FLUORO-2'-DEOXYURIDINE-5'-MONOPHOSPHATE"
4 non-polymer '[2-({4-[(2-amino-4-oxo-4,7-dihydro-3H-pyrrolo[2,3-d]pyrimidin-5-yl)methyl]benzene-1-carbonyl}amino)-4-methoxyphenyl]acetic acid'
5 non-polymer METHOTREXATE
6 water water
#
_entity_poly.entity_id   1
_entity_poly.type   'polypeptide(L)'
_entity_poly.pdbx_seq_one_letter_code
;MSEKNVSIVVAASVLSSGIGINGQLPWSISEDLKFFSKITNNKCDSNKKNALIMGRKTWDSIGRRPLKNRIIVVISSSLP
QDEADPNVVVFRNLEDSIENLMNDDSIENIFVCGGESIYRDALKDNFVDRIYLTRVALEDIEFDTYFPEIPETFLPVYMS
QTFCTKNISYDFMIFEKQEKKTLQNCDPARGQLKSIDDTVDLLGEIFGIRKMGNRHKFPKEEIYNTPSIRFGREHYEFQY
LDLLSRVLENGAYRENRTGISTYSIFGQMMRFDMRESFPLLTTKKVAIRSIFEELIWFIKGDTNGNHLIEKKVYIWSGNG
SKEYLERIGLGHREENDLGPIYGFQWRHYNGEYKTMHDDYTGVGVDQLAKLIETLKNNPKDRRHILTAWNPSALSQMALP
PCHVLSQYYVTNDNCLSCNLYQRSCDLGLGSPFNIASYAILTMMLAQVCGYEPGELAIFIGDAHIYENHLTQLKEQLSRT
PRPFPQLKFKRKVENIEDFKWEDIELIGYYPYPTIKMDMAV
;
_entity_poly.pdbx_strand_id   A,B,C,D,E
#
loop_
_chem_comp.id
_chem_comp.type
_chem_comp.name
_chem_comp.formula
MTX non-polymer METHOTREXATE 'C20 H22 N8 O5'
NDP non-polymer 'NADPH DIHYDRO-NICOTINAMIDE-ADENINE-DINUCLEOTIDE PHOSPHATE' 'C21 H30 N7 O17 P3'
OED non-polymer '[2-({4-[(2-amino-4-oxo-4,7-dihydro-3H-pyrrolo[2,3-d]pyrimidin-5-yl)methyl]benzene-1-carbonyl}amino)-4-methoxyphenyl]acetic acid' 'C23 H21 N5 O5'
UFP DNA linking 5-FLUORO-2'-DEOXYURIDINE-5'-MONOPHOSPHATE 'C9 H12 F N2 O8 P'
#
# COMPACT_ATOMS: atom_id res chain seq x y z
N GLU A 3 -51.79 19.38 -20.65
CA GLU A 3 -51.69 18.43 -21.75
C GLU A 3 -50.45 18.68 -22.60
N LYS A 4 -49.41 17.88 -22.37
CA LYS A 4 -48.18 18.00 -23.14
C LYS A 4 -47.73 16.62 -23.61
N ASN A 5 -46.54 16.54 -24.22
CA ASN A 5 -46.10 15.32 -24.86
C ASN A 5 -45.35 14.42 -23.89
N VAL A 6 -45.51 13.11 -24.09
CA VAL A 6 -44.83 12.08 -23.30
C VAL A 6 -44.15 11.13 -24.26
N SER A 7 -42.83 10.98 -24.12
CA SER A 7 -42.05 10.19 -25.06
C SER A 7 -41.19 9.18 -24.30
N ILE A 8 -41.08 7.99 -24.85
CA ILE A 8 -40.19 6.95 -24.32
C ILE A 8 -38.83 7.08 -24.99
N VAL A 9 -37.77 7.01 -24.18
CA VAL A 9 -36.40 6.95 -24.67
C VAL A 9 -35.79 5.64 -24.20
N VAL A 10 -35.26 4.85 -25.13
CA VAL A 10 -34.77 3.52 -24.81
C VAL A 10 -33.73 3.12 -25.84
N ALA A 11 -32.76 2.32 -25.41
CA ALA A 11 -31.77 1.69 -26.28
C ALA A 11 -31.87 0.18 -26.07
N ALA A 12 -32.32 -0.53 -27.10
CA ALA A 12 -32.55 -1.97 -27.01
C ALA A 12 -31.81 -2.67 -28.14
N SER A 13 -31.53 -3.95 -27.92
CA SER A 13 -30.86 -4.75 -28.93
C SER A 13 -31.80 -5.00 -30.11
N VAL A 14 -31.20 -5.35 -31.26
CA VAL A 14 -31.94 -5.32 -32.52
C VAL A 14 -32.98 -6.44 -32.58
N LEU A 15 -32.64 -7.63 -32.08
CA LEU A 15 -33.51 -8.80 -32.21
C LEU A 15 -34.31 -9.07 -30.94
N SER A 16 -33.63 -9.23 -29.81
CA SER A 16 -34.29 -9.63 -28.56
C SER A 16 -34.70 -8.44 -27.70
N SER A 17 -34.32 -7.22 -28.07
CA SER A 17 -34.71 -6.00 -27.35
C SER A 17 -34.21 -6.00 -25.90
N GLY A 18 -32.99 -6.50 -25.70
CA GLY A 18 -32.38 -6.43 -24.38
C GLY A 18 -31.85 -5.03 -24.09
N ILE A 19 -32.02 -4.60 -22.85
CA ILE A 19 -31.66 -3.22 -22.49
C ILE A 19 -30.74 -3.18 -21.27
N GLY A 20 -30.60 -4.30 -20.57
CA GLY A 20 -29.81 -4.30 -19.35
C GLY A 20 -29.34 -5.68 -18.95
N ILE A 21 -28.32 -5.70 -18.09
CA ILE A 21 -27.77 -6.93 -17.53
C ILE A 21 -27.06 -6.62 -16.22
N ASN A 22 -27.45 -7.32 -15.15
CA ASN A 22 -26.82 -7.19 -13.83
C ASN A 22 -26.83 -5.74 -13.36
N GLY A 23 -27.95 -5.06 -13.56
CA GLY A 23 -28.10 -3.71 -13.07
C GLY A 23 -27.35 -2.65 -13.85
N GLN A 24 -26.83 -2.96 -15.02
CA GLN A 24 -26.12 -2.00 -15.84
C GLN A 24 -26.39 -2.29 -17.31
N LEU A 25 -25.83 -1.45 -18.18
CA LEU A 25 -26.04 -1.59 -19.62
C LEU A 25 -25.14 -2.68 -20.19
N PRO A 26 -25.62 -3.44 -21.18
CA PRO A 26 -24.77 -4.44 -21.83
C PRO A 26 -23.83 -3.90 -22.88
N TRP A 27 -23.64 -2.58 -22.95
CA TRP A 27 -22.76 -1.97 -23.93
C TRP A 27 -22.35 -0.59 -23.41
N SER A 28 -21.35 -0.01 -24.07
CA SER A 28 -20.85 1.33 -23.75
C SER A 28 -20.74 2.11 -25.05
N ILE A 29 -21.77 2.88 -25.38
CA ILE A 29 -21.82 3.69 -26.58
C ILE A 29 -21.91 5.15 -26.14
N SER A 30 -20.86 5.92 -26.40
CA SER A 30 -20.82 7.31 -25.94
C SER A 30 -21.85 8.16 -26.68
N GLU A 31 -21.95 8.00 -28.00
CA GLU A 31 -22.86 8.85 -28.77
C GLU A 31 -24.32 8.62 -28.39
N ASP A 32 -24.65 7.42 -27.91
CA ASP A 32 -26.02 7.16 -27.48
C ASP A 32 -26.35 7.93 -26.21
N LEU A 33 -25.39 8.03 -25.28
CA LEU A 33 -25.61 8.82 -24.08
C LEU A 33 -25.76 10.30 -24.42
N LYS A 34 -24.97 10.79 -25.39
CA LYS A 34 -25.14 12.16 -25.85
C LYS A 34 -26.50 12.36 -26.49
N PHE A 35 -27.00 11.35 -27.19
CA PHE A 35 -28.34 11.42 -27.77
C PHE A 35 -29.40 11.51 -26.68
N PHE A 36 -29.27 10.68 -25.63
CA PHE A 36 -30.20 10.75 -24.51
C PHE A 36 -30.17 12.14 -23.87
N SER A 37 -29.00 12.74 -23.75
CA SER A 37 -28.90 14.06 -23.14
C SER A 37 -29.58 15.12 -24.01
N LYS A 38 -29.27 15.14 -25.30
CA LYS A 38 -29.82 16.18 -26.18
C LYS A 38 -31.31 15.99 -26.42
N ILE A 39 -31.80 14.74 -26.44
CA ILE A 39 -33.22 14.53 -26.71
C ILE A 39 -34.06 14.84 -25.48
N THR A 40 -33.50 14.70 -24.28
CA THR A 40 -34.24 15.02 -23.05
C THR A 40 -34.08 16.45 -22.61
N ASN A 41 -33.06 17.16 -23.10
CA ASN A 41 -32.89 18.58 -22.83
C ASN A 41 -33.58 19.45 -23.89
N ASN A 42 -33.99 18.86 -25.01
CA ASN A 42 -34.64 19.62 -26.08
C ASN A 42 -35.95 20.21 -25.60
N LYS A 43 -36.00 21.53 -25.47
CA LYS A 43 -37.19 22.23 -25.00
C LYS A 43 -37.34 23.54 -25.77
N CYS A 44 -38.53 24.12 -25.66
CA CYS A 44 -38.85 25.36 -26.35
C CYS A 44 -38.86 26.57 -25.44
N ASP A 45 -39.23 26.40 -24.17
CA ASP A 45 -39.29 27.48 -23.20
C ASP A 45 -38.06 27.40 -22.30
N SER A 46 -37.28 28.49 -22.25
CA SER A 46 -36.08 28.50 -21.42
C SER A 46 -36.41 28.57 -19.94
N ASN A 47 -37.61 29.04 -19.58
CA ASN A 47 -38.04 29.10 -18.19
C ASN A 47 -38.75 27.83 -17.73
N LYS A 48 -38.61 26.74 -18.49
CA LYS A 48 -39.23 25.47 -18.14
C LYS A 48 -38.19 24.37 -18.17
N LYS A 49 -38.51 23.26 -17.51
CA LYS A 49 -37.65 22.09 -17.44
C LYS A 49 -38.40 20.86 -17.96
N ASN A 50 -37.65 19.83 -18.30
CA ASN A 50 -38.22 18.55 -18.69
C ASN A 50 -38.14 17.56 -17.53
N ALA A 51 -39.12 16.66 -17.48
CA ALA A 51 -39.21 15.66 -16.42
C ALA A 51 -38.87 14.29 -16.97
N LEU A 52 -37.95 13.60 -16.30
CA LEU A 52 -37.51 12.27 -16.72
C LEU A 52 -38.00 11.25 -15.69
N ILE A 53 -38.98 10.45 -16.08
CA ILE A 53 -39.54 9.42 -15.21
C ILE A 53 -38.71 8.15 -15.36
N MET A 54 -38.28 7.57 -14.24
CA MET A 54 -37.49 6.35 -14.26
C MET A 54 -37.82 5.51 -13.03
N GLY A 55 -37.54 4.21 -13.15
CA GLY A 55 -37.70 3.32 -12.02
C GLY A 55 -36.59 3.46 -11.00
N ARG A 56 -36.77 2.80 -9.86
CA ARG A 56 -35.81 2.92 -8.77
C ARG A 56 -34.48 2.25 -9.12
N LYS A 57 -34.53 1.07 -9.74
CA LYS A 57 -33.30 0.38 -10.09
C LYS A 57 -32.50 1.14 -11.13
N THR A 58 -33.18 1.81 -12.06
CA THR A 58 -32.48 2.71 -12.98
C THR A 58 -31.88 3.90 -12.23
N TRP A 59 -32.62 4.41 -11.24
CA TRP A 59 -32.10 5.48 -10.41
C TRP A 59 -30.85 5.06 -9.66
N ASP A 60 -30.73 3.77 -9.31
CA ASP A 60 -29.52 3.28 -8.69
C ASP A 60 -28.38 3.16 -9.69
N SER A 61 -28.69 2.73 -10.92
CA SER A 61 -27.66 2.50 -11.92
C SER A 61 -26.98 3.78 -12.37
N ILE A 62 -27.63 4.94 -12.21
CA ILE A 62 -27.04 6.22 -12.57
C ILE A 62 -26.39 6.91 -11.39
N GLY A 63 -26.14 6.19 -10.29
CA GLY A 63 -25.45 6.73 -9.16
C GLY A 63 -26.28 7.58 -8.21
N ARG A 64 -27.59 7.63 -8.40
CA ARG A 64 -28.49 8.42 -7.57
C ARG A 64 -28.07 9.89 -7.53
N ARG A 65 -27.71 10.44 -8.69
CA ARG A 65 -27.33 11.84 -8.80
C ARG A 65 -28.15 12.52 -9.88
N PRO A 66 -28.53 13.78 -9.68
CA PRO A 66 -29.43 14.44 -10.61
C PRO A 66 -28.78 14.71 -11.96
N LEU A 67 -29.63 14.87 -12.96
CA LEU A 67 -29.20 15.22 -14.31
C LEU A 67 -29.37 16.71 -14.55
N LYS A 68 -28.36 17.30 -15.19
CA LYS A 68 -28.30 18.75 -15.37
C LYS A 68 -29.52 19.25 -16.14
N ASN A 69 -30.07 20.37 -15.68
CA ASN A 69 -31.15 21.11 -16.32
C ASN A 69 -32.46 20.35 -16.38
N ARG A 70 -32.56 19.19 -15.74
CA ARG A 70 -33.76 18.36 -15.80
C ARG A 70 -34.18 17.94 -14.40
N ILE A 71 -35.42 17.47 -14.31
CA ILE A 71 -36.01 17.00 -13.07
C ILE A 71 -36.26 15.50 -13.21
N ILE A 72 -35.68 14.72 -12.30
CA ILE A 72 -35.80 13.27 -12.34
C ILE A 72 -36.96 12.86 -11.44
N VAL A 73 -37.83 11.99 -11.96
CA VAL A 73 -38.98 11.47 -11.24
C VAL A 73 -38.76 9.98 -11.03
N VAL A 74 -38.56 9.57 -9.78
CA VAL A 74 -38.27 8.19 -9.44
C VAL A 74 -39.54 7.51 -8.97
N ILE A 75 -39.83 6.34 -9.55
CA ILE A 75 -40.95 5.52 -9.12
C ILE A 75 -40.43 4.49 -8.12
N SER A 76 -40.93 4.55 -6.89
CA SER A 76 -40.50 3.62 -5.86
C SER A 76 -41.55 3.57 -4.76
N SER A 77 -41.64 2.41 -4.12
CA SER A 77 -42.54 2.22 -2.99
C SER A 77 -41.84 2.41 -1.65
N SER A 78 -40.52 2.46 -1.63
CA SER A 78 -39.76 2.56 -0.38
C SER A 78 -38.95 3.84 -0.25
N LEU A 79 -38.55 4.47 -1.36
CA LEU A 79 -37.72 5.67 -1.27
C LEU A 79 -38.46 6.78 -0.53
N PRO A 80 -37.82 7.47 0.41
CA PRO A 80 -38.49 8.56 1.11
C PRO A 80 -38.75 9.73 0.17
N GLN A 81 -39.99 10.23 0.19
CA GLN A 81 -40.38 11.37 -0.64
C GLN A 81 -39.68 12.62 -0.09
N ASP A 82 -38.41 12.75 -0.46
CA ASP A 82 -37.59 13.85 0.03
C ASP A 82 -37.94 15.14 -0.68
N GLU A 83 -37.90 16.24 0.08
CA GLU A 83 -38.14 17.57 -0.47
C GLU A 83 -36.90 18.44 -0.48
N ALA A 84 -35.76 17.92 -0.01
CA ALA A 84 -34.54 18.72 0.00
C ALA A 84 -34.04 18.99 -1.42
N ASP A 85 -33.96 17.94 -2.25
CA ASP A 85 -33.49 18.09 -3.62
C ASP A 85 -34.66 18.48 -4.51
N PRO A 86 -34.66 19.68 -5.09
CA PRO A 86 -35.75 20.06 -5.99
C PRO A 86 -35.66 19.43 -7.37
N ASN A 87 -34.54 18.80 -7.71
CA ASN A 87 -34.34 18.17 -9.00
C ASN A 87 -34.68 16.67 -8.99
N VAL A 88 -35.05 16.12 -7.83
CA VAL A 88 -35.41 14.72 -7.71
C VAL A 88 -36.66 14.61 -6.86
N VAL A 89 -37.69 13.94 -7.39
CA VAL A 89 -38.94 13.74 -6.68
C VAL A 89 -39.33 12.28 -6.81
N VAL A 90 -40.02 11.76 -5.78
CA VAL A 90 -40.37 10.35 -5.69
C VAL A 90 -41.90 10.23 -5.65
N PHE A 91 -42.43 9.29 -6.43
CA PHE A 91 -43.85 8.97 -6.44
C PHE A 91 -44.03 7.48 -6.20
N ARG A 92 -45.20 7.11 -5.68
CA ARG A 92 -45.45 5.73 -5.28
C ARG A 92 -45.91 4.85 -6.44
N ASN A 93 -46.44 5.43 -7.51
CA ASN A 93 -46.84 4.66 -8.68
C ASN A 93 -46.70 5.52 -9.93
N LEU A 94 -46.71 4.86 -11.09
CA LEU A 94 -46.52 5.56 -12.35
C LEU A 94 -47.70 6.46 -12.68
N GLU A 95 -48.92 6.08 -12.29
CA GLU A 95 -50.09 6.89 -12.60
C GLU A 95 -50.06 8.20 -11.85
N ASP A 96 -49.70 8.18 -10.57
CA ASP A 96 -49.61 9.42 -9.80
C ASP A 96 -48.46 10.30 -10.30
N SER A 97 -47.39 9.69 -10.81
CA SER A 97 -46.28 10.46 -11.36
C SER A 97 -46.68 11.27 -12.58
N ILE A 98 -47.78 10.91 -13.24
CA ILE A 98 -48.32 11.71 -14.33
C ILE A 98 -49.03 12.91 -13.74
N GLU A 99 -48.27 13.75 -13.02
CA GLU A 99 -48.78 14.99 -12.46
C GLU A 99 -48.18 16.20 -13.16
N ASN A 100 -47.11 16.02 -13.94
CA ASN A 100 -46.62 17.09 -14.79
C ASN A 100 -47.66 17.52 -15.81
N LEU A 101 -48.63 16.66 -16.12
CA LEU A 101 -49.75 17.05 -16.97
C LEU A 101 -50.76 17.87 -16.18
N MET A 102 -51.26 17.33 -15.06
CA MET A 102 -52.35 17.95 -14.32
C MET A 102 -51.99 19.36 -13.87
N ASN A 103 -50.74 19.59 -13.48
CA ASN A 103 -50.30 20.92 -13.10
C ASN A 103 -48.84 21.11 -13.44
N ASP A 104 -48.12 21.87 -12.61
CA ASP A 104 -46.70 22.13 -12.78
C ASP A 104 -46.39 22.61 -14.20
N ASP A 105 -46.90 23.81 -14.49
CA ASP A 105 -46.73 24.41 -15.80
C ASP A 105 -45.28 24.74 -16.13
N SER A 106 -44.37 24.59 -15.17
CA SER A 106 -42.94 24.75 -15.42
C SER A 106 -42.33 23.53 -16.11
N ILE A 107 -43.11 22.48 -16.35
CA ILE A 107 -42.65 21.29 -17.06
C ILE A 107 -43.23 21.33 -18.45
N GLU A 108 -42.35 21.24 -19.46
CA GLU A 108 -42.75 21.32 -20.86
C GLU A 108 -42.95 19.94 -21.50
N ASN A 109 -41.99 19.04 -21.31
CA ASN A 109 -42.06 17.70 -21.89
C ASN A 109 -41.78 16.65 -20.84
N ILE A 110 -42.32 15.45 -21.06
CA ILE A 110 -42.18 14.32 -20.16
C ILE A 110 -41.50 13.19 -20.92
N PHE A 111 -40.51 12.55 -20.29
CA PHE A 111 -39.78 11.45 -20.91
C PHE A 111 -39.80 10.26 -19.96
N VAL A 112 -40.06 9.07 -20.53
CA VAL A 112 -40.04 7.82 -19.78
C VAL A 112 -38.73 7.13 -20.08
N CYS A 113 -37.88 6.98 -19.05
CA CYS A 113 -36.56 6.40 -19.20
C CYS A 113 -36.34 5.15 -18.37
N GLY A 114 -37.27 4.78 -17.50
CA GLY A 114 -37.09 3.71 -16.54
C GLY A 114 -36.89 2.33 -17.14
N GLY A 115 -36.77 1.32 -16.28
CA GLY A 115 -36.52 -0.03 -16.73
C GLY A 115 -37.70 -0.72 -17.37
N GLU A 116 -37.67 -2.06 -17.42
CA GLU A 116 -38.72 -2.82 -18.06
C GLU A 116 -40.08 -2.59 -17.39
N SER A 117 -40.09 -2.52 -16.06
CA SER A 117 -41.35 -2.35 -15.35
C SER A 117 -42.01 -1.01 -15.69
N ILE A 118 -41.21 0.05 -15.82
CA ILE A 118 -41.78 1.36 -16.13
C ILE A 118 -42.22 1.41 -17.59
N TYR A 119 -41.43 0.84 -18.50
CA TYR A 119 -41.79 0.80 -19.90
C TYR A 119 -43.10 0.02 -20.11
N ARG A 120 -43.22 -1.14 -19.47
CA ARG A 120 -44.38 -1.99 -19.68
C ARG A 120 -45.65 -1.32 -19.13
N ASP A 121 -45.57 -0.70 -17.96
CA ASP A 121 -46.73 -0.05 -17.37
C ASP A 121 -47.09 1.26 -18.06
N ALA A 122 -46.14 1.89 -18.77
CA ALA A 122 -46.45 3.11 -19.49
C ALA A 122 -47.17 2.82 -20.81
N LEU A 123 -46.85 1.70 -21.45
CA LEU A 123 -47.55 1.32 -22.67
C LEU A 123 -48.87 0.63 -22.35
N LYS A 124 -48.93 -0.12 -21.26
CA LYS A 124 -50.18 -0.79 -20.89
C LYS A 124 -51.27 0.21 -20.53
N ASP A 125 -50.92 1.24 -19.75
CA ASP A 125 -51.89 2.26 -19.37
C ASP A 125 -52.07 3.34 -20.42
N ASN A 126 -51.39 3.22 -21.57
CA ASN A 126 -51.61 4.08 -22.72
C ASN A 126 -51.28 5.54 -22.40
N PHE A 127 -50.07 5.77 -21.90
CA PHE A 127 -49.60 7.10 -21.57
C PHE A 127 -48.61 7.66 -22.58
N VAL A 128 -48.10 6.84 -23.49
CA VAL A 128 -46.95 7.19 -24.32
C VAL A 128 -47.43 7.70 -25.66
N ASP A 129 -46.87 8.83 -26.10
CA ASP A 129 -47.15 9.40 -27.41
C ASP A 129 -46.07 9.08 -28.44
N ARG A 130 -44.80 9.13 -28.04
CA ARG A 130 -43.68 8.93 -28.95
C ARG A 130 -42.69 7.95 -28.33
N ILE A 131 -41.90 7.31 -29.19
CA ILE A 131 -40.88 6.35 -28.76
C ILE A 131 -39.60 6.66 -29.53
N TYR A 132 -38.55 7.00 -28.79
CA TYR A 132 -37.21 7.16 -29.35
C TYR A 132 -36.44 5.88 -29.05
N LEU A 133 -36.12 5.12 -30.10
CA LEU A 133 -35.51 3.81 -29.96
C LEU A 133 -34.13 3.81 -30.59
N THR A 134 -33.14 3.33 -29.85
CA THR A 134 -31.80 3.09 -30.35
C THR A 134 -31.62 1.59 -30.48
N ARG A 135 -31.56 1.10 -31.72
CA ARG A 135 -31.38 -0.33 -31.98
C ARG A 135 -29.89 -0.65 -32.02
N VAL A 136 -29.45 -1.52 -31.12
CA VAL A 136 -28.04 -1.89 -30.99
C VAL A 136 -27.85 -3.29 -31.57
N ALA A 137 -26.79 -3.46 -32.36
CA ALA A 137 -26.54 -4.73 -33.04
C ALA A 137 -25.64 -5.63 -32.19
N LEU A 138 -26.23 -6.11 -31.09
CA LEU A 138 -25.56 -7.04 -30.19
C LEU A 138 -26.61 -8.04 -29.71
N GLU A 139 -26.40 -9.32 -29.98
CA GLU A 139 -27.43 -10.31 -29.68
C GLU A 139 -26.89 -11.55 -28.97
N ASP A 140 -25.67 -11.96 -29.31
CA ASP A 140 -25.11 -13.18 -28.71
C ASP A 140 -24.49 -12.93 -27.35
N ILE A 141 -25.13 -12.12 -26.51
CA ILE A 141 -24.72 -11.87 -25.14
C ILE A 141 -25.91 -12.17 -24.22
N GLU A 142 -25.72 -11.93 -22.93
CA GLU A 142 -26.72 -12.27 -21.93
C GLU A 142 -27.48 -11.02 -21.51
N PHE A 143 -28.81 -11.14 -21.43
CA PHE A 143 -29.68 -10.10 -20.95
C PHE A 143 -30.54 -10.62 -19.79
N ASP A 144 -30.98 -9.69 -18.95
CA ASP A 144 -31.98 -9.99 -17.93
C ASP A 144 -33.08 -8.95 -17.86
N THR A 145 -33.04 -7.91 -18.69
CA THR A 145 -34.05 -6.86 -18.74
C THR A 145 -34.29 -6.51 -20.19
N TYR A 146 -35.56 -6.50 -20.60
CA TYR A 146 -35.93 -6.33 -21.99
C TYR A 146 -36.90 -5.17 -22.15
N PHE A 147 -36.94 -4.63 -23.37
CA PHE A 147 -37.93 -3.62 -23.73
C PHE A 147 -39.19 -4.32 -24.25
N PRO A 148 -40.36 -4.00 -23.72
CA PRO A 148 -41.58 -4.70 -24.16
C PRO A 148 -41.86 -4.46 -25.63
N GLU A 149 -42.61 -5.40 -26.22
CA GLU A 149 -42.97 -5.30 -27.63
C GLU A 149 -43.80 -4.05 -27.88
N ILE A 150 -43.44 -3.32 -28.95
CA ILE A 150 -44.14 -2.09 -29.31
C ILE A 150 -45.55 -2.45 -29.77
N PRO A 151 -46.59 -1.88 -29.17
CA PRO A 151 -47.96 -2.23 -29.58
C PRO A 151 -48.26 -1.74 -30.98
N GLU A 152 -49.29 -2.35 -31.58
CA GLU A 152 -49.66 -2.05 -32.96
C GLU A 152 -50.17 -0.63 -33.15
N THR A 153 -50.48 0.09 -32.07
CA THR A 153 -50.92 1.47 -32.18
C THR A 153 -49.79 2.43 -32.55
N PHE A 154 -48.55 1.97 -32.55
CA PHE A 154 -47.41 2.80 -32.92
C PHE A 154 -46.94 2.45 -34.33
N LEU A 155 -46.47 3.48 -35.05
CA LEU A 155 -45.91 3.29 -36.37
C LEU A 155 -44.59 4.03 -36.50
N PRO A 156 -43.59 3.43 -37.12
CA PRO A 156 -42.30 4.11 -37.30
C PRO A 156 -42.41 5.23 -38.33
N VAL A 157 -41.77 6.37 -38.01
CA VAL A 157 -41.76 7.52 -38.90
C VAL A 157 -40.35 7.96 -39.29
N TYR A 158 -39.32 7.37 -38.71
CA TYR A 158 -37.95 7.78 -39.00
C TYR A 158 -37.00 6.63 -38.69
N MET A 159 -35.99 6.49 -39.54
CA MET A 159 -34.93 5.50 -39.31
C MET A 159 -33.63 6.09 -39.83
N SER A 160 -32.70 6.38 -38.92
CA SER A 160 -31.47 7.05 -39.29
C SER A 160 -30.52 6.08 -40.02
N GLN A 161 -29.45 6.64 -40.55
CA GLN A 161 -28.37 5.82 -41.09
C GLN A 161 -27.70 5.02 -39.97
N THR A 162 -26.94 4.00 -40.37
CA THR A 162 -26.23 3.18 -39.40
C THR A 162 -24.95 3.88 -38.96
N PHE A 163 -24.73 3.93 -37.65
CA PHE A 163 -23.52 4.50 -37.06
C PHE A 163 -22.67 3.40 -36.45
N CYS A 164 -21.45 3.75 -36.09
CA CYS A 164 -20.49 2.79 -35.58
C CYS A 164 -19.74 3.37 -34.38
N THR A 165 -19.62 2.58 -33.33
CA THR A 165 -18.80 2.91 -32.17
C THR A 165 -18.18 1.63 -31.65
N LYS A 166 -16.85 1.55 -31.69
CA LYS A 166 -16.12 0.36 -31.26
C LYS A 166 -16.60 -0.89 -32.00
N ASN A 167 -16.76 -0.75 -33.32
CA ASN A 167 -17.21 -1.82 -34.22
C ASN A 167 -18.62 -2.29 -33.91
N ILE A 168 -19.42 -1.48 -33.22
CA ILE A 168 -20.81 -1.81 -32.91
C ILE A 168 -21.71 -0.92 -33.75
N SER A 169 -22.62 -1.55 -34.49
CA SER A 169 -23.58 -0.83 -35.31
C SER A 169 -24.83 -0.50 -34.52
N TYR A 170 -25.39 0.68 -34.75
CA TYR A 170 -26.62 1.07 -34.08
C TYR A 170 -27.38 2.08 -34.94
N ASP A 171 -28.69 2.12 -34.72
CA ASP A 171 -29.62 2.98 -35.46
C ASP A 171 -30.37 3.89 -34.49
N PHE A 172 -31.11 4.84 -35.07
CA PHE A 172 -32.02 5.69 -34.32
C PHE A 172 -33.36 5.70 -35.04
N MET A 173 -34.44 5.38 -34.32
CA MET A 173 -35.77 5.32 -34.89
C MET A 173 -36.75 6.10 -34.02
N ILE A 174 -37.81 6.59 -34.66
CA ILE A 174 -38.89 7.30 -33.98
C ILE A 174 -40.19 6.58 -34.28
N PHE A 175 -40.95 6.26 -33.25
CA PHE A 175 -42.26 5.64 -33.39
C PHE A 175 -43.33 6.61 -32.90
N GLU A 176 -44.40 6.74 -33.66
CA GLU A 176 -45.50 7.64 -33.36
C GLU A 176 -46.80 6.85 -33.22
N LYS A 177 -47.65 7.32 -32.31
CA LYS A 177 -48.95 6.69 -32.08
C LYS A 177 -49.97 7.31 -33.03
N GLN A 178 -50.57 6.49 -33.89
CA GLN A 178 -51.51 6.98 -34.88
C GLN A 178 -52.89 7.13 -34.27
N GLU A 179 -53.47 8.32 -34.41
CA GLU A 179 -54.80 8.60 -33.89
C GLU A 179 -55.84 8.61 -35.01
N LEU A 193 -48.90 23.02 -49.69
CA LEU A 193 -50.34 23.19 -49.72
C LEU A 193 -50.97 22.30 -50.79
N LYS A 194 -52.28 22.05 -50.64
CA LYS A 194 -53.01 21.22 -51.59
C LYS A 194 -53.05 21.83 -52.98
N SER A 195 -52.85 23.14 -53.09
CA SER A 195 -52.95 23.81 -54.40
C SER A 195 -51.89 23.29 -55.36
N ILE A 196 -50.70 22.99 -54.88
CA ILE A 196 -49.65 22.48 -55.76
C ILE A 196 -49.96 21.05 -56.18
N ASP A 197 -50.39 20.22 -55.23
CA ASP A 197 -50.69 18.82 -55.55
C ASP A 197 -51.85 18.72 -56.53
N ASP A 198 -52.87 19.56 -56.37
CA ASP A 198 -54.03 19.51 -57.27
C ASP A 198 -53.64 19.92 -58.69
N THR A 199 -52.81 20.96 -58.83
CA THR A 199 -52.40 21.41 -60.15
C THR A 199 -51.59 20.34 -60.87
N VAL A 200 -50.68 19.67 -60.16
CA VAL A 200 -49.89 18.61 -60.77
C VAL A 200 -50.79 17.46 -61.21
N ASP A 201 -51.81 17.14 -60.41
CA ASP A 201 -52.75 16.09 -60.79
C ASP A 201 -53.53 16.49 -62.04
N LEU A 202 -53.98 17.74 -62.12
CA LEU A 202 -54.72 18.19 -63.30
C LEU A 202 -53.84 18.15 -64.54
N LEU A 203 -52.59 18.58 -64.42
CA LEU A 203 -51.67 18.47 -65.54
C LEU A 203 -51.40 17.02 -65.91
N GLY A 204 -51.45 16.12 -64.92
CA GLY A 204 -51.27 14.70 -65.18
C GLY A 204 -52.48 14.04 -65.82
N GLU A 205 -53.65 14.68 -65.75
CA GLU A 205 -54.84 14.20 -66.44
C GLU A 205 -54.90 14.72 -67.87
N ILE A 206 -54.54 16.00 -68.08
CA ILE A 206 -54.49 16.55 -69.42
C ILE A 206 -53.43 15.83 -70.26
N PHE A 207 -52.18 15.96 -69.86
CA PHE A 207 -51.10 15.22 -70.51
C PHE A 207 -51.01 13.82 -69.93
N GLY A 208 -50.91 12.82 -70.80
CA GLY A 208 -50.77 11.46 -70.33
C GLY A 208 -49.34 11.16 -69.95
N ILE A 209 -48.66 10.36 -70.77
CA ILE A 209 -47.26 10.03 -70.52
C ILE A 209 -46.37 11.06 -71.19
N ARG A 210 -46.97 12.13 -71.71
CA ARG A 210 -46.16 13.25 -72.21
C ARG A 210 -45.55 14.03 -71.06
N LYS A 211 -46.19 14.01 -69.89
CA LYS A 211 -45.62 14.60 -68.68
C LYS A 211 -44.70 13.58 -68.02
N MET A 212 -43.41 13.95 -67.90
CA MET A 212 -42.42 12.99 -67.45
C MET A 212 -42.72 12.46 -66.05
N GLY A 213 -43.41 13.25 -65.22
CA GLY A 213 -43.77 12.78 -63.89
C GLY A 213 -44.63 11.52 -63.92
N ASN A 214 -45.49 11.39 -64.93
CA ASN A 214 -46.33 10.19 -65.04
C ASN A 214 -45.51 8.97 -65.45
N ARG A 215 -44.31 9.16 -66.00
CA ARG A 215 -43.42 8.04 -66.27
C ARG A 215 -42.61 7.65 -65.05
N HIS A 216 -42.62 8.47 -63.99
CA HIS A 216 -41.92 8.19 -62.75
C HIS A 216 -42.91 8.31 -61.58
N LYS A 217 -43.94 7.48 -61.61
CA LYS A 217 -44.97 7.53 -60.60
C LYS A 217 -44.44 7.06 -59.25
N PHE A 218 -44.89 7.72 -58.19
CA PHE A 218 -44.50 7.31 -56.85
C PHE A 218 -45.07 5.92 -56.54
N PRO A 219 -44.28 5.04 -55.94
CA PRO A 219 -44.76 3.67 -55.70
C PRO A 219 -45.97 3.65 -54.77
N LYS A 220 -46.87 2.71 -55.04
CA LYS A 220 -48.06 2.55 -54.21
C LYS A 220 -47.68 2.01 -52.84
N GLU A 221 -48.59 2.20 -51.88
CA GLU A 221 -48.32 1.79 -50.51
C GLU A 221 -48.11 0.28 -50.40
N GLU A 222 -48.80 -0.50 -51.23
CA GLU A 222 -48.73 -1.95 -51.15
C GLU A 222 -47.39 -2.52 -51.61
N ILE A 223 -46.54 -1.71 -52.25
CA ILE A 223 -45.25 -2.19 -52.74
C ILE A 223 -44.14 -1.30 -52.21
N TYR A 224 -44.44 -0.52 -51.17
CA TYR A 224 -43.50 0.41 -50.56
C TYR A 224 -43.07 -0.13 -49.21
N ASN A 225 -41.76 -0.35 -49.05
CA ASN A 225 -41.25 -0.93 -47.82
C ASN A 225 -41.42 0.05 -46.66
N THR A 226 -42.09 -0.41 -45.59
CA THR A 226 -42.37 0.38 -44.40
C THR A 226 -43.00 1.72 -44.79
N PRO A 227 -44.26 1.73 -45.24
CA PRO A 227 -44.84 2.96 -45.79
C PRO A 227 -45.00 4.07 -44.78
N SER A 228 -45.06 3.76 -43.48
CA SER A 228 -45.26 4.79 -42.47
C SER A 228 -44.06 5.74 -42.35
N ILE A 229 -42.88 5.32 -42.79
CA ILE A 229 -41.70 6.18 -42.79
C ILE A 229 -41.72 6.95 -44.11
N ARG A 230 -42.23 8.17 -44.08
CA ARG A 230 -42.35 9.00 -45.27
C ARG A 230 -41.20 9.99 -45.42
N PHE A 231 -40.90 10.78 -44.39
CA PHE A 231 -39.90 11.82 -44.45
C PHE A 231 -38.61 11.46 -43.72
N GLY A 232 -38.49 10.25 -43.20
CA GLY A 232 -37.31 9.87 -42.47
C GLY A 232 -36.63 8.62 -43.00
N ARG A 233 -36.62 8.47 -44.32
CA ARG A 233 -35.99 7.33 -44.96
C ARG A 233 -34.49 7.59 -45.15
N GLU A 234 -33.81 7.73 -44.01
CA GLU A 234 -32.39 8.04 -43.99
C GLU A 234 -31.51 6.81 -44.13
N HIS A 235 -31.95 5.68 -43.57
CA HIS A 235 -31.19 4.43 -43.69
C HIS A 235 -30.98 4.09 -45.17
N TYR A 236 -29.71 3.93 -45.54
CA TYR A 236 -29.36 3.81 -46.96
C TYR A 236 -29.73 2.46 -47.57
N GLU A 237 -30.27 1.52 -46.80
CA GLU A 237 -30.86 0.34 -47.42
C GLU A 237 -32.12 0.69 -48.19
N PHE A 238 -32.80 1.79 -47.82
CA PHE A 238 -33.94 2.26 -48.60
C PHE A 238 -33.54 2.67 -50.01
N GLN A 239 -32.27 3.00 -50.24
CA GLN A 239 -31.81 3.32 -51.59
C GLN A 239 -31.97 2.13 -52.52
N TYR A 240 -31.88 0.90 -51.98
CA TYR A 240 -32.11 -0.30 -52.76
C TYR A 240 -33.58 -0.73 -52.74
N LEU A 241 -34.21 -0.70 -51.56
CA LEU A 241 -35.60 -1.14 -51.46
C LEU A 241 -36.53 -0.24 -52.26
N ASP A 242 -36.34 1.07 -52.19
CA ASP A 242 -37.19 1.98 -52.96
C ASP A 242 -36.97 1.82 -54.45
N LEU A 243 -35.77 1.37 -54.85
CA LEU A 243 -35.55 1.08 -56.27
C LEU A 243 -36.39 -0.11 -56.73
N LEU A 244 -36.53 -1.12 -55.86
CA LEU A 244 -37.45 -2.22 -56.16
C LEU A 244 -38.88 -1.69 -56.32
N SER A 245 -39.32 -0.83 -55.39
CA SER A 245 -40.66 -0.28 -55.46
C SER A 245 -40.86 0.55 -56.73
N ARG A 246 -39.85 1.33 -57.11
CA ARG A 246 -39.96 2.13 -58.32
C ARG A 246 -40.10 1.27 -59.57
N VAL A 247 -39.43 0.11 -59.58
CA VAL A 247 -39.56 -0.79 -60.73
C VAL A 247 -40.92 -1.46 -60.75
N LEU A 248 -41.40 -1.92 -59.59
CA LEU A 248 -42.71 -2.56 -59.52
C LEU A 248 -43.82 -1.60 -59.95
N GLU A 249 -43.60 -0.29 -59.80
CA GLU A 249 -44.60 0.70 -60.14
C GLU A 249 -44.56 1.12 -61.61
N ASN A 250 -43.36 1.28 -62.17
CA ASN A 250 -43.21 1.84 -63.50
C ASN A 250 -42.55 0.89 -64.50
N GLY A 251 -42.14 -0.30 -64.07
CA GLY A 251 -41.42 -1.21 -64.94
C GLY A 251 -42.22 -1.71 -66.13
N ALA A 252 -41.66 -1.55 -67.32
CA ALA A 252 -42.31 -2.03 -68.53
C ALA A 252 -41.98 -3.51 -68.76
N TYR A 253 -43.00 -4.29 -69.10
CA TYR A 253 -42.82 -5.71 -69.36
C TYR A 253 -42.10 -5.89 -70.69
N ARG A 254 -40.87 -6.38 -70.65
CA ARG A 254 -40.02 -6.50 -71.83
C ARG A 254 -39.35 -7.87 -71.85
N GLU A 255 -39.12 -8.37 -73.07
CA GLU A 255 -38.39 -9.60 -73.27
C GLU A 255 -36.91 -9.31 -73.44
N ASN A 256 -36.10 -10.35 -73.26
CA ASN A 256 -34.64 -10.20 -73.34
C ASN A 256 -34.05 -11.49 -73.92
N ARG A 257 -32.72 -11.58 -73.92
CA ARG A 257 -32.04 -12.73 -74.52
C ARG A 257 -32.37 -14.03 -73.81
N THR A 258 -32.83 -13.99 -72.57
CA THR A 258 -33.26 -15.18 -71.86
C THR A 258 -34.76 -15.41 -72.05
N GLY A 259 -35.21 -16.60 -71.69
CA GLY A 259 -36.62 -16.90 -71.75
C GLY A 259 -37.46 -16.23 -70.68
N ILE A 260 -36.83 -15.59 -69.70
CA ILE A 260 -37.52 -14.98 -68.57
C ILE A 260 -37.59 -13.48 -68.83
N SER A 261 -38.81 -12.96 -68.94
CA SER A 261 -39.01 -11.53 -69.16
C SER A 261 -38.84 -10.75 -67.87
N THR A 262 -38.61 -9.45 -68.01
CA THR A 262 -38.37 -8.58 -66.87
C THR A 262 -39.31 -7.38 -66.91
N TYR A 263 -39.41 -6.70 -65.78
CA TYR A 263 -40.01 -5.37 -65.70
C TYR A 263 -38.87 -4.36 -65.54
N SER A 264 -38.75 -3.45 -66.50
CA SER A 264 -37.53 -2.67 -66.65
C SER A 264 -37.83 -1.17 -66.68
N ILE A 265 -36.97 -0.40 -66.02
CA ILE A 265 -36.90 1.05 -66.15
C ILE A 265 -35.45 1.42 -66.44
N PHE A 266 -35.25 2.68 -66.84
CA PHE A 266 -33.95 3.14 -67.32
C PHE A 266 -33.53 4.40 -66.58
N GLY A 267 -32.32 4.38 -66.01
CA GLY A 267 -31.75 5.54 -65.36
C GLY A 267 -32.08 5.70 -63.89
N GLN A 268 -31.33 5.01 -63.04
CA GLN A 268 -31.51 5.10 -61.60
C GLN A 268 -30.17 5.20 -60.91
N MET A 269 -30.19 5.48 -59.60
CA MET A 269 -28.96 5.58 -58.83
C MET A 269 -29.23 5.24 -57.38
N MET A 270 -28.16 4.84 -56.69
CA MET A 270 -28.22 4.49 -55.28
C MET A 270 -26.96 5.02 -54.59
N ARG A 271 -27.14 5.57 -53.38
CA ARG A 271 -26.02 6.05 -52.57
C ARG A 271 -25.90 5.19 -51.33
N PHE A 272 -24.66 4.92 -50.92
CA PHE A 272 -24.40 4.14 -49.72
C PHE A 272 -23.21 4.75 -48.97
N ASP A 273 -23.34 4.84 -47.66
CA ASP A 273 -22.24 5.27 -46.81
C ASP A 273 -21.34 4.08 -46.48
N MET A 274 -20.04 4.33 -46.40
CA MET A 274 -19.08 3.33 -46.01
C MET A 274 -18.18 3.76 -44.85
N ARG A 275 -18.40 4.96 -44.31
CA ARG A 275 -17.60 5.42 -43.18
C ARG A 275 -18.02 4.75 -41.88
N GLU A 276 -19.33 4.67 -41.63
CA GLU A 276 -19.85 4.18 -40.36
C GLU A 276 -20.50 2.80 -40.45
N SER A 277 -20.52 2.18 -41.61
CA SER A 277 -21.13 0.85 -41.75
C SER A 277 -20.70 0.27 -43.09
N PHE A 278 -21.14 -0.97 -43.33
CA PHE A 278 -20.87 -1.69 -44.58
C PHE A 278 -22.20 -2.01 -45.25
N PRO A 279 -22.42 -1.58 -46.48
CA PRO A 279 -23.75 -1.75 -47.10
C PRO A 279 -24.04 -3.19 -47.52
N LEU A 280 -24.25 -4.07 -46.54
CA LEU A 280 -24.67 -5.44 -46.78
C LEU A 280 -26.14 -5.55 -46.38
N LEU A 281 -26.99 -5.91 -47.33
CA LEU A 281 -28.43 -5.88 -47.12
C LEU A 281 -28.84 -6.73 -45.93
N THR A 282 -29.76 -6.20 -45.12
CA THR A 282 -30.27 -6.91 -43.95
C THR A 282 -31.63 -7.55 -44.17
N THR A 283 -32.40 -7.08 -45.15
CA THR A 283 -33.70 -7.68 -45.45
C THR A 283 -33.58 -9.05 -46.11
N LYS A 284 -32.37 -9.57 -46.28
CA LYS A 284 -32.13 -10.86 -46.89
C LYS A 284 -30.70 -11.27 -46.60
N LYS A 285 -30.51 -12.54 -46.23
CA LYS A 285 -29.17 -13.05 -45.95
C LYS A 285 -28.38 -13.14 -47.25
N VAL A 286 -27.32 -12.35 -47.35
CA VAL A 286 -26.51 -12.27 -48.57
C VAL A 286 -25.25 -13.10 -48.37
N ALA A 287 -24.92 -13.93 -49.37
CA ALA A 287 -23.73 -14.76 -49.32
C ALA A 287 -22.47 -13.92 -49.46
N ILE A 288 -21.98 -13.37 -48.34
CA ILE A 288 -20.83 -12.47 -48.38
C ILE A 288 -19.57 -13.19 -48.82
N ARG A 289 -19.44 -14.49 -48.49
CA ARG A 289 -18.23 -15.22 -48.85
C ARG A 289 -18.11 -15.38 -50.36
N SER A 290 -19.21 -15.71 -51.04
CA SER A 290 -19.19 -15.81 -52.49
C SER A 290 -18.88 -14.48 -53.15
N ILE A 291 -19.35 -13.37 -52.55
CA ILE A 291 -19.07 -12.05 -53.09
C ILE A 291 -17.57 -11.77 -53.06
N PHE A 292 -16.93 -12.04 -51.92
CA PHE A 292 -15.49 -11.79 -51.80
C PHE A 292 -14.71 -12.67 -52.76
N GLU A 293 -15.06 -13.96 -52.82
CA GLU A 293 -14.30 -14.89 -53.67
C GLU A 293 -14.39 -14.48 -55.13
N GLU A 294 -15.50 -13.86 -55.55
CA GLU A 294 -15.60 -13.36 -56.91
C GLU A 294 -14.73 -12.11 -57.10
N LEU A 295 -14.69 -11.24 -56.09
CA LEU A 295 -13.93 -10.00 -56.21
C LEU A 295 -12.44 -10.27 -56.28
N ILE A 296 -11.93 -11.12 -55.38
CA ILE A 296 -10.52 -11.48 -55.43
C ILE A 296 -10.20 -12.28 -56.68
N TRP A 297 -11.21 -12.96 -57.23
CA TRP A 297 -11.03 -13.64 -58.52
C TRP A 297 -10.84 -12.63 -59.64
N PHE A 298 -11.51 -11.48 -59.54
CA PHE A 298 -11.27 -10.40 -60.49
C PHE A 298 -9.90 -9.77 -60.29
N ILE A 299 -9.56 -9.46 -59.03
CA ILE A 299 -8.33 -8.74 -58.74
C ILE A 299 -7.11 -9.53 -59.20
N LYS A 300 -7.11 -10.84 -58.98
CA LYS A 300 -5.99 -11.68 -59.39
C LYS A 300 -5.82 -11.74 -60.91
N GLY A 301 -6.78 -11.26 -61.68
CA GLY A 301 -6.71 -11.35 -63.12
C GLY A 301 -7.17 -12.67 -63.69
N ASP A 302 -7.88 -13.47 -62.92
CA ASP A 302 -8.23 -14.82 -63.33
C ASP A 302 -9.55 -14.82 -64.10
N THR A 303 -9.61 -15.67 -65.14
CA THR A 303 -10.83 -15.90 -65.90
C THR A 303 -11.22 -17.37 -65.91
N ASN A 304 -10.57 -18.20 -65.10
CA ASN A 304 -10.88 -19.63 -65.02
C ASN A 304 -12.09 -19.81 -64.10
N GLY A 305 -13.21 -20.24 -64.69
CA GLY A 305 -14.42 -20.46 -63.92
C GLY A 305 -14.34 -21.61 -62.93
N ASN A 306 -13.42 -22.55 -63.14
CA ASN A 306 -13.30 -23.69 -62.24
C ASN A 306 -12.75 -23.28 -60.87
N HIS A 307 -11.91 -22.25 -60.83
CA HIS A 307 -11.32 -21.83 -59.56
C HIS A 307 -12.39 -21.36 -58.58
N LEU A 308 -13.51 -20.85 -59.08
CA LEU A 308 -14.62 -20.48 -58.21
C LEU A 308 -15.44 -21.70 -57.82
N ILE A 309 -15.61 -22.65 -58.75
CA ILE A 309 -16.35 -23.87 -58.43
C ILE A 309 -15.57 -24.73 -57.44
N GLU A 310 -14.24 -24.72 -57.53
CA GLU A 310 -13.43 -25.47 -56.57
C GLU A 310 -13.56 -24.89 -55.16
N LYS A 311 -13.88 -23.61 -55.05
CA LYS A 311 -14.11 -22.96 -53.77
C LYS A 311 -15.60 -22.93 -53.39
N LYS A 312 -16.41 -23.79 -54.01
CA LYS A 312 -17.84 -23.89 -53.74
C LYS A 312 -18.56 -22.56 -53.99
N VAL A 313 -18.23 -21.93 -55.12
CA VAL A 313 -18.89 -20.71 -55.58
C VAL A 313 -19.39 -20.99 -57.00
N TYR A 314 -20.71 -21.04 -57.16
CA TYR A 314 -21.33 -21.49 -58.41
C TYR A 314 -22.12 -20.38 -59.09
N ILE A 315 -21.75 -19.11 -58.85
CA ILE A 315 -22.49 -18.01 -59.43
C ILE A 315 -22.20 -17.86 -60.91
N TRP A 316 -21.06 -18.38 -61.39
CA TRP A 316 -20.70 -18.32 -62.81
C TRP A 316 -20.85 -19.68 -63.50
N SER A 317 -21.58 -20.60 -62.88
CA SER A 317 -21.77 -21.91 -63.49
C SER A 317 -22.75 -21.86 -64.66
N GLY A 318 -23.82 -21.07 -64.52
CA GLY A 318 -24.82 -21.01 -65.56
C GLY A 318 -24.28 -20.42 -66.86
N ASN A 319 -23.56 -19.30 -66.75
CA ASN A 319 -22.98 -18.64 -67.90
C ASN A 319 -21.66 -19.27 -68.36
N GLY A 320 -21.30 -20.42 -67.79
CA GLY A 320 -20.07 -21.09 -68.17
C GLY A 320 -20.24 -22.59 -68.35
N SER A 321 -21.40 -23.00 -68.83
CA SER A 321 -21.67 -24.40 -69.11
C SER A 321 -21.38 -24.72 -70.58
N LYS A 322 -21.23 -26.01 -70.87
CA LYS A 322 -20.96 -26.43 -72.24
C LYS A 322 -22.14 -26.11 -73.16
N GLU A 323 -23.37 -26.21 -72.64
CA GLU A 323 -24.54 -25.90 -73.45
C GLU A 323 -24.65 -24.41 -73.72
N TYR A 324 -24.38 -23.59 -72.71
CA TYR A 324 -24.47 -22.13 -72.89
C TYR A 324 -23.38 -21.62 -73.81
N LEU A 325 -22.14 -22.10 -73.63
CA LEU A 325 -21.03 -21.62 -74.44
C LEU A 325 -21.23 -21.95 -75.92
N GLU A 326 -21.69 -23.16 -76.21
CA GLU A 326 -21.97 -23.54 -77.60
C GLU A 326 -23.15 -22.76 -78.17
N ARG A 327 -24.12 -22.40 -77.32
CA ARG A 327 -25.30 -21.68 -77.80
C ARG A 327 -24.96 -20.26 -78.23
N ILE A 328 -23.98 -19.64 -77.60
CA ILE A 328 -23.62 -18.25 -77.91
C ILE A 328 -22.49 -18.23 -78.93
N GLY A 329 -22.13 -19.40 -79.47
CA GLY A 329 -21.14 -19.47 -80.51
C GLY A 329 -19.71 -19.66 -80.03
N LEU A 330 -19.50 -20.17 -78.83
CA LEU A 330 -18.15 -20.40 -78.33
C LEU A 330 -17.94 -21.88 -78.00
N GLY A 331 -18.35 -22.76 -78.90
CA GLY A 331 -18.21 -24.19 -78.66
C GLY A 331 -16.76 -24.66 -78.62
N HIS A 332 -15.85 -23.93 -79.25
CA HIS A 332 -14.42 -24.27 -79.21
C HIS A 332 -13.84 -24.15 -77.82
N ARG A 333 -14.49 -23.37 -76.96
CA ARG A 333 -13.99 -23.06 -75.64
C ARG A 333 -14.07 -24.27 -74.70
N GLU A 334 -13.13 -24.32 -73.75
CA GLU A 334 -13.18 -25.34 -72.72
C GLU A 334 -14.39 -25.09 -71.81
N GLU A 335 -14.72 -26.10 -71.01
CA GLU A 335 -15.92 -26.14 -70.18
C GLU A 335 -16.22 -24.81 -69.47
N ASN A 336 -15.37 -24.40 -68.53
CA ASN A 336 -15.63 -23.22 -67.72
C ASN A 336 -14.69 -22.06 -68.04
N ASP A 337 -14.13 -22.03 -69.25
CA ASP A 337 -13.33 -20.90 -69.70
C ASP A 337 -14.27 -19.78 -70.13
N LEU A 338 -14.34 -18.72 -69.33
CA LEU A 338 -15.28 -17.64 -69.60
C LEU A 338 -14.75 -16.61 -70.59
N GLY A 339 -13.46 -16.63 -70.88
CA GLY A 339 -12.87 -15.70 -71.83
C GLY A 339 -12.44 -14.43 -71.15
N PRO A 340 -12.04 -13.44 -71.93
CA PRO A 340 -11.61 -12.17 -71.35
C PRO A 340 -12.79 -11.43 -70.74
N ILE A 341 -12.84 -11.35 -69.42
CA ILE A 341 -13.96 -10.71 -68.73
C ILE A 341 -13.37 -9.87 -67.61
N TYR A 342 -14.19 -9.53 -66.62
CA TYR A 342 -13.69 -8.84 -65.43
C TYR A 342 -12.42 -9.51 -64.93
N GLY A 343 -11.43 -8.68 -64.59
CA GLY A 343 -10.12 -9.15 -64.19
C GLY A 343 -9.18 -9.48 -65.33
N PHE A 344 -9.65 -9.51 -66.57
CA PHE A 344 -8.73 -9.59 -67.68
C PHE A 344 -8.60 -8.26 -68.39
N GLN A 345 -9.67 -7.48 -68.42
CA GLN A 345 -9.57 -6.07 -68.79
C GLN A 345 -9.00 -5.23 -67.66
N TRP A 346 -9.13 -5.70 -66.41
CA TRP A 346 -8.56 -4.98 -65.27
C TRP A 346 -7.04 -5.05 -65.26
N ARG A 347 -6.48 -6.22 -65.56
CA ARG A 347 -5.05 -6.45 -65.43
C ARG A 347 -4.31 -6.56 -66.75
N HIS A 348 -4.99 -6.95 -67.84
CA HIS A 348 -4.37 -7.13 -69.14
C HIS A 348 -5.28 -6.57 -70.23
N TYR A 349 -5.59 -5.28 -70.13
CA TYR A 349 -6.50 -4.64 -71.08
C TYR A 349 -5.88 -4.63 -72.47
N ASN A 350 -6.72 -4.91 -73.48
CA ASN A 350 -6.33 -5.00 -74.88
C ASN A 350 -5.29 -6.08 -75.13
N GLY A 351 -5.22 -7.08 -74.25
CA GLY A 351 -4.30 -8.20 -74.45
C GLY A 351 -4.93 -9.29 -75.29
N GLU A 352 -4.14 -9.85 -76.19
CA GLU A 352 -4.60 -10.91 -77.07
C GLU A 352 -4.91 -12.15 -76.25
N TYR A 353 -6.19 -12.52 -76.17
CA TYR A 353 -6.63 -13.64 -75.35
C TYR A 353 -6.50 -14.94 -76.13
N LYS A 354 -5.92 -15.97 -75.50
CA LYS A 354 -5.82 -17.28 -76.10
C LYS A 354 -6.75 -18.22 -75.33
N THR A 355 -6.30 -18.80 -74.22
CA THR A 355 -7.14 -19.63 -73.36
C THR A 355 -6.96 -19.17 -71.91
N MET A 356 -7.64 -19.85 -70.99
CA MET A 356 -7.54 -19.53 -69.58
C MET A 356 -6.31 -20.14 -68.91
N HIS A 357 -5.53 -20.94 -69.65
CA HIS A 357 -4.34 -21.58 -69.09
C HIS A 357 -3.05 -20.88 -69.43
N ASP A 358 -3.06 -19.94 -70.37
CA ASP A 358 -1.84 -19.28 -70.80
C ASP A 358 -1.39 -18.26 -69.77
N ASP A 359 -0.14 -17.83 -69.89
CA ASP A 359 0.47 -16.84 -69.01
C ASP A 359 0.34 -15.47 -69.65
N TYR A 360 -0.34 -14.55 -68.97
CA TYR A 360 -0.56 -13.20 -69.49
C TYR A 360 0.18 -12.13 -68.69
N THR A 361 1.17 -12.53 -67.89
CA THR A 361 1.94 -11.59 -67.09
C THR A 361 2.80 -10.72 -68.00
N GLY A 362 2.48 -9.42 -68.06
CA GLY A 362 3.23 -8.44 -68.83
C GLY A 362 2.48 -7.91 -70.03
N VAL A 363 1.55 -8.69 -70.59
CA VAL A 363 0.80 -8.29 -71.77
C VAL A 363 -0.42 -7.48 -71.35
N GLY A 364 -0.77 -6.48 -72.15
CA GLY A 364 -1.92 -5.65 -71.88
C GLY A 364 -1.64 -4.56 -70.87
N VAL A 365 -2.61 -3.66 -70.73
CA VAL A 365 -2.51 -2.56 -69.79
C VAL A 365 -3.07 -3.00 -68.44
N ASP A 366 -2.27 -2.84 -67.38
CA ASP A 366 -2.68 -3.19 -66.02
C ASP A 366 -3.33 -1.96 -65.40
N GLN A 367 -4.65 -1.84 -65.57
CA GLN A 367 -5.36 -0.68 -65.03
C GLN A 367 -5.30 -0.65 -63.50
N LEU A 368 -5.49 -1.81 -62.86
CA LEU A 368 -5.53 -1.84 -61.40
C LEU A 368 -4.21 -1.40 -60.80
N ALA A 369 -3.09 -1.80 -61.39
CA ALA A 369 -1.79 -1.36 -60.89
C ALA A 369 -1.61 0.14 -61.06
N LYS A 370 -1.93 0.66 -62.25
CA LYS A 370 -1.82 2.09 -62.49
C LYS A 370 -2.84 2.88 -61.67
N LEU A 371 -4.00 2.28 -61.38
CA LEU A 371 -4.99 2.95 -60.54
C LEU A 371 -4.45 3.14 -59.12
N ILE A 372 -3.91 2.07 -58.53
CA ILE A 372 -3.34 2.17 -57.19
C ILE A 372 -2.17 3.15 -57.18
N GLU A 373 -1.35 3.12 -58.24
CA GLU A 373 -0.21 4.02 -58.32
C GLU A 373 -0.66 5.48 -58.38
N THR A 374 -1.73 5.75 -59.15
CA THR A 374 -2.20 7.13 -59.29
C THR A 374 -2.97 7.59 -58.05
N LEU A 375 -3.62 6.65 -57.34
CA LEU A 375 -4.41 7.04 -56.17
C LEU A 375 -3.57 7.61 -55.05
N LYS A 376 -2.34 7.12 -54.89
CA LYS A 376 -1.48 7.59 -53.81
C LYS A 376 -0.41 8.57 -54.26
N ASN A 377 -0.11 8.66 -55.55
CA ASN A 377 0.85 9.63 -56.05
C ASN A 377 0.18 10.93 -56.49
N ASN A 378 -1.07 10.88 -56.94
CA ASN A 378 -1.82 12.05 -57.35
C ASN A 378 -3.27 11.85 -56.93
N PRO A 379 -3.58 12.09 -55.66
CA PRO A 379 -4.93 11.75 -55.18
C PRO A 379 -6.01 12.62 -55.79
N LYS A 380 -5.78 13.92 -55.93
CA LYS A 380 -6.78 14.84 -56.46
C LYS A 380 -6.90 14.78 -57.98
N ASP A 381 -6.24 13.83 -58.63
CA ASP A 381 -6.42 13.61 -60.05
C ASP A 381 -7.86 13.19 -60.33
N ARG A 382 -8.39 13.63 -61.47
CA ARG A 382 -9.77 13.34 -61.85
C ARG A 382 -9.87 12.26 -62.90
N ARG A 383 -8.96 11.27 -62.88
CA ARG A 383 -8.95 10.22 -63.88
C ARG A 383 -8.77 8.84 -63.29
N HIS A 384 -9.08 8.64 -62.01
CA HIS A 384 -8.99 7.33 -61.37
C HIS A 384 -10.15 6.48 -61.87
N ILE A 385 -9.95 5.87 -63.05
CA ILE A 385 -11.01 5.17 -63.76
C ILE A 385 -10.56 3.74 -64.04
N LEU A 386 -11.44 2.79 -63.75
CA LEU A 386 -11.26 1.38 -64.08
C LEU A 386 -12.42 0.96 -64.98
N THR A 387 -12.10 0.55 -66.21
CA THR A 387 -13.12 0.17 -67.19
C THR A 387 -12.95 -1.29 -67.58
N ALA A 388 -14.07 -1.89 -68.00
CA ALA A 388 -14.08 -3.26 -68.49
C ALA A 388 -14.74 -3.41 -69.85
N TRP A 389 -15.27 -2.34 -70.42
CA TRP A 389 -15.97 -2.40 -71.71
C TRP A 389 -14.94 -2.28 -72.83
N ASN A 390 -14.59 -3.41 -73.43
CA ASN A 390 -13.64 -3.44 -74.54
C ASN A 390 -14.38 -3.91 -75.79
N PRO A 391 -14.74 -3.01 -76.71
CA PRO A 391 -15.48 -3.44 -77.92
C PRO A 391 -14.73 -4.44 -78.77
N SER A 392 -13.40 -4.49 -78.67
CA SER A 392 -12.62 -5.43 -79.47
C SER A 392 -12.66 -6.86 -78.93
N ALA A 393 -13.10 -7.04 -77.68
CA ALA A 393 -13.09 -8.35 -77.05
C ALA A 393 -14.48 -8.85 -76.69
N LEU A 394 -15.53 -8.08 -76.96
CA LEU A 394 -16.88 -8.48 -76.56
C LEU A 394 -17.28 -9.80 -77.19
N SER A 395 -16.89 -10.03 -78.45
CA SER A 395 -17.28 -11.25 -79.13
C SER A 395 -16.67 -12.49 -78.49
N GLN A 396 -15.53 -12.34 -77.81
CA GLN A 396 -14.87 -13.46 -77.14
C GLN A 396 -15.39 -13.68 -75.73
N MET A 397 -16.20 -12.77 -75.20
CA MET A 397 -16.67 -12.88 -73.82
C MET A 397 -17.88 -13.79 -73.72
N ALA A 398 -17.91 -14.61 -72.66
CA ALA A 398 -19.10 -15.39 -72.37
C ALA A 398 -20.26 -14.51 -71.95
N LEU A 399 -19.96 -13.32 -71.42
CA LEU A 399 -20.98 -12.34 -71.03
C LEU A 399 -20.35 -10.95 -70.98
N PRO A 400 -20.90 -9.98 -71.70
CA PRO A 400 -20.35 -8.62 -71.67
C PRO A 400 -20.44 -8.04 -70.27
N PRO A 401 -19.59 -7.05 -69.96
CA PRO A 401 -19.54 -6.52 -68.59
C PRO A 401 -20.83 -5.81 -68.21
N CYS A 402 -21.36 -6.15 -67.03
CA CYS A 402 -22.53 -5.46 -66.49
C CYS A 402 -22.13 -4.23 -65.70
N HIS A 403 -21.32 -4.40 -64.66
CA HIS A 403 -20.66 -3.26 -64.02
C HIS A 403 -19.55 -2.81 -64.94
N VAL A 404 -19.82 -1.78 -65.73
CA VAL A 404 -19.00 -1.47 -66.90
C VAL A 404 -17.79 -0.63 -66.51
N LEU A 405 -18.01 0.47 -65.81
CA LEU A 405 -16.94 1.42 -65.52
C LEU A 405 -17.09 1.96 -64.11
N SER A 406 -15.97 2.15 -63.43
CA SER A 406 -15.94 2.67 -62.07
C SER A 406 -14.92 3.79 -61.97
N GLN A 407 -15.24 4.81 -61.18
CA GLN A 407 -14.35 5.94 -60.94
C GLN A 407 -14.17 6.13 -59.44
N TYR A 408 -12.98 6.60 -59.06
CA TYR A 408 -12.61 6.71 -57.65
C TYR A 408 -12.13 8.13 -57.36
N TYR A 409 -12.32 8.54 -56.10
CA TYR A 409 -12.19 9.94 -55.71
C TYR A 409 -11.65 10.02 -54.30
N VAL A 410 -10.62 10.85 -54.11
CA VAL A 410 -9.98 11.03 -52.81
C VAL A 410 -10.43 12.38 -52.25
N THR A 411 -11.15 12.35 -51.14
CA THR A 411 -11.64 13.58 -50.53
C THR A 411 -10.50 14.32 -49.84
N ASN A 412 -10.82 15.52 -49.36
CA ASN A 412 -9.81 16.34 -48.67
C ASN A 412 -9.44 15.74 -47.31
N ASP A 413 -10.35 15.00 -46.69
CA ASP A 413 -10.05 14.32 -45.44
C ASP A 413 -9.60 12.87 -45.63
N ASN A 414 -8.96 12.57 -46.77
CA ASN A 414 -8.30 11.29 -47.01
C ASN A 414 -9.29 10.13 -46.96
N CYS A 415 -10.43 10.30 -47.62
CA CYS A 415 -11.40 9.23 -47.79
C CYS A 415 -11.52 8.89 -49.27
N LEU A 416 -11.81 7.64 -49.55
CA LEU A 416 -11.89 7.12 -50.92
C LEU A 416 -13.34 6.77 -51.24
N SER A 417 -13.94 7.54 -52.14
CA SER A 417 -15.28 7.27 -52.63
C SER A 417 -15.22 6.59 -53.99
N CYS A 418 -16.34 5.99 -54.38
CA CYS A 418 -16.40 5.21 -55.61
C CYS A 418 -17.72 5.44 -56.32
N ASN A 419 -17.65 5.70 -57.63
CA ASN A 419 -18.81 5.71 -58.51
C ASN A 419 -18.73 4.51 -59.45
N LEU A 420 -19.87 3.88 -59.69
CA LEU A 420 -19.95 2.72 -60.57
C LEU A 420 -21.13 2.87 -61.51
N TYR A 421 -20.90 2.70 -62.81
CA TYR A 421 -21.97 2.66 -63.79
C TYR A 421 -22.22 1.21 -64.20
N GLN A 422 -23.48 0.80 -64.13
CA GLN A 422 -23.90 -0.57 -64.43
C GLN A 422 -24.94 -0.53 -65.56
N ARG A 423 -24.60 -1.18 -66.68
CA ARG A 423 -25.48 -1.11 -67.85
C ARG A 423 -26.76 -1.90 -67.64
N SER A 424 -26.66 -3.05 -66.96
CA SER A 424 -27.80 -3.92 -66.72
C SER A 424 -27.72 -4.44 -65.30
N CYS A 425 -28.85 -4.43 -64.60
CA CYS A 425 -28.88 -4.70 -63.16
C CYS A 425 -30.00 -5.69 -62.85
N ASP A 426 -29.63 -6.93 -62.54
CA ASP A 426 -30.55 -7.90 -61.99
C ASP A 426 -30.78 -7.54 -60.52
N LEU A 427 -31.90 -6.89 -60.23
CA LEU A 427 -32.16 -6.41 -58.88
C LEU A 427 -32.37 -7.53 -57.88
N GLY A 428 -32.78 -8.72 -58.34
CA GLY A 428 -32.99 -9.83 -57.44
C GLY A 428 -31.72 -10.51 -56.98
N LEU A 429 -30.75 -10.66 -57.90
CA LEU A 429 -29.52 -11.39 -57.61
C LEU A 429 -28.28 -10.53 -57.77
N GLY A 430 -28.11 -9.89 -58.93
CA GLY A 430 -26.86 -9.18 -59.19
C GLY A 430 -26.66 -7.96 -58.32
N SER A 431 -27.73 -7.17 -58.12
CA SER A 431 -27.59 -5.91 -57.42
C SER A 431 -27.04 -6.05 -56.00
N PRO A 432 -27.57 -6.93 -55.14
CA PRO A 432 -26.95 -7.06 -53.80
C PRO A 432 -25.50 -7.48 -53.85
N PHE A 433 -25.11 -8.30 -54.83
CA PHE A 433 -23.71 -8.65 -54.99
C PHE A 433 -22.87 -7.45 -55.40
N ASN A 434 -23.36 -6.67 -56.37
CA ASN A 434 -22.58 -5.54 -56.87
C ASN A 434 -22.36 -4.48 -55.79
N ILE A 435 -23.37 -4.26 -54.94
CA ILE A 435 -23.24 -3.27 -53.88
C ILE A 435 -22.12 -3.67 -52.91
N ALA A 436 -22.14 -4.92 -52.45
CA ALA A 436 -21.14 -5.37 -51.50
C ALA A 436 -19.78 -5.53 -52.16
N SER A 437 -19.75 -5.98 -53.42
CA SER A 437 -18.48 -6.24 -54.09
C SER A 437 -17.65 -4.97 -54.22
N TYR A 438 -18.22 -3.93 -54.84
CA TYR A 438 -17.49 -2.69 -55.01
C TYR A 438 -17.31 -1.94 -53.70
N ALA A 439 -18.11 -2.25 -52.68
CA ALA A 439 -17.83 -1.72 -51.34
C ALA A 439 -16.56 -2.32 -50.77
N ILE A 440 -16.41 -3.64 -50.90
CA ILE A 440 -15.18 -4.30 -50.43
C ILE A 440 -13.99 -3.83 -51.24
N LEU A 441 -14.14 -3.72 -52.56
CA LEU A 441 -13.04 -3.29 -53.42
C LEU A 441 -12.58 -1.89 -53.06
N THR A 442 -13.53 -0.99 -52.75
CA THR A 442 -13.14 0.36 -52.34
C THR A 442 -12.39 0.34 -51.02
N MET A 443 -12.79 -0.55 -50.11
CA MET A 443 -12.08 -0.67 -48.84
C MET A 443 -10.68 -1.23 -49.05
N MET A 444 -10.53 -2.21 -49.95
CA MET A 444 -9.21 -2.74 -50.25
C MET A 444 -8.30 -1.66 -50.83
N LEU A 445 -8.80 -0.91 -51.82
CA LEU A 445 -8.02 0.17 -52.39
C LEU A 445 -7.69 1.24 -51.35
N ALA A 446 -8.57 1.44 -50.37
CA ALA A 446 -8.31 2.43 -49.34
C ALA A 446 -7.15 2.00 -48.43
N GLN A 447 -7.11 0.72 -48.06
CA GLN A 447 -6.05 0.25 -47.18
C GLN A 447 -4.70 0.23 -47.90
N VAL A 448 -4.69 -0.22 -49.16
CA VAL A 448 -3.44 -0.28 -49.91
C VAL A 448 -2.89 1.11 -50.17
N CYS A 449 -3.77 2.09 -50.38
CA CYS A 449 -3.34 3.46 -50.66
C CYS A 449 -3.29 4.33 -49.41
N GLY A 450 -3.71 3.81 -48.26
CA GLY A 450 -3.62 4.57 -47.02
C GLY A 450 -4.74 5.57 -46.81
N TYR A 451 -5.98 5.18 -47.13
CA TYR A 451 -7.14 6.04 -46.94
C TYR A 451 -8.19 5.29 -46.12
N GLU A 452 -9.27 5.98 -45.81
CA GLU A 452 -10.48 5.48 -45.18
C GLU A 452 -11.59 5.35 -46.21
N PRO A 453 -12.54 4.44 -46.00
CA PRO A 453 -13.65 4.32 -46.95
C PRO A 453 -14.53 5.56 -46.93
N GLY A 454 -15.04 5.92 -48.10
CA GLY A 454 -15.88 7.10 -48.23
C GLY A 454 -17.33 6.78 -48.55
N GLU A 455 -17.75 7.13 -49.76
CA GLU A 455 -19.12 6.90 -50.20
C GLU A 455 -19.13 5.99 -51.42
N LEU A 456 -20.28 5.37 -51.67
CA LEU A 456 -20.46 4.48 -52.81
C LEU A 456 -21.73 4.87 -53.54
N ALA A 457 -21.60 5.28 -54.79
CA ALA A 457 -22.73 5.63 -55.64
C ALA A 457 -22.73 4.72 -56.86
N ILE A 458 -23.88 4.12 -57.14
CA ILE A 458 -24.05 3.19 -58.25
C ILE A 458 -25.09 3.77 -59.19
N PHE A 459 -24.68 4.04 -60.43
CA PHE A 459 -25.58 4.55 -61.46
C PHE A 459 -25.95 3.43 -62.41
N ILE A 460 -27.25 3.21 -62.59
CA ILE A 460 -27.77 2.03 -63.26
C ILE A 460 -28.45 2.43 -64.56
N GLY A 461 -28.17 1.67 -65.61
CA GLY A 461 -28.88 1.81 -66.86
C GLY A 461 -30.20 1.07 -66.87
N ASP A 462 -30.18 -0.20 -67.28
CA ASP A 462 -31.39 -1.02 -67.35
C ASP A 462 -31.58 -1.72 -66.00
N ALA A 463 -32.32 -1.07 -65.11
CA ALA A 463 -32.71 -1.68 -63.84
C ALA A 463 -33.99 -2.47 -64.05
N HIS A 464 -33.93 -3.78 -63.77
CA HIS A 464 -35.04 -4.67 -64.10
C HIS A 464 -35.20 -5.74 -63.03
N ILE A 465 -36.39 -6.35 -63.03
CA ILE A 465 -36.73 -7.44 -62.12
C ILE A 465 -37.26 -8.59 -62.95
N TYR A 466 -36.63 -9.76 -62.82
CA TYR A 466 -37.11 -10.94 -63.52
C TYR A 466 -38.44 -11.41 -62.96
N GLU A 467 -39.33 -11.85 -63.86
CA GLU A 467 -40.72 -12.12 -63.48
C GLU A 467 -40.86 -13.29 -62.53
N ASN A 468 -39.85 -14.18 -62.45
CA ASN A 468 -39.87 -15.26 -61.48
C ASN A 468 -39.34 -14.84 -60.11
N HIS A 469 -39.04 -13.56 -59.93
CA HIS A 469 -38.59 -13.03 -58.65
C HIS A 469 -39.64 -12.15 -57.99
N LEU A 470 -40.84 -12.06 -58.57
CA LEU A 470 -41.85 -11.14 -58.05
C LEU A 470 -42.33 -11.56 -56.66
N THR A 471 -42.64 -12.84 -56.47
CA THR A 471 -43.06 -13.31 -55.16
C THR A 471 -41.97 -13.12 -54.12
N GLN A 472 -40.72 -13.39 -54.51
CA GLN A 472 -39.61 -13.29 -53.57
C GLN A 472 -39.35 -11.84 -53.16
N LEU A 473 -39.26 -10.94 -54.13
CA LEU A 473 -38.93 -9.55 -53.83
C LEU A 473 -40.06 -8.85 -53.06
N LYS A 474 -41.31 -9.22 -53.32
CA LYS A 474 -42.40 -8.69 -52.52
C LYS A 474 -42.32 -9.17 -51.08
N GLU A 475 -41.85 -10.40 -50.87
CA GLU A 475 -41.60 -10.88 -49.51
C GLU A 475 -40.49 -10.08 -48.85
N GLN A 476 -39.43 -9.76 -49.60
CA GLN A 476 -38.33 -8.97 -49.06
C GLN A 476 -38.77 -7.55 -48.72
N LEU A 477 -39.76 -7.00 -49.46
CA LEU A 477 -40.25 -5.67 -49.19
C LEU A 477 -41.14 -5.59 -47.96
N SER A 478 -41.55 -6.73 -47.40
CA SER A 478 -42.35 -6.75 -46.18
C SER A 478 -41.50 -6.74 -44.92
N ARG A 479 -40.18 -6.72 -45.05
CA ARG A 479 -39.26 -6.80 -43.91
C ARG A 479 -38.69 -5.41 -43.64
N THR A 480 -38.88 -4.94 -42.41
CA THR A 480 -38.32 -3.64 -42.03
C THR A 480 -36.81 -3.74 -41.92
N PRO A 481 -36.06 -2.83 -42.53
CA PRO A 481 -34.59 -2.96 -42.54
C PRO A 481 -34.00 -2.88 -41.14
N ARG A 482 -32.84 -3.50 -40.98
CA ARG A 482 -32.04 -3.48 -39.78
C ARG A 482 -30.72 -2.76 -40.03
N PRO A 483 -30.04 -2.30 -38.97
CA PRO A 483 -28.80 -1.55 -39.17
C PRO A 483 -27.74 -2.37 -39.91
N PHE A 484 -27.01 -1.70 -40.78
CA PHE A 484 -25.95 -2.35 -41.54
C PHE A 484 -24.88 -2.89 -40.59
N PRO A 485 -24.20 -3.97 -40.97
CA PRO A 485 -23.11 -4.47 -40.12
C PRO A 485 -21.82 -3.69 -40.33
N GLN A 486 -20.74 -4.15 -39.70
CA GLN A 486 -19.42 -3.59 -39.93
C GLN A 486 -18.52 -4.65 -40.55
N LEU A 487 -17.59 -4.19 -41.39
CA LEU A 487 -16.62 -5.09 -42.03
C LEU A 487 -15.24 -4.47 -41.87
N LYS A 488 -14.37 -5.17 -41.15
CA LYS A 488 -13.01 -4.72 -40.91
C LYS A 488 -12.01 -5.78 -41.37
N PHE A 489 -10.81 -5.33 -41.71
CA PHE A 489 -9.73 -6.22 -42.12
C PHE A 489 -8.86 -6.55 -40.92
N LYS A 490 -8.49 -7.83 -40.80
CA LYS A 490 -7.73 -8.28 -39.64
C LYS A 490 -6.26 -7.92 -39.73
N ARG A 491 -5.73 -7.75 -40.94
CA ARG A 491 -4.32 -7.41 -41.11
C ARG A 491 -4.19 -6.42 -42.27
N LYS A 492 -3.05 -5.72 -42.28
CA LYS A 492 -2.74 -4.78 -43.34
C LYS A 492 -1.86 -5.48 -44.37
N VAL A 493 -2.40 -5.71 -45.56
CA VAL A 493 -1.66 -6.41 -46.60
C VAL A 493 -0.71 -5.43 -47.30
N GLU A 494 0.29 -5.99 -47.96
CA GLU A 494 1.23 -5.18 -48.75
C GLU A 494 0.84 -5.10 -50.22
N ASN A 495 0.15 -6.12 -50.73
CA ASN A 495 -0.35 -6.11 -52.10
C ASN A 495 -1.83 -6.47 -52.10
N ILE A 496 -2.59 -5.85 -53.00
CA ILE A 496 -4.03 -6.06 -53.05
C ILE A 496 -4.37 -7.51 -53.40
N GLU A 497 -3.43 -8.24 -54.01
CA GLU A 497 -3.68 -9.63 -54.38
C GLU A 497 -3.55 -10.60 -53.20
N ASP A 498 -3.09 -10.13 -52.05
CA ASP A 498 -2.83 -10.99 -50.90
C ASP A 498 -4.05 -11.15 -49.98
N PHE A 499 -5.17 -10.51 -50.29
CA PHE A 499 -6.34 -10.62 -49.43
C PHE A 499 -6.90 -12.03 -49.45
N LYS A 500 -7.31 -12.51 -48.28
CA LYS A 500 -7.91 -13.82 -48.11
C LYS A 500 -9.23 -13.68 -47.37
N TRP A 501 -10.07 -14.70 -47.49
CA TRP A 501 -11.38 -14.67 -46.82
C TRP A 501 -11.24 -14.65 -45.31
N GLU A 502 -10.19 -15.26 -44.77
CA GLU A 502 -9.98 -15.25 -43.34
C GLU A 502 -9.60 -13.86 -42.81
N ASP A 503 -9.15 -12.97 -43.69
CA ASP A 503 -8.76 -11.62 -43.29
C ASP A 503 -9.96 -10.71 -43.06
N ILE A 504 -11.16 -11.15 -43.42
CA ILE A 504 -12.37 -10.34 -43.32
C ILE A 504 -13.13 -10.73 -42.07
N GLU A 505 -13.52 -9.74 -41.28
CA GLU A 505 -14.32 -9.95 -40.08
C GLU A 505 -15.64 -9.19 -40.24
N LEU A 506 -16.76 -9.91 -40.22
CA LEU A 506 -18.07 -9.33 -40.37
C LEU A 506 -18.73 -9.24 -39.00
N ILE A 507 -18.90 -8.01 -38.51
CA ILE A 507 -19.32 -7.76 -37.13
C ILE A 507 -20.74 -7.21 -37.15
N GLY A 508 -21.64 -7.88 -36.43
CA GLY A 508 -22.98 -7.35 -36.22
C GLY A 508 -23.92 -7.51 -37.40
N TYR A 509 -23.90 -8.67 -38.06
CA TYR A 509 -24.76 -8.92 -39.20
C TYR A 509 -25.88 -9.87 -38.75
N TYR A 510 -27.09 -9.33 -38.60
CA TYR A 510 -28.26 -10.09 -38.16
C TYR A 510 -29.36 -9.91 -39.20
N PRO A 511 -29.26 -10.59 -40.34
CA PRO A 511 -30.22 -10.39 -41.42
C PRO A 511 -31.47 -11.26 -41.26
N TYR A 512 -32.44 -10.99 -42.13
CA TYR A 512 -33.59 -11.86 -42.25
C TYR A 512 -33.21 -13.13 -43.01
N PRO A 513 -34.02 -14.18 -42.91
CA PRO A 513 -33.67 -15.45 -43.57
C PRO A 513 -33.48 -15.28 -45.07
N THR A 514 -32.65 -16.14 -45.64
CA THR A 514 -32.31 -16.06 -47.05
C THR A 514 -33.53 -16.36 -47.93
N ILE A 515 -33.52 -15.81 -49.13
CA ILE A 515 -34.60 -15.94 -50.09
C ILE A 515 -34.04 -16.54 -51.37
N LYS A 516 -34.55 -17.71 -51.76
CA LYS A 516 -34.05 -18.42 -52.94
C LYS A 516 -34.63 -17.83 -54.22
N MET A 517 -33.75 -17.54 -55.18
CA MET A 517 -34.14 -16.99 -56.46
C MET A 517 -33.29 -17.61 -57.55
N ASP A 518 -33.92 -18.04 -58.63
CA ASP A 518 -33.21 -18.70 -59.72
C ASP A 518 -32.60 -17.68 -60.67
N MET A 519 -31.39 -17.99 -61.15
CA MET A 519 -30.69 -17.13 -62.09
C MET A 519 -31.11 -17.45 -63.51
N ALA A 520 -31.32 -16.40 -64.31
CA ALA A 520 -31.64 -16.57 -65.72
C ALA A 520 -30.36 -16.72 -66.53
N VAL A 521 -30.24 -17.84 -67.23
CA VAL A 521 -29.04 -18.14 -68.02
C VAL A 521 -29.14 -17.51 -69.40
N GLU B 3 -5.47 55.82 5.87
CA GLU B 3 -6.23 54.56 5.81
C GLU B 3 -5.29 53.36 5.76
N LYS B 4 -5.12 52.71 6.90
CA LYS B 4 -4.28 51.52 6.99
C LYS B 4 -5.01 50.40 7.72
N ASN B 5 -4.33 49.31 8.01
CA ASN B 5 -4.99 48.11 8.52
C ASN B 5 -5.04 48.13 10.05
N VAL B 6 -6.14 47.58 10.58
CA VAL B 6 -6.36 47.46 12.02
C VAL B 6 -6.74 46.00 12.31
N SER B 7 -5.96 45.35 13.16
CA SER B 7 -6.14 43.93 13.45
C SER B 7 -6.23 43.71 14.95
N ILE B 8 -7.12 42.81 15.36
CA ILE B 8 -7.24 42.39 16.75
C ILE B 8 -6.33 41.20 17.00
N VAL B 9 -5.59 41.23 18.10
CA VAL B 9 -4.80 40.11 18.58
C VAL B 9 -5.34 39.71 19.95
N VAL B 10 -5.69 38.43 20.10
CA VAL B 10 -6.33 37.97 21.33
C VAL B 10 -6.05 36.48 21.49
N ALA B 11 -5.97 36.03 22.74
CA ALA B 11 -5.88 34.61 23.08
C ALA B 11 -7.05 34.27 24.00
N ALA B 12 -7.99 33.47 23.50
CA ALA B 12 -9.19 33.13 24.25
C ALA B 12 -9.36 31.63 24.33
N SER B 13 -10.11 31.18 25.34
CA SER B 13 -10.38 29.76 25.49
C SER B 13 -11.33 29.28 24.40
N VAL B 14 -11.32 27.96 24.18
CA VAL B 14 -11.94 27.41 22.98
C VAL B 14 -13.46 27.51 23.03
N LEU B 15 -14.06 27.29 24.20
CA LEU B 15 -15.51 27.22 24.32
C LEU B 15 -16.11 28.54 24.84
N SER B 16 -15.67 29.00 26.01
CA SER B 16 -16.26 30.16 26.64
C SER B 16 -15.56 31.47 26.29
N SER B 17 -14.43 31.40 25.58
CA SER B 17 -13.70 32.59 25.13
C SER B 17 -13.22 33.45 26.30
N GLY B 18 -12.79 32.80 27.38
CA GLY B 18 -12.20 33.52 28.50
C GLY B 18 -10.78 33.95 28.19
N ILE B 19 -10.43 35.17 28.63
CA ILE B 19 -9.13 35.73 28.29
C ILE B 19 -8.36 36.20 29.52
N GLY B 20 -9.03 36.28 30.67
CA GLY B 20 -8.38 36.80 31.85
C GLY B 20 -9.06 36.40 33.13
N ILE B 21 -8.31 36.52 34.24
CA ILE B 21 -8.81 36.24 35.57
C ILE B 21 -7.97 36.98 36.61
N ASN B 22 -8.63 37.77 37.46
CA ASN B 22 -7.97 38.50 38.56
C ASN B 22 -6.81 39.36 38.04
N GLY B 23 -7.04 40.06 36.94
CA GLY B 23 -6.05 40.97 36.40
C GLY B 23 -4.87 40.33 35.72
N GLN B 24 -4.91 39.04 35.44
CA GLN B 24 -3.82 38.37 34.75
C GLN B 24 -4.40 37.28 33.84
N LEU B 25 -3.51 36.60 33.11
CA LEU B 25 -3.92 35.56 32.18
C LEU B 25 -4.22 34.27 32.92
N PRO B 26 -5.20 33.49 32.47
CA PRO B 26 -5.48 32.19 33.09
C PRO B 26 -4.56 31.07 32.64
N TRP B 27 -3.46 31.38 31.96
CA TRP B 27 -2.52 30.38 31.48
C TRP B 27 -1.17 31.06 31.28
N SER B 28 -0.14 30.23 31.08
CA SER B 28 1.22 30.70 30.82
C SER B 28 1.76 29.91 29.63
N ILE B 29 1.62 30.46 28.43
CA ILE B 29 2.10 29.84 27.21
C ILE B 29 3.15 30.76 26.60
N SER B 30 4.40 30.30 26.57
CA SER B 30 5.48 31.14 26.08
C SER B 30 5.36 31.39 24.59
N GLU B 31 5.03 30.34 23.81
CA GLU B 31 4.96 30.48 22.37
C GLU B 31 3.88 31.46 21.95
N ASP B 32 2.81 31.58 22.75
CA ASP B 32 1.75 32.52 22.42
C ASP B 32 2.24 33.96 22.56
N LEU B 33 3.07 34.24 23.56
CA LEU B 33 3.65 35.58 23.69
C LEU B 33 4.60 35.88 22.53
N LYS B 34 5.37 34.88 22.09
CA LYS B 34 6.23 35.08 20.93
C LYS B 34 5.41 35.36 19.68
N PHE B 35 4.25 34.72 19.54
CA PHE B 35 3.37 35.03 18.42
C PHE B 35 2.86 36.46 18.50
N PHE B 36 2.44 36.89 19.70
CA PHE B 36 2.02 38.28 19.88
C PHE B 36 3.13 39.25 19.52
N SER B 37 4.37 38.91 19.88
CA SER B 37 5.50 39.80 19.58
C SER B 37 5.76 39.88 18.08
N LYS B 38 5.83 38.73 17.41
CA LYS B 38 6.16 38.75 15.98
C LYS B 38 5.02 39.30 15.13
N ILE B 39 3.77 39.09 15.56
CA ILE B 39 2.66 39.57 14.75
C ILE B 39 2.48 41.07 14.91
N THR B 40 2.89 41.63 16.04
CA THR B 40 2.78 43.07 16.27
C THR B 40 4.02 43.84 15.82
N ASN B 41 5.16 43.16 15.64
CA ASN B 41 6.34 43.78 15.07
C ASN B 41 6.42 43.66 13.55
N ASN B 42 5.58 42.80 12.95
CA ASN B 42 5.59 42.60 11.50
C ASN B 42 5.21 43.88 10.77
N LYS B 43 6.18 44.48 10.08
CA LYS B 43 5.96 45.71 9.33
C LYS B 43 6.75 45.67 8.03
N CYS B 44 6.41 46.57 7.12
CA CYS B 44 7.06 46.63 5.82
C CYS B 44 8.04 47.80 5.69
N ASP B 45 7.79 48.92 6.36
CA ASP B 45 8.65 50.09 6.31
C ASP B 45 9.49 50.13 7.58
N SER B 46 10.81 50.17 7.42
CA SER B 46 11.70 50.22 8.58
C SER B 46 11.67 51.57 9.28
N ASN B 47 11.25 52.63 8.60
CA ASN B 47 11.16 53.95 9.21
C ASN B 47 9.79 54.19 9.85
N LYS B 48 9.01 53.15 10.07
CA LYS B 48 7.69 53.27 10.68
C LYS B 48 7.59 52.29 11.85
N LYS B 49 6.64 52.56 12.73
CA LYS B 49 6.35 51.71 13.88
C LYS B 49 4.90 51.26 13.85
N ASN B 50 4.59 50.22 14.60
CA ASN B 50 3.24 49.74 14.78
C ASN B 50 2.68 50.25 16.10
N ALA B 51 1.37 50.47 16.13
CA ALA B 51 0.68 50.99 17.31
C ALA B 51 -0.16 49.88 17.93
N LEU B 52 0.01 49.68 19.24
CA LEU B 52 -0.72 48.66 19.98
C LEU B 52 -1.68 49.36 20.95
N ILE B 53 -2.97 49.31 20.64
CA ILE B 53 -4.01 49.92 21.46
C ILE B 53 -4.41 48.92 22.55
N MET B 54 -4.44 49.38 23.80
CA MET B 54 -4.84 48.52 24.91
C MET B 54 -5.54 49.34 25.96
N GLY B 55 -6.35 48.66 26.78
CA GLY B 55 -7.01 49.31 27.88
C GLY B 55 -6.07 49.55 29.06
N ARG B 56 -6.56 50.32 30.04
CA ARG B 56 -5.71 50.68 31.16
C ARG B 56 -5.38 49.47 32.04
N LYS B 57 -6.38 48.61 32.29
CA LYS B 57 -6.13 47.44 33.13
C LYS B 57 -5.15 46.48 32.46
N THR B 58 -5.19 46.38 31.13
CA THR B 58 -4.17 45.61 30.43
C THR B 58 -2.81 46.29 30.55
N TRP B 59 -2.78 47.62 30.49
CA TRP B 59 -1.54 48.35 30.69
C TRP B 59 -0.96 48.12 32.08
N ASP B 60 -1.82 47.89 33.07
CA ASP B 60 -1.32 47.55 34.41
C ASP B 60 -0.78 46.13 34.47
N SER B 61 -1.43 45.19 33.77
CA SER B 61 -1.04 43.79 33.87
C SER B 61 0.33 43.52 33.25
N ILE B 62 0.80 44.38 32.35
CA ILE B 62 2.11 44.22 31.72
C ILE B 62 3.18 45.04 32.44
N GLY B 63 2.90 45.52 33.66
CA GLY B 63 3.88 46.24 34.44
C GLY B 63 4.06 47.69 34.09
N ARG B 64 3.22 48.25 33.21
CA ARG B 64 3.32 49.64 32.77
C ARG B 64 4.70 49.93 32.19
N ARG B 65 5.20 49.01 31.36
CA ARG B 65 6.49 49.21 30.70
C ARG B 65 6.32 49.05 29.20
N PRO B 66 7.04 49.85 28.42
CA PRO B 66 6.83 49.84 26.97
C PRO B 66 7.32 48.56 26.32
N LEU B 67 6.78 48.29 25.14
CA LEU B 67 7.19 47.16 24.32
C LEU B 67 8.16 47.63 23.26
N LYS B 68 9.24 46.87 23.08
CA LYS B 68 10.32 47.26 22.19
C LYS B 68 9.83 47.45 20.77
N ASN B 69 10.32 48.51 20.12
CA ASN B 69 10.10 48.82 18.70
C ASN B 69 8.66 49.18 18.37
N ARG B 70 7.78 49.31 19.38
CA ARG B 70 6.38 49.60 19.14
C ARG B 70 5.94 50.76 20.03
N ILE B 71 4.78 51.32 19.69
CA ILE B 71 4.19 52.42 20.42
C ILE B 71 2.90 51.91 21.04
N ILE B 72 2.80 52.01 22.36
CA ILE B 72 1.64 51.53 23.10
C ILE B 72 0.65 52.68 23.28
N VAL B 73 -0.61 52.43 22.98
CA VAL B 73 -1.68 53.40 23.12
C VAL B 73 -2.62 52.90 24.21
N VAL B 74 -2.66 53.62 25.33
CA VAL B 74 -3.45 53.23 26.49
C VAL B 74 -4.76 54.02 26.48
N ILE B 75 -5.87 53.32 26.61
CA ILE B 75 -7.18 53.94 26.72
C ILE B 75 -7.51 54.11 28.20
N SER B 76 -7.67 55.35 28.63
CA SER B 76 -7.99 55.63 30.03
C SER B 76 -8.61 57.00 30.13
N SER B 77 -9.50 57.16 31.12
CA SER B 77 -10.12 58.43 31.41
C SER B 77 -9.40 59.19 32.53
N SER B 78 -8.51 58.54 33.26
CA SER B 78 -7.83 59.14 34.41
C SER B 78 -6.32 59.25 34.25
N LEU B 79 -5.69 58.38 33.45
CA LEU B 79 -4.24 58.42 33.30
C LEU B 79 -3.80 59.77 32.74
N PRO B 80 -2.76 60.39 33.31
CA PRO B 80 -2.30 61.67 32.77
C PRO B 80 -1.68 61.49 31.39
N GLN B 81 -2.10 62.32 30.44
CA GLN B 81 -1.58 62.30 29.07
C GLN B 81 -0.13 62.77 29.10
N ASP B 82 0.76 61.86 29.49
CA ASP B 82 2.18 62.19 29.63
C ASP B 82 2.84 62.27 28.27
N GLU B 83 3.78 63.20 28.13
CA GLU B 83 4.56 63.38 26.91
C GLU B 83 6.02 62.99 27.08
N ALA B 84 6.43 62.56 28.27
CA ALA B 84 7.82 62.19 28.50
C ALA B 84 8.20 60.94 27.71
N ASP B 85 7.38 59.89 27.81
CA ASP B 85 7.66 58.65 27.11
C ASP B 85 7.10 58.73 25.69
N PRO B 86 7.94 58.72 24.66
CA PRO B 86 7.42 58.75 23.29
C PRO B 86 6.87 57.42 22.82
N ASN B 87 7.10 56.34 23.56
CA ASN B 87 6.60 55.02 23.20
C ASN B 87 5.28 54.68 23.87
N VAL B 88 4.75 55.57 24.71
CA VAL B 88 3.47 55.37 25.38
C VAL B 88 2.68 56.67 25.30
N VAL B 89 1.44 56.59 24.80
CA VAL B 89 0.56 57.73 24.69
C VAL B 89 -0.80 57.33 25.23
N VAL B 90 -1.53 58.30 25.77
CA VAL B 90 -2.81 58.06 26.43
C VAL B 90 -3.90 58.84 25.70
N PHE B 91 -5.03 58.19 25.45
CA PHE B 91 -6.21 58.80 24.85
C PHE B 91 -7.42 58.54 25.75
N ARG B 92 -8.40 59.43 25.63
CA ARG B 92 -9.57 59.37 26.51
C ARG B 92 -10.65 58.41 26.02
N ASN B 93 -10.69 58.10 24.73
CA ASN B 93 -11.67 57.16 24.21
C ASN B 93 -11.07 56.43 23.01
N LEU B 94 -11.72 55.32 22.64
CA LEU B 94 -11.22 54.50 21.53
C LEU B 94 -11.35 55.21 20.20
N GLU B 95 -12.40 56.02 20.02
CA GLU B 95 -12.60 56.69 18.73
C GLU B 95 -11.52 57.72 18.47
N ASP B 96 -11.18 58.52 19.49
CA ASP B 96 -10.09 59.49 19.33
C ASP B 96 -8.74 58.81 19.16
N SER B 97 -8.56 57.64 19.77
CA SER B 97 -7.32 56.89 19.60
C SER B 97 -7.13 56.43 18.16
N ILE B 98 -8.19 56.37 17.37
CA ILE B 98 -8.07 56.10 15.94
C ILE B 98 -7.61 57.38 15.25
N GLU B 99 -6.45 57.88 15.67
CA GLU B 99 -5.81 59.03 15.06
C GLU B 99 -4.55 58.65 14.30
N ASN B 100 -4.04 57.43 14.52
CA ASN B 100 -2.98 56.90 13.67
C ASN B 100 -3.42 56.76 12.23
N LEU B 101 -4.74 56.71 11.97
CA LEU B 101 -5.23 56.71 10.60
C LEU B 101 -5.18 58.13 10.01
N MET B 102 -5.83 59.08 10.69
CA MET B 102 -5.99 60.43 10.14
C MET B 102 -4.64 61.07 9.82
N ASN B 103 -3.63 60.81 10.64
CA ASN B 103 -2.30 61.33 10.38
C ASN B 103 -1.25 60.35 10.89
N ASP B 104 -0.13 60.88 11.40
CA ASP B 104 0.95 60.07 11.94
C ASP B 104 1.38 58.99 10.94
N ASP B 105 1.95 59.45 9.83
CA ASP B 105 2.40 58.55 8.78
C ASP B 105 3.54 57.65 9.21
N SER B 106 4.09 57.87 10.41
CA SER B 106 5.09 56.98 10.96
C SER B 106 4.49 55.70 11.54
N ILE B 107 3.17 55.57 11.53
CA ILE B 107 2.49 54.36 11.98
C ILE B 107 2.00 53.62 10.75
N GLU B 108 2.40 52.36 10.61
CA GLU B 108 2.03 51.54 9.46
C GLU B 108 0.81 50.66 9.73
N ASN B 109 0.80 49.95 10.85
CA ASN B 109 -0.30 49.06 11.20
C ASN B 109 -0.75 49.33 12.63
N ILE B 110 -2.02 49.03 12.89
CA ILE B 110 -2.65 49.24 14.19
C ILE B 110 -3.14 47.91 14.71
N PHE B 111 -2.88 47.64 16.00
CA PHE B 111 -3.29 46.40 16.64
C PHE B 111 -4.09 46.71 17.89
N VAL B 112 -5.20 46.01 18.07
CA VAL B 112 -6.04 46.13 19.26
C VAL B 112 -5.74 44.96 20.18
N CYS B 113 -5.19 45.26 21.36
CA CYS B 113 -4.76 44.24 22.31
C CYS B 113 -5.46 44.32 23.66
N GLY B 114 -6.27 45.37 23.89
CA GLY B 114 -6.85 45.62 25.19
C GLY B 114 -7.81 44.58 25.70
N GLY B 115 -8.39 44.82 26.88
CA GLY B 115 -9.29 43.86 27.49
C GLY B 115 -10.65 43.75 26.84
N GLU B 116 -11.62 43.24 27.60
CA GLU B 116 -12.96 43.02 27.06
C GLU B 116 -13.60 44.33 26.59
N SER B 117 -13.40 45.41 27.35
CA SER B 117 -14.03 46.68 27.00
C SER B 117 -13.51 47.21 25.67
N ILE B 118 -12.21 47.07 25.42
CA ILE B 118 -11.63 47.59 24.18
C ILE B 118 -12.03 46.70 23.01
N TYR B 119 -12.04 45.38 23.21
CA TYR B 119 -12.48 44.47 22.16
C TYR B 119 -13.92 44.74 21.76
N ARG B 120 -14.80 44.92 22.74
CA ARG B 120 -16.22 45.09 22.47
C ARG B 120 -16.48 46.39 21.71
N ASP B 121 -15.82 47.48 22.11
CA ASP B 121 -16.03 48.77 21.45
C ASP B 121 -15.34 48.86 20.10
N ALA B 122 -14.32 48.04 19.85
CA ALA B 122 -13.68 48.06 18.54
C ALA B 122 -14.48 47.32 17.49
N LEU B 123 -15.19 46.25 17.89
CA LEU B 123 -16.05 45.54 16.97
C LEU B 123 -17.41 46.21 16.81
N LYS B 124 -17.90 46.85 17.87
CA LYS B 124 -19.19 47.54 17.78
C LYS B 124 -19.12 48.73 16.82
N ASP B 125 -18.05 49.52 16.89
CA ASP B 125 -17.87 50.67 16.02
C ASP B 125 -17.28 50.31 14.66
N ASN B 126 -17.04 49.02 14.41
CA ASN B 126 -16.63 48.53 13.09
C ASN B 126 -15.29 49.12 12.67
N PHE B 127 -14.29 48.97 13.54
CA PHE B 127 -12.94 49.45 13.27
C PHE B 127 -11.98 48.34 12.86
N VAL B 128 -12.36 47.08 13.04
CA VAL B 128 -11.44 45.96 12.95
C VAL B 128 -11.52 45.35 11.55
N ASP B 129 -10.36 45.13 10.94
CA ASP B 129 -10.25 44.48 9.64
C ASP B 129 -9.89 42.99 9.76
N ARG B 130 -8.99 42.64 10.67
CA ARG B 130 -8.50 41.28 10.82
C ARG B 130 -8.53 40.88 12.29
N ILE B 131 -8.58 39.58 12.53
CA ILE B 131 -8.60 39.03 13.89
C ILE B 131 -7.61 37.88 13.96
N TYR B 132 -6.59 38.03 14.79
CA TYR B 132 -5.65 36.95 15.10
C TYR B 132 -6.08 36.34 16.43
N LEU B 133 -6.55 35.09 16.39
CA LEU B 133 -7.12 34.43 17.56
C LEU B 133 -6.29 33.20 17.91
N THR B 134 -5.91 33.10 19.19
CA THR B 134 -5.28 31.90 19.73
C THR B 134 -6.31 31.19 20.60
N ARG B 135 -6.77 30.04 20.13
CA ARG B 135 -7.76 29.25 20.86
C ARG B 135 -7.03 28.31 21.81
N VAL B 136 -7.29 28.46 23.11
CA VAL B 136 -6.62 27.69 24.16
C VAL B 136 -7.59 26.65 24.69
N ALA B 137 -7.11 25.41 24.87
CA ALA B 137 -7.96 24.30 25.28
C ALA B 137 -7.95 24.16 26.80
N LEU B 138 -8.56 25.16 27.45
CA LEU B 138 -8.73 25.17 28.90
C LEU B 138 -10.09 25.76 29.20
N GLU B 139 -10.96 24.97 29.84
CA GLU B 139 -12.34 25.42 30.03
C GLU B 139 -12.85 25.23 31.45
N ASP B 140 -12.38 24.18 32.13
CA ASP B 140 -12.86 23.91 33.48
C ASP B 140 -12.11 24.73 34.54
N ILE B 141 -11.86 26.00 34.24
CA ILE B 141 -11.26 26.93 35.18
C ILE B 141 -12.16 28.16 35.27
N GLU B 142 -11.72 29.14 36.06
CA GLU B 142 -12.51 30.33 36.34
C GLU B 142 -12.06 31.50 35.47
N PHE B 143 -13.00 32.20 34.88
CA PHE B 143 -12.74 33.41 34.12
C PHE B 143 -13.57 34.56 34.69
N ASP B 144 -13.09 35.78 34.46
CA ASP B 144 -13.88 36.99 34.74
C ASP B 144 -13.82 38.00 33.60
N THR B 145 -13.09 37.71 32.52
CA THR B 145 -12.99 38.60 31.37
C THR B 145 -13.02 37.74 30.12
N TYR B 146 -13.90 38.09 29.18
CA TYR B 146 -14.13 37.26 28.00
C TYR B 146 -13.93 38.07 26.73
N PHE B 147 -13.66 37.36 25.65
CA PHE B 147 -13.62 37.95 24.31
C PHE B 147 -15.01 37.88 23.69
N PRO B 148 -15.55 38.99 23.20
CA PRO B 148 -16.92 38.98 22.66
C PRO B 148 -17.04 38.08 21.45
N GLU B 149 -18.27 37.63 21.20
CA GLU B 149 -18.54 36.76 20.06
C GLU B 149 -18.22 37.48 18.76
N ILE B 150 -17.52 36.77 17.86
CA ILE B 150 -17.13 37.34 16.57
C ILE B 150 -18.38 37.59 15.72
N PRO B 151 -18.60 38.81 15.24
CA PRO B 151 -19.80 39.08 14.46
C PRO B 151 -19.80 38.36 13.12
N GLU B 152 -21.01 38.24 12.54
CA GLU B 152 -21.19 37.50 11.30
C GLU B 152 -20.47 38.13 10.12
N THR B 153 -20.01 39.38 10.23
CA THR B 153 -19.29 40.02 9.15
C THR B 153 -17.87 39.47 8.98
N PHE B 154 -17.39 38.65 9.91
CA PHE B 154 -16.08 38.04 9.82
C PHE B 154 -16.19 36.58 9.41
N LEU B 155 -15.21 36.13 8.63
CA LEU B 155 -15.12 34.74 8.20
C LEU B 155 -13.71 34.23 8.43
N PRO B 156 -13.56 33.00 8.91
CA PRO B 156 -12.22 32.45 9.13
C PRO B 156 -11.54 32.12 7.80
N VAL B 157 -10.26 32.45 7.72
CA VAL B 157 -9.47 32.19 6.53
C VAL B 157 -8.25 31.31 6.78
N TYR B 158 -7.96 30.98 8.04
CA TYR B 158 -6.78 30.18 8.35
C TYR B 158 -6.98 29.50 9.71
N MET B 159 -6.53 28.25 9.80
CA MET B 159 -6.55 27.51 11.05
C MET B 159 -5.31 26.62 11.08
N SER B 160 -4.38 26.91 11.98
CA SER B 160 -3.11 26.20 12.04
C SER B 160 -3.30 24.81 12.65
N GLN B 161 -2.23 24.02 12.59
CA GLN B 161 -2.20 22.76 13.30
C GLN B 161 -2.23 23.00 14.81
N THR B 162 -2.54 21.93 15.55
CA THR B 162 -2.57 22.02 17.00
C THR B 162 -1.18 21.95 17.57
N PHE B 163 -0.86 22.87 18.47
CA PHE B 163 0.42 22.90 19.17
C PHE B 163 0.22 22.54 20.64
N CYS B 164 1.34 22.30 21.33
CA CYS B 164 1.29 21.85 22.71
C CYS B 164 2.34 22.58 23.54
N THR B 165 1.92 23.03 24.72
CA THR B 165 2.84 23.62 25.70
C THR B 165 2.35 23.24 27.09
N LYS B 166 3.17 22.48 27.82
CA LYS B 166 2.82 21.98 29.15
C LYS B 166 1.49 21.22 29.13
N ASN B 167 1.35 20.34 28.13
CA ASN B 167 0.16 19.51 27.93
C ASN B 167 -1.10 20.31 27.64
N ILE B 168 -0.95 21.55 27.20
CA ILE B 168 -2.06 22.41 26.82
C ILE B 168 -2.08 22.55 25.31
N SER B 169 -3.22 22.25 24.70
CA SER B 169 -3.38 22.36 23.26
C SER B 169 -3.86 23.76 22.90
N TYR B 170 -3.37 24.28 21.78
CA TYR B 170 -3.84 25.59 21.31
C TYR B 170 -3.67 25.68 19.81
N ASP B 171 -4.48 26.56 19.21
CA ASP B 171 -4.53 26.78 17.76
C ASP B 171 -4.25 28.24 17.45
N PHE B 172 -4.07 28.52 16.16
CA PHE B 172 -3.96 29.88 15.67
C PHE B 172 -4.89 30.04 14.47
N MET B 173 -5.76 31.05 14.53
CA MET B 173 -6.73 31.29 13.47
C MET B 173 -6.70 32.76 13.05
N ILE B 174 -7.09 33.01 11.81
CA ILE B 174 -7.20 34.35 11.26
C ILE B 174 -8.63 34.54 10.76
N PHE B 175 -9.26 35.63 11.19
CA PHE B 175 -10.59 36.01 10.74
C PHE B 175 -10.52 37.29 9.94
N GLU B 176 -11.22 37.31 8.80
CA GLU B 176 -11.24 38.46 7.91
C GLU B 176 -12.66 38.98 7.77
N LYS B 177 -12.79 40.29 7.67
CA LYS B 177 -14.10 40.93 7.52
C LYS B 177 -14.43 41.03 6.03
N GLN B 178 -15.54 40.40 5.64
CA GLN B 178 -15.93 40.39 4.23
C GLN B 178 -16.65 41.69 3.90
N GLU B 179 -16.16 42.39 2.88
CA GLU B 179 -16.75 43.65 2.44
C GLU B 179 -17.55 43.49 1.14
N LEU B 193 -3.66 32.55 -13.16
CA LEU B 193 -4.37 33.45 -14.06
C LEU B 193 -5.61 32.74 -14.60
N LYS B 194 -6.57 33.52 -15.10
CA LYS B 194 -7.81 32.95 -15.61
C LYS B 194 -7.59 32.07 -16.84
N SER B 195 -6.47 32.25 -17.55
CA SER B 195 -6.22 31.47 -18.75
C SER B 195 -6.06 29.98 -18.44
N ILE B 196 -5.44 29.66 -17.30
CA ILE B 196 -5.24 28.26 -16.94
C ILE B 196 -6.55 27.61 -16.54
N ASP B 197 -7.36 28.31 -15.73
CA ASP B 197 -8.64 27.75 -15.30
C ASP B 197 -9.58 27.58 -16.48
N ASP B 198 -9.57 28.54 -17.42
CA ASP B 198 -10.44 28.43 -18.58
C ASP B 198 -10.04 27.28 -19.48
N THR B 199 -8.73 27.09 -19.70
CA THR B 199 -8.27 25.99 -20.54
C THR B 199 -8.62 24.64 -19.95
N VAL B 200 -8.43 24.47 -18.64
CA VAL B 200 -8.79 23.21 -18.00
C VAL B 200 -10.28 22.95 -18.10
N ASP B 201 -11.09 24.01 -17.97
CA ASP B 201 -12.54 23.85 -18.13
C ASP B 201 -12.90 23.43 -19.55
N LEU B 202 -12.25 24.04 -20.55
CA LEU B 202 -12.52 23.67 -21.93
C LEU B 202 -12.11 22.23 -22.21
N LEU B 203 -10.95 21.82 -21.69
CA LEU B 203 -10.56 20.42 -21.83
C LEU B 203 -11.51 19.50 -21.08
N GLY B 204 -12.09 19.98 -19.97
CA GLY B 204 -13.08 19.20 -19.24
C GLY B 204 -14.42 19.11 -19.94
N GLU B 205 -14.68 20.00 -20.90
CA GLU B 205 -15.88 19.92 -21.72
C GLU B 205 -15.68 19.02 -22.93
N ILE B 206 -14.50 19.12 -23.56
CA ILE B 206 -14.18 18.25 -24.70
C ILE B 206 -14.10 16.80 -24.22
N PHE B 207 -13.14 16.49 -23.36
CA PHE B 207 -13.04 15.17 -22.76
C PHE B 207 -13.97 15.07 -21.58
N GLY B 208 -14.73 13.98 -21.51
CA GLY B 208 -15.62 13.78 -20.39
C GLY B 208 -14.89 13.23 -19.18
N ILE B 209 -15.13 11.96 -18.89
CA ILE B 209 -14.44 11.30 -17.79
C ILE B 209 -13.14 10.70 -18.30
N ARG B 210 -12.80 11.02 -19.55
CA ARG B 210 -11.49 10.63 -20.05
C ARG B 210 -10.38 11.48 -19.43
N LYS B 211 -10.70 12.71 -19.03
CA LYS B 211 -9.78 13.56 -18.30
C LYS B 211 -9.86 13.22 -16.82
N MET B 212 -8.72 12.79 -16.25
CA MET B 212 -8.73 12.26 -14.88
C MET B 212 -9.19 13.31 -13.86
N GLY B 213 -8.98 14.59 -14.15
CA GLY B 213 -9.46 15.63 -13.26
C GLY B 213 -10.97 15.61 -13.08
N ASN B 214 -11.72 15.23 -14.12
CA ASN B 214 -13.17 15.15 -14.01
C ASN B 214 -13.62 13.98 -13.15
N ARG B 215 -12.77 12.99 -12.92
CA ARG B 215 -13.08 11.92 -11.99
C ARG B 215 -12.73 12.28 -10.55
N HIS B 216 -12.02 13.40 -10.34
CA HIS B 216 -11.65 13.89 -9.02
C HIS B 216 -12.08 15.36 -8.89
N LYS B 217 -13.39 15.59 -9.01
CA LYS B 217 -13.91 16.94 -8.97
C LYS B 217 -13.79 17.53 -7.58
N PHE B 218 -13.49 18.83 -7.52
CA PHE B 218 -13.39 19.52 -6.25
C PHE B 218 -14.77 19.59 -5.60
N PRO B 219 -14.87 19.32 -4.30
CA PRO B 219 -16.18 19.32 -3.64
C PRO B 219 -16.84 20.69 -3.70
N LYS B 220 -18.16 20.68 -3.85
CA LYS B 220 -18.92 21.92 -3.85
C LYS B 220 -18.93 22.55 -2.46
N GLU B 221 -19.22 23.84 -2.42
CA GLU B 221 -19.20 24.58 -1.16
C GLU B 221 -20.20 24.02 -0.16
N GLU B 222 -21.32 23.48 -0.64
CA GLU B 222 -22.38 23.00 0.25
C GLU B 222 -21.98 21.75 1.04
N ILE B 223 -20.89 21.08 0.66
CA ILE B 223 -20.46 19.87 1.35
C ILE B 223 -19.02 20.01 1.80
N TYR B 224 -18.53 21.25 1.86
CA TYR B 224 -17.15 21.55 2.23
C TYR B 224 -17.15 22.18 3.62
N ASN B 225 -16.44 21.53 4.56
CA ASN B 225 -16.43 22.01 5.94
C ASN B 225 -15.67 23.34 6.02
N THR B 226 -16.34 24.36 6.57
CA THR B 226 -15.80 25.71 6.73
C THR B 226 -15.23 26.20 5.40
N PRO B 227 -16.09 26.52 4.42
CA PRO B 227 -15.58 26.84 3.08
C PRO B 227 -14.75 28.10 3.00
N SER B 228 -14.89 29.03 3.96
CA SER B 228 -14.15 30.28 3.88
C SER B 228 -12.64 30.08 4.06
N ILE B 229 -12.22 28.97 4.65
CA ILE B 229 -10.81 28.65 4.78
C ILE B 229 -10.41 27.90 3.51
N ARG B 230 -9.84 28.63 2.55
CA ARG B 230 -9.44 28.06 1.28
C ARG B 230 -7.97 27.66 1.24
N PHE B 231 -7.08 28.57 1.61
CA PHE B 231 -5.64 28.33 1.52
C PHE B 231 -4.98 28.08 2.86
N GLY B 232 -5.74 28.01 3.95
CA GLY B 232 -5.16 27.84 5.27
C GLY B 232 -5.71 26.67 6.04
N ARG B 233 -5.97 25.58 5.32
CA ARG B 233 -6.51 24.35 5.89
C ARG B 233 -5.37 23.52 6.50
N GLU B 234 -4.73 24.11 7.50
CA GLU B 234 -3.55 23.48 8.08
C GLU B 234 -3.88 22.49 9.18
N HIS B 235 -4.93 22.75 9.96
CA HIS B 235 -5.35 21.81 10.99
C HIS B 235 -5.63 20.45 10.38
N TYR B 236 -4.96 19.42 10.90
CA TYR B 236 -4.96 18.10 10.26
C TYR B 236 -6.26 17.34 10.43
N GLU B 237 -7.24 17.88 11.17
CA GLU B 237 -8.57 17.28 11.13
C GLU B 237 -9.23 17.46 9.76
N PHE B 238 -8.83 18.48 9.01
CA PHE B 238 -9.32 18.66 7.65
C PHE B 238 -8.91 17.50 6.74
N GLN B 239 -7.84 16.78 7.09
CA GLN B 239 -7.45 15.61 6.30
C GLN B 239 -8.55 14.55 6.31
N TYR B 240 -9.34 14.50 7.37
CA TYR B 240 -10.48 13.59 7.45
C TYR B 240 -11.75 14.22 6.89
N LEU B 241 -12.03 15.47 7.23
CA LEU B 241 -13.24 16.13 6.77
C LEU B 241 -13.25 16.30 5.26
N ASP B 242 -12.11 16.68 4.67
CA ASP B 242 -12.05 16.84 3.23
C ASP B 242 -12.21 15.51 2.51
N LEU B 243 -11.83 14.40 3.15
CA LEU B 243 -12.06 13.09 2.56
C LEU B 243 -13.54 12.76 2.49
N LEU B 244 -14.30 13.16 3.51
CA LEU B 244 -15.76 13.05 3.44
C LEU B 244 -16.31 13.85 2.27
N SER B 245 -15.85 15.10 2.13
CA SER B 245 -16.32 15.94 1.05
C SER B 245 -15.97 15.35 -0.31
N ARG B 246 -14.76 14.79 -0.44
CA ARG B 246 -14.34 14.21 -1.70
C ARG B 246 -15.21 13.00 -2.07
N VAL B 247 -15.66 12.24 -1.06
CA VAL B 247 -16.52 11.09 -1.32
C VAL B 247 -17.92 11.55 -1.69
N LEU B 248 -18.46 12.53 -0.96
CA LEU B 248 -19.81 13.02 -1.27
C LEU B 248 -19.87 13.63 -2.67
N GLU B 249 -18.75 14.10 -3.20
CA GLU B 249 -18.72 14.74 -4.51
C GLU B 249 -18.53 13.74 -5.64
N ASN B 250 -17.69 12.73 -5.45
CA ASN B 250 -17.30 11.81 -6.51
C ASN B 250 -17.66 10.36 -6.23
N GLY B 251 -18.23 10.05 -5.06
CA GLY B 251 -18.52 8.67 -4.71
C GLY B 251 -19.55 8.01 -5.60
N ALA B 252 -19.20 6.85 -6.15
CA ALA B 252 -20.13 6.08 -6.98
C ALA B 252 -21.03 5.21 -6.11
N TYR B 253 -22.31 5.21 -6.42
CA TYR B 253 -23.28 4.41 -5.68
C TYR B 253 -23.08 2.94 -6.03
N ARG B 254 -22.63 2.15 -5.05
CA ARG B 254 -22.28 0.75 -5.26
C ARG B 254 -22.86 -0.10 -4.15
N GLU B 255 -23.20 -1.34 -4.50
CA GLU B 255 -23.66 -2.33 -3.53
C GLU B 255 -22.50 -3.14 -3.00
N ASN B 256 -22.72 -3.79 -1.86
CA ASN B 256 -21.68 -4.59 -1.21
C ASN B 256 -22.34 -5.77 -0.52
N ARG B 257 -21.55 -6.52 0.26
CA ARG B 257 -22.06 -7.72 0.92
C ARG B 257 -23.16 -7.41 1.92
N THR B 258 -23.28 -6.18 2.38
CA THR B 258 -24.35 -5.78 3.27
C THR B 258 -25.54 -5.25 2.47
N GLY B 259 -26.68 -5.12 3.14
CA GLY B 259 -27.84 -4.54 2.50
C GLY B 259 -27.78 -3.04 2.32
N ILE B 260 -26.78 -2.38 2.90
CA ILE B 260 -26.64 -0.92 2.86
C ILE B 260 -25.60 -0.57 1.82
N SER B 261 -26.00 0.14 0.78
CA SER B 261 -25.08 0.55 -0.27
C SER B 261 -24.24 1.74 0.18
N THR B 262 -23.14 1.97 -0.52
CA THR B 262 -22.21 3.04 -0.18
C THR B 262 -21.95 3.92 -1.40
N TYR B 263 -21.40 5.10 -1.11
CA TYR B 263 -20.79 5.95 -2.13
C TYR B 263 -19.29 5.82 -1.97
N SER B 264 -18.60 5.35 -3.02
CA SER B 264 -17.25 4.88 -2.90
C SER B 264 -16.32 5.54 -3.90
N ILE B 265 -15.11 5.85 -3.44
CA ILE B 265 -13.98 6.22 -4.30
C ILE B 265 -12.80 5.35 -3.90
N PHE B 266 -11.76 5.36 -4.74
CA PHE B 266 -10.64 4.45 -4.59
C PHE B 266 -9.33 5.22 -4.62
N GLY B 267 -8.50 5.00 -3.59
CA GLY B 267 -7.17 5.60 -3.55
C GLY B 267 -7.10 6.97 -2.90
N GLN B 268 -7.05 7.01 -1.57
CA GLN B 268 -6.97 8.27 -0.84
C GLN B 268 -5.95 8.13 0.28
N MET B 269 -5.61 9.26 0.92
CA MET B 269 -4.66 9.24 2.02
C MET B 269 -4.93 10.40 2.97
N MET B 270 -4.45 10.23 4.20
CA MET B 270 -4.58 11.24 5.25
C MET B 270 -3.29 11.29 6.07
N ARG B 271 -2.85 12.49 6.40
CA ARG B 271 -1.69 12.70 7.25
C ARG B 271 -2.11 13.33 8.57
N PHE B 272 -1.50 12.89 9.66
CA PHE B 272 -1.77 13.44 10.98
C PHE B 272 -0.46 13.58 11.74
N ASP B 273 -0.32 14.71 12.43
CA ASP B 273 0.83 14.91 13.31
C ASP B 273 0.55 14.29 14.67
N MET B 274 1.59 13.73 15.28
CA MET B 274 1.49 13.18 16.62
C MET B 274 2.51 13.75 17.59
N ARG B 275 3.33 14.71 17.15
CA ARG B 275 4.32 15.32 18.04
C ARG B 275 3.68 16.32 18.99
N GLU B 276 2.79 17.17 18.49
CA GLU B 276 2.22 18.26 19.27
C GLU B 276 0.76 18.06 19.63
N SER B 277 0.15 16.94 19.24
CA SER B 277 -1.25 16.69 19.57
C SER B 277 -1.55 15.21 19.30
N PHE B 278 -2.79 14.82 19.61
CA PHE B 278 -3.26 13.46 19.42
C PHE B 278 -4.45 13.50 18.47
N PRO B 279 -4.41 12.80 17.33
CA PRO B 279 -5.47 12.95 16.33
C PRO B 279 -6.79 12.29 16.71
N LEU B 280 -7.47 12.86 17.70
CA LEU B 280 -8.81 12.43 18.10
C LEU B 280 -9.81 13.47 17.60
N LEU B 281 -10.74 13.06 16.75
CA LEU B 281 -11.62 14.00 16.07
C LEU B 281 -12.41 14.84 17.07
N THR B 282 -12.52 16.14 16.77
CA THR B 282 -13.24 17.07 17.62
C THR B 282 -14.64 17.39 17.10
N THR B 283 -14.90 17.21 15.82
CA THR B 283 -16.22 17.46 15.25
C THR B 283 -17.26 16.41 15.67
N LYS B 284 -16.87 15.46 16.52
CA LYS B 284 -17.75 14.40 17.00
C LYS B 284 -17.08 13.75 18.20
N LYS B 285 -17.88 13.49 19.24
CA LYS B 285 -17.35 12.83 20.43
C LYS B 285 -17.03 11.37 20.10
N VAL B 286 -15.75 11.02 20.16
CA VAL B 286 -15.27 9.69 19.79
C VAL B 286 -15.06 8.87 21.06
N ALA B 287 -15.57 7.63 21.05
CA ALA B 287 -15.41 6.73 22.19
C ALA B 287 -13.97 6.26 22.32
N ILE B 288 -13.14 7.06 22.99
CA ILE B 288 -11.72 6.76 23.08
C ILE B 288 -11.47 5.49 23.90
N ARG B 289 -12.32 5.21 24.90
CA ARG B 289 -12.11 4.04 25.74
C ARG B 289 -12.30 2.75 24.95
N SER B 290 -13.35 2.70 24.12
CA SER B 290 -13.55 1.51 23.28
C SER B 290 -12.42 1.33 22.29
N ILE B 291 -11.86 2.43 21.78
CA ILE B 291 -10.74 2.35 20.85
C ILE B 291 -9.53 1.69 21.53
N PHE B 292 -9.20 2.15 22.74
CA PHE B 292 -8.07 1.58 23.46
C PHE B 292 -8.31 0.11 23.80
N GLU B 293 -9.51 -0.21 24.29
CA GLU B 293 -9.78 -1.58 24.70
C GLU B 293 -9.68 -2.55 23.52
N GLU B 294 -10.00 -2.09 22.31
CA GLU B 294 -9.83 -2.93 21.13
C GLU B 294 -8.35 -3.09 20.79
N LEU B 295 -7.57 -2.03 20.92
CA LEU B 295 -6.16 -2.09 20.57
C LEU B 295 -5.39 -3.01 21.52
N ILE B 296 -5.61 -2.87 22.82
CA ILE B 296 -4.96 -3.74 23.78
C ILE B 296 -5.47 -5.17 23.62
N TRP B 297 -6.69 -5.33 23.11
CA TRP B 297 -7.20 -6.66 22.79
C TRP B 297 -6.43 -7.26 21.62
N PHE B 298 -6.03 -6.43 20.66
CA PHE B 298 -5.18 -6.90 19.56
C PHE B 298 -3.78 -7.24 20.07
N ILE B 299 -3.19 -6.35 20.86
CA ILE B 299 -1.80 -6.51 21.29
C ILE B 299 -1.63 -7.80 22.08
N LYS B 300 -2.58 -8.10 22.97
CA LYS B 300 -2.50 -9.31 23.78
C LYS B 300 -2.62 -10.59 22.96
N GLY B 301 -2.98 -10.49 21.69
CA GLY B 301 -3.16 -11.67 20.88
C GLY B 301 -4.51 -12.35 21.00
N ASP B 302 -5.50 -11.66 21.56
CA ASP B 302 -6.79 -12.27 21.86
C ASP B 302 -7.73 -12.19 20.67
N THR B 303 -8.52 -13.25 20.48
CA THR B 303 -9.57 -13.30 19.49
C THR B 303 -10.93 -13.62 20.11
N ASN B 304 -11.02 -13.64 21.43
CA ASN B 304 -12.27 -13.93 22.12
C ASN B 304 -13.12 -12.66 22.16
N GLY B 305 -14.24 -12.68 21.44
CA GLY B 305 -15.13 -11.53 21.39
C GLY B 305 -15.83 -11.23 22.70
N ASN B 306 -15.95 -12.22 23.59
CA ASN B 306 -16.62 -12.00 24.86
C ASN B 306 -15.82 -11.08 25.77
N HIS B 307 -14.49 -11.12 25.67
CA HIS B 307 -13.65 -10.28 26.52
C HIS B 307 -13.89 -8.80 26.27
N LEU B 308 -14.32 -8.44 25.05
CA LEU B 308 -14.68 -7.06 24.77
C LEU B 308 -16.07 -6.71 25.29
N ILE B 309 -17.02 -7.66 25.18
CA ILE B 309 -18.37 -7.41 25.68
C ILE B 309 -18.37 -7.34 27.19
N GLU B 310 -17.51 -8.11 27.85
CA GLU B 310 -17.42 -8.03 29.32
C GLU B 310 -16.91 -6.68 29.78
N LYS B 311 -16.15 -5.98 28.94
CA LYS B 311 -15.67 -4.64 29.24
C LYS B 311 -16.57 -3.56 28.64
N LYS B 312 -17.81 -3.91 28.30
CA LYS B 312 -18.79 -2.97 27.74
C LYS B 312 -18.28 -2.34 26.44
N VAL B 313 -17.72 -3.17 25.57
CA VAL B 313 -17.29 -2.78 24.22
C VAL B 313 -17.98 -3.72 23.25
N TYR B 314 -18.90 -3.20 22.45
CA TYR B 314 -19.77 -4.01 21.61
C TYR B 314 -19.52 -3.77 20.12
N ILE B 315 -18.30 -3.35 19.76
CA ILE B 315 -18.03 -3.05 18.36
C ILE B 315 -17.90 -4.31 17.52
N TRP B 316 -17.60 -5.46 18.14
CA TRP B 316 -17.48 -6.72 17.42
C TRP B 316 -18.67 -7.64 17.67
N SER B 317 -19.79 -7.10 18.17
CA SER B 317 -20.96 -7.93 18.40
C SER B 317 -21.66 -8.29 17.09
N GLY B 318 -21.73 -7.34 16.15
CA GLY B 318 -22.43 -7.60 14.91
C GLY B 318 -21.76 -8.67 14.08
N ASN B 319 -20.44 -8.59 13.94
CA ASN B 319 -19.67 -9.57 13.18
C ASN B 319 -19.35 -10.83 13.98
N GLY B 320 -19.93 -10.98 15.17
CA GLY B 320 -19.68 -12.14 15.99
C GLY B 320 -20.93 -12.72 16.61
N SER B 321 -22.05 -12.63 15.91
CA SER B 321 -23.30 -13.23 16.37
C SER B 321 -23.48 -14.63 15.78
N LYS B 322 -24.37 -15.40 16.41
CA LYS B 322 -24.63 -16.75 15.93
C LYS B 322 -25.26 -16.74 14.54
N GLU B 323 -26.10 -15.74 14.26
CA GLU B 323 -26.73 -15.65 12.94
C GLU B 323 -25.73 -15.26 11.87
N TYR B 324 -24.83 -14.32 12.18
CA TYR B 324 -23.85 -13.88 11.19
C TYR B 324 -22.83 -14.98 10.89
N LEU B 325 -22.36 -15.67 11.93
CA LEU B 325 -21.35 -16.71 11.72
C LEU B 325 -21.91 -17.86 10.89
N GLU B 326 -23.16 -18.27 11.16
CA GLU B 326 -23.77 -19.32 10.37
C GLU B 326 -24.04 -18.86 8.93
N ARG B 327 -24.30 -17.57 8.75
CA ARG B 327 -24.58 -17.04 7.42
C ARG B 327 -23.34 -17.04 6.53
N ILE B 328 -22.15 -16.84 7.12
CA ILE B 328 -20.92 -16.78 6.34
C ILE B 328 -20.25 -18.15 6.33
N GLY B 329 -20.92 -19.16 6.85
CA GLY B 329 -20.40 -20.51 6.80
C GLY B 329 -19.56 -20.94 7.98
N LEU B 330 -19.72 -20.31 9.13
CA LEU B 330 -18.97 -20.70 10.33
C LEU B 330 -19.92 -21.07 11.46
N GLY B 331 -20.94 -21.87 11.13
CA GLY B 331 -21.90 -22.27 12.15
C GLY B 331 -21.30 -23.16 13.22
N HIS B 332 -20.23 -23.89 12.89
CA HIS B 332 -19.54 -24.72 13.87
C HIS B 332 -18.86 -23.88 14.95
N ARG B 333 -18.58 -22.62 14.66
CA ARG B 333 -17.83 -21.77 15.58
C ARG B 333 -18.71 -21.37 16.76
N GLU B 334 -18.07 -21.16 17.92
CA GLU B 334 -18.77 -20.69 19.10
C GLU B 334 -19.27 -19.26 18.89
N GLU B 335 -20.17 -18.84 19.79
CA GLU B 335 -20.89 -17.56 19.71
C GLU B 335 -20.01 -16.39 19.27
N ASN B 336 -19.05 -16.00 20.10
CA ASN B 336 -18.22 -14.83 19.82
C ASN B 336 -16.79 -15.19 19.48
N ASP B 337 -16.55 -16.41 18.98
CA ASP B 337 -15.24 -16.80 18.50
C ASP B 337 -15.05 -16.22 17.10
N LEU B 338 -14.22 -15.19 16.99
CA LEU B 338 -14.04 -14.50 15.72
C LEU B 338 -13.03 -15.16 14.81
N GLY B 339 -12.23 -16.09 15.32
CA GLY B 339 -11.25 -16.79 14.51
C GLY B 339 -9.94 -16.03 14.47
N PRO B 340 -9.01 -16.51 13.65
CA PRO B 340 -7.72 -15.83 13.53
C PRO B 340 -7.87 -14.49 12.83
N ILE B 341 -7.76 -13.41 13.58
CA ILE B 341 -7.96 -12.06 13.02
C ILE B 341 -6.85 -11.21 13.61
N TYR B 342 -7.05 -9.89 13.60
CA TYR B 342 -6.11 -9.00 14.29
C TYR B 342 -5.76 -9.56 15.66
N GLY B 343 -4.47 -9.50 15.98
CA GLY B 343 -3.95 -10.07 17.20
C GLY B 343 -3.66 -11.55 17.16
N PHE B 344 -4.11 -12.26 16.14
CA PHE B 344 -3.64 -13.64 15.97
C PHE B 344 -2.64 -13.74 14.85
N GLN B 345 -2.78 -12.92 13.81
CA GLN B 345 -1.71 -12.76 12.84
C GLN B 345 -0.59 -11.85 13.36
N TRP B 346 -0.89 -10.97 14.33
CA TRP B 346 0.14 -10.14 14.92
C TRP B 346 1.10 -10.97 15.78
N ARG B 347 0.57 -11.92 16.54
CA ARG B 347 1.37 -12.68 17.50
C ARG B 347 1.62 -14.12 17.09
N HIS B 348 0.76 -14.71 16.26
CA HIS B 348 0.90 -16.11 15.86
C HIS B 348 0.60 -16.25 14.36
N TYR B 349 1.36 -15.55 13.53
CA TYR B 349 1.11 -15.59 12.09
C TYR B 349 1.37 -16.99 11.54
N ASN B 350 0.49 -17.45 10.65
CA ASN B 350 0.53 -18.78 10.06
C ASN B 350 0.38 -19.87 11.10
N GLY B 351 -0.21 -19.56 12.26
CA GLY B 351 -0.44 -20.54 13.29
C GLY B 351 -1.77 -21.25 13.08
N GLU B 352 -1.77 -22.56 13.28
CA GLU B 352 -2.97 -23.37 13.10
C GLU B 352 -4.00 -22.99 14.16
N TYR B 353 -5.12 -22.40 13.72
CA TYR B 353 -6.15 -21.94 14.64
C TYR B 353 -7.11 -23.08 14.94
N LYS B 354 -7.43 -23.26 16.22
CA LYS B 354 -8.40 -24.25 16.63
C LYS B 354 -9.63 -23.49 17.12
N THR B 355 -9.68 -23.09 18.39
CA THR B 355 -10.76 -22.27 18.93
C THR B 355 -10.15 -21.09 19.69
N MET B 356 -11.02 -20.26 20.26
CA MET B 356 -10.55 -19.11 21.02
C MET B 356 -10.14 -19.46 22.44
N HIS B 357 -10.31 -20.71 22.87
CA HIS B 357 -9.97 -21.15 24.21
C HIS B 357 -8.64 -21.88 24.29
N ASP B 358 -8.07 -22.26 23.16
CA ASP B 358 -6.84 -23.04 23.15
C ASP B 358 -5.64 -22.16 23.48
N ASP B 359 -4.53 -22.82 23.80
CA ASP B 359 -3.28 -22.15 24.13
C ASP B 359 -2.41 -22.08 22.88
N TYR B 360 -2.08 -20.85 22.44
CA TYR B 360 -1.29 -20.64 21.23
C TYR B 360 0.09 -20.07 21.53
N THR B 361 0.53 -20.16 22.77
CA THR B 361 1.85 -19.64 23.14
C THR B 361 2.93 -20.50 22.51
N GLY B 362 3.70 -19.91 21.59
CA GLY B 362 4.79 -20.57 20.91
C GLY B 362 4.54 -20.85 19.44
N VAL B 363 3.29 -20.97 19.04
CA VAL B 363 2.96 -21.30 17.65
C VAL B 363 2.90 -20.00 16.84
N GLY B 364 3.35 -20.07 15.59
CA GLY B 364 3.29 -18.95 14.70
C GLY B 364 4.42 -17.96 14.91
N VAL B 365 4.51 -17.00 13.99
CA VAL B 365 5.52 -15.95 14.05
C VAL B 365 4.97 -14.78 14.85
N ASP B 366 5.73 -14.35 15.85
CA ASP B 366 5.35 -13.21 16.69
C ASP B 366 5.87 -11.94 16.03
N GLN B 367 5.03 -11.34 15.17
CA GLN B 367 5.44 -10.13 14.47
C GLN B 367 5.68 -8.98 15.42
N LEU B 368 4.81 -8.79 16.40
CA LEU B 368 4.92 -7.66 17.31
C LEU B 368 6.21 -7.73 18.12
N ALA B 369 6.58 -8.91 18.58
CA ALA B 369 7.83 -9.06 19.34
C ALA B 369 9.03 -8.74 18.46
N LYS B 370 9.07 -9.31 17.25
CA LYS B 370 10.19 -9.04 16.34
C LYS B 370 10.18 -7.59 15.87
N LEU B 371 9.00 -6.97 15.77
CA LEU B 371 8.93 -5.56 15.39
C LEU B 371 9.57 -4.69 16.46
N ILE B 372 9.18 -4.90 17.72
CA ILE B 372 9.76 -4.14 18.83
C ILE B 372 11.26 -4.39 18.91
N GLU B 373 11.67 -5.65 18.69
CA GLU B 373 13.09 -5.99 18.76
C GLU B 373 13.88 -5.27 17.67
N THR B 374 13.34 -5.19 16.47
CA THR B 374 14.05 -4.56 15.35
C THR B 374 14.04 -3.04 15.46
N LEU B 375 13.00 -2.45 16.05
CA LEU B 375 12.89 -1.00 16.12
C LEU B 375 14.00 -0.39 16.96
N LYS B 376 14.45 -1.08 18.00
CA LYS B 376 15.50 -0.53 18.86
C LYS B 376 16.87 -1.12 18.59
N ASN B 377 16.97 -2.25 17.90
CA ASN B 377 18.27 -2.80 17.55
C ASN B 377 18.75 -2.34 16.19
N ASN B 378 17.83 -2.06 15.26
CA ASN B 378 18.17 -1.56 13.93
C ASN B 378 17.11 -0.56 13.50
N PRO B 379 17.20 0.67 14.00
CA PRO B 379 16.12 1.64 13.74
C PRO B 379 16.01 2.04 12.28
N LYS B 380 17.13 2.26 11.61
CA LYS B 380 17.12 2.70 10.21
C LYS B 380 16.86 1.56 9.24
N ASP B 381 16.51 0.38 9.74
CA ASP B 381 16.08 -0.71 8.88
C ASP B 381 14.80 -0.32 8.15
N ARG B 382 14.67 -0.76 6.90
CA ARG B 382 13.53 -0.42 6.06
C ARG B 382 12.52 -1.56 5.95
N ARG B 383 12.37 -2.36 7.02
CA ARG B 383 11.48 -3.52 6.97
C ARG B 383 10.61 -3.65 8.21
N HIS B 384 10.39 -2.58 8.96
CA HIS B 384 9.53 -2.60 10.15
C HIS B 384 8.08 -2.69 9.69
N ILE B 385 7.64 -3.92 9.42
CA ILE B 385 6.34 -4.17 8.81
C ILE B 385 5.53 -5.11 9.69
N LEU B 386 4.26 -4.75 9.92
CA LEU B 386 3.30 -5.59 10.61
C LEU B 386 2.13 -5.84 9.68
N THR B 387 1.89 -7.11 9.34
CA THR B 387 0.85 -7.47 8.39
C THR B 387 -0.19 -8.37 9.05
N ALA B 388 -1.42 -8.30 8.53
CA ALA B 388 -2.50 -9.16 8.98
C ALA B 388 -3.19 -9.90 7.86
N TRP B 389 -2.80 -9.68 6.60
CA TRP B 389 -3.43 -10.34 5.46
C TRP B 389 -2.77 -11.69 5.25
N ASN B 390 -3.44 -12.75 5.71
CA ASN B 390 -2.95 -14.11 5.54
C ASN B 390 -3.91 -14.86 4.63
N PRO B 391 -3.58 -15.07 3.36
CA PRO B 391 -4.51 -15.77 2.46
C PRO B 391 -4.88 -17.17 2.91
N SER B 392 -4.05 -17.82 3.73
CA SER B 392 -4.35 -19.16 4.19
C SER B 392 -5.39 -19.20 5.31
N ALA B 393 -5.68 -18.07 5.94
CA ALA B 393 -6.60 -18.03 7.07
C ALA B 393 -7.85 -17.19 6.82
N LEU B 394 -7.99 -16.59 5.63
CA LEU B 394 -9.12 -15.70 5.38
C LEU B 394 -10.45 -16.41 5.55
N SER B 395 -10.53 -17.68 5.13
CA SER B 395 -11.79 -18.40 5.19
C SER B 395 -12.24 -18.66 6.63
N GLN B 396 -11.29 -18.72 7.57
CA GLN B 396 -11.61 -18.95 8.96
C GLN B 396 -11.95 -17.68 9.71
N MET B 397 -11.76 -16.51 9.10
CA MET B 397 -11.99 -15.24 9.79
C MET B 397 -13.46 -14.85 9.72
N ALA B 398 -13.96 -14.31 10.83
CA ALA B 398 -15.31 -13.75 10.82
C ALA B 398 -15.38 -12.54 9.91
N LEU B 399 -14.26 -11.85 9.72
CA LEU B 399 -14.16 -10.70 8.84
C LEU B 399 -12.69 -10.52 8.46
N PRO B 400 -12.38 -10.47 7.17
CA PRO B 400 -10.99 -10.27 6.75
C PRO B 400 -10.47 -8.92 7.24
N PRO B 401 -9.15 -8.78 7.36
CA PRO B 401 -8.59 -7.55 7.95
C PRO B 401 -8.84 -6.34 7.07
N CYS B 402 -9.32 -5.25 7.69
CA CYS B 402 -9.51 -3.99 7.00
C CYS B 402 -8.23 -3.16 7.00
N HIS B 403 -7.70 -2.83 8.18
CA HIS B 403 -6.36 -2.26 8.27
C HIS B 403 -5.37 -3.40 8.05
N VAL B 404 -4.87 -3.50 6.81
CA VAL B 404 -4.22 -4.72 6.35
C VAL B 404 -2.75 -4.76 6.77
N LEU B 405 -2.00 -3.69 6.47
CA LEU B 405 -0.55 -3.70 6.68
C LEU B 405 -0.10 -2.34 7.20
N SER B 406 0.87 -2.35 8.11
CA SER B 406 1.43 -1.14 8.68
C SER B 406 2.95 -1.19 8.67
N GLN B 407 3.58 -0.04 8.43
CA GLN B 407 5.03 0.08 8.41
C GLN B 407 5.44 1.20 9.36
N TYR B 408 6.62 1.04 9.96
CA TYR B 408 7.10 1.96 10.98
C TYR B 408 8.50 2.44 10.62
N TYR B 409 8.82 3.66 11.08
CA TYR B 409 9.99 4.38 10.60
C TYR B 409 10.55 5.22 11.75
N VAL B 410 11.86 5.11 11.96
CA VAL B 410 12.54 5.84 13.03
C VAL B 410 13.32 6.99 12.39
N THR B 411 12.94 8.22 12.70
CA THR B 411 13.61 9.38 12.13
C THR B 411 14.99 9.56 12.76
N ASN B 412 15.75 10.51 12.20
CA ASN B 412 17.08 10.78 12.74
C ASN B 412 17.00 11.46 14.11
N ASP B 413 15.91 12.17 14.39
CA ASP B 413 15.70 12.77 15.69
C ASP B 413 14.88 11.88 16.62
N ASN B 414 14.95 10.56 16.44
CA ASN B 414 14.40 9.57 17.36
C ASN B 414 12.89 9.72 17.53
N CYS B 415 12.19 9.87 16.42
CA CYS B 415 10.74 9.84 16.39
C CYS B 415 10.27 8.62 15.61
N LEU B 416 9.12 8.10 16.00
CA LEU B 416 8.55 6.89 15.41
C LEU B 416 7.29 7.26 14.63
N SER B 417 7.36 7.16 13.31
CA SER B 417 6.22 7.39 12.44
C SER B 417 5.62 6.06 11.98
N CYS B 418 4.38 6.12 11.49
CA CYS B 418 3.63 4.94 11.10
C CYS B 418 2.89 5.19 9.79
N ASN B 419 3.00 4.24 8.87
CA ASN B 419 2.18 4.19 7.66
C ASN B 419 1.22 3.02 7.75
N LEU B 420 -0.02 3.24 7.31
CA LEU B 420 -1.04 2.20 7.34
C LEU B 420 -1.77 2.15 6.00
N TYR B 421 -1.88 0.95 5.43
CA TYR B 421 -2.73 0.75 4.26
C TYR B 421 -4.01 0.05 4.70
N GLN B 422 -5.15 0.63 4.30
CA GLN B 422 -6.46 0.14 4.68
C GLN B 422 -7.24 -0.20 3.41
N ARG B 423 -7.61 -1.47 3.27
CA ARG B 423 -8.25 -1.93 2.03
C ARG B 423 -9.67 -1.40 1.91
N SER B 424 -10.38 -1.29 3.04
CA SER B 424 -11.77 -0.85 3.05
C SER B 424 -11.96 0.05 4.26
N CYS B 425 -12.66 1.17 4.06
CA CYS B 425 -12.74 2.20 5.08
C CYS B 425 -14.18 2.67 5.24
N ASP B 426 -14.80 2.28 6.35
CA ASP B 426 -16.09 2.83 6.77
C ASP B 426 -15.82 4.21 7.37
N LEU B 427 -16.06 5.25 6.58
CA LEU B 427 -15.74 6.61 7.01
C LEU B 427 -16.61 7.08 8.18
N GLY B 428 -17.79 6.51 8.35
CA GLY B 428 -18.67 6.92 9.42
C GLY B 428 -18.28 6.39 10.77
N LEU B 429 -17.85 5.12 10.82
CA LEU B 429 -17.52 4.46 12.09
C LEU B 429 -16.09 3.99 12.15
N GLY B 430 -15.63 3.23 11.15
CA GLY B 430 -14.31 2.64 11.24
C GLY B 430 -13.19 3.66 11.18
N SER B 431 -13.31 4.64 10.28
CA SER B 431 -12.21 5.58 10.04
C SER B 431 -11.81 6.36 11.29
N PRO B 432 -12.73 6.99 12.04
CA PRO B 432 -12.29 7.67 13.27
C PRO B 432 -11.61 6.74 14.27
N PHE B 433 -12.06 5.49 14.35
CA PHE B 433 -11.41 4.53 15.22
C PHE B 433 -10.00 4.19 14.73
N ASN B 434 -9.85 3.98 13.43
CA ASN B 434 -8.54 3.60 12.90
C ASN B 434 -7.50 4.70 13.09
N ILE B 435 -7.92 5.97 12.98
CA ILE B 435 -6.99 7.07 13.17
C ILE B 435 -6.45 7.08 14.59
N ALA B 436 -7.33 7.00 15.58
CA ALA B 436 -6.91 7.03 16.97
C ALA B 436 -6.20 5.73 17.37
N SER B 437 -6.66 4.59 16.83
CA SER B 437 -6.10 3.30 17.23
C SER B 437 -4.62 3.23 16.90
N TYR B 438 -4.28 3.41 15.62
CA TYR B 438 -2.87 3.33 15.24
C TYR B 438 -2.06 4.51 15.75
N ALA B 439 -2.72 5.60 16.14
CA ALA B 439 -2.01 6.67 16.85
C ALA B 439 -1.59 6.21 18.24
N ILE B 440 -2.50 5.55 18.97
CA ILE B 440 -2.17 5.01 20.28
C ILE B 440 -1.10 3.94 20.16
N LEU B 441 -1.24 3.04 19.18
CA LEU B 441 -0.28 1.96 19.00
C LEU B 441 1.12 2.51 18.71
N THR B 442 1.21 3.56 17.90
CA THR B 442 2.51 4.15 17.60
C THR B 442 3.12 4.78 18.84
N MET B 443 2.30 5.37 19.70
CA MET B 443 2.80 5.94 20.95
C MET B 443 3.29 4.84 21.89
N MET B 444 2.54 3.73 21.96
CA MET B 444 2.98 2.61 22.78
C MET B 444 4.30 2.04 22.30
N LEU B 445 4.42 1.80 20.99
CA LEU B 445 5.68 1.31 20.44
C LEU B 445 6.82 2.30 20.68
N ALA B 446 6.53 3.60 20.68
CA ALA B 446 7.57 4.59 20.89
C ALA B 446 8.10 4.55 22.32
N GLN B 447 7.20 4.41 23.30
CA GLN B 447 7.65 4.39 24.69
C GLN B 447 8.43 3.11 25.00
N VAL B 448 7.94 1.97 24.50
CA VAL B 448 8.62 0.71 24.77
C VAL B 448 9.99 0.68 24.10
N CYS B 449 10.13 1.33 22.95
CA CYS B 449 11.40 1.36 22.24
C CYS B 449 12.23 2.60 22.56
N GLY B 450 11.70 3.53 23.35
CA GLY B 450 12.45 4.70 23.74
C GLY B 450 12.48 5.82 22.70
N TYR B 451 11.36 6.08 22.04
CA TYR B 451 11.27 7.15 21.07
C TYR B 451 10.10 8.05 21.41
N GLU B 452 9.95 9.13 20.63
CA GLU B 452 8.84 10.06 20.66
C GLU B 452 7.91 9.80 19.48
N PRO B 453 6.63 10.13 19.60
CA PRO B 453 5.71 9.93 18.48
C PRO B 453 6.04 10.86 17.32
N GLY B 454 5.86 10.35 16.09
CA GLY B 454 6.17 11.12 14.91
C GLY B 454 4.95 11.52 14.10
N GLU B 455 4.81 10.96 12.91
CA GLU B 455 3.71 11.26 12.02
C GLU B 455 2.90 10.00 11.75
N LEU B 456 1.67 10.19 11.31
CA LEU B 456 0.76 9.10 10.99
C LEU B 456 0.16 9.34 9.61
N ALA B 457 0.42 8.43 8.68
CA ALA B 457 -0.15 8.49 7.34
C ALA B 457 -0.98 7.23 7.11
N ILE B 458 -2.20 7.42 6.63
CA ILE B 458 -3.13 6.32 6.39
C ILE B 458 -3.48 6.33 4.91
N PHE B 459 -3.16 5.23 4.23
CA PHE B 459 -3.47 5.08 2.81
C PHE B 459 -4.68 4.15 2.66
N ILE B 460 -5.69 4.62 1.95
CA ILE B 460 -7.00 3.97 1.91
C ILE B 460 -7.26 3.43 0.51
N GLY B 461 -7.78 2.21 0.45
CA GLY B 461 -8.25 1.65 -0.79
C GLY B 461 -9.67 2.09 -1.11
N ASP B 462 -10.65 1.32 -0.65
CA ASP B 462 -12.06 1.62 -0.90
C ASP B 462 -12.58 2.53 0.22
N ALA B 463 -12.49 3.83 0.00
CA ALA B 463 -13.05 4.82 0.91
C ALA B 463 -14.51 5.04 0.54
N HIS B 464 -15.41 4.80 1.49
CA HIS B 464 -16.83 4.79 1.19
C HIS B 464 -17.63 5.36 2.37
N ILE B 465 -18.87 5.75 2.07
CA ILE B 465 -19.82 6.25 3.06
C ILE B 465 -21.11 5.45 2.90
N TYR B 466 -21.55 4.81 3.98
CA TYR B 466 -22.81 4.08 3.94
C TYR B 466 -23.98 5.06 3.85
N GLU B 467 -24.98 4.70 3.04
CA GLU B 467 -26.04 5.64 2.70
C GLU B 467 -26.91 6.02 3.90
N ASN B 468 -26.90 5.23 4.96
CA ASN B 468 -27.63 5.60 6.17
C ASN B 468 -26.83 6.53 7.09
N HIS B 469 -25.66 6.98 6.65
CA HIS B 469 -24.84 7.94 7.40
C HIS B 469 -24.80 9.31 6.74
N LEU B 470 -25.60 9.52 5.68
CA LEU B 470 -25.51 10.76 4.93
C LEU B 470 -25.96 11.96 5.77
N THR B 471 -27.10 11.84 6.45
CA THR B 471 -27.58 12.92 7.30
C THR B 471 -26.60 13.20 8.43
N GLN B 472 -26.03 12.15 9.01
CA GLN B 472 -25.13 12.31 10.14
C GLN B 472 -23.83 12.99 9.73
N LEU B 473 -23.21 12.50 8.65
CA LEU B 473 -21.92 13.06 8.24
C LEU B 473 -22.06 14.47 7.70
N LYS B 474 -23.18 14.80 7.08
CA LYS B 474 -23.43 16.18 6.67
C LYS B 474 -23.59 17.09 7.89
N GLU B 475 -24.20 16.56 8.95
CA GLU B 475 -24.26 17.31 10.21
C GLU B 475 -22.88 17.53 10.79
N GLN B 476 -22.02 16.51 10.72
CA GLN B 476 -20.66 16.63 11.23
C GLN B 476 -19.85 17.63 10.40
N LEU B 477 -20.14 17.76 9.11
CA LEU B 477 -19.42 18.70 8.26
C LEU B 477 -19.81 20.16 8.52
N SER B 478 -20.86 20.41 9.28
CA SER B 478 -21.27 21.76 9.61
C SER B 478 -20.57 22.31 10.85
N ARG B 479 -19.71 21.52 11.49
CA ARG B 479 -19.06 21.91 12.73
C ARG B 479 -17.61 22.30 12.45
N THR B 480 -17.25 23.52 12.82
CA THR B 480 -15.88 23.98 12.65
C THR B 480 -14.96 23.23 13.62
N PRO B 481 -13.86 22.67 13.14
CA PRO B 481 -13.00 21.85 14.02
C PRO B 481 -12.40 22.67 15.17
N ARG B 482 -12.10 21.96 16.25
CA ARG B 482 -11.44 22.50 17.42
C ARG B 482 -10.07 21.85 17.59
N PRO B 483 -9.15 22.46 18.34
CA PRO B 483 -7.81 21.91 18.46
C PRO B 483 -7.81 20.49 19.02
N PHE B 484 -6.90 19.66 18.48
CA PHE B 484 -6.78 18.29 18.94
C PHE B 484 -6.37 18.26 20.41
N PRO B 485 -6.76 17.21 21.15
CA PRO B 485 -6.33 17.11 22.55
C PRO B 485 -4.93 16.56 22.69
N GLN B 486 -4.51 16.30 23.93
CA GLN B 486 -3.23 15.65 24.20
C GLN B 486 -3.50 14.32 24.89
N LEU B 487 -2.63 13.35 24.63
CA LEU B 487 -2.72 12.03 25.24
C LEU B 487 -1.35 11.65 25.77
N LYS B 488 -1.27 11.47 27.09
CA LYS B 488 -0.02 11.11 27.74
C LYS B 488 -0.20 9.83 28.55
N PHE B 489 0.89 9.10 28.72
CA PHE B 489 0.89 7.89 29.54
C PHE B 489 1.33 8.23 30.96
N LYS B 490 0.61 7.68 31.94
CA LYS B 490 0.89 8.00 33.34
C LYS B 490 2.11 7.27 33.88
N ARG B 491 2.45 6.12 33.32
CA ARG B 491 3.60 5.36 33.78
C ARG B 491 4.31 4.74 32.59
N LYS B 492 5.57 4.35 32.81
CA LYS B 492 6.38 3.68 31.80
C LYS B 492 6.29 2.18 32.02
N VAL B 493 5.64 1.49 31.07
CA VAL B 493 5.48 0.05 31.19
C VAL B 493 6.76 -0.66 30.75
N GLU B 494 6.89 -1.92 31.18
CA GLU B 494 8.02 -2.74 30.77
C GLU B 494 7.68 -3.61 29.56
N ASN B 495 6.42 -3.97 29.39
CA ASN B 495 5.96 -4.73 28.23
C ASN B 495 4.75 -4.01 27.65
N ILE B 496 4.62 -4.04 26.31
CA ILE B 496 3.53 -3.34 25.65
C ILE B 496 2.18 -3.95 26.03
N GLU B 497 2.16 -5.19 26.52
CA GLU B 497 0.92 -5.83 26.92
C GLU B 497 0.42 -5.37 28.29
N ASP B 498 1.22 -4.59 29.02
CA ASP B 498 0.86 -4.17 30.37
C ASP B 498 0.08 -2.87 30.42
N PHE B 499 -0.18 -2.25 29.27
CA PHE B 499 -0.93 -0.99 29.27
C PHE B 499 -2.35 -1.21 29.73
N LYS B 500 -2.86 -0.28 30.54
CA LYS B 500 -4.22 -0.31 31.05
C LYS B 500 -4.89 1.03 30.77
N TRP B 501 -6.23 1.02 30.81
CA TRP B 501 -6.98 2.24 30.52
C TRP B 501 -6.71 3.30 31.57
N GLU B 502 -6.42 2.89 32.81
CA GLU B 502 -6.10 3.84 33.87
C GLU B 502 -4.79 4.56 33.62
N ASP B 503 -3.93 4.02 32.76
CA ASP B 503 -2.65 4.63 32.42
C ASP B 503 -2.75 5.76 31.41
N ILE B 504 -3.90 5.95 30.77
CA ILE B 504 -4.05 6.93 29.70
C ILE B 504 -4.72 8.18 30.27
N GLU B 505 -4.14 9.34 29.97
CA GLU B 505 -4.68 10.63 30.38
C GLU B 505 -4.98 11.45 29.13
N LEU B 506 -6.25 11.81 28.94
CA LEU B 506 -6.69 12.60 27.80
C LEU B 506 -6.91 14.04 28.27
N ILE B 507 -6.05 14.95 27.82
CA ILE B 507 -6.01 16.32 28.31
C ILE B 507 -6.52 17.25 27.22
N GLY B 508 -7.54 18.04 27.54
CA GLY B 508 -8.00 19.08 26.64
C GLY B 508 -8.85 18.62 25.48
N TYR B 509 -9.77 17.68 25.72
CA TYR B 509 -10.65 17.17 24.68
C TYR B 509 -12.04 17.77 24.89
N TYR B 510 -12.42 18.71 24.03
CA TYR B 510 -13.72 19.38 24.10
C TYR B 510 -14.41 19.22 22.75
N PRO B 511 -14.96 18.05 22.48
CA PRO B 511 -15.57 17.79 21.17
C PRO B 511 -17.01 18.28 21.10
N TYR B 512 -17.56 18.22 19.90
CA TYR B 512 -18.98 18.45 19.68
C TYR B 512 -19.75 17.21 20.14
N PRO B 513 -21.06 17.35 20.36
CA PRO B 513 -21.85 16.19 20.84
C PRO B 513 -21.76 15.00 19.90
N THR B 514 -21.92 13.81 20.48
CA THR B 514 -21.78 12.58 19.73
C THR B 514 -22.88 12.43 18.68
N ILE B 515 -22.56 11.69 17.62
CA ILE B 515 -23.46 11.47 16.50
C ILE B 515 -23.66 9.97 16.34
N LYS B 516 -24.91 9.51 16.48
CA LYS B 516 -25.22 8.10 16.43
C LYS B 516 -25.29 7.62 14.98
N MET B 517 -24.60 6.51 14.70
CA MET B 517 -24.58 5.91 13.36
C MET B 517 -24.62 4.40 13.49
N ASP B 518 -25.49 3.75 12.72
CA ASP B 518 -25.64 2.31 12.81
C ASP B 518 -24.59 1.59 11.96
N MET B 519 -24.09 0.47 12.48
CA MET B 519 -23.08 -0.32 11.79
C MET B 519 -23.73 -1.31 10.84
N ALA B 520 -23.14 -1.43 9.65
CA ALA B 520 -23.60 -2.41 8.66
C ALA B 520 -22.95 -3.76 8.95
N VAL B 521 -23.76 -4.78 9.18
CA VAL B 521 -23.26 -6.10 9.52
C VAL B 521 -22.94 -6.90 8.25
N GLU C 3 35.58 -47.04 -20.73
CA GLU C 3 34.15 -47.16 -20.47
C GLU C 3 33.88 -48.05 -19.24
N LYS C 4 33.61 -47.41 -18.11
CA LYS C 4 33.28 -48.14 -16.89
C LYS C 4 32.05 -47.55 -16.22
N ASN C 5 31.71 -48.03 -15.03
CA ASN C 5 30.45 -47.68 -14.39
C ASN C 5 30.60 -46.44 -13.51
N VAL C 6 29.53 -45.65 -13.46
CA VAL C 6 29.46 -44.46 -12.62
C VAL C 6 28.17 -44.56 -11.80
N SER C 7 28.31 -44.53 -10.48
CA SER C 7 27.18 -44.71 -9.58
C SER C 7 27.13 -43.60 -8.55
N ILE C 8 25.92 -43.12 -8.27
CA ILE C 8 25.69 -42.14 -7.22
C ILE C 8 25.43 -42.87 -5.91
N VAL C 9 26.06 -42.41 -4.84
CA VAL C 9 25.78 -42.88 -3.49
C VAL C 9 25.30 -41.69 -2.68
N VAL C 10 24.13 -41.83 -2.05
CA VAL C 10 23.50 -40.72 -1.35
C VAL C 10 22.57 -41.26 -0.28
N ALA C 11 22.43 -40.51 0.81
CA ALA C 11 21.46 -40.80 1.86
C ALA C 11 20.56 -39.57 1.99
N ALA C 12 19.29 -39.72 1.62
CA ALA C 12 18.34 -38.61 1.61
C ALA C 12 17.11 -38.96 2.42
N SER C 13 16.42 -37.92 2.89
CA SER C 13 15.20 -38.12 3.66
C SER C 13 14.09 -38.65 2.75
N VAL C 14 13.08 -39.26 3.37
CA VAL C 14 12.11 -40.06 2.62
C VAL C 14 11.21 -39.17 1.77
N LEU C 15 10.79 -38.02 2.29
CA LEU C 15 9.81 -37.17 1.61
C LEU C 15 10.46 -36.03 0.85
N SER C 16 11.25 -35.20 1.53
CA SER C 16 11.81 -33.99 0.91
C SER C 16 13.19 -34.20 0.31
N SER C 17 13.80 -35.38 0.50
CA SER C 17 15.10 -35.71 -0.06
C SER C 17 16.20 -34.77 0.46
N GLY C 18 16.09 -34.40 1.73
CA GLY C 18 17.14 -33.60 2.35
C GLY C 18 18.35 -34.45 2.68
N ILE C 19 19.54 -33.87 2.47
CA ILE C 19 20.78 -34.61 2.66
C ILE C 19 21.74 -33.87 3.57
N GLY C 20 21.47 -32.59 3.86
CA GLY C 20 22.40 -31.82 4.63
C GLY C 20 21.78 -30.59 5.27
N ILE C 21 22.48 -30.06 6.28
CA ILE C 21 22.09 -28.85 6.97
C ILE C 21 23.30 -28.21 7.61
N ASN C 22 23.54 -26.93 7.31
CA ASN C 22 24.65 -26.17 7.89
C ASN C 22 25.98 -26.88 7.69
N GLY C 23 26.20 -27.38 6.48
CA GLY C 23 27.47 -27.99 6.15
C GLY C 23 27.72 -29.36 6.75
N GLN C 24 26.71 -30.00 7.29
CA GLN C 24 26.89 -31.34 7.85
C GLN C 24 25.62 -32.14 7.60
N LEU C 25 25.64 -33.40 8.04
CA LEU C 25 24.48 -34.28 7.84
C LEU C 25 23.42 -33.99 8.90
N PRO C 26 22.13 -34.09 8.54
CA PRO C 26 21.06 -33.91 9.53
C PRO C 26 20.80 -35.12 10.41
N TRP C 27 21.68 -36.12 10.39
CA TRP C 27 21.51 -37.31 11.20
C TRP C 27 22.88 -37.96 11.38
N SER C 28 22.95 -38.92 12.30
CA SER C 28 24.16 -39.68 12.57
C SER C 28 23.78 -41.16 12.62
N ILE C 29 23.94 -41.85 11.49
CA ILE C 29 23.61 -43.26 11.36
C ILE C 29 24.90 -44.00 11.03
N SER C 30 25.36 -44.84 11.95
CA SER C 30 26.63 -45.53 11.78
C SER C 30 26.59 -46.56 10.66
N GLU C 31 25.51 -47.34 10.59
CA GLU C 31 25.43 -48.39 9.58
C GLU C 31 25.43 -47.82 8.17
N ASP C 32 24.92 -46.60 7.99
CA ASP C 32 24.92 -45.98 6.67
C ASP C 32 26.32 -45.65 6.21
N LEU C 33 27.18 -45.20 7.12
CA LEU C 33 28.57 -44.95 6.76
C LEU C 33 29.29 -46.25 6.40
N LYS C 34 28.99 -47.33 7.13
CA LYS C 34 29.57 -48.62 6.77
C LYS C 34 29.10 -49.07 5.39
N PHE C 35 27.84 -48.77 5.05
CA PHE C 35 27.36 -49.08 3.70
C PHE C 35 28.11 -48.26 2.65
N PHE C 36 28.30 -46.96 2.91
CA PHE C 36 29.07 -46.14 2.00
C PHE C 36 30.50 -46.68 1.84
N SER C 37 31.08 -47.16 2.94
CA SER C 37 32.44 -47.68 2.88
C SER C 37 32.50 -48.97 2.05
N LYS C 38 31.60 -49.91 2.31
CA LYS C 38 31.65 -51.18 1.60
C LYS C 38 31.24 -51.04 0.14
N ILE C 39 30.33 -50.12 -0.16
CA ILE C 39 29.87 -49.99 -1.54
C ILE C 39 30.91 -49.25 -2.39
N THR C 40 31.72 -48.38 -1.79
CA THR C 40 32.75 -47.65 -2.52
C THR C 40 34.08 -48.39 -2.58
N ASN C 41 34.30 -49.36 -1.70
CA ASN C 41 35.46 -50.23 -1.76
C ASN C 41 35.22 -51.48 -2.59
N ASN C 42 33.96 -51.79 -2.92
CA ASN C 42 33.61 -52.97 -3.69
C ASN C 42 34.21 -52.89 -5.09
N LYS C 43 35.21 -53.73 -5.36
CA LYS C 43 35.88 -53.75 -6.65
C LYS C 43 36.23 -55.19 -6.99
N CYS C 44 36.57 -55.42 -8.27
CA CYS C 44 36.92 -56.75 -8.74
C CYS C 44 38.40 -56.96 -8.94
N ASP C 45 39.14 -55.92 -9.33
CA ASP C 45 40.58 -56.01 -9.56
C ASP C 45 41.31 -55.41 -8.37
N SER C 46 42.19 -56.20 -7.75
CA SER C 46 42.93 -55.72 -6.60
C SER C 46 44.00 -54.71 -6.97
N ASN C 47 44.45 -54.69 -8.22
CA ASN C 47 45.45 -53.74 -8.69
C ASN C 47 44.83 -52.45 -9.20
N LYS C 48 43.56 -52.20 -8.91
CA LYS C 48 42.86 -51.00 -9.31
C LYS C 48 42.19 -50.38 -8.09
N LYS C 49 41.86 -49.09 -8.21
CA LYS C 49 41.19 -48.36 -7.15
C LYS C 49 39.88 -47.79 -7.68
N ASN C 50 39.01 -47.42 -6.75
CA ASN C 50 37.77 -46.74 -7.09
C ASN C 50 37.92 -45.24 -6.85
N ALA C 51 37.22 -44.46 -7.66
CA ALA C 51 37.29 -43.00 -7.61
C ALA C 51 36.00 -42.45 -7.02
N LEU C 52 36.13 -41.60 -6.01
CA LEU C 52 34.98 -40.98 -5.34
C LEU C 52 34.99 -39.48 -5.67
N ILE C 53 34.06 -39.06 -6.53
CA ILE C 53 33.95 -37.66 -6.93
C ILE C 53 33.08 -36.94 -5.91
N MET C 54 33.57 -35.79 -5.42
CA MET C 54 32.82 -35.02 -4.45
C MET C 54 33.11 -33.53 -4.65
N GLY C 55 32.18 -32.70 -4.18
CA GLY C 55 32.37 -31.26 -4.22
C GLY C 55 33.31 -30.78 -3.13
N ARG C 56 33.66 -29.49 -3.24
CA ARG C 56 34.61 -28.92 -2.27
C ARG C 56 34.00 -28.82 -0.88
N LYS C 57 32.74 -28.40 -0.79
CA LYS C 57 32.11 -28.27 0.51
C LYS C 57 31.96 -29.64 1.19
N THR C 58 31.68 -30.68 0.40
CA THR C 58 31.69 -32.03 0.95
C THR C 58 33.10 -32.46 1.35
N TRP C 59 34.09 -32.06 0.56
CA TRP C 59 35.49 -32.33 0.91
C TRP C 59 35.89 -31.63 2.21
N ASP C 60 35.27 -30.48 2.51
CA ASP C 60 35.54 -29.83 3.79
C ASP C 60 34.84 -30.56 4.93
N SER C 61 33.62 -31.06 4.69
CA SER C 61 32.84 -31.68 5.76
C SER C 61 33.47 -32.98 6.28
N ILE C 62 34.32 -33.63 5.49
CA ILE C 62 34.99 -34.86 5.93
C ILE C 62 36.38 -34.58 6.48
N GLY C 63 36.69 -33.33 6.78
CA GLY C 63 37.97 -32.98 7.39
C GLY C 63 39.13 -32.87 6.44
N ARG C 64 38.88 -32.93 5.12
CA ARG C 64 39.95 -32.86 4.12
C ARG C 64 41.01 -33.92 4.36
N ARG C 65 40.57 -35.14 4.67
CA ARG C 65 41.47 -36.25 4.88
C ARG C 65 41.07 -37.41 3.97
N PRO C 66 42.04 -38.14 3.43
CA PRO C 66 41.72 -39.16 2.42
C PRO C 66 40.99 -40.35 3.01
N LEU C 67 40.29 -41.07 2.14
CA LEU C 67 39.61 -42.30 2.50
C LEU C 67 40.45 -43.49 2.09
N LYS C 68 40.58 -44.45 3.00
CA LYS C 68 41.48 -45.58 2.78
C LYS C 68 41.10 -46.38 1.53
N ASN C 69 42.13 -46.80 0.79
CA ASN C 69 42.05 -47.67 -0.38
C ASN C 69 41.37 -47.03 -1.58
N ARG C 70 41.02 -45.75 -1.51
CA ARG C 70 40.30 -45.09 -2.59
C ARG C 70 40.98 -43.78 -2.94
N ILE C 71 40.62 -43.24 -4.10
CA ILE C 71 41.14 -41.97 -4.59
C ILE C 71 39.99 -40.98 -4.61
N ILE C 72 40.15 -39.86 -3.91
CA ILE C 72 39.13 -38.82 -3.82
C ILE C 72 39.37 -37.80 -4.91
N VAL C 73 38.31 -37.46 -5.65
CA VAL C 73 38.36 -36.47 -6.71
C VAL C 73 37.51 -35.29 -6.28
N VAL C 74 38.15 -34.15 -6.03
CA VAL C 74 37.47 -32.96 -5.54
C VAL C 74 37.22 -32.02 -6.72
N ILE C 75 35.98 -31.57 -6.84
CA ILE C 75 35.61 -30.58 -7.84
C ILE C 75 35.69 -29.20 -7.19
N SER C 76 36.57 -28.35 -7.71
CA SER C 76 36.72 -27.00 -7.17
C SER C 76 37.34 -26.10 -8.23
N SER C 77 36.97 -24.83 -8.16
CA SER C 77 37.54 -23.81 -9.03
C SER C 77 38.69 -23.06 -8.38
N SER C 78 38.86 -23.19 -7.06
CA SER C 78 39.88 -22.45 -6.32
C SER C 78 40.92 -23.35 -5.66
N LEU C 79 40.59 -24.58 -5.33
CA LEU C 79 41.54 -25.46 -4.66
C LEU C 79 42.77 -25.67 -5.52
N PRO C 80 43.97 -25.60 -4.96
CA PRO C 80 45.18 -25.81 -5.77
C PRO C 80 45.26 -27.24 -6.25
N GLN C 81 45.49 -27.42 -7.55
CA GLN C 81 45.64 -28.75 -8.14
C GLN C 81 46.96 -29.33 -7.64
N ASP C 82 46.90 -29.83 -6.40
CA ASP C 82 48.09 -30.36 -5.74
C ASP C 82 48.45 -31.73 -6.30
N GLU C 83 49.76 -31.98 -6.41
CA GLU C 83 50.28 -33.26 -6.86
C GLU C 83 50.99 -34.02 -5.75
N ALA C 84 51.08 -33.44 -4.56
CA ALA C 84 51.76 -34.11 -3.46
C ALA C 84 50.99 -35.34 -2.99
N ASP C 85 49.68 -35.18 -2.77
CA ASP C 85 48.85 -36.28 -2.29
C ASP C 85 48.36 -37.10 -3.47
N PRO C 86 48.78 -38.36 -3.62
CA PRO C 86 48.28 -39.17 -4.73
C PRO C 86 46.87 -39.71 -4.53
N ASN C 87 46.31 -39.58 -3.33
CA ASN C 87 44.97 -40.05 -3.03
C ASN C 87 43.91 -38.97 -3.17
N VAL C 88 44.32 -37.74 -3.49
CA VAL C 88 43.41 -36.62 -3.67
C VAL C 88 43.82 -35.85 -4.91
N VAL C 89 42.88 -35.65 -5.83
CA VAL C 89 43.13 -34.91 -7.06
C VAL C 89 42.01 -33.90 -7.25
N VAL C 90 42.34 -32.78 -7.88
CA VAL C 90 41.42 -31.65 -8.03
C VAL C 90 41.19 -31.40 -9.52
N PHE C 91 39.91 -31.20 -9.88
CA PHE C 91 39.53 -30.84 -11.23
C PHE C 91 38.68 -29.58 -11.19
N ARG C 92 38.68 -28.83 -12.30
CA ARG C 92 37.98 -27.55 -12.34
C ARG C 92 36.49 -27.69 -12.67
N ASN C 93 36.08 -28.80 -13.28
CA ASN C 93 34.67 -29.02 -13.57
C ASN C 93 34.39 -30.52 -13.54
N LEU C 94 33.11 -30.86 -13.45
CA LEU C 94 32.74 -32.27 -13.36
C LEU C 94 32.99 -33.00 -14.67
N GLU C 95 32.82 -32.34 -15.81
CA GLU C 95 33.02 -33.00 -17.09
C GLU C 95 34.48 -33.39 -17.29
N ASP C 96 35.41 -32.50 -16.97
CA ASP C 96 36.82 -32.83 -17.07
C ASP C 96 37.21 -33.90 -16.06
N SER C 97 36.56 -33.94 -14.89
CA SER C 97 36.84 -34.97 -13.92
C SER C 97 36.45 -36.36 -14.43
N ILE C 98 35.57 -36.43 -15.42
CA ILE C 98 35.28 -37.70 -16.07
C ILE C 98 36.44 -37.99 -17.02
N GLU C 99 37.64 -38.09 -16.43
CA GLU C 99 38.87 -38.45 -17.12
C GLU C 99 39.33 -39.83 -16.70
N ASN C 100 38.77 -40.38 -15.62
CA ASN C 100 38.96 -41.78 -15.28
C ASN C 100 38.42 -42.70 -16.36
N LEU C 101 37.48 -42.23 -17.19
CA LEU C 101 37.02 -43.02 -18.32
C LEU C 101 38.02 -43.01 -19.47
N MET C 102 38.36 -41.81 -19.96
CA MET C 102 39.17 -41.68 -21.17
C MET C 102 40.51 -42.40 -21.03
N ASN C 103 41.08 -42.39 -19.82
CA ASN C 103 42.32 -43.10 -19.57
C ASN C 103 42.32 -43.57 -18.12
N ASP C 104 43.48 -43.56 -17.48
CA ASP C 104 43.63 -43.97 -16.09
C ASP C 104 43.02 -45.35 -15.86
N ASP C 105 43.66 -46.34 -16.49
CA ASP C 105 43.22 -47.73 -16.39
C ASP C 105 43.35 -48.30 -14.99
N SER C 106 43.97 -47.58 -14.05
CA SER C 106 44.02 -48.00 -12.66
C SER C 106 42.74 -47.72 -11.90
N ILE C 107 41.74 -47.09 -12.53
CA ILE C 107 40.45 -46.82 -11.92
C ILE C 107 39.45 -47.80 -12.51
N GLU C 108 38.77 -48.56 -11.65
CA GLU C 108 37.79 -49.56 -12.08
C GLU C 108 36.37 -49.03 -12.05
N ASN C 109 35.96 -48.40 -10.95
CA ASN C 109 34.61 -47.88 -10.81
C ASN C 109 34.67 -46.43 -10.33
N ILE C 110 33.64 -45.67 -10.68
CA ILE C 110 33.53 -44.25 -10.33
C ILE C 110 32.28 -44.06 -9.49
N PHE C 111 32.40 -43.31 -8.41
CA PHE C 111 31.28 -43.02 -7.52
C PHE C 111 31.15 -41.51 -7.34
N VAL C 112 29.92 -41.02 -7.43
CA VAL C 112 29.60 -39.62 -7.22
C VAL C 112 29.04 -39.50 -5.80
N CYS C 113 29.76 -38.79 -4.94
CA CYS C 113 29.38 -38.64 -3.54
C CYS C 113 29.13 -37.21 -3.11
N GLY C 114 29.43 -36.23 -3.96
CA GLY C 114 29.39 -34.82 -3.60
C GLY C 114 28.02 -34.30 -3.24
N GLY C 115 27.93 -33.01 -2.94
CA GLY C 115 26.68 -32.43 -2.51
C GLY C 115 25.65 -32.24 -3.60
N GLU C 116 24.69 -31.35 -3.36
CA GLU C 116 23.61 -31.12 -4.31
C GLU C 116 24.15 -30.65 -5.65
N SER C 117 25.16 -29.77 -5.64
CA SER C 117 25.69 -29.24 -6.89
C SER C 117 26.29 -30.34 -7.76
N ILE C 118 26.98 -31.29 -7.14
CA ILE C 118 27.59 -32.37 -7.93
C ILE C 118 26.52 -33.37 -8.39
N TYR C 119 25.56 -33.68 -7.52
CA TYR C 119 24.48 -34.59 -7.91
C TYR C 119 23.67 -34.03 -9.07
N ARG C 120 23.30 -32.75 -8.99
CA ARG C 120 22.43 -32.16 -9.99
C ARG C 120 23.12 -32.09 -11.35
N ASP C 121 24.39 -31.72 -11.38
CA ASP C 121 25.11 -31.62 -12.64
C ASP C 121 25.49 -32.99 -13.19
N ALA C 122 25.56 -34.02 -12.36
CA ALA C 122 25.87 -35.36 -12.85
C ALA C 122 24.66 -36.02 -13.50
N LEU C 123 23.46 -35.72 -12.99
CA LEU C 123 22.24 -36.24 -13.62
C LEU C 123 21.82 -35.39 -14.82
N LYS C 124 22.08 -34.07 -14.76
CA LYS C 124 21.73 -33.20 -15.88
C LYS C 124 22.57 -33.52 -17.11
N ASP C 125 23.87 -33.74 -16.92
CA ASP C 125 24.77 -34.06 -18.02
C ASP C 125 24.75 -35.54 -18.38
N ASN C 126 23.91 -36.34 -17.72
CA ASN C 126 23.66 -37.73 -18.09
C ASN C 126 24.92 -38.58 -18.00
N PHE C 127 25.57 -38.54 -16.83
CA PHE C 127 26.77 -39.33 -16.58
C PHE C 127 26.52 -40.54 -15.69
N VAL C 128 25.37 -40.64 -15.06
CA VAL C 128 25.14 -41.60 -13.97
C VAL C 128 24.44 -42.83 -14.52
N ASP C 129 24.97 -44.02 -14.16
CA ASP C 129 24.39 -45.30 -14.51
C ASP C 129 23.55 -45.91 -13.40
N ARG C 130 23.99 -45.79 -12.14
CA ARG C 130 23.31 -46.42 -11.02
C ARG C 130 23.18 -45.41 -9.88
N ILE C 131 22.21 -45.64 -9.01
CA ILE C 131 21.95 -44.78 -7.85
C ILE C 131 21.76 -45.66 -6.62
N TYR C 132 22.64 -45.51 -5.63
CA TYR C 132 22.49 -46.15 -4.34
C TYR C 132 21.90 -45.12 -3.38
N LEU C 133 20.66 -45.35 -2.97
CA LEU C 133 19.91 -44.39 -2.16
C LEU C 133 19.57 -44.99 -0.81
N THR C 134 19.89 -44.26 0.26
CA THR C 134 19.46 -44.59 1.61
C THR C 134 18.36 -43.62 1.99
N ARG C 135 17.13 -44.12 2.10
CA ARG C 135 15.98 -43.29 2.47
C ARG C 135 15.85 -43.26 3.98
N VAL C 136 15.97 -42.07 4.57
CA VAL C 136 15.93 -41.89 6.02
C VAL C 136 14.59 -41.27 6.41
N ALA C 137 13.99 -41.80 7.48
CA ALA C 137 12.66 -41.37 7.91
C ALA C 137 12.76 -40.24 8.94
N LEU C 138 13.18 -39.08 8.44
CA LEU C 138 13.26 -37.85 9.24
C LEU C 138 12.84 -36.68 8.37
N GLU C 139 11.78 -35.98 8.75
CA GLU C 139 11.24 -34.95 7.87
C GLU C 139 10.96 -33.64 8.58
N ASP C 140 10.55 -33.69 9.84
CA ASP C 140 10.21 -32.45 10.54
C ASP C 140 11.42 -31.75 11.14
N ILE C 141 12.52 -31.69 10.39
CA ILE C 141 13.71 -30.95 10.75
C ILE C 141 14.07 -30.01 9.61
N GLU C 142 15.18 -29.29 9.77
CA GLU C 142 15.57 -28.27 8.81
C GLU C 142 16.64 -28.81 7.87
N PHE C 143 16.47 -28.54 6.58
CA PHE C 143 17.45 -28.88 5.55
C PHE C 143 17.82 -27.63 4.78
N ASP C 144 19.03 -27.64 4.21
CA ASP C 144 19.44 -26.62 3.25
C ASP C 144 20.10 -27.21 2.01
N THR C 145 20.23 -28.53 1.93
CA THR C 145 20.82 -29.20 0.79
C THR C 145 19.99 -30.44 0.49
N TYR C 146 19.59 -30.59 -0.76
CA TYR C 146 18.66 -31.63 -1.14
C TYR C 146 19.23 -32.51 -2.24
N PHE C 147 18.72 -33.73 -2.32
CA PHE C 147 19.04 -34.59 -3.45
C PHE C 147 18.04 -34.34 -4.56
N PRO C 148 18.48 -34.07 -5.78
CA PRO C 148 17.54 -33.74 -6.86
C PRO C 148 16.61 -34.91 -7.16
N GLU C 149 15.45 -34.58 -7.72
CA GLU C 149 14.49 -35.61 -8.07
C GLU C 149 15.08 -36.55 -9.11
N ILE C 150 14.89 -37.85 -8.90
CA ILE C 150 15.42 -38.87 -9.81
C ILE C 150 14.68 -38.79 -11.13
N PRO C 151 15.38 -38.61 -12.25
CA PRO C 151 14.68 -38.48 -13.54
C PRO C 151 13.99 -39.77 -13.94
N GLU C 152 13.03 -39.63 -14.87
CA GLU C 152 12.21 -40.75 -15.30
C GLU C 152 13.00 -41.82 -16.03
N THR C 153 14.23 -41.54 -16.45
CA THR C 153 15.05 -42.55 -17.11
C THR C 153 15.56 -43.62 -16.16
N PHE C 154 15.38 -43.44 -14.85
CA PHE C 154 15.79 -44.41 -13.85
C PHE C 154 14.59 -45.20 -13.35
N LEU C 155 14.82 -46.47 -13.04
CA LEU C 155 13.79 -47.33 -12.47
C LEU C 155 14.35 -48.07 -11.27
N PRO C 156 13.57 -48.21 -10.21
CA PRO C 156 14.05 -48.94 -9.03
C PRO C 156 14.11 -50.43 -9.30
N VAL C 157 15.19 -51.06 -8.83
CA VAL C 157 15.38 -52.49 -8.99
C VAL C 157 15.56 -53.22 -7.67
N TYR C 158 15.66 -52.52 -6.54
CA TYR C 158 15.87 -53.16 -5.26
C TYR C 158 15.39 -52.24 -4.14
N MET C 159 14.75 -52.84 -3.13
CA MET C 159 14.33 -52.10 -1.93
C MET C 159 14.48 -53.04 -0.74
N SER C 160 15.39 -52.71 0.15
CA SER C 160 15.71 -53.57 1.28
C SER C 160 14.61 -53.48 2.35
N GLN C 161 14.73 -54.36 3.35
CA GLN C 161 13.90 -54.25 4.54
C GLN C 161 14.23 -52.97 5.31
N THR C 162 13.34 -52.61 6.23
CA THR C 162 13.54 -51.43 7.05
C THR C 162 14.50 -51.75 8.20
N PHE C 163 15.48 -50.89 8.40
CA PHE C 163 16.42 -51.02 9.51
C PHE C 163 16.18 -49.91 10.52
N CYS C 164 16.81 -50.04 11.69
CA CYS C 164 16.60 -49.11 12.78
C CYS C 164 17.93 -48.75 13.43
N THR C 165 18.13 -47.45 13.68
CA THR C 165 19.27 -46.96 14.43
C THR C 165 18.81 -45.75 15.23
N LYS C 166 18.87 -45.87 16.57
CA LYS C 166 18.41 -44.80 17.46
C LYS C 166 16.97 -44.42 17.17
N ASN C 167 16.11 -45.43 16.98
CA ASN C 167 14.69 -45.26 16.70
C ASN C 167 14.44 -44.56 15.36
N ILE C 168 15.42 -44.55 14.46
CA ILE C 168 15.28 -43.95 13.14
C ILE C 168 15.21 -45.07 12.11
N SER C 169 14.17 -45.06 11.29
CA SER C 169 14.00 -46.05 10.24
C SER C 169 14.68 -45.59 8.97
N TYR C 170 15.27 -46.54 8.24
CA TYR C 170 15.90 -46.24 6.96
C TYR C 170 15.90 -47.47 6.06
N ASP C 171 15.97 -47.20 4.76
CA ASP C 171 15.94 -48.22 3.70
C ASP C 171 17.21 -48.14 2.86
N PHE C 172 17.36 -49.14 1.99
CA PHE C 172 18.40 -49.15 0.97
C PHE C 172 17.76 -49.50 -0.36
N MET C 173 17.97 -48.66 -1.37
CA MET C 173 17.38 -48.88 -2.68
C MET C 173 18.45 -48.75 -3.77
N ILE C 174 18.20 -49.42 -4.89
CA ILE C 174 19.06 -49.35 -6.07
C ILE C 174 18.21 -48.90 -7.25
N PHE C 175 18.68 -47.87 -7.96
CA PHE C 175 18.04 -47.38 -9.17
C PHE C 175 18.95 -47.63 -10.37
N GLU C 176 18.36 -48.12 -11.46
CA GLU C 176 19.10 -48.42 -12.67
C GLU C 176 18.55 -47.61 -13.83
N LYS C 177 19.45 -47.22 -14.72
CA LYS C 177 19.09 -46.42 -15.90
C LYS C 177 18.74 -47.37 -17.04
N GLN C 178 17.52 -47.24 -17.56
CA GLN C 178 17.03 -48.14 -18.59
C GLN C 178 17.57 -47.72 -19.96
N GLU C 179 18.19 -48.66 -20.67
CA GLU C 179 18.72 -48.39 -22.00
C GLU C 179 17.83 -49.00 -23.08
N LEU C 193 17.08 -70.16 -18.13
CA LEU C 193 17.25 -70.19 -19.58
C LEU C 193 15.88 -70.26 -20.24
N LYS C 194 15.82 -69.88 -21.53
CA LYS C 194 14.55 -69.88 -22.25
C LYS C 194 13.97 -71.27 -22.41
N SER C 195 14.79 -72.32 -22.33
CA SER C 195 14.28 -73.68 -22.53
C SER C 195 13.31 -74.07 -21.43
N ILE C 196 13.57 -73.66 -20.19
CA ILE C 196 12.67 -74.00 -19.10
C ILE C 196 11.37 -73.22 -19.22
N ASP C 197 11.45 -71.92 -19.50
CA ASP C 197 10.25 -71.10 -19.60
C ASP C 197 9.36 -71.57 -20.74
N ASP C 198 9.96 -71.96 -21.86
CA ASP C 198 9.17 -72.42 -23.00
C ASP C 198 8.46 -73.74 -22.69
N THR C 199 9.15 -74.66 -22.01
CA THR C 199 8.54 -75.95 -21.69
C THR C 199 7.38 -75.78 -20.72
N VAL C 200 7.54 -74.92 -19.71
CA VAL C 200 6.45 -74.68 -18.77
C VAL C 200 5.26 -74.06 -19.48
N ASP C 201 5.51 -73.16 -20.43
CA ASP C 201 4.42 -72.56 -21.20
C ASP C 201 3.69 -73.60 -22.04
N LEU C 202 4.44 -74.49 -22.69
CA LEU C 202 3.81 -75.53 -23.51
C LEU C 202 2.99 -76.48 -22.65
N LEU C 203 3.51 -76.86 -21.47
CA LEU C 203 2.74 -77.69 -20.55
C LEU C 203 1.49 -76.96 -20.05
N GLY C 204 1.57 -75.64 -19.93
CA GLY C 204 0.40 -74.87 -19.52
C GLY C 204 -0.65 -74.73 -20.60
N GLU C 205 -0.28 -74.98 -21.86
CA GLU C 205 -1.25 -74.96 -22.95
C GLU C 205 -1.95 -76.31 -23.11
N ILE C 206 -1.20 -77.40 -22.96
CA ILE C 206 -1.77 -78.74 -23.02
C ILE C 206 -2.76 -78.94 -21.88
N PHE C 207 -2.28 -78.87 -20.64
CA PHE C 207 -3.14 -78.93 -19.48
C PHE C 207 -3.72 -77.55 -19.20
N GLY C 208 -5.02 -77.49 -18.95
CA GLY C 208 -5.62 -76.21 -18.64
C GLY C 208 -5.39 -75.82 -17.20
N ILE C 209 -6.45 -75.88 -16.40
CA ILE C 209 -6.35 -75.58 -14.97
C ILE C 209 -5.95 -76.87 -14.25
N ARG C 210 -5.63 -77.91 -15.03
CA ARG C 210 -5.10 -79.13 -14.43
C ARG C 210 -3.67 -78.94 -13.94
N LYS C 211 -2.92 -78.02 -14.54
CA LYS C 211 -1.60 -77.67 -14.07
C LYS C 211 -1.72 -76.60 -12.98
N MET C 212 -1.24 -76.92 -11.78
CA MET C 212 -1.48 -76.05 -10.62
C MET C 212 -0.87 -74.66 -10.83
N GLY C 213 0.19 -74.56 -11.62
CA GLY C 213 0.77 -73.25 -11.90
C GLY C 213 -0.20 -72.30 -12.57
N ASN C 214 -1.10 -72.83 -13.41
CA ASN C 214 -2.09 -71.99 -14.07
C ASN C 214 -3.16 -71.48 -13.12
N ARG C 215 -3.31 -72.10 -11.96
CA ARG C 215 -4.20 -71.59 -10.92
C ARG C 215 -3.52 -70.55 -10.04
N HIS C 216 -2.21 -70.39 -10.16
CA HIS C 216 -1.44 -69.41 -9.41
C HIS C 216 -0.62 -68.56 -10.38
N LYS C 217 -1.31 -67.89 -11.30
CA LYS C 217 -0.63 -67.11 -12.33
C LYS C 217 0.02 -65.88 -11.72
N PHE C 218 1.21 -65.55 -12.22
CA PHE C 218 1.91 -64.36 -11.76
C PHE C 218 1.13 -63.11 -12.16
N PRO C 219 0.98 -62.14 -11.25
CA PRO C 219 0.17 -60.96 -11.56
C PRO C 219 0.75 -60.18 -12.73
N LYS C 220 -0.15 -59.61 -13.53
CA LYS C 220 0.26 -58.78 -14.65
C LYS C 220 0.89 -57.48 -14.14
N GLU C 221 1.65 -56.83 -15.04
CA GLU C 221 2.35 -55.61 -14.66
C GLU C 221 1.39 -54.51 -14.24
N GLU C 222 0.18 -54.46 -14.81
CA GLU C 222 -0.75 -53.39 -14.53
C GLU C 222 -1.31 -53.45 -13.11
N ILE C 223 -1.13 -54.57 -12.41
CA ILE C 223 -1.65 -54.70 -11.05
C ILE C 223 -0.53 -55.10 -10.10
N TYR C 224 0.71 -54.89 -10.53
CA TYR C 224 1.89 -55.25 -9.75
C TYR C 224 2.54 -53.97 -9.24
N ASN C 225 2.64 -53.84 -7.91
CA ASN C 225 3.19 -52.63 -7.31
C ASN C 225 4.68 -52.52 -7.62
N THR C 226 5.08 -51.39 -8.21
CA THR C 226 6.45 -51.09 -8.58
C THR C 226 7.02 -52.25 -9.39
N PRO C 227 6.58 -52.44 -10.64
CA PRO C 227 6.96 -53.65 -11.39
C PRO C 227 8.43 -53.74 -11.71
N SER C 228 9.15 -52.62 -11.73
CA SER C 228 10.57 -52.66 -12.09
C SER C 228 11.42 -53.38 -11.05
N ILE C 229 10.95 -53.50 -9.82
CA ILE C 229 11.65 -54.24 -8.77
C ILE C 229 11.22 -55.70 -8.90
N ARG C 230 12.02 -56.49 -9.60
CA ARG C 230 11.71 -57.89 -9.88
C ARG C 230 12.36 -58.85 -8.88
N PHE C 231 13.67 -58.72 -8.67
CA PHE C 231 14.42 -59.65 -7.84
C PHE C 231 14.84 -59.05 -6.49
N GLY C 232 14.40 -57.84 -6.18
CA GLY C 232 14.80 -57.21 -4.93
C GLY C 232 13.63 -56.75 -4.09
N ARG C 233 12.56 -57.56 -4.05
CA ARG C 233 11.36 -57.21 -3.28
C ARG C 233 11.54 -57.65 -1.83
N GLU C 234 12.51 -57.02 -1.18
CA GLU C 234 12.86 -57.36 0.19
C GLU C 234 12.01 -56.63 1.23
N HIS C 235 11.60 -55.39 0.95
CA HIS C 235 10.75 -54.66 1.89
C HIS C 235 9.47 -55.43 2.15
N TYR C 236 9.20 -55.72 3.42
CA TYR C 236 8.15 -56.66 3.79
C TYR C 236 6.75 -56.11 3.61
N GLU C 237 6.58 -54.85 3.24
CA GLU C 237 5.25 -54.40 2.83
C GLU C 237 4.82 -55.05 1.52
N PHE C 238 5.79 -55.49 0.70
CA PHE C 238 5.45 -56.24 -0.51
C PHE C 238 4.76 -57.55 -0.20
N GLN C 239 4.94 -58.10 1.01
CA GLN C 239 4.22 -59.31 1.40
C GLN C 239 2.72 -59.08 1.40
N TYR C 240 2.29 -57.85 1.67
CA TYR C 240 0.88 -57.49 1.62
C TYR C 240 0.46 -57.04 0.22
N LEU C 241 1.27 -56.19 -0.42
CA LEU C 241 0.91 -55.67 -1.73
C LEU C 241 0.86 -56.77 -2.78
N ASP C 242 1.82 -57.69 -2.75
CA ASP C 242 1.83 -58.78 -3.72
C ASP C 242 0.65 -59.73 -3.49
N LEU C 243 0.15 -59.84 -2.25
CA LEU C 243 -1.05 -60.62 -2.00
C LEU C 243 -2.27 -59.99 -2.64
N LEU C 244 -2.35 -58.66 -2.61
CA LEU C 244 -3.40 -57.96 -3.34
C LEU C 244 -3.31 -58.27 -4.83
N SER C 245 -2.09 -58.19 -5.39
CA SER C 245 -1.90 -58.47 -6.82
C SER C 245 -2.27 -59.92 -7.14
N ARG C 246 -1.92 -60.85 -6.25
CA ARG C 246 -2.23 -62.25 -6.48
C ARG C 246 -3.74 -62.50 -6.50
N VAL C 247 -4.49 -61.75 -5.67
CA VAL C 247 -5.94 -61.91 -5.66
C VAL C 247 -6.55 -61.30 -6.91
N LEU C 248 -6.08 -60.10 -7.30
CA LEU C 248 -6.62 -59.46 -8.51
C LEU C 248 -6.36 -60.31 -9.75
N GLU C 249 -5.33 -61.14 -9.72
CA GLU C 249 -4.97 -61.96 -10.87
C GLU C 249 -5.73 -63.30 -10.90
N ASN C 250 -5.91 -63.93 -9.74
CA ASN C 250 -6.47 -65.28 -9.67
C ASN C 250 -7.76 -65.37 -8.87
N GLY C 251 -8.22 -64.28 -8.28
CA GLY C 251 -9.40 -64.33 -7.43
C GLY C 251 -10.68 -64.71 -8.15
N ALA C 252 -11.37 -65.71 -7.63
CA ALA C 252 -12.65 -66.13 -8.21
C ALA C 252 -13.79 -65.29 -7.67
N TYR C 253 -14.68 -64.87 -8.57
CA TYR C 253 -15.83 -64.06 -8.19
C TYR C 253 -16.83 -64.94 -7.44
N ARG C 254 -17.02 -64.67 -6.15
CA ARG C 254 -17.86 -65.50 -5.29
C ARG C 254 -18.76 -64.61 -4.44
N GLU C 255 -19.95 -65.13 -4.14
CA GLU C 255 -20.87 -64.46 -3.24
C GLU C 255 -20.67 -64.96 -1.81
N ASN C 256 -21.16 -64.17 -0.86
CA ASN C 256 -21.01 -64.49 0.56
C ASN C 256 -22.24 -63.98 1.30
N ARG C 257 -22.19 -64.06 2.63
CA ARG C 257 -23.32 -63.68 3.47
C ARG C 257 -23.72 -62.21 3.32
N THR C 258 -22.82 -61.36 2.83
CA THR C 258 -23.14 -59.96 2.59
C THR C 258 -23.63 -59.77 1.15
N GLY C 259 -24.20 -58.61 0.89
CA GLY C 259 -24.60 -58.30 -0.47
C GLY C 259 -23.45 -57.97 -1.40
N ILE C 260 -22.24 -57.82 -0.87
CA ILE C 260 -21.07 -57.42 -1.65
C ILE C 260 -20.25 -58.67 -1.92
N SER C 261 -20.09 -59.01 -3.20
CA SER C 261 -19.30 -60.17 -3.58
C SER C 261 -17.81 -59.84 -3.55
N THR C 262 -17.00 -60.90 -3.52
CA THR C 262 -15.55 -60.76 -3.44
C THR C 262 -14.89 -61.55 -4.55
N TYR C 263 -13.61 -61.23 -4.77
CA TYR C 263 -12.71 -62.07 -5.56
C TYR C 263 -11.77 -62.76 -4.58
N SER C 264 -11.80 -64.09 -4.57
CA SER C 264 -11.22 -64.87 -3.47
C SER C 264 -10.25 -65.93 -3.98
N ILE C 265 -9.17 -66.12 -3.23
CA ILE C 265 -8.27 -67.27 -3.37
C ILE C 265 -8.09 -67.88 -1.99
N PHE C 266 -7.52 -69.08 -1.95
CA PHE C 266 -7.46 -69.88 -0.73
C PHE C 266 -6.02 -70.34 -0.48
N GLY C 267 -5.51 -70.06 0.72
CA GLY C 267 -4.20 -70.52 1.12
C GLY C 267 -3.05 -69.60 0.76
N GLN C 268 -2.81 -68.58 1.59
CA GLN C 268 -1.73 -67.64 1.38
C GLN C 268 -1.04 -67.37 2.71
N MET C 269 0.09 -66.66 2.65
CA MET C 269 0.84 -66.33 3.85
C MET C 269 1.63 -65.05 3.64
N MET C 270 1.97 -64.40 4.75
CA MET C 270 2.75 -63.17 4.76
C MET C 270 3.73 -63.21 5.93
N ARG C 271 4.95 -62.74 5.69
CA ARG C 271 5.96 -62.63 6.73
C ARG C 271 6.30 -61.18 6.98
N PHE C 272 6.52 -60.82 8.25
CA PHE C 272 6.90 -59.47 8.62
C PHE C 272 7.96 -59.52 9.71
N ASP C 273 8.97 -58.67 9.58
CA ASP C 273 9.97 -58.53 10.63
C ASP C 273 9.48 -57.55 11.69
N MET C 274 9.83 -57.82 12.95
CA MET C 274 9.51 -56.91 14.04
C MET C 274 10.72 -56.50 14.84
N ARG C 275 11.92 -56.93 14.47
CA ARG C 275 13.12 -56.55 15.21
C ARG C 275 13.55 -55.12 14.87
N GLU C 276 13.55 -54.76 13.59
CA GLU C 276 14.08 -53.49 13.14
C GLU C 276 13.01 -52.49 12.70
N SER C 277 11.73 -52.85 12.78
CA SER C 277 10.65 -51.95 12.37
C SER C 277 9.33 -52.50 12.88
N PHE C 278 8.27 -51.75 12.63
CA PHE C 278 6.91 -52.13 13.00
C PHE C 278 6.06 -52.21 11.74
N PRO C 279 5.43 -53.35 11.45
CA PRO C 279 4.73 -53.50 10.16
C PRO C 279 3.43 -52.72 10.08
N LEU C 280 3.52 -51.40 10.03
CA LEU C 280 2.38 -50.53 9.80
C LEU C 280 2.46 -50.02 8.37
N LEU C 281 1.45 -50.34 7.56
CA LEU C 281 1.51 -50.07 6.13
C LEU C 281 1.74 -48.59 5.85
N THR C 282 2.60 -48.31 4.86
CA THR C 282 2.92 -46.95 4.47
C THR C 282 2.19 -46.50 3.21
N THR C 283 1.73 -47.43 2.37
CA THR C 283 0.97 -47.08 1.18
C THR C 283 -0.43 -46.56 1.49
N LYS C 284 -0.77 -46.44 2.77
CA LYS C 284 -2.09 -45.98 3.20
C LYS C 284 -1.99 -45.62 4.68
N LYS C 285 -2.56 -44.48 5.05
CA LYS C 285 -2.56 -44.08 6.46
C LYS C 285 -3.50 -44.99 7.24
N VAL C 286 -2.94 -45.76 8.17
CA VAL C 286 -3.68 -46.76 8.94
C VAL C 286 -4.03 -46.17 10.30
N ALA C 287 -5.30 -46.33 10.71
CA ALA C 287 -5.75 -45.83 12.00
C ALA C 287 -5.16 -46.66 13.13
N ILE C 288 -3.95 -46.28 13.56
CA ILE C 288 -3.24 -47.07 14.57
C ILE C 288 -3.92 -46.98 15.93
N ARG C 289 -4.56 -45.85 16.24
CA ARG C 289 -5.19 -45.71 17.54
C ARG C 289 -6.38 -46.65 17.69
N SER C 290 -7.21 -46.78 16.65
CA SER C 290 -8.33 -47.70 16.72
C SER C 290 -7.86 -49.15 16.81
N ILE C 291 -6.73 -49.47 16.18
CA ILE C 291 -6.19 -50.82 16.25
C ILE C 291 -5.79 -51.15 17.69
N PHE C 292 -5.08 -50.22 18.34
CA PHE C 292 -4.66 -50.46 19.72
C PHE C 292 -5.86 -50.57 20.66
N GLU C 293 -6.82 -49.66 20.52
CA GLU C 293 -7.97 -49.66 21.41
C GLU C 293 -8.77 -50.95 21.29
N GLU C 294 -8.79 -51.56 20.10
CA GLU C 294 -9.45 -52.85 19.95
C GLU C 294 -8.65 -53.96 20.60
N LEU C 295 -7.32 -53.90 20.50
CA LEU C 295 -6.48 -54.94 21.06
C LEU C 295 -6.55 -54.95 22.59
N ILE C 296 -6.45 -53.77 23.20
CA ILE C 296 -6.58 -53.71 24.66
C ILE C 296 -8.00 -54.06 25.07
N TRP C 297 -8.97 -53.85 24.19
CA TRP C 297 -10.34 -54.28 24.45
C TRP C 297 -10.43 -55.80 24.48
N PHE C 298 -9.66 -56.48 23.64
CA PHE C 298 -9.59 -57.94 23.68
C PHE C 298 -8.89 -58.41 24.95
N ILE C 299 -7.73 -57.81 25.26
CA ILE C 299 -6.91 -58.29 26.37
C ILE C 299 -7.68 -58.21 27.68
N LYS C 300 -8.40 -57.12 27.91
CA LYS C 300 -9.18 -56.97 29.13
C LYS C 300 -10.32 -57.95 29.25
N GLY C 301 -10.63 -58.71 28.20
CA GLY C 301 -11.74 -59.64 28.24
C GLY C 301 -13.09 -59.02 27.96
N ASP C 302 -13.14 -57.82 27.39
CA ASP C 302 -14.37 -57.07 27.25
C ASP C 302 -15.09 -57.46 25.95
N THR C 303 -16.41 -57.53 26.03
CA THR C 303 -17.27 -57.76 24.87
C THR C 303 -18.33 -56.68 24.71
N ASN C 304 -18.24 -55.60 25.49
CA ASN C 304 -19.19 -54.49 25.41
C ASN C 304 -18.80 -53.59 24.25
N GLY C 305 -19.61 -53.57 23.20
CA GLY C 305 -19.33 -52.74 22.04
C GLY C 305 -19.38 -51.25 22.30
N ASN C 306 -20.09 -50.84 23.35
CA ASN C 306 -20.19 -49.41 23.66
C ASN C 306 -18.86 -48.85 24.14
N HIS C 307 -18.05 -49.66 24.82
CA HIS C 307 -16.77 -49.19 25.32
C HIS C 307 -15.85 -48.75 24.20
N LEU C 308 -16.00 -49.31 23.01
CA LEU C 308 -15.24 -48.85 21.86
C LEU C 308 -15.84 -47.59 21.26
N ILE C 309 -17.17 -47.50 21.22
CA ILE C 309 -17.82 -46.31 20.69
C ILE C 309 -17.58 -45.12 21.61
N GLU C 310 -17.52 -45.35 22.92
CA GLU C 310 -17.23 -44.27 23.85
C GLU C 310 -15.83 -43.71 23.65
N LYS C 311 -14.91 -44.52 23.12
CA LYS C 311 -13.57 -44.08 22.79
C LYS C 311 -13.43 -43.69 21.32
N LYS C 312 -14.56 -43.43 20.64
CA LYS C 312 -14.58 -43.01 19.24
C LYS C 312 -13.92 -44.05 18.34
N VAL C 313 -14.27 -45.31 18.56
CA VAL C 313 -13.84 -46.43 17.72
C VAL C 313 -15.11 -47.16 17.27
N TYR C 314 -15.41 -47.09 15.97
CA TYR C 314 -16.69 -47.56 15.45
C TYR C 314 -16.54 -48.74 14.50
N ILE C 315 -15.48 -49.54 14.66
CA ILE C 315 -15.24 -50.65 13.75
C ILE C 315 -16.20 -51.81 14.02
N TRP C 316 -16.79 -51.87 15.21
CA TRP C 316 -17.73 -52.93 15.57
C TRP C 316 -19.18 -52.43 15.58
N SER C 317 -19.45 -51.28 14.96
CA SER C 317 -20.81 -50.77 14.94
C SER C 317 -21.68 -51.56 13.96
N GLY C 318 -21.11 -51.93 12.80
CA GLY C 318 -21.91 -52.63 11.81
C GLY C 318 -22.37 -53.99 12.29
N ASN C 319 -21.46 -54.77 12.87
CA ASN C 319 -21.79 -56.10 13.38
C ASN C 319 -22.43 -56.06 14.76
N GLY C 320 -22.76 -54.87 15.26
CA GLY C 320 -23.37 -54.76 16.57
C GLY C 320 -24.55 -53.81 16.62
N SER C 321 -25.32 -53.73 15.55
CA SER C 321 -26.52 -52.91 15.53
C SER C 321 -27.75 -53.75 15.89
N LYS C 322 -28.83 -53.07 16.27
CA LYS C 322 -30.06 -53.77 16.61
C LYS C 322 -30.64 -54.50 15.41
N GLU C 323 -30.51 -53.91 14.22
CA GLU C 323 -31.03 -54.54 13.01
C GLU C 323 -30.20 -55.77 12.63
N TYR C 324 -28.88 -55.67 12.75
CA TYR C 324 -28.03 -56.80 12.38
C TYR C 324 -28.20 -57.97 13.34
N LEU C 325 -28.26 -57.69 14.64
CA LEU C 325 -28.38 -58.77 15.63
C LEU C 325 -29.70 -59.51 15.46
N GLU C 326 -30.79 -58.80 15.21
CA GLU C 326 -32.07 -59.47 14.99
C GLU C 326 -32.06 -60.27 13.70
N ARG C 327 -31.30 -59.82 12.70
CA ARG C 327 -31.25 -60.53 11.41
C ARG C 327 -30.55 -61.88 11.54
N ILE C 328 -29.55 -61.99 12.42
CA ILE C 328 -28.80 -63.22 12.57
C ILE C 328 -29.37 -64.06 13.71
N GLY C 329 -30.51 -63.65 14.24
CA GLY C 329 -31.19 -64.42 15.27
C GLY C 329 -30.81 -64.10 16.70
N LEU C 330 -30.31 -62.90 16.96
CA LEU C 330 -29.97 -62.51 18.32
C LEU C 330 -30.73 -61.25 18.73
N GLY C 331 -32.03 -61.22 18.44
CA GLY C 331 -32.82 -60.05 18.78
C GLY C 331 -32.96 -59.83 20.28
N HIS C 332 -32.83 -60.88 21.08
CA HIS C 332 -32.88 -60.74 22.53
C HIS C 332 -31.68 -59.97 23.08
N ARG C 333 -30.56 -59.95 22.36
CA ARG C 333 -29.35 -59.31 22.86
C ARG C 333 -29.48 -57.79 22.84
N GLU C 334 -28.79 -57.15 23.78
CA GLU C 334 -28.75 -55.69 23.85
C GLU C 334 -28.07 -55.11 22.61
N GLU C 335 -28.25 -53.80 22.42
CA GLU C 335 -27.79 -53.05 21.25
C GLU C 335 -26.40 -53.45 20.78
N ASN C 336 -25.38 -53.17 21.59
CA ASN C 336 -23.99 -53.43 21.21
C ASN C 336 -23.38 -54.59 21.97
N ASP C 337 -24.21 -55.51 22.47
CA ASP C 337 -23.71 -56.72 23.11
C ASP C 337 -23.29 -57.70 22.02
N LEU C 338 -21.98 -57.88 21.84
CA LEU C 338 -21.47 -58.70 20.75
C LEU C 338 -21.43 -60.18 21.10
N GLY C 339 -21.56 -60.53 22.38
CA GLY C 339 -21.55 -61.91 22.79
C GLY C 339 -20.13 -62.40 23.06
N PRO C 340 -19.98 -63.69 23.32
CA PRO C 340 -18.64 -64.22 23.58
C PRO C 340 -17.82 -64.24 22.29
N ILE C 341 -16.83 -63.35 22.19
CA ILE C 341 -16.04 -63.23 20.98
C ILE C 341 -14.60 -63.08 21.43
N TYR C 342 -13.74 -62.54 20.56
CA TYR C 342 -12.38 -62.22 20.97
C TYR C 342 -12.38 -61.53 22.32
N GLY C 343 -11.45 -61.94 23.17
CA GLY C 343 -11.37 -61.47 24.53
C GLY C 343 -12.28 -62.16 25.52
N PHE C 344 -13.24 -62.96 25.07
CA PHE C 344 -13.97 -63.79 26.01
C PHE C 344 -13.52 -65.23 25.92
N GLN C 345 -13.13 -65.68 24.72
CA GLN C 345 -12.43 -66.95 24.60
C GLN C 345 -10.98 -66.84 25.05
N TRP C 346 -10.40 -65.63 25.00
CA TRP C 346 -9.03 -65.45 25.48
C TRP C 346 -8.95 -65.57 27.00
N ARG C 347 -9.92 -65.00 27.72
CA ARG C 347 -9.86 -64.93 29.17
C ARG C 347 -10.82 -65.87 29.88
N HIS C 348 -11.93 -66.26 29.25
CA HIS C 348 -12.93 -67.11 29.89
C HIS C 348 -13.39 -68.18 28.90
N TYR C 349 -12.46 -69.00 28.43
CA TYR C 349 -12.78 -70.02 27.45
C TYR C 349 -13.71 -71.07 28.06
N ASN C 350 -14.71 -71.48 27.27
CA ASN C 350 -15.74 -72.43 27.69
C ASN C 350 -16.57 -71.93 28.87
N GLY C 351 -16.60 -70.62 29.08
CA GLY C 351 -17.40 -70.05 30.15
C GLY C 351 -18.82 -69.76 29.67
N GLU C 352 -19.78 -70.05 30.54
CA GLU C 352 -21.19 -69.83 30.21
C GLU C 352 -21.46 -68.34 30.10
N TYR C 353 -21.75 -67.87 28.88
CA TYR C 353 -21.97 -66.46 28.62
C TYR C 353 -23.41 -66.09 28.90
N LYS C 354 -23.62 -64.98 29.61
CA LYS C 354 -24.96 -64.48 29.86
C LYS C 354 -25.18 -63.18 29.08
N THR C 355 -24.74 -62.06 29.64
CA THR C 355 -24.77 -60.77 28.96
C THR C 355 -23.40 -60.12 29.10
N MET C 356 -23.26 -58.92 28.53
CA MET C 356 -22.02 -58.17 28.62
C MET C 356 -21.85 -57.42 29.93
N HIS C 357 -22.87 -57.42 30.79
CA HIS C 357 -22.82 -56.70 32.05
C HIS C 357 -22.51 -57.59 33.25
N ASP C 358 -22.54 -58.91 33.08
CA ASP C 358 -22.34 -59.82 34.19
C ASP C 358 -20.86 -59.89 34.57
N ASP C 359 -20.60 -60.46 35.74
CA ASP C 359 -19.25 -60.61 36.25
C ASP C 359 -18.73 -62.01 35.90
N TYR C 360 -17.64 -62.06 35.13
CA TYR C 360 -17.07 -63.32 34.67
C TYR C 360 -15.72 -63.61 35.30
N THR C 361 -15.39 -62.95 36.40
CA THR C 361 -14.11 -63.17 37.08
C THR C 361 -14.11 -64.56 37.70
N GLY C 362 -13.25 -65.45 37.19
CA GLY C 362 -13.10 -66.79 37.71
C GLY C 362 -13.62 -67.88 36.80
N VAL C 363 -14.59 -67.56 35.93
CA VAL C 363 -15.20 -68.57 35.07
C VAL C 363 -14.37 -68.72 33.79
N GLY C 364 -14.28 -69.95 33.30
CA GLY C 364 -13.57 -70.23 32.08
C GLY C 364 -12.07 -70.34 32.25
N VAL C 365 -11.41 -70.78 31.18
CA VAL C 365 -9.96 -70.93 31.16
C VAL C 365 -9.34 -69.62 30.69
N ASP C 366 -8.39 -69.10 31.46
CA ASP C 366 -7.69 -67.85 31.11
C ASP C 366 -6.49 -68.22 30.26
N GLN C 367 -6.69 -68.25 28.94
CA GLN C 367 -5.61 -68.61 28.03
C GLN C 367 -4.48 -67.60 28.06
N LEU C 368 -4.81 -66.30 28.07
CA LEU C 368 -3.78 -65.27 28.02
C LEU C 368 -2.89 -65.31 29.25
N ALA C 369 -3.49 -65.53 30.43
CA ALA C 369 -2.69 -65.63 31.65
C ALA C 369 -1.76 -66.83 31.61
N LYS C 370 -2.30 -68.00 31.24
CA LYS C 370 -1.47 -69.19 31.15
C LYS C 370 -0.43 -69.08 30.03
N LEU C 371 -0.75 -68.34 28.96
CA LEU C 371 0.23 -68.10 27.91
C LEU C 371 1.41 -67.30 28.44
N ILE C 372 1.13 -66.19 29.11
CA ILE C 372 2.20 -65.36 29.67
C ILE C 372 3.00 -66.17 30.69
N GLU C 373 2.33 -66.99 31.50
CA GLU C 373 3.03 -67.78 32.49
C GLU C 373 3.95 -68.81 31.85
N THR C 374 3.48 -69.47 30.78
CA THR C 374 4.29 -70.49 30.13
C THR C 374 5.42 -69.91 29.30
N LEU C 375 5.23 -68.70 28.76
CA LEU C 375 6.26 -68.10 27.91
C LEU C 375 7.54 -67.82 28.67
N LYS C 376 7.44 -67.48 29.95
CA LYS C 376 8.64 -67.18 30.73
C LYS C 376 9.08 -68.29 31.65
N ASN C 377 8.21 -69.26 31.94
CA ASN C 377 8.62 -70.40 32.76
C ASN C 377 9.10 -71.59 31.93
N ASN C 378 8.61 -71.73 30.71
CA ASN C 378 9.04 -72.80 29.81
C ASN C 378 9.07 -72.24 28.39
N PRO C 379 10.12 -71.50 28.04
CA PRO C 379 10.12 -70.81 26.73
C PRO C 379 10.18 -71.76 25.54
N LYS C 380 10.99 -72.81 25.61
CA LYS C 380 11.15 -73.73 24.48
C LYS C 380 10.00 -74.72 24.37
N ASP C 381 8.94 -74.55 25.14
CA ASP C 381 7.74 -75.36 24.97
C ASP C 381 7.12 -75.11 23.60
N ARG C 382 6.57 -76.16 23.00
CA ARG C 382 5.97 -76.07 21.68
C ARG C 382 4.45 -76.01 21.72
N ARG C 383 3.89 -75.38 22.76
CA ARG C 383 2.44 -75.34 22.91
C ARG C 383 1.92 -73.97 23.32
N HIS C 384 2.67 -72.90 23.05
CA HIS C 384 2.22 -71.53 23.34
C HIS C 384 1.16 -71.15 22.32
N ILE C 385 -0.08 -71.57 22.60
CA ILE C 385 -1.18 -71.45 21.66
C ILE C 385 -2.33 -70.66 22.30
N LEU C 386 -2.86 -69.69 21.56
CA LEU C 386 -4.04 -68.95 21.95
C LEU C 386 -5.10 -69.15 20.87
N THR C 387 -6.24 -69.73 21.24
CA THR C 387 -7.30 -70.04 20.28
C THR C 387 -8.57 -69.29 20.65
N ALA C 388 -9.39 -69.03 19.63
CA ALA C 388 -10.67 -68.39 19.82
C ALA C 388 -11.82 -69.16 19.17
N TRP C 389 -11.54 -70.26 18.47
CA TRP C 389 -12.58 -71.02 17.79
C TRP C 389 -13.17 -72.01 18.79
N ASN C 390 -14.33 -71.67 19.34
CA ASN C 390 -15.04 -72.54 20.28
C ASN C 390 -16.36 -72.96 19.65
N PRO C 391 -16.47 -74.20 19.15
CA PRO C 391 -17.71 -74.63 18.50
C PRO C 391 -18.94 -74.55 19.39
N SER C 392 -18.78 -74.56 20.71
CA SER C 392 -19.92 -74.51 21.61
C SER C 392 -20.51 -73.11 21.75
N ALA C 393 -19.79 -72.07 21.33
CA ALA C 393 -20.23 -70.70 21.49
C ALA C 393 -20.45 -69.96 20.17
N LEU C 394 -20.19 -70.61 19.03
CA LEU C 394 -20.27 -69.91 17.75
C LEU C 394 -21.65 -69.32 17.50
N SER C 395 -22.70 -70.04 17.90
CA SER C 395 -24.06 -69.58 17.64
C SER C 395 -24.39 -68.33 18.41
N GLN C 396 -23.74 -68.09 19.54
CA GLN C 396 -23.97 -66.91 20.36
C GLN C 396 -23.17 -65.70 19.91
N MET C 397 -22.23 -65.89 18.99
CA MET C 397 -21.36 -64.79 18.57
C MET C 397 -22.03 -63.93 17.52
N ALA C 398 -21.83 -62.61 17.62
CA ALA C 398 -22.27 -61.72 16.56
C ALA C 398 -21.51 -61.97 15.28
N LEU C 399 -20.29 -62.48 15.40
CA LEU C 399 -19.44 -62.81 14.26
C LEU C 399 -18.41 -63.83 14.69
N PRO C 400 -18.31 -64.98 14.02
CA PRO C 400 -17.31 -65.97 14.38
C PRO C 400 -15.91 -65.43 14.23
N PRO C 401 -14.94 -66.00 14.94
CA PRO C 401 -13.57 -65.43 14.93
C PRO C 401 -12.92 -65.54 13.56
N CYS C 402 -12.35 -64.43 13.10
CA CYS C 402 -11.58 -64.42 11.85
C CYS C 402 -10.13 -64.81 12.11
N HIS C 403 -9.43 -64.05 12.95
CA HIS C 403 -8.12 -64.49 13.42
C HIS C 403 -8.36 -65.59 14.45
N VAL C 404 -8.24 -66.83 14.01
CA VAL C 404 -8.78 -67.97 14.74
C VAL C 404 -7.81 -68.45 15.80
N LEU C 405 -6.56 -68.71 15.42
CA LEU C 405 -5.60 -69.32 16.33
C LEU C 405 -4.22 -68.70 16.12
N SER C 406 -3.49 -68.51 17.22
CA SER C 406 -2.16 -67.93 17.18
C SER C 406 -1.20 -68.75 18.04
N GLN C 407 0.04 -68.87 17.57
CA GLN C 407 1.08 -69.60 18.28
C GLN C 407 2.30 -68.71 18.45
N TYR C 408 3.02 -68.91 19.56
CA TYR C 408 4.13 -68.05 19.93
C TYR C 408 5.37 -68.90 20.20
N TYR C 409 6.53 -68.28 19.97
CA TYR C 409 7.79 -69.01 19.90
C TYR C 409 8.91 -68.13 20.44
N VAL C 410 9.72 -68.68 21.34
CA VAL C 410 10.84 -67.98 21.95
C VAL C 410 12.13 -68.47 21.31
N THR C 411 12.82 -67.59 20.61
CA THR C 411 14.06 -67.96 19.94
C THR C 411 15.19 -68.14 20.96
N ASN C 412 16.33 -68.63 20.48
CA ASN C 412 17.47 -68.83 21.36
C ASN C 412 18.08 -67.50 21.81
N ASP C 413 17.92 -66.44 21.00
CA ASP C 413 18.38 -65.10 21.39
C ASP C 413 17.27 -64.28 22.04
N ASN C 414 16.32 -64.94 22.71
CA ASN C 414 15.31 -64.29 23.55
C ASN C 414 14.44 -63.31 22.76
N CYS C 415 13.99 -63.74 21.59
CA CYS C 415 13.03 -63.01 20.79
C CYS C 415 11.74 -63.81 20.71
N LEU C 416 10.62 -63.09 20.61
CA LEU C 416 9.29 -63.67 20.62
C LEU C 416 8.67 -63.52 19.24
N SER C 417 8.50 -64.63 18.53
CA SER C 417 7.84 -64.65 17.24
C SER C 417 6.40 -65.13 17.39
N CYS C 418 5.59 -64.85 16.37
CA CYS C 418 4.16 -65.15 16.41
C CYS C 418 3.69 -65.68 15.06
N ASN C 419 2.96 -66.78 15.10
CA ASN C 419 2.23 -67.30 13.95
C ASN C 419 0.74 -67.12 14.18
N LEU C 420 0.03 -66.74 13.12
CA LEU C 420 -1.42 -66.52 13.19
C LEU C 420 -2.08 -67.18 11.99
N TYR C 421 -3.13 -67.97 12.25
CA TYR C 421 -3.98 -68.49 11.19
C TYR C 421 -5.29 -67.71 11.16
N GLN C 422 -5.64 -67.20 9.98
CA GLN C 422 -6.83 -66.38 9.78
C GLN C 422 -7.72 -67.05 8.74
N ARG C 423 -8.94 -67.42 9.14
CA ARG C 423 -9.81 -68.20 8.25
C ARG C 423 -10.35 -67.34 7.12
N SER C 424 -10.62 -66.06 7.37
CA SER C 424 -11.18 -65.16 6.38
C SER C 424 -10.51 -63.81 6.52
N CYS C 425 -10.13 -63.21 5.39
CA CYS C 425 -9.29 -62.01 5.39
C CYS C 425 -9.85 -60.98 4.42
N ASP C 426 -10.44 -59.92 4.97
CA ASP C 426 -10.79 -58.72 4.21
C ASP C 426 -9.51 -57.94 3.98
N LEU C 427 -8.95 -58.06 2.78
CA LEU C 427 -7.66 -57.44 2.48
C LEU C 427 -7.73 -55.91 2.44
N GLY C 428 -8.91 -55.36 2.20
CA GLY C 428 -9.05 -53.91 2.13
C GLY C 428 -9.08 -53.24 3.48
N LEU C 429 -9.76 -53.87 4.44
CA LEU C 429 -9.96 -53.29 5.77
C LEU C 429 -9.38 -54.14 6.89
N GLY C 430 -9.75 -55.43 6.94
CA GLY C 430 -9.34 -56.26 8.06
C GLY C 430 -7.84 -56.54 8.08
N SER C 431 -7.28 -56.85 6.91
CA SER C 431 -5.88 -57.29 6.87
C SER C 431 -4.89 -56.27 7.41
N PRO C 432 -4.93 -54.99 7.01
CA PRO C 432 -3.99 -54.03 7.62
C PRO C 432 -4.16 -53.92 9.12
N PHE C 433 -5.39 -54.06 9.62
CA PHE C 433 -5.60 -54.07 11.06
C PHE C 433 -5.00 -55.31 11.71
N ASN C 434 -5.19 -56.48 11.10
CA ASN C 434 -4.70 -57.71 11.71
C ASN C 434 -3.18 -57.74 11.79
N ILE C 435 -2.50 -57.21 10.76
CA ILE C 435 -1.03 -57.19 10.77
C ILE C 435 -0.52 -56.35 11.93
N ALA C 436 -1.04 -55.13 12.08
CA ALA C 436 -0.59 -54.26 13.16
C ALA C 436 -1.06 -54.76 14.51
N SER C 437 -2.26 -55.32 14.58
CA SER C 437 -2.82 -55.73 15.86
C SER C 437 -1.96 -56.81 16.52
N TYR C 438 -1.73 -57.92 15.82
CA TYR C 438 -0.92 -58.99 16.39
C TYR C 438 0.56 -58.63 16.48
N ALA C 439 1.01 -57.61 15.76
CA ALA C 439 2.36 -57.10 15.98
C ALA C 439 2.45 -56.41 17.33
N ILE C 440 1.47 -55.57 17.67
CA ILE C 440 1.46 -54.92 18.98
C ILE C 440 1.32 -55.95 20.09
N LEU C 441 0.43 -56.93 19.90
CA LEU C 441 0.22 -57.95 20.93
C LEU C 441 1.50 -58.74 21.20
N THR C 442 2.25 -59.06 20.15
CA THR C 442 3.50 -59.80 20.34
C THR C 442 4.51 -58.94 21.09
N MET C 443 4.53 -57.63 20.83
CA MET C 443 5.43 -56.75 21.56
C MET C 443 5.03 -56.65 23.03
N MET C 444 3.72 -56.58 23.30
CA MET C 444 3.25 -56.54 24.68
C MET C 444 3.66 -57.81 25.42
N LEU C 445 3.42 -58.97 24.81
CA LEU C 445 3.82 -60.22 25.43
C LEU C 445 5.33 -60.29 25.62
N ALA C 446 6.10 -59.67 24.72
CA ALA C 446 7.56 -59.72 24.84
C ALA C 446 8.06 -58.90 26.03
N GLN C 447 7.49 -57.71 26.24
CA GLN C 447 7.94 -56.88 27.35
C GLN C 447 7.52 -57.47 28.68
N VAL C 448 6.28 -57.98 28.77
CA VAL C 448 5.79 -58.57 30.00
C VAL C 448 6.57 -59.84 30.35
N CYS C 449 7.00 -60.59 29.35
CA CYS C 449 7.75 -61.82 29.57
C CYS C 449 9.26 -61.60 29.53
N GLY C 450 9.71 -60.39 29.22
CA GLY C 450 11.13 -60.09 29.20
C GLY C 450 11.87 -60.50 27.94
N TYR C 451 11.27 -60.30 26.78
CA TYR C 451 11.90 -60.62 25.51
C TYR C 451 11.86 -59.40 24.60
N GLU C 452 12.47 -59.54 23.42
CA GLU C 452 12.44 -58.61 22.31
C GLU C 452 11.50 -59.13 21.22
N PRO C 453 10.93 -58.25 20.39
CA PRO C 453 10.04 -58.72 19.32
C PRO C 453 10.81 -59.51 18.27
N GLY C 454 10.14 -60.52 17.72
CA GLY C 454 10.77 -61.37 16.72
C GLY C 454 10.19 -61.22 15.33
N GLU C 455 9.53 -62.27 14.84
CA GLU C 455 8.94 -62.27 13.52
C GLU C 455 7.43 -62.49 13.60
N LEU C 456 6.74 -62.11 12.54
CA LEU C 456 5.29 -62.26 12.44
C LEU C 456 4.94 -62.92 11.13
N ALA C 457 4.33 -64.10 11.19
CA ALA C 457 3.85 -64.83 10.03
C ALA C 457 2.34 -65.02 10.14
N ILE C 458 1.63 -64.67 9.08
CA ILE C 458 0.17 -64.76 9.05
C ILE C 458 -0.23 -65.73 7.94
N PHE C 459 -0.90 -66.81 8.30
CA PHE C 459 -1.38 -67.81 7.34
C PHE C 459 -2.88 -67.60 7.14
N ILE C 460 -3.28 -67.46 5.88
CA ILE C 460 -4.61 -67.00 5.52
C ILE C 460 -5.36 -68.12 4.80
N GLY C 461 -6.62 -68.31 5.18
CA GLY C 461 -7.50 -69.20 4.44
C GLY C 461 -8.11 -68.52 3.24
N ASP C 462 -9.27 -67.89 3.43
CA ASP C 462 -9.99 -67.23 2.34
C ASP C 462 -9.53 -65.77 2.26
N ALA C 463 -8.52 -65.52 1.44
CA ALA C 463 -8.05 -64.17 1.17
C ALA C 463 -8.87 -63.59 0.02
N HIS C 464 -9.55 -62.49 0.27
CA HIS C 464 -10.51 -61.96 -0.69
C HIS C 464 -10.50 -60.44 -0.69
N ILE C 465 -11.04 -59.88 -1.77
CA ILE C 465 -11.19 -58.45 -1.97
C ILE C 465 -12.64 -58.16 -2.32
N TYR C 466 -13.29 -57.31 -1.53
CA TYR C 466 -14.66 -56.92 -1.82
C TYR C 466 -14.70 -56.04 -3.06
N GLU C 467 -15.72 -56.25 -3.90
CA GLU C 467 -15.74 -55.62 -5.21
C GLU C 467 -15.87 -54.10 -5.14
N ASN C 468 -16.35 -53.55 -4.02
CA ASN C 468 -16.38 -52.10 -3.87
C ASN C 468 -15.06 -51.53 -3.37
N HIS C 469 -14.02 -52.36 -3.27
CA HIS C 469 -12.68 -51.90 -2.90
C HIS C 469 -11.71 -51.96 -4.07
N LEU C 470 -12.19 -52.28 -5.27
CA LEU C 470 -11.31 -52.48 -6.41
C LEU C 470 -10.62 -51.17 -6.81
N THR C 471 -11.40 -50.09 -6.95
CA THR C 471 -10.82 -48.80 -7.29
C THR C 471 -9.82 -48.34 -6.23
N GLN C 472 -10.16 -48.54 -4.96
CA GLN C 472 -9.31 -48.08 -3.87
C GLN C 472 -8.00 -48.87 -3.82
N LEU C 473 -8.09 -50.20 -3.88
CA LEU C 473 -6.89 -51.02 -3.75
C LEU C 473 -5.98 -50.89 -4.96
N LYS C 474 -6.55 -50.67 -6.15
CA LYS C 474 -5.72 -50.39 -7.32
C LYS C 474 -4.99 -49.05 -7.17
N GLU C 475 -5.65 -48.07 -6.55
CA GLU C 475 -4.97 -46.82 -6.24
C GLU C 475 -3.83 -47.04 -5.25
N GLN C 476 -4.06 -47.91 -4.26
CA GLN C 476 -3.01 -48.20 -3.28
C GLN C 476 -1.84 -48.93 -3.92
N LEU C 477 -2.08 -49.72 -4.97
CA LEU C 477 -1.02 -50.45 -5.64
C LEU C 477 -0.15 -49.55 -6.51
N SER C 478 -0.56 -48.31 -6.75
CA SER C 478 0.23 -47.37 -7.53
C SER C 478 1.25 -46.60 -6.69
N ARG C 479 1.29 -46.83 -5.39
CA ARG C 479 2.15 -46.08 -4.47
C ARG C 479 3.36 -46.93 -4.09
N THR C 480 4.55 -46.42 -4.36
CA THR C 480 5.77 -47.13 -4.00
C THR C 480 5.93 -47.11 -2.47
N PRO C 481 6.17 -48.25 -1.84
CA PRO C 481 6.24 -48.28 -0.37
C PRO C 481 7.38 -47.45 0.18
N ARG C 482 7.19 -46.98 1.41
CA ARG C 482 8.17 -46.23 2.18
C ARG C 482 8.60 -47.04 3.39
N PRO C 483 9.74 -46.72 4.01
CA PRO C 483 10.22 -47.53 5.13
C PRO C 483 9.22 -47.56 6.28
N PHE C 484 9.13 -48.72 6.92
CA PHE C 484 8.24 -48.90 8.05
C PHE C 484 8.64 -47.99 9.20
N PRO C 485 7.69 -47.58 10.05
CA PRO C 485 8.03 -46.76 11.21
C PRO C 485 8.55 -47.59 12.37
N GLN C 486 8.77 -46.94 13.51
CA GLN C 486 9.12 -47.61 14.75
C GLN C 486 8.01 -47.42 15.77
N LEU C 487 7.82 -48.43 16.63
CA LEU C 487 6.83 -48.37 17.69
C LEU C 487 7.49 -48.79 18.99
N LYS C 488 7.56 -47.86 19.94
CA LYS C 488 8.17 -48.12 21.24
C LYS C 488 7.18 -47.81 22.35
N PHE C 489 7.37 -48.47 23.49
CA PHE C 489 6.55 -48.22 24.67
C PHE C 489 7.26 -47.22 25.58
N LYS C 490 6.49 -46.27 26.11
CA LYS C 490 7.07 -45.21 26.92
C LYS C 490 7.39 -45.67 28.35
N ARG C 491 6.69 -46.69 28.84
CA ARG C 491 6.93 -47.20 30.18
C ARG C 491 6.80 -48.72 30.17
N LYS C 492 7.36 -49.35 31.19
CA LYS C 492 7.29 -50.79 31.37
C LYS C 492 6.15 -51.11 32.34
N VAL C 493 5.10 -51.73 31.82
CA VAL C 493 3.94 -52.05 32.65
C VAL C 493 4.21 -53.30 33.47
N GLU C 494 3.42 -53.47 34.54
CA GLU C 494 3.51 -54.66 35.37
C GLU C 494 2.53 -55.74 34.94
N ASN C 495 1.39 -55.35 34.36
CA ASN C 495 0.42 -56.28 33.83
C ASN C 495 0.07 -55.86 32.40
N ILE C 496 -0.19 -56.86 31.55
CA ILE C 496 -0.49 -56.60 30.15
C ILE C 496 -1.76 -55.79 29.99
N GLU C 497 -2.64 -55.80 31.00
CA GLU C 497 -3.89 -55.05 30.94
C GLU C 497 -3.71 -53.56 31.23
N ASP C 498 -2.52 -53.14 31.65
CA ASP C 498 -2.28 -51.76 32.06
C ASP C 498 -1.85 -50.86 30.91
N PHE C 499 -1.71 -51.39 29.71
CA PHE C 499 -1.27 -50.58 28.58
C PHE C 499 -2.32 -49.53 28.22
N LYS C 500 -1.86 -48.33 27.91
CA LYS C 500 -2.72 -47.24 27.49
C LYS C 500 -2.18 -46.63 26.20
N TRP C 501 -3.06 -45.91 25.50
CA TRP C 501 -2.67 -45.31 24.23
C TRP C 501 -1.56 -44.27 24.42
N GLU C 502 -1.52 -43.60 25.57
CA GLU C 502 -0.47 -42.63 25.83
C GLU C 502 0.89 -43.28 26.00
N ASP C 503 0.93 -44.59 26.26
CA ASP C 503 2.20 -45.30 26.42
C ASP C 503 2.87 -45.66 25.11
N ILE C 504 2.20 -45.49 23.96
CA ILE C 504 2.72 -45.90 22.67
C ILE C 504 3.30 -44.68 21.96
N GLU C 505 4.52 -44.83 21.43
CA GLU C 505 5.17 -43.79 20.65
C GLU C 505 5.44 -44.34 19.24
N LEU C 506 4.85 -43.71 18.24
CA LEU C 506 5.00 -44.10 16.85
C LEU C 506 5.98 -43.13 16.19
N ILE C 507 7.17 -43.63 15.85
CA ILE C 507 8.29 -42.81 15.40
C ILE C 507 8.53 -43.07 13.92
N GLY C 508 8.50 -42.00 13.12
CA GLY C 508 8.87 -42.10 11.73
C GLY C 508 7.84 -42.70 10.80
N TYR C 509 6.56 -42.35 11.00
CA TYR C 509 5.48 -42.86 10.16
C TYR C 509 5.05 -41.76 9.20
N TYR C 510 5.42 -41.90 7.92
CA TYR C 510 5.10 -40.94 6.88
C TYR C 510 4.36 -41.66 5.76
N PRO C 511 3.08 -41.97 5.96
CA PRO C 511 2.34 -42.76 4.98
C PRO C 511 1.76 -41.89 3.87
N TYR C 512 1.22 -42.56 2.86
CA TYR C 512 0.43 -41.91 1.83
C TYR C 512 -0.95 -41.55 2.40
N PRO C 513 -1.68 -40.65 1.73
CA PRO C 513 -2.99 -40.24 2.26
C PRO C 513 -3.93 -41.42 2.44
N THR C 514 -4.85 -41.26 3.39
CA THR C 514 -5.77 -42.33 3.74
C THR C 514 -6.73 -42.63 2.58
N ILE C 515 -7.19 -43.88 2.54
CA ILE C 515 -8.07 -44.36 1.48
C ILE C 515 -9.34 -44.87 2.12
N LYS C 516 -10.47 -44.25 1.76
CA LYS C 516 -11.76 -44.59 2.36
C LYS C 516 -12.32 -45.85 1.71
N MET C 517 -12.74 -46.79 2.53
CA MET C 517 -13.34 -48.04 2.06
C MET C 517 -14.49 -48.43 2.97
N ASP C 518 -15.63 -48.77 2.39
CA ASP C 518 -16.80 -49.11 3.17
C ASP C 518 -16.76 -50.57 3.60
N MET C 519 -17.20 -50.83 4.83
CA MET C 519 -17.22 -52.19 5.37
C MET C 519 -18.49 -52.90 4.98
N ALA C 520 -18.36 -54.17 4.60
CA ALA C 520 -19.51 -55.00 4.27
C ALA C 520 -20.07 -55.61 5.56
N VAL C 521 -21.34 -55.34 5.84
CA VAL C 521 -21.97 -55.82 7.06
C VAL C 521 -22.54 -57.23 6.87
N GLU D 3 -5.88 47.99 -27.12
CA GLU D 3 -4.94 47.06 -26.47
C GLU D 3 -5.66 45.83 -25.92
N LYS D 4 -5.57 44.73 -26.66
CA LYS D 4 -6.17 43.47 -26.23
C LYS D 4 -5.16 42.33 -26.38
N ASN D 5 -5.60 41.10 -26.15
CA ASN D 5 -4.68 39.97 -26.08
C ASN D 5 -4.49 39.34 -27.46
N VAL D 6 -3.27 38.85 -27.69
CA VAL D 6 -2.92 38.15 -28.93
C VAL D 6 -2.27 36.83 -28.54
N SER D 7 -2.86 35.72 -29.01
CA SER D 7 -2.41 34.39 -28.62
C SER D 7 -2.19 33.54 -29.86
N ILE D 8 -1.13 32.73 -29.83
CA ILE D 8 -0.86 31.76 -30.88
C ILE D 8 -1.53 30.45 -30.52
N VAL D 9 -2.19 29.83 -31.49
CA VAL D 9 -2.74 28.48 -31.38
C VAL D 9 -2.08 27.63 -32.45
N VAL D 10 -1.50 26.50 -32.05
CA VAL D 10 -0.73 25.67 -32.96
C VAL D 10 -0.73 24.24 -32.43
N ALA D 11 -0.67 23.28 -33.35
CA ALA D 11 -0.47 21.87 -33.03
C ALA D 11 0.78 21.41 -33.76
N ALA D 12 1.84 21.10 -33.02
CA ALA D 12 3.12 20.73 -33.58
C ALA D 12 3.58 19.39 -33.01
N SER D 13 4.45 18.72 -33.75
CA SER D 13 5.00 17.45 -33.29
C SER D 13 5.95 17.67 -32.12
N VAL D 14 6.19 16.61 -31.36
CA VAL D 14 6.82 16.74 -30.06
C VAL D 14 8.30 17.11 -30.19
N LEU D 15 9.00 16.53 -31.16
CA LEU D 15 10.45 16.71 -31.29
C LEU D 15 10.80 17.74 -32.36
N SER D 16 10.34 17.55 -33.59
CA SER D 16 10.72 18.42 -34.70
C SER D 16 9.75 19.57 -34.93
N SER D 17 8.61 19.60 -34.23
CA SER D 17 7.64 20.69 -34.32
C SER D 17 7.07 20.83 -35.73
N GLY D 18 6.83 19.71 -36.40
CA GLY D 18 6.18 19.74 -37.70
C GLY D 18 4.68 19.97 -37.57
N ILE D 19 4.13 20.78 -38.47
CA ILE D 19 2.73 21.17 -38.37
C ILE D 19 1.96 20.90 -39.64
N GLY D 20 2.65 20.57 -40.73
CA GLY D 20 1.96 20.38 -42.00
C GLY D 20 2.77 19.59 -42.99
N ILE D 21 2.06 19.07 -43.99
CA ILE D 21 2.67 18.31 -45.08
C ILE D 21 1.75 18.35 -46.30
N ASN D 22 2.28 18.79 -47.44
CA ASN D 22 1.55 18.84 -48.71
C ASN D 22 0.24 19.61 -48.58
N GLY D 23 0.29 20.75 -47.88
CA GLY D 23 -0.86 21.61 -47.77
C GLY D 23 -1.96 21.13 -46.86
N GLN D 24 -1.71 20.11 -46.04
CA GLN D 24 -2.72 19.60 -45.11
C GLN D 24 -2.02 19.16 -43.83
N LEU D 25 -2.82 18.69 -42.87
CA LEU D 25 -2.29 18.28 -41.58
C LEU D 25 -1.70 16.88 -41.67
N PRO D 26 -0.61 16.60 -40.95
CA PRO D 26 -0.03 15.25 -40.93
C PRO D 26 -0.72 14.28 -39.97
N TRP D 27 -1.89 14.63 -39.45
CA TRP D 27 -2.62 13.77 -38.53
C TRP D 27 -4.09 14.18 -38.56
N SER D 28 -4.93 13.34 -37.96
CA SER D 28 -6.37 13.59 -37.86
C SER D 28 -6.79 13.35 -36.41
N ILE D 29 -6.80 14.41 -35.61
CA ILE D 29 -7.19 14.35 -34.20
C ILE D 29 -8.42 15.23 -34.02
N SER D 30 -9.55 14.59 -33.72
CA SER D 30 -10.81 15.33 -33.61
C SER D 30 -10.81 16.26 -32.40
N GLU D 31 -10.34 15.78 -31.26
CA GLU D 31 -10.38 16.58 -30.03
C GLU D 31 -9.53 17.84 -30.14
N ASP D 32 -8.45 17.80 -30.94
CA ASP D 32 -7.62 18.99 -31.11
C ASP D 32 -8.37 20.07 -31.88
N LEU D 33 -9.15 19.68 -32.89
CA LEU D 33 -9.96 20.66 -33.61
C LEU D 33 -11.02 21.27 -32.70
N LYS D 34 -11.63 20.44 -31.83
CA LYS D 34 -12.59 20.97 -30.87
C LYS D 34 -11.91 21.93 -29.90
N PHE D 35 -10.65 21.65 -29.55
CA PHE D 35 -9.89 22.58 -28.72
C PHE D 35 -9.67 23.90 -29.45
N PHE D 36 -9.30 23.84 -30.73
CA PHE D 36 -9.14 25.06 -31.51
C PHE D 36 -10.44 25.86 -31.56
N SER D 37 -11.57 25.17 -31.69
CA SER D 37 -12.85 25.87 -31.76
C SER D 37 -13.19 26.55 -30.44
N LYS D 38 -13.06 25.84 -29.33
CA LYS D 38 -13.46 26.40 -28.04
C LYS D 38 -12.50 27.49 -27.57
N ILE D 39 -11.21 27.38 -27.93
CA ILE D 39 -10.26 28.38 -27.46
C ILE D 39 -10.37 29.67 -28.27
N THR D 40 -10.81 29.58 -29.53
CA THR D 40 -10.96 30.77 -30.37
C THR D 40 -12.35 31.40 -30.26
N ASN D 41 -13.34 30.66 -29.78
CA ASN D 41 -14.65 31.21 -29.49
C ASN D 41 -14.78 31.74 -28.07
N ASN D 42 -13.83 31.39 -27.19
CA ASN D 42 -13.88 31.83 -25.80
C ASN D 42 -13.79 33.35 -25.71
N LYS D 43 -14.89 33.99 -25.32
CA LYS D 43 -14.94 35.45 -25.21
C LYS D 43 -15.78 35.83 -24.00
N CYS D 44 -15.66 37.10 -23.61
CA CYS D 44 -16.37 37.62 -22.44
C CYS D 44 -17.57 38.47 -22.82
N ASP D 45 -17.52 39.18 -23.94
CA ASP D 45 -18.61 40.03 -24.40
C ASP D 45 -19.36 39.29 -25.51
N SER D 46 -20.66 39.10 -25.32
CA SER D 46 -21.47 38.40 -26.32
C SER D 46 -21.69 39.24 -27.57
N ASN D 47 -21.55 40.56 -27.47
CA ASN D 47 -21.70 41.46 -28.61
C ASN D 47 -20.39 41.69 -29.36
N LYS D 48 -19.38 40.86 -29.12
CA LYS D 48 -18.09 40.98 -29.78
C LYS D 48 -17.70 39.64 -30.39
N LYS D 49 -16.76 39.69 -31.33
CA LYS D 49 -16.23 38.52 -32.01
C LYS D 49 -14.72 38.44 -31.82
N ASN D 50 -14.17 37.26 -32.05
CA ASN D 50 -12.72 37.07 -32.06
C ASN D 50 -12.19 37.02 -33.49
N ALA D 51 -10.96 37.48 -33.66
CA ALA D 51 -10.31 37.55 -34.96
C ALA D 51 -9.23 36.48 -35.06
N LEU D 52 -9.27 35.70 -36.13
CA LEU D 52 -8.31 34.62 -36.35
C LEU D 52 -7.45 34.98 -37.56
N ILE D 53 -6.19 35.31 -37.31
CA ILE D 53 -5.24 35.67 -38.35
C ILE D 53 -4.61 34.40 -38.90
N MET D 54 -4.62 34.25 -40.23
CA MET D 54 -4.02 33.08 -40.85
C MET D 54 -3.45 33.45 -42.20
N GLY D 55 -2.49 32.63 -42.66
CA GLY D 55 -1.92 32.82 -43.97
C GLY D 55 -2.83 32.31 -45.09
N ARG D 56 -2.44 32.62 -46.32
CA ARG D 56 -3.28 32.26 -47.47
C ARG D 56 -3.30 30.75 -47.68
N LYS D 57 -2.15 30.09 -47.54
CA LYS D 57 -2.10 28.64 -47.74
C LYS D 57 -2.91 27.91 -46.68
N THR D 58 -2.93 28.43 -45.45
CA THR D 58 -3.83 27.88 -44.44
C THR D 58 -5.28 28.17 -44.80
N TRP D 59 -5.55 29.36 -45.35
CA TRP D 59 -6.89 29.69 -45.82
C TRP D 59 -7.35 28.75 -46.93
N ASP D 60 -6.41 28.26 -47.74
CA ASP D 60 -6.77 27.29 -48.77
C ASP D 60 -7.06 25.93 -48.17
N SER D 61 -6.29 25.52 -47.16
CA SER D 61 -6.42 24.20 -46.57
C SER D 61 -7.73 24.01 -45.83
N ILE D 62 -8.38 25.10 -45.39
CA ILE D 62 -9.65 25.01 -44.68
C ILE D 62 -10.85 25.19 -45.62
N GLY D 63 -10.63 25.10 -46.92
CA GLY D 63 -11.72 25.17 -47.88
C GLY D 63 -12.21 26.56 -48.22
N ARG D 64 -11.51 27.60 -47.75
CA ARG D 64 -11.90 28.99 -48.00
C ARG D 64 -13.34 29.29 -47.58
N ARG D 65 -13.72 28.78 -46.40
CA ARG D 65 -15.04 29.03 -45.85
C ARG D 65 -14.91 29.59 -44.44
N PRO D 66 -15.79 30.52 -44.06
CA PRO D 66 -15.63 31.19 -42.76
C PRO D 66 -15.90 30.25 -41.60
N LEU D 67 -15.37 30.62 -40.45
CA LEU D 67 -15.57 29.88 -39.22
C LEU D 67 -16.69 30.53 -38.40
N LYS D 68 -17.57 29.71 -37.86
CA LYS D 68 -18.76 30.19 -37.18
C LYS D 68 -18.42 31.13 -36.03
N ASN D 69 -19.17 32.22 -35.93
CA ASN D 69 -19.12 33.20 -34.84
C ASN D 69 -17.80 33.96 -34.76
N ARG D 70 -16.91 33.80 -35.74
CA ARG D 70 -15.61 34.44 -35.72
C ARG D 70 -15.34 35.14 -37.05
N ILE D 71 -14.34 36.01 -37.04
CA ILE D 71 -13.91 36.76 -38.21
C ILE D 71 -12.51 36.28 -38.59
N ILE D 72 -12.37 35.82 -39.82
CA ILE D 72 -11.09 35.30 -40.31
C ILE D 72 -10.33 36.42 -41.01
N VAL D 73 -9.06 36.57 -40.66
CA VAL D 73 -8.17 37.58 -41.25
C VAL D 73 -7.10 36.84 -42.03
N VAL D 74 -7.14 36.98 -43.35
CA VAL D 74 -6.21 36.28 -44.25
C VAL D 74 -5.09 37.23 -44.65
N ILE D 75 -3.85 36.79 -44.49
CA ILE D 75 -2.69 37.55 -44.95
C ILE D 75 -2.31 37.06 -46.34
N SER D 76 -2.38 37.97 -47.32
CA SER D 76 -2.01 37.63 -48.68
C SER D 76 -1.68 38.90 -49.44
N SER D 77 -0.78 38.77 -50.41
CA SER D 77 -0.43 39.87 -51.30
C SER D 77 -1.20 39.88 -52.60
N SER D 78 -1.89 38.78 -52.93
CA SER D 78 -2.60 38.66 -54.19
C SER D 78 -4.11 38.52 -54.05
N LEU D 79 -4.61 38.02 -52.93
CA LEU D 79 -6.04 37.82 -52.76
C LEU D 79 -6.77 39.15 -52.85
N PRO D 80 -7.87 39.23 -53.60
CA PRO D 80 -8.62 40.49 -53.69
C PRO D 80 -9.26 40.84 -52.36
N GLN D 81 -9.05 42.09 -51.92
CA GLN D 81 -9.64 42.60 -50.69
C GLN D 81 -11.15 42.74 -50.89
N ASP D 82 -11.84 41.62 -50.78
CA ASP D 82 -13.28 41.57 -51.00
C ASP D 82 -14.03 42.17 -49.81
N GLU D 83 -15.13 42.87 -50.11
CA GLU D 83 -15.98 43.45 -49.09
C GLU D 83 -17.34 42.77 -49.01
N ALA D 84 -17.58 41.77 -49.85
CA ALA D 84 -18.87 41.07 -49.84
C ALA D 84 -19.03 40.25 -48.57
N ASP D 85 -18.02 39.47 -48.21
CA ASP D 85 -18.08 38.63 -47.03
C ASP D 85 -17.64 39.42 -45.81
N PRO D 86 -18.53 39.69 -44.85
CA PRO D 86 -18.12 40.43 -43.64
C PRO D 86 -17.37 39.57 -42.64
N ASN D 87 -17.35 38.25 -42.81
CA ASN D 87 -16.66 37.36 -41.89
C ASN D 87 -15.25 37.03 -42.33
N VAL D 88 -14.81 37.53 -43.49
CA VAL D 88 -13.46 37.31 -43.99
C VAL D 88 -12.93 38.63 -44.52
N VAL D 89 -11.74 39.02 -44.05
CA VAL D 89 -11.09 40.24 -44.49
C VAL D 89 -9.64 39.91 -44.82
N VAL D 90 -9.09 40.66 -45.79
CA VAL D 90 -7.75 40.40 -46.31
C VAL D 90 -6.86 41.61 -46.06
N PHE D 91 -5.64 41.37 -45.61
CA PHE D 91 -4.64 42.40 -45.41
C PHE D 91 -3.38 42.03 -46.18
N ARG D 92 -2.59 43.06 -46.53
CA ARG D 92 -1.42 42.85 -47.37
C ARG D 92 -0.18 42.45 -46.57
N ASN D 93 -0.15 42.75 -45.27
CA ASN D 93 0.97 42.35 -44.43
C ASN D 93 0.47 42.11 -43.01
N LEU D 94 1.30 41.42 -42.23
CA LEU D 94 0.91 41.06 -40.87
C LEU D 94 0.82 42.28 -39.96
N GLU D 95 1.67 43.29 -40.17
CA GLU D 95 1.65 44.47 -39.32
C GLU D 95 0.35 45.26 -39.49
N ASP D 96 -0.09 45.45 -40.74
CA ASP D 96 -1.34 46.15 -40.98
C ASP D 96 -2.54 45.37 -40.45
N SER D 97 -2.47 44.03 -40.48
CA SER D 97 -3.55 43.23 -39.92
C SER D 97 -3.70 43.43 -38.42
N ILE D 98 -2.66 43.89 -37.73
CA ILE D 98 -2.78 44.27 -36.34
C ILE D 98 -3.44 45.64 -36.31
N GLU D 99 -4.65 45.72 -36.87
CA GLU D 99 -5.47 46.91 -36.85
C GLU D 99 -6.72 46.72 -36.00
N ASN D 100 -7.03 45.46 -35.64
CA ASN D 100 -8.08 45.18 -34.67
C ASN D 100 -7.78 45.79 -33.31
N LEU D 101 -6.53 46.17 -33.05
CA LEU D 101 -6.21 46.91 -31.83
C LEU D 101 -6.69 48.35 -31.93
N MET D 102 -6.24 49.06 -32.98
CA MET D 102 -6.50 50.49 -33.09
C MET D 102 -7.99 50.81 -33.07
N ASN D 103 -8.81 49.95 -33.67
CA ASN D 103 -10.25 50.17 -33.65
C ASN D 103 -11.01 48.85 -33.65
N ASP D 104 -12.15 48.81 -34.31
CA ASP D 104 -12.98 47.61 -34.41
C ASP D 104 -13.26 47.03 -33.02
N ASP D 105 -14.03 47.80 -32.25
CA ASP D 105 -14.37 47.40 -30.89
C ASP D 105 -15.21 46.14 -30.83
N SER D 106 -15.68 45.63 -31.97
CA SER D 106 -16.37 44.35 -32.00
C SER D 106 -15.42 43.18 -31.92
N ILE D 107 -14.12 43.43 -31.88
CA ILE D 107 -13.11 42.39 -31.73
C ILE D 107 -12.58 42.46 -30.31
N GLU D 108 -12.69 41.35 -29.58
CA GLU D 108 -12.24 41.26 -28.20
C GLU D 108 -10.86 40.65 -28.06
N ASN D 109 -10.61 39.52 -28.72
CA ASN D 109 -9.34 38.82 -28.64
C ASN D 109 -8.84 38.50 -30.05
N ILE D 110 -7.52 38.37 -30.16
CA ILE D 110 -6.87 38.09 -31.44
C ILE D 110 -6.10 36.78 -31.31
N PHE D 111 -6.23 35.91 -32.32
CA PHE D 111 -5.56 34.62 -32.34
C PHE D 111 -4.78 34.48 -33.64
N VAL D 112 -3.55 33.99 -33.52
CA VAL D 112 -2.68 33.74 -34.67
C VAL D 112 -2.73 32.25 -34.97
N CYS D 113 -3.26 31.89 -36.15
CA CYS D 113 -3.44 30.50 -36.52
C CYS D 113 -2.71 30.12 -37.80
N GLY D 114 -2.10 31.08 -38.50
CA GLY D 114 -1.53 30.84 -39.82
C GLY D 114 -0.37 29.87 -39.84
N GLY D 115 0.21 29.67 -41.03
CA GLY D 115 1.29 28.72 -41.20
C GLY D 115 2.62 29.15 -40.62
N GLU D 116 3.71 28.55 -41.11
CA GLU D 116 5.02 28.86 -40.59
C GLU D 116 5.38 30.32 -40.81
N SER D 117 5.04 30.88 -41.98
CA SER D 117 5.39 32.26 -42.28
C SER D 117 4.70 33.23 -41.32
N ILE D 118 3.44 32.96 -40.98
CA ILE D 118 2.72 33.85 -40.07
C ILE D 118 3.25 33.69 -38.64
N TYR D 119 3.50 32.45 -38.23
CA TYR D 119 4.07 32.20 -36.91
C TYR D 119 5.43 32.88 -36.76
N ARG D 120 6.29 32.74 -37.77
CA ARG D 120 7.64 33.27 -37.69
C ARG D 120 7.64 34.79 -37.62
N ASP D 121 6.81 35.45 -38.43
CA ASP D 121 6.76 36.90 -38.43
C ASP D 121 6.03 37.46 -37.22
N ALA D 122 5.17 36.67 -36.58
CA ALA D 122 4.48 37.15 -35.37
C ALA D 122 5.38 37.10 -34.15
N LEU D 123 6.29 36.11 -34.08
CA LEU D 123 7.22 36.05 -32.97
C LEU D 123 8.43 36.94 -33.19
N LYS D 124 8.87 37.11 -34.45
CA LYS D 124 10.00 37.98 -34.73
C LYS D 124 9.66 39.45 -34.44
N ASP D 125 8.48 39.88 -34.84
CA ASP D 125 8.05 41.26 -34.62
C ASP D 125 7.47 41.47 -33.23
N ASN D 126 7.45 40.44 -32.38
CA ASN D 126 7.10 40.56 -30.97
C ASN D 126 5.65 41.03 -30.79
N PHE D 127 4.72 40.31 -31.43
CA PHE D 127 3.30 40.61 -31.33
C PHE D 127 2.54 39.65 -30.43
N VAL D 128 3.16 38.55 -30.02
CA VAL D 128 2.46 37.44 -29.38
C VAL D 128 2.59 37.55 -27.86
N ASP D 129 1.47 37.41 -27.17
CA ASP D 129 1.44 37.39 -25.71
C ASP D 129 1.37 35.98 -25.13
N ARG D 130 0.59 35.09 -25.74
CA ARG D 130 0.36 33.75 -25.23
C ARG D 130 0.51 32.74 -26.36
N ILE D 131 0.81 31.50 -26.00
CA ILE D 131 0.98 30.41 -26.96
C ILE D 131 0.22 29.19 -26.45
N TYR D 132 -0.78 28.75 -27.22
CA TYR D 132 -1.49 27.50 -26.97
C TYR D 132 -0.91 26.44 -27.90
N LEU D 133 -0.21 25.46 -27.32
CA LEU D 133 0.53 24.47 -28.10
C LEU D 133 -0.05 23.08 -27.83
N THR D 134 -0.33 22.35 -28.90
CA THR D 134 -0.71 20.94 -28.83
C THR D 134 0.48 20.12 -29.33
N ARG D 135 1.12 19.39 -28.42
CA ARG D 135 2.27 18.56 -28.76
C ARG D 135 1.78 17.17 -29.17
N VAL D 136 2.07 16.78 -30.41
CA VAL D 136 1.62 15.50 -30.97
C VAL D 136 2.80 14.55 -31.03
N ALA D 137 2.58 13.30 -30.62
CA ALA D 137 3.64 12.30 -30.54
C ALA D 137 3.71 11.51 -31.86
N LEU D 138 4.15 12.20 -32.90
CA LEU D 138 4.39 11.61 -34.21
C LEU D 138 5.63 12.25 -34.81
N GLU D 139 6.65 11.44 -35.08
CA GLU D 139 7.92 12.00 -35.52
C GLU D 139 8.49 11.32 -36.74
N ASP D 140 8.26 10.02 -36.89
CA ASP D 140 8.83 9.28 -38.01
C ASP D 140 8.00 9.40 -39.28
N ILE D 141 7.50 10.59 -39.58
CA ILE D 141 6.79 10.88 -40.81
C ILE D 141 7.45 12.07 -41.49
N GLU D 142 6.88 12.50 -42.60
CA GLU D 142 7.45 13.56 -43.42
C GLU D 142 6.74 14.88 -43.15
N PHE D 143 7.52 15.95 -42.98
CA PHE D 143 7.00 17.30 -42.82
C PHE D 143 7.60 18.23 -43.86
N ASP D 144 6.88 19.30 -44.16
CA ASP D 144 7.41 20.39 -44.96
C ASP D 144 7.11 21.77 -44.37
N THR D 145 6.42 21.81 -43.24
CA THR D 145 6.10 23.06 -42.57
C THR D 145 6.27 22.86 -41.06
N TYR D 146 7.02 23.75 -40.43
CA TYR D 146 7.38 23.61 -39.03
C TYR D 146 6.97 24.83 -38.23
N PHE D 147 6.81 24.63 -36.92
CA PHE D 147 6.58 25.73 -35.98
C PHE D 147 7.91 26.28 -35.50
N PRO D 148 8.14 27.59 -35.58
CA PRO D 148 9.44 28.14 -35.17
C PRO D 148 9.70 27.92 -33.70
N GLU D 149 10.99 27.93 -33.34
CA GLU D 149 11.38 27.73 -31.95
C GLU D 149 10.83 28.84 -31.08
N ILE D 150 10.27 28.46 -29.94
CA ILE D 150 9.68 29.42 -29.00
C ILE D 150 10.79 30.27 -28.39
N PRO D 151 10.70 31.59 -28.49
CA PRO D 151 11.78 32.44 -27.96
C PRO D 151 11.86 32.35 -26.45
N GLU D 152 13.04 32.74 -25.93
CA GLU D 152 13.31 32.65 -24.50
C GLU D 152 12.45 33.58 -23.66
N THR D 153 11.76 34.54 -24.28
CA THR D 153 10.89 35.43 -23.52
C THR D 153 9.61 34.75 -23.04
N PHE D 154 9.33 33.53 -23.49
CA PHE D 154 8.16 32.78 -23.08
C PHE D 154 8.52 31.70 -22.07
N LEU D 155 7.61 31.46 -21.13
CA LEU D 155 7.78 30.40 -20.14
C LEU D 155 6.50 29.58 -20.04
N PRO D 156 6.62 28.26 -19.93
CA PRO D 156 5.42 27.42 -19.81
C PRO D 156 4.77 27.58 -18.44
N VAL D 157 3.44 27.64 -18.44
CA VAL D 157 2.68 27.76 -17.21
C VAL D 157 1.67 26.64 -17.01
N TYR D 158 1.49 25.75 -17.99
CA TYR D 158 0.52 24.69 -17.88
C TYR D 158 0.90 23.55 -18.80
N MET D 159 0.70 22.31 -18.33
CA MET D 159 0.93 21.13 -19.15
C MET D 159 -0.10 20.09 -18.74
N SER D 160 -1.02 19.79 -19.66
CA SER D 160 -2.13 18.89 -19.34
C SER D 160 -1.66 17.44 -19.27
N GLN D 161 -2.57 16.57 -18.84
CA GLN D 161 -2.34 15.14 -18.92
C GLN D 161 -2.28 14.70 -20.39
N THR D 162 -1.76 13.51 -20.59
CA THR D 162 -1.66 12.95 -21.93
C THR D 162 -3.02 12.36 -22.34
N PHE D 163 -3.47 12.70 -23.55
CA PHE D 163 -4.70 12.17 -24.12
C PHE D 163 -4.37 11.24 -25.27
N CYS D 164 -5.39 10.52 -25.74
CA CYS D 164 -5.20 9.52 -26.79
C CYS D 164 -6.32 9.62 -27.81
N THR D 165 -5.95 9.58 -29.08
CA THR D 165 -6.90 9.51 -30.19
C THR D 165 -6.27 8.66 -31.28
N LYS D 166 -6.90 7.52 -31.59
CA LYS D 166 -6.38 6.57 -32.58
C LYS D 166 -4.95 6.14 -32.23
N ASN D 167 -4.73 5.84 -30.95
CA ASN D 167 -3.43 5.42 -30.42
C ASN D 167 -2.35 6.49 -30.57
N ILE D 168 -2.74 7.74 -30.73
CA ILE D 168 -1.80 8.86 -30.83
C ILE D 168 -1.90 9.68 -29.55
N SER D 169 -0.75 9.89 -28.90
CA SER D 169 -0.69 10.67 -27.68
C SER D 169 -0.46 12.14 -28.01
N TYR D 170 -1.08 13.02 -27.23
CA TYR D 170 -0.89 14.45 -27.41
C TYR D 170 -1.12 15.18 -26.10
N ASP D 171 -0.52 16.37 -26.00
CA ASP D 171 -0.59 17.21 -24.81
C ASP D 171 -1.16 18.57 -25.16
N PHE D 172 -1.46 19.35 -24.13
CA PHE D 172 -1.86 20.75 -24.27
C PHE D 172 -1.04 21.59 -23.29
N MET D 173 -0.38 22.62 -23.81
CA MET D 173 0.47 23.49 -23.01
C MET D 173 0.13 24.95 -23.25
N ILE D 174 0.41 25.78 -22.24
CA ILE D 174 0.23 27.23 -22.32
C ILE D 174 1.56 27.89 -22.03
N PHE D 175 1.97 28.80 -22.90
CA PHE D 175 3.18 29.58 -22.73
C PHE D 175 2.83 31.05 -22.54
N GLU D 176 3.48 31.69 -21.58
CA GLU D 176 3.24 33.08 -21.25
C GLU D 176 4.51 33.90 -21.45
N LYS D 177 4.34 35.14 -21.88
CA LYS D 177 5.46 36.05 -22.10
C LYS D 177 5.72 36.81 -20.80
N GLN D 178 6.94 36.68 -20.28
CA GLN D 178 7.29 37.27 -19.00
C GLN D 178 7.66 38.74 -19.19
N GLU D 179 7.02 39.61 -18.42
CA GLU D 179 7.30 41.05 -18.48
C GLU D 179 8.13 41.49 -17.28
N LEU D 193 -4.15 35.74 0.29
CA LEU D 193 -3.51 37.01 0.63
C LEU D 193 -2.21 36.78 1.37
N LYS D 194 -1.35 37.80 1.38
CA LYS D 194 -0.06 37.72 2.05
C LYS D 194 -0.20 37.55 3.55
N SER D 195 -1.35 37.91 4.13
CA SER D 195 -1.52 37.80 5.57
C SER D 195 -1.41 36.36 6.05
N ILE D 196 -1.94 35.41 5.26
CA ILE D 196 -1.85 34.01 5.65
C ILE D 196 -0.41 33.51 5.51
N ASP D 197 0.26 33.87 4.42
CA ASP D 197 1.63 33.41 4.22
C ASP D 197 2.57 33.95 5.30
N ASP D 198 2.36 35.20 5.72
CA ASP D 198 3.22 35.78 6.76
C ASP D 198 3.00 35.10 8.10
N THR D 199 1.75 34.80 8.45
CA THR D 199 1.47 34.16 9.73
C THR D 199 2.08 32.76 9.79
N VAL D 200 1.97 31.99 8.70
CA VAL D 200 2.56 30.65 8.66
C VAL D 200 4.07 30.74 8.80
N ASP D 201 4.68 31.74 8.16
CA ASP D 201 6.13 31.93 8.30
C ASP D 201 6.51 32.27 9.74
N LEU D 202 5.73 33.13 10.39
CA LEU D 202 6.01 33.49 11.78
C LEU D 202 5.88 32.28 12.70
N LEU D 203 4.84 31.46 12.50
CA LEU D 203 4.72 30.23 13.28
C LEU D 203 5.85 29.27 12.98
N GLY D 204 6.38 29.28 11.76
CA GLY D 204 7.50 28.42 11.42
C GLY D 204 8.82 28.87 12.02
N GLU D 205 8.89 30.13 12.46
CA GLU D 205 10.07 30.62 13.16
C GLU D 205 9.99 30.35 14.66
N ILE D 206 8.80 30.52 15.24
CA ILE D 206 8.60 30.22 16.66
C ILE D 206 8.83 28.72 16.91
N PHE D 207 7.97 27.89 16.32
CA PHE D 207 8.17 26.45 16.38
C PHE D 207 9.15 26.02 15.30
N GLY D 208 10.11 25.20 15.68
CA GLY D 208 11.07 24.73 14.70
C GLY D 208 10.51 23.59 13.88
N ILE D 209 11.00 22.39 14.13
CA ILE D 209 10.50 21.21 13.44
C ILE D 209 9.31 20.66 14.22
N ARG D 210 8.87 21.43 15.22
CA ARG D 210 7.63 21.07 15.91
C ARG D 210 6.41 21.35 15.04
N LYS D 211 6.51 22.31 14.12
CA LYS D 211 5.48 22.56 13.14
C LYS D 211 5.68 21.62 11.96
N MET D 212 4.69 20.76 11.71
CA MET D 212 4.86 19.69 10.72
C MET D 212 5.16 20.23 9.33
N GLY D 213 4.69 21.45 9.02
CA GLY D 213 4.99 22.04 7.72
C GLY D 213 6.48 22.20 7.46
N ASN D 214 7.26 22.46 8.51
CA ASN D 214 8.70 22.61 8.35
C ASN D 214 9.39 21.29 8.06
N ARG D 215 8.74 20.16 8.35
CA ARG D 215 9.27 18.86 7.96
C ARG D 215 8.89 18.49 6.52
N HIS D 216 7.99 19.23 5.90
CA HIS D 216 7.56 19.01 4.52
C HIS D 216 7.70 20.31 3.72
N LYS D 217 8.92 20.82 3.67
CA LYS D 217 9.18 22.09 3.00
C LYS D 217 9.03 21.95 1.49
N PHE D 218 8.46 22.99 0.87
CA PHE D 218 8.31 22.99 -0.57
C PHE D 218 9.68 23.05 -1.25
N PRO D 219 9.89 22.25 -2.29
CA PRO D 219 11.22 22.22 -2.92
C PRO D 219 11.62 23.58 -3.48
N LYS D 220 12.90 23.88 -3.38
CA LYS D 220 13.44 25.11 -3.93
C LYS D 220 13.41 25.08 -5.46
N GLU D 221 13.47 26.27 -6.06
CA GLU D 221 13.36 26.37 -7.51
C GLU D 221 14.48 25.62 -8.22
N GLU D 222 15.67 25.56 -7.61
CA GLU D 222 16.82 24.93 -8.26
C GLU D 222 16.69 23.42 -8.38
N ILE D 223 15.74 22.81 -7.69
CA ILE D 223 15.58 21.35 -7.74
C ILE D 223 14.14 21.02 -8.13
N TYR D 224 13.44 21.98 -8.69
CA TYR D 224 12.04 21.83 -9.10
C TYR D 224 11.98 21.80 -10.62
N ASN D 225 11.44 20.71 -11.17
CA ASN D 225 11.39 20.54 -12.62
C ASN D 225 10.42 21.54 -13.24
N THR D 226 10.91 22.32 -14.20
CA THR D 226 10.15 23.34 -14.91
C THR D 226 9.44 24.25 -13.91
N PRO D 227 10.17 25.13 -13.22
CA PRO D 227 9.57 25.89 -12.12
C PRO D 227 8.51 26.87 -12.55
N SER D 228 8.51 27.28 -13.82
CA SER D 228 7.52 28.26 -14.27
C SER D 228 6.11 27.70 -14.26
N ILE D 229 5.94 26.38 -14.29
CA ILE D 229 4.64 25.75 -14.20
C ILE D 229 4.31 25.58 -12.71
N ARG D 230 3.54 26.53 -12.17
CA ARG D 230 3.18 26.54 -10.76
C ARG D 230 1.82 25.91 -10.50
N PHE D 231 0.79 26.35 -11.22
CA PHE D 231 -0.58 25.91 -10.99
C PHE D 231 -1.11 24.98 -12.07
N GLY D 232 -0.28 24.58 -13.03
CA GLY D 232 -0.73 23.74 -14.12
C GLY D 232 0.05 22.46 -14.25
N ARG D 233 0.41 21.86 -13.11
CA ARG D 233 1.19 20.62 -13.11
C ARG D 233 0.25 19.42 -13.25
N GLU D 234 -0.43 19.37 -14.40
CA GLU D 234 -1.41 18.34 -14.65
C GLU D 234 -0.79 17.05 -15.18
N HIS D 235 0.26 17.15 -15.99
CA HIS D 235 0.91 15.95 -16.51
C HIS D 235 1.40 15.07 -15.37
N TYR D 236 0.93 13.82 -15.35
CA TYR D 236 1.14 12.98 -14.18
C TYR D 236 2.57 12.46 -14.04
N GLU D 237 3.45 12.77 -14.98
CA GLU D 237 4.88 12.51 -14.73
C GLU D 237 5.42 13.44 -13.66
N PHE D 238 4.79 14.61 -13.46
CA PHE D 238 5.16 15.48 -12.35
C PHE D 238 4.93 14.82 -11.00
N GLN D 239 4.03 13.83 -10.93
CA GLN D 239 3.84 13.09 -9.68
C GLN D 239 5.11 12.36 -9.27
N TYR D 240 5.94 11.97 -10.24
CA TYR D 240 7.22 11.34 -9.95
C TYR D 240 8.34 12.36 -9.79
N LEU D 241 8.40 13.36 -10.69
CA LEU D 241 9.47 14.34 -10.63
C LEU D 241 9.42 15.16 -9.35
N ASP D 242 8.21 15.57 -8.94
CA ASP D 242 8.08 16.34 -7.71
C ASP D 242 8.44 15.50 -6.48
N LEU D 243 8.27 14.17 -6.57
CA LEU D 243 8.70 13.29 -5.48
C LEU D 243 10.22 13.31 -5.34
N LEU D 244 10.94 13.33 -6.47
CA LEU D 244 12.38 13.52 -6.42
C LEU D 244 12.73 14.85 -5.75
N SER D 245 12.05 15.91 -6.16
CA SER D 245 12.29 17.23 -5.58
C SER D 245 11.98 17.24 -4.08
N ARG D 246 10.91 16.58 -3.68
CA ARG D 246 10.54 16.55 -2.26
C ARG D 246 11.61 15.84 -1.44
N VAL D 247 12.22 14.80 -2.01
CA VAL D 247 13.28 14.08 -1.31
C VAL D 247 14.55 14.92 -1.24
N LEU D 248 14.92 15.57 -2.35
CA LEU D 248 16.11 16.41 -2.35
C LEU D 248 15.99 17.56 -1.35
N GLU D 249 14.77 17.98 -1.03
CA GLU D 249 14.55 19.11 -0.13
C GLU D 249 14.52 18.68 1.34
N ASN D 250 13.88 17.54 1.65
CA ASN D 250 13.65 17.13 3.01
C ASN D 250 14.30 15.81 3.39
N GLY D 251 14.96 15.14 2.45
CA GLY D 251 15.52 13.82 2.72
C GLY D 251 16.62 13.83 3.77
N ALA D 252 16.46 12.98 4.78
CA ALA D 252 17.46 12.84 5.82
C ALA D 252 18.56 11.87 5.40
N TYR D 253 19.81 12.25 5.64
CA TYR D 253 20.95 11.41 5.29
C TYR D 253 21.02 10.23 6.25
N ARG D 254 20.76 9.03 5.74
CA ARG D 254 20.69 7.83 6.56
C ARG D 254 21.47 6.70 5.91
N GLU D 255 22.03 5.83 6.74
CA GLU D 255 22.72 4.64 6.26
C GLU D 255 21.73 3.48 6.19
N ASN D 256 22.12 2.46 5.42
CA ASN D 256 21.27 1.29 5.24
C ASN D 256 22.16 0.06 5.11
N ARG D 257 21.55 -1.09 4.80
CA ARG D 257 22.28 -2.35 4.72
C ARG D 257 23.37 -2.34 3.67
N THR D 258 23.29 -1.43 2.69
CA THR D 258 24.33 -1.29 1.69
C THR D 258 25.36 -0.26 2.13
N GLY D 259 26.49 -0.23 1.44
CA GLY D 259 27.48 0.79 1.73
C GLY D 259 27.13 2.18 1.23
N ILE D 260 26.06 2.30 0.45
CA ILE D 260 25.66 3.57 -0.15
C ILE D 260 24.51 4.15 0.65
N SER D 261 24.73 5.32 1.23
CA SER D 261 23.71 5.99 2.03
C SER D 261 22.71 6.70 1.13
N THR D 262 21.55 7.01 1.70
CA THR D 262 20.46 7.63 0.96
C THR D 262 19.98 8.90 1.68
N TYR D 263 19.22 9.70 0.95
CA TYR D 263 18.42 10.77 1.52
C TYR D 263 16.97 10.32 1.52
N SER D 264 16.37 10.24 2.70
CA SER D 264 15.12 9.50 2.88
C SER D 264 14.04 10.35 3.54
N ILE D 265 12.81 10.20 3.05
CA ILE D 265 11.61 10.68 3.71
C ILE D 265 10.62 9.52 3.79
N PHE D 266 9.56 9.71 4.57
CA PHE D 266 8.63 8.64 4.90
C PHE D 266 7.20 9.08 4.63
N GLY D 267 6.47 8.30 3.84
CA GLY D 267 5.06 8.53 3.58
C GLY D 267 4.78 9.44 2.40
N GLN D 268 4.77 8.88 1.19
CA GLN D 268 4.49 9.64 -0.02
C GLN D 268 3.55 8.83 -0.91
N MET D 269 3.06 9.46 -1.98
CA MET D 269 2.16 8.79 -2.90
C MET D 269 2.28 9.42 -4.28
N MET D 270 1.88 8.64 -5.29
CA MET D 270 1.87 9.06 -6.68
C MET D 270 0.63 8.50 -7.38
N ARG D 271 0.00 9.32 -8.20
CA ARG D 271 -1.16 8.91 -8.99
C ARG D 271 -0.81 8.95 -10.47
N PHE D 272 -1.31 7.97 -11.22
CA PHE D 272 -1.10 7.92 -12.66
C PHE D 272 -2.39 7.48 -13.35
N ASP D 273 -2.71 8.15 -14.46
CA ASP D 273 -3.81 7.74 -15.30
C ASP D 273 -3.36 6.65 -16.25
N MET D 274 -4.26 5.71 -16.53
CA MET D 274 -4.00 4.65 -17.50
C MET D 274 -5.08 4.54 -18.56
N ARG D 275 -6.08 5.43 -18.56
CA ARG D 275 -7.11 5.39 -19.58
C ARG D 275 -6.63 5.97 -20.90
N GLU D 276 -5.92 7.10 -20.86
CA GLU D 276 -5.53 7.82 -22.07
C GLU D 276 -4.04 7.73 -22.38
N SER D 277 -3.27 7.04 -21.57
CA SER D 277 -1.82 6.92 -21.81
C SER D 277 -1.27 5.81 -20.92
N PHE D 278 0.03 5.56 -21.10
CA PHE D 278 0.75 4.55 -20.31
C PHE D 278 1.88 5.24 -19.55
N PRO D 279 1.91 5.15 -18.21
CA PRO D 279 2.89 5.94 -17.44
C PRO D 279 4.31 5.44 -17.55
N LEU D 280 4.92 5.58 -18.72
CA LEU D 280 6.33 5.27 -18.93
C LEU D 280 7.09 6.60 -19.01
N LEU D 281 8.05 6.79 -18.10
CA LEU D 281 8.70 8.07 -17.96
C LEU D 281 9.36 8.52 -19.25
N THR D 282 9.22 9.81 -19.57
CA THR D 282 9.80 10.38 -20.77
C THR D 282 11.09 11.15 -20.50
N THR D 283 11.32 11.60 -19.28
CA THR D 283 12.55 12.31 -18.95
C THR D 283 13.77 11.40 -18.93
N LYS D 284 13.61 10.12 -19.26
CA LYS D 284 14.69 9.15 -19.28
C LYS D 284 14.22 7.92 -20.04
N LYS D 285 15.06 7.39 -20.92
CA LYS D 285 14.72 6.19 -21.66
C LYS D 285 14.68 5.00 -20.70
N VAL D 286 13.50 4.42 -20.52
CA VAL D 286 13.29 3.34 -19.57
C VAL D 286 13.27 2.01 -20.33
N ALA D 287 14.00 1.03 -19.82
CA ALA D 287 14.05 -0.30 -20.44
C ALA D 287 12.72 -1.02 -20.28
N ILE D 288 11.79 -0.78 -21.20
CA ILE D 288 10.45 -1.35 -21.08
C ILE D 288 10.48 -2.87 -21.26
N ARG D 289 11.41 -3.37 -22.09
CA ARG D 289 11.45 -4.81 -22.33
C ARG D 289 11.87 -5.56 -21.08
N SER D 290 12.86 -5.06 -20.35
CA SER D 290 13.27 -5.69 -19.10
C SER D 290 12.15 -5.63 -18.06
N ILE D 291 11.36 -4.56 -18.06
CA ILE D 291 10.24 -4.46 -17.14
C ILE D 291 9.22 -5.55 -17.40
N PHE D 292 8.85 -5.74 -18.67
CA PHE D 292 7.88 -6.77 -19.01
C PHE D 292 8.42 -8.16 -18.69
N GLU D 293 9.67 -8.43 -19.05
CA GLU D 293 10.23 -9.75 -18.84
C GLU D 293 10.31 -10.09 -17.35
N GLU D 294 10.48 -9.10 -16.48
CA GLU D 294 10.43 -9.34 -15.04
C GLU D 294 9.01 -9.60 -14.58
N LEU D 295 8.03 -8.89 -15.15
CA LEU D 295 6.65 -9.04 -14.71
C LEU D 295 6.11 -10.42 -15.09
N ILE D 296 6.33 -10.83 -16.35
CA ILE D 296 5.88 -12.17 -16.75
C ILE D 296 6.66 -13.24 -16.01
N TRP D 297 7.88 -12.90 -15.56
CA TRP D 297 8.64 -13.81 -14.71
C TRP D 297 7.97 -13.97 -13.35
N PHE D 298 7.35 -12.89 -12.85
CA PHE D 298 6.56 -13.00 -11.62
C PHE D 298 5.28 -13.80 -11.87
N ILE D 299 4.57 -13.48 -12.95
CA ILE D 299 3.27 -14.09 -13.21
C ILE D 299 3.40 -15.61 -13.34
N LYS D 300 4.43 -16.07 -14.05
CA LYS D 300 4.65 -17.50 -14.22
C LYS D 300 4.99 -18.21 -12.92
N GLY D 301 5.27 -17.47 -11.85
CA GLY D 301 5.65 -18.08 -10.59
C GLY D 301 7.10 -18.45 -10.47
N ASP D 302 7.96 -17.93 -11.34
CA ASP D 302 9.34 -18.34 -11.43
C ASP D 302 10.21 -17.55 -10.45
N THR D 303 11.18 -18.25 -9.85
CA THR D 303 12.18 -17.63 -8.99
C THR D 303 13.60 -17.93 -9.46
N ASN D 304 13.76 -18.54 -10.63
CA ASN D 304 15.07 -18.85 -11.18
C ASN D 304 15.64 -17.60 -11.83
N GLY D 305 16.69 -17.05 -11.23
CA GLY D 305 17.31 -15.85 -11.77
C GLY D 305 17.99 -16.04 -13.11
N ASN D 306 18.34 -17.27 -13.46
CA ASN D 306 19.01 -17.50 -14.74
C ASN D 306 18.07 -17.27 -15.92
N HIS D 307 16.76 -17.52 -15.75
CA HIS D 307 15.82 -17.33 -16.83
C HIS D 307 15.75 -15.87 -17.28
N LEU D 308 16.03 -14.94 -16.36
CA LEU D 308 16.11 -13.53 -16.75
C LEU D 308 17.43 -13.21 -17.43
N ILE D 309 18.53 -13.81 -16.95
CA ILE D 309 19.82 -13.58 -17.56
C ILE D 309 19.87 -14.19 -18.96
N GLU D 310 19.18 -15.32 -19.17
CA GLU D 310 19.13 -15.93 -20.49
C GLU D 310 18.41 -15.04 -21.49
N LYS D 311 17.51 -14.18 -21.02
CA LYS D 311 16.83 -13.21 -21.87
C LYS D 311 17.49 -11.84 -21.84
N LYS D 312 18.75 -11.78 -21.41
CA LYS D 312 19.52 -10.53 -21.34
C LYS D 312 18.85 -9.49 -20.46
N VAL D 313 18.40 -9.93 -19.28
CA VAL D 313 17.85 -9.06 -18.24
C VAL D 313 18.64 -9.33 -16.97
N TYR D 314 19.40 -8.33 -16.52
CA TYR D 314 20.36 -8.52 -15.43
C TYR D 314 20.00 -7.72 -14.19
N ILE D 315 18.73 -7.40 -14.00
CA ILE D 315 18.35 -6.57 -12.86
C ILE D 315 18.40 -7.34 -11.55
N TRP D 316 18.33 -8.67 -11.59
CA TRP D 316 18.39 -9.49 -10.38
C TRP D 316 19.73 -10.22 -10.24
N SER D 317 20.75 -9.78 -10.98
CA SER D 317 22.06 -10.42 -10.87
C SER D 317 22.75 -10.04 -9.57
N GLY D 318 22.63 -8.77 -9.15
CA GLY D 318 23.33 -8.32 -7.96
C GLY D 318 22.85 -9.03 -6.71
N ASN D 319 21.54 -9.12 -6.53
CA ASN D 319 20.97 -9.78 -5.36
C ASN D 319 20.92 -11.29 -5.51
N GLY D 320 21.54 -11.84 -6.56
CA GLY D 320 21.56 -13.27 -6.77
C GLY D 320 22.92 -13.79 -7.16
N SER D 321 23.97 -13.17 -6.63
CA SER D 321 25.32 -13.65 -6.89
C SER D 321 25.76 -14.58 -5.76
N LYS D 322 26.81 -15.36 -6.03
CA LYS D 322 27.31 -16.29 -5.02
C LYS D 322 27.88 -15.54 -3.82
N GLU D 323 28.50 -14.38 -4.07
CA GLU D 323 29.06 -13.60 -2.97
C GLU D 323 27.98 -12.96 -2.12
N TYR D 324 26.93 -12.43 -2.75
CA TYR D 324 25.86 -11.79 -2.00
C TYR D 324 25.05 -12.81 -1.21
N LEU D 325 24.73 -13.96 -1.82
CA LEU D 325 23.93 -14.96 -1.13
C LEU D 325 24.66 -15.51 0.09
N GLU D 326 25.96 -15.76 -0.04
CA GLU D 326 26.73 -16.23 1.11
C GLU D 326 26.88 -15.15 2.17
N ARG D 327 26.89 -13.88 1.75
CA ARG D 327 27.04 -12.79 2.71
C ARG D 327 25.81 -12.62 3.58
N ILE D 328 24.62 -12.91 3.04
CA ILE D 328 23.37 -12.75 3.79
C ILE D 328 22.93 -14.05 4.46
N GLY D 329 23.76 -15.08 4.43
CA GLY D 329 23.45 -16.33 5.10
C GLY D 329 22.75 -17.37 4.26
N LEU D 330 22.86 -17.31 2.95
CA LEU D 330 22.26 -18.30 2.04
C LEU D 330 23.34 -18.95 1.18
N GLY D 331 24.46 -19.32 1.81
CA GLY D 331 25.55 -19.93 1.06
C GLY D 331 25.20 -21.30 0.50
N HIS D 332 24.25 -21.99 1.12
CA HIS D 332 23.79 -23.28 0.61
C HIS D 332 23.09 -23.13 -0.74
N ARG D 333 22.57 -21.95 -1.04
CA ARG D 333 21.75 -21.74 -2.21
C ARG D 333 22.60 -21.75 -3.49
N GLU D 334 21.98 -22.21 -4.58
CA GLU D 334 22.61 -22.18 -5.89
C GLU D 334 22.80 -20.73 -6.35
N GLU D 335 23.63 -20.56 -7.38
CA GLU D 335 24.06 -19.26 -7.88
C GLU D 335 22.93 -18.23 -7.94
N ASN D 336 21.95 -18.45 -8.81
CA ASN D 336 20.89 -17.46 -9.02
C ASN D 336 19.54 -17.90 -8.46
N ASP D 337 19.53 -18.79 -7.48
CA ASP D 337 18.29 -19.18 -6.81
C ASP D 337 17.93 -18.10 -5.79
N LEU D 338 16.90 -17.31 -6.11
CA LEU D 338 16.52 -16.17 -5.29
C LEU D 338 15.61 -16.54 -4.12
N GLY D 339 15.02 -17.74 -4.13
CA GLY D 339 14.17 -18.17 -3.06
C GLY D 339 12.74 -17.74 -3.27
N PRO D 340 11.89 -17.98 -2.28
CA PRO D 340 10.48 -17.59 -2.42
C PRO D 340 10.33 -16.08 -2.39
N ILE D 341 10.05 -15.47 -3.54
CA ILE D 341 9.95 -14.03 -3.63
C ILE D 341 8.74 -13.75 -4.51
N TYR D 342 8.67 -12.55 -5.09
CA TYR D 342 7.61 -12.24 -6.05
C TYR D 342 7.41 -13.39 -7.02
N GLY D 343 6.15 -13.71 -7.26
CA GLY D 343 5.76 -14.84 -8.09
C GLY D 343 5.77 -16.18 -7.41
N PHE D 344 6.34 -16.29 -6.21
CA PHE D 344 6.16 -17.52 -5.46
C PHE D 344 5.17 -17.33 -4.33
N GLN D 345 5.09 -16.12 -3.78
CA GLN D 345 3.98 -15.76 -2.93
C GLN D 345 2.73 -15.45 -3.74
N TRP D 346 2.89 -15.06 -5.00
CA TRP D 346 1.72 -14.81 -5.86
C TRP D 346 1.01 -16.12 -6.21
N ARG D 347 1.77 -17.17 -6.52
CA ARG D 347 1.19 -18.40 -7.01
C ARG D 347 1.22 -19.55 -6.01
N HIS D 348 2.15 -19.54 -5.05
CA HIS D 348 2.27 -20.63 -4.09
C HIS D 348 2.51 -20.05 -2.69
N TYR D 349 1.58 -19.23 -2.23
CA TYR D 349 1.73 -18.57 -0.93
C TYR D 349 1.73 -19.60 0.19
N ASN D 350 2.61 -19.39 1.17
CA ASN D 350 2.80 -20.29 2.31
C ASN D 350 3.25 -21.68 1.90
N GLY D 351 3.85 -21.82 0.72
CA GLY D 351 4.34 -23.12 0.28
C GLY D 351 5.77 -23.35 0.75
N GLU D 352 6.03 -24.58 1.20
CA GLU D 352 7.36 -24.93 1.69
C GLU D 352 8.34 -24.92 0.52
N TYR D 353 9.27 -23.96 0.53
CA TYR D 353 10.22 -23.78 -0.56
C TYR D 353 11.43 -24.67 -0.35
N LYS D 354 11.85 -25.35 -1.41
CA LYS D 354 13.06 -26.15 -1.37
C LYS D 354 14.14 -25.49 -2.21
N THR D 355 14.13 -25.73 -3.52
CA THR D 355 15.03 -25.06 -4.45
C THR D 355 14.20 -24.53 -5.61
N MET D 356 14.89 -23.89 -6.55
CA MET D 356 14.25 -23.34 -7.74
C MET D 356 13.98 -24.39 -8.81
N HIS D 357 14.40 -25.64 -8.59
CA HIS D 357 14.24 -26.71 -9.57
C HIS D 357 13.05 -27.62 -9.29
N ASP D 358 12.45 -27.54 -8.11
CA ASP D 358 11.38 -28.44 -7.75
C ASP D 358 10.07 -28.01 -8.42
N ASP D 359 9.10 -28.92 -8.41
CA ASP D 359 7.78 -28.70 -8.97
C ASP D 359 6.84 -28.24 -7.86
N TYR D 360 6.28 -27.04 -8.01
CA TYR D 360 5.41 -26.46 -7.01
C TYR D 360 3.97 -26.34 -7.48
N THR D 361 3.61 -27.05 -8.55
CA THR D 361 2.24 -26.99 -9.06
C THR D 361 1.30 -27.66 -8.08
N GLY D 362 0.41 -26.87 -7.46
CA GLY D 362 -0.58 -27.35 -6.53
C GLY D 362 -0.34 -26.94 -5.10
N VAL D 363 0.92 -26.67 -4.73
CA VAL D 363 1.25 -26.31 -3.36
C VAL D 363 1.07 -24.81 -3.18
N GLY D 364 0.60 -24.41 -2.00
CA GLY D 364 0.41 -23.02 -1.68
C GLY D 364 -0.88 -22.46 -2.25
N VAL D 365 -1.18 -21.23 -1.84
CA VAL D 365 -2.37 -20.53 -2.29
C VAL D 365 -2.04 -19.75 -3.55
N ASP D 366 -2.84 -19.96 -4.60
CA ASP D 366 -2.66 -19.25 -5.87
C ASP D 366 -3.46 -17.96 -5.80
N GLN D 367 -2.81 -16.90 -5.33
CA GLN D 367 -3.48 -15.62 -5.18
C GLN D 367 -3.90 -15.04 -6.53
N LEU D 368 -3.00 -15.12 -7.52
CA LEU D 368 -3.28 -14.51 -8.82
C LEU D 368 -4.49 -15.18 -9.49
N ALA D 369 -4.59 -16.50 -9.38
CA ALA D 369 -5.73 -17.20 -9.95
C ALA D 369 -7.03 -16.80 -9.26
N LYS D 370 -7.03 -16.80 -7.93
CA LYS D 370 -8.23 -16.40 -7.19
C LYS D 370 -8.54 -14.92 -7.39
N LEU D 371 -7.51 -14.10 -7.61
CA LEU D 371 -7.75 -12.69 -7.88
C LEU D 371 -8.51 -12.52 -9.20
N ILE D 372 -8.04 -13.18 -10.26
CA ILE D 372 -8.71 -13.10 -11.56
C ILE D 372 -10.13 -13.65 -11.44
N GLU D 373 -10.32 -14.74 -10.70
CA GLU D 373 -11.64 -15.33 -10.56
C GLU D 373 -12.59 -14.37 -9.84
N THR D 374 -12.11 -13.72 -8.78
CA THR D 374 -12.95 -12.81 -8.03
C THR D 374 -13.20 -11.50 -8.76
N LEU D 375 -12.26 -11.07 -9.60
CA LEU D 375 -12.40 -9.80 -10.29
C LEU D 375 -13.57 -9.81 -11.27
N LYS D 376 -13.83 -10.96 -11.90
CA LYS D 376 -14.91 -11.05 -12.86
C LYS D 376 -16.17 -11.71 -12.34
N ASN D 377 -16.09 -12.43 -11.22
CA ASN D 377 -17.28 -13.03 -10.62
C ASN D 377 -17.90 -12.14 -9.56
N ASN D 378 -17.11 -11.31 -8.89
CA ASN D 378 -17.61 -10.37 -7.89
C ASN D 378 -16.78 -9.10 -8.00
N PRO D 379 -17.10 -8.24 -8.97
CA PRO D 379 -16.23 -7.07 -9.22
C PRO D 379 -16.26 -6.05 -8.10
N LYS D 380 -17.43 -5.76 -7.54
CA LYS D 380 -17.55 -4.75 -6.50
C LYS D 380 -17.11 -5.25 -5.13
N ASP D 381 -16.52 -6.45 -5.06
CA ASP D 381 -15.94 -6.92 -3.82
C ASP D 381 -14.79 -6.03 -3.40
N ARG D 382 -14.63 -5.84 -2.08
CA ARG D 382 -13.61 -4.98 -1.53
C ARG D 382 -12.42 -5.75 -0.98
N ARG D 383 -12.09 -6.89 -1.59
CA ARG D 383 -11.00 -7.72 -1.10
C ARG D 383 -10.09 -8.23 -2.21
N HIS D 384 -10.06 -7.55 -3.36
CA HIS D 384 -9.17 -7.93 -4.47
C HIS D 384 -7.75 -7.53 -4.09
N ILE D 385 -7.10 -8.40 -3.32
CA ILE D 385 -5.81 -8.10 -2.71
C ILE D 385 -4.80 -9.16 -3.11
N LEU D 386 -3.62 -8.71 -3.52
CA LEU D 386 -2.47 -9.56 -3.81
C LEU D 386 -1.33 -9.15 -2.90
N THR D 387 -0.86 -10.06 -2.06
CA THR D 387 0.20 -9.76 -1.12
C THR D 387 1.42 -10.64 -1.35
N ALA D 388 2.57 -10.10 -0.99
CA ALA D 388 3.82 -10.85 -1.10
C ALA D 388 4.60 -10.88 0.21
N TRP D 389 4.12 -10.21 1.25
CA TRP D 389 4.81 -10.15 2.54
C TRP D 389 4.44 -11.37 3.35
N ASN D 390 5.32 -12.36 3.38
CA ASN D 390 5.11 -13.59 4.13
C ASN D 390 6.12 -13.66 5.26
N PRO D 391 5.74 -13.37 6.50
CA PRO D 391 6.72 -13.40 7.61
C PRO D 391 7.38 -14.75 7.81
N SER D 392 6.76 -15.84 7.37
CA SER D 392 7.36 -17.15 7.55
C SER D 392 8.47 -17.45 6.56
N ALA D 393 8.56 -16.67 5.48
CA ALA D 393 9.52 -16.93 4.41
C ALA D 393 10.55 -15.83 4.23
N LEU D 394 10.49 -14.75 5.01
CA LEU D 394 11.39 -13.61 4.80
C LEU D 394 12.85 -14.03 4.91
N SER D 395 13.17 -14.94 5.84
CA SER D 395 14.56 -15.34 6.04
C SER D 395 15.10 -16.11 4.84
N GLN D 396 14.23 -16.78 4.09
CA GLN D 396 14.65 -17.55 2.92
C GLN D 396 14.77 -16.70 1.67
N MET D 397 14.32 -15.45 1.71
CA MET D 397 14.31 -14.62 0.51
C MET D 397 15.66 -13.97 0.29
N ALA D 398 16.07 -13.89 -0.97
CA ALA D 398 17.28 -13.15 -1.29
C ALA D 398 17.08 -11.66 -1.03
N LEU D 399 15.84 -11.19 -1.08
CA LEU D 399 15.49 -9.80 -0.80
C LEU D 399 14.01 -9.74 -0.44
N PRO D 400 13.66 -9.20 0.72
CA PRO D 400 12.25 -9.08 1.10
C PRO D 400 11.50 -8.21 0.11
N PRO D 401 10.18 -8.38 0.01
CA PRO D 401 9.42 -7.65 -1.03
C PRO D 401 9.42 -6.14 -0.80
N CYS D 402 9.72 -5.40 -1.87
CA CYS D 402 9.64 -3.95 -1.84
C CYS D 402 8.22 -3.46 -2.16
N HIS D 403 7.73 -3.81 -3.34
CA HIS D 403 6.30 -3.63 -3.63
C HIS D 403 5.55 -4.71 -2.88
N VAL D 404 5.00 -4.33 -1.73
CA VAL D 404 4.56 -5.31 -0.73
C VAL D 404 3.15 -5.80 -1.03
N LEU D 405 2.21 -4.87 -1.24
CA LEU D 405 0.80 -5.23 -1.36
C LEU D 405 0.14 -4.38 -2.43
N SER D 406 -0.77 -5.01 -3.17
CA SER D 406 -1.53 -4.33 -4.22
C SER D 406 -3.00 -4.68 -4.08
N GLN D 407 -3.87 -3.70 -4.33
CA GLN D 407 -5.31 -3.87 -4.26
C GLN D 407 -5.92 -3.38 -5.57
N TYR D 408 -7.01 -4.03 -5.98
CA TYR D 408 -7.62 -3.76 -7.27
C TYR D 408 -9.10 -3.45 -7.10
N TYR D 409 -9.62 -2.64 -8.02
CA TYR D 409 -10.93 -2.01 -7.85
C TYR D 409 -11.59 -1.88 -9.22
N VAL D 410 -12.84 -2.33 -9.31
CA VAL D 410 -13.61 -2.26 -10.55
C VAL D 410 -14.61 -1.12 -10.43
N THR D 411 -14.46 -0.11 -11.27
CA THR D 411 -15.35 1.04 -11.23
C THR D 411 -16.72 0.67 -11.81
N ASN D 412 -17.67 1.60 -11.69
CA ASN D 412 -19.00 1.37 -12.21
C ASN D 412 -19.01 1.34 -13.73
N ASP D 413 -18.07 2.04 -14.39
CA ASP D 413 -17.95 2.00 -15.83
C ASP D 413 -16.94 0.95 -16.30
N ASN D 414 -16.76 -0.13 -15.54
CA ASN D 414 -15.98 -1.29 -15.95
C ASN D 414 -14.53 -0.94 -16.24
N CYS D 415 -13.92 -0.18 -15.34
CA CYS D 415 -12.50 0.10 -15.37
C CYS D 415 -11.83 -0.51 -14.15
N LEU D 416 -10.57 -0.92 -14.33
CA LEU D 416 -9.81 -1.61 -13.29
C LEU D 416 -8.69 -0.70 -12.79
N SER D 417 -8.82 -0.22 -11.56
CA SER D 417 -7.80 0.59 -10.92
C SER D 417 -6.96 -0.27 -9.97
N CYS D 418 -5.80 0.26 -9.60
CA CYS D 418 -4.85 -0.47 -8.78
C CYS D 418 -4.20 0.46 -7.76
N ASN D 419 -4.17 0.02 -6.50
CA ASN D 419 -3.39 0.66 -5.44
C ASN D 419 -2.24 -0.25 -5.06
N LEU D 420 -1.08 0.34 -4.82
CA LEU D 420 0.12 -0.41 -4.46
C LEU D 420 0.81 0.25 -3.28
N TYR D 421 1.13 -0.54 -2.25
CA TYR D 421 1.94 -0.07 -1.15
C TYR D 421 3.35 -0.61 -1.29
N GLN D 422 4.33 0.29 -1.23
CA GLN D 422 5.73 -0.05 -1.42
C GLN D 422 6.50 0.39 -0.18
N ARG D 423 7.13 -0.57 0.52
CA ARG D 423 7.79 -0.26 1.78
C ARG D 423 9.08 0.53 1.58
N SER D 424 9.80 0.23 0.49
CA SER D 424 11.08 0.86 0.22
C SER D 424 11.15 1.14 -1.28
N CYS D 425 11.61 2.34 -1.62
CA CYS D 425 11.53 2.83 -3.00
C CYS D 425 12.86 3.45 -3.40
N ASP D 426 13.60 2.76 -4.26
CA ASP D 426 14.76 3.31 -4.95
C ASP D 426 14.24 4.19 -6.07
N LEU D 427 14.23 5.51 -5.85
CA LEU D 427 13.67 6.43 -6.83
C LEU D 427 14.49 6.51 -8.11
N GLY D 428 15.77 6.17 -8.07
CA GLY D 428 16.61 6.25 -9.25
C GLY D 428 16.40 5.09 -10.21
N LEU D 429 16.24 3.89 -9.68
CA LEU D 429 16.13 2.68 -10.49
C LEU D 429 14.81 1.95 -10.29
N GLY D 430 14.45 1.63 -9.04
CA GLY D 430 13.28 0.81 -8.82
C GLY D 430 11.97 1.50 -9.16
N SER D 431 11.84 2.77 -8.78
CA SER D 431 10.55 3.46 -8.93
C SER D 431 10.06 3.53 -10.37
N PRO D 432 10.87 3.94 -11.36
CA PRO D 432 10.36 3.91 -12.75
C PRO D 432 9.96 2.52 -13.20
N PHE D 433 10.66 1.48 -12.74
CA PHE D 433 10.25 0.12 -13.05
C PHE D 433 8.92 -0.23 -12.39
N ASN D 434 8.75 0.14 -11.12
CA ASN D 434 7.53 -0.23 -10.41
C ASN D 434 6.29 0.44 -11.02
N ILE D 435 6.44 1.69 -11.47
CA ILE D 435 5.32 2.40 -12.07
C ILE D 435 4.84 1.68 -13.33
N ALA D 436 5.79 1.36 -14.23
CA ALA D 436 5.43 0.71 -15.49
C ALA D 436 4.99 -0.73 -15.25
N SER D 437 5.61 -1.42 -14.29
CA SER D 437 5.33 -2.83 -14.07
C SER D 437 3.87 -3.03 -13.67
N TYR D 438 3.43 -2.38 -12.59
CA TYR D 438 2.06 -2.55 -12.14
C TYR D 438 1.05 -1.91 -13.08
N ALA D 439 1.50 -1.00 -13.95
CA ALA D 439 0.62 -0.51 -15.01
C ALA D 439 0.35 -1.62 -16.03
N ILE D 440 1.40 -2.34 -16.43
CA ILE D 440 1.22 -3.46 -17.36
C ILE D 440 0.39 -4.56 -16.73
N LEU D 441 0.66 -4.88 -15.46
CA LEU D 441 -0.08 -5.93 -14.77
C LEU D 441 -1.56 -5.59 -14.68
N THR D 442 -1.89 -4.33 -14.39
CA THR D 442 -3.29 -3.94 -14.32
C THR D 442 -3.96 -4.04 -15.69
N MET D 443 -3.22 -3.72 -16.76
CA MET D 443 -3.76 -3.86 -18.10
C MET D 443 -3.98 -5.32 -18.47
N MET D 444 -3.04 -6.20 -18.08
CA MET D 444 -3.21 -7.62 -18.33
C MET D 444 -4.45 -8.15 -17.60
N LEU D 445 -4.57 -7.81 -16.32
CA LEU D 445 -5.75 -8.23 -15.56
C LEU D 445 -7.03 -7.67 -16.16
N ALA D 446 -6.96 -6.49 -16.78
CA ALA D 446 -8.15 -5.89 -17.37
C ALA D 446 -8.61 -6.67 -18.59
N GLN D 447 -7.67 -7.09 -19.44
CA GLN D 447 -8.04 -7.82 -20.66
C GLN D 447 -8.56 -9.21 -20.31
N VAL D 448 -7.92 -9.90 -19.37
CA VAL D 448 -8.35 -11.24 -18.99
C VAL D 448 -9.72 -11.20 -18.31
N CYS D 449 -10.01 -10.14 -17.56
CA CYS D 449 -11.29 -10.01 -16.87
C CYS D 449 -12.33 -9.21 -17.67
N GLY D 450 -11.95 -8.66 -18.81
CA GLY D 450 -12.90 -7.94 -19.65
C GLY D 450 -13.17 -6.52 -19.22
N TYR D 451 -12.14 -5.78 -18.82
CA TYR D 451 -12.28 -4.38 -18.42
C TYR D 451 -11.29 -3.53 -19.20
N GLU D 452 -11.38 -2.22 -18.99
CA GLU D 452 -10.45 -1.22 -19.49
C GLU D 452 -9.55 -0.74 -18.35
N PRO D 453 -8.34 -0.29 -18.65
CA PRO D 453 -7.45 0.19 -17.58
C PRO D 453 -8.01 1.46 -16.94
N GLY D 454 -7.79 1.58 -15.64
CA GLY D 454 -8.28 2.72 -14.88
C GLY D 454 -7.18 3.64 -14.39
N GLU D 455 -6.98 3.70 -13.07
CA GLU D 455 -5.99 4.56 -12.46
C GLU D 455 -4.97 3.72 -11.69
N LEU D 456 -3.82 4.33 -11.41
CA LEU D 456 -2.75 3.68 -10.68
C LEU D 456 -2.25 4.61 -9.58
N ALA D 457 -2.39 4.18 -8.33
CA ALA D 457 -1.90 4.92 -7.17
C ALA D 457 -0.87 4.08 -6.44
N ILE D 458 0.28 4.68 -6.15
CA ILE D 458 1.39 3.99 -5.48
C ILE D 458 1.66 4.73 -4.17
N PHE D 459 1.54 4.02 -3.05
CA PHE D 459 1.81 4.58 -1.74
C PHE D 459 3.15 4.06 -1.24
N ILE D 460 4.03 4.98 -0.85
CA ILE D 460 5.43 4.67 -0.59
C ILE D 460 5.75 4.90 0.88
N GLY D 461 6.48 3.97 1.46
CA GLY D 461 7.01 4.13 2.80
C GLY D 461 8.30 4.92 2.82
N ASP D 462 9.44 4.23 2.69
CA ASP D 462 10.76 4.88 2.71
C ASP D 462 11.14 5.25 1.27
N ALA D 463 10.79 6.47 0.88
CA ALA D 463 11.19 7.01 -0.41
C ALA D 463 12.57 7.66 -0.28
N HIS D 464 13.54 7.18 -1.05
CA HIS D 464 14.92 7.58 -0.85
C HIS D 464 15.65 7.70 -2.18
N ILE D 465 16.78 8.41 -2.13
CA ILE D 465 17.67 8.59 -3.27
C ILE D 465 19.07 8.22 -2.83
N TYR D 466 19.68 7.26 -3.53
CA TYR D 466 21.04 6.87 -3.22
C TYR D 466 22.01 7.99 -3.63
N GLU D 467 23.02 8.23 -2.80
CA GLU D 467 23.86 9.41 -2.97
C GLU D 467 24.69 9.36 -4.25
N ASN D 468 24.87 8.18 -4.85
CA ASN D 468 25.54 8.10 -6.13
C ASN D 468 24.59 8.34 -7.31
N HIS D 469 23.35 8.72 -7.04
CA HIS D 469 22.38 9.06 -8.09
C HIS D 469 22.07 10.56 -8.12
N LEU D 470 22.75 11.36 -7.30
CA LEU D 470 22.41 12.78 -7.19
C LEU D 470 22.69 13.53 -8.49
N THR D 471 23.88 13.34 -9.06
CA THR D 471 24.20 14.00 -10.32
C THR D 471 23.25 13.58 -11.42
N GLN D 472 22.91 12.29 -11.47
CA GLN D 472 22.04 11.78 -12.54
C GLN D 472 20.63 12.33 -12.40
N LEU D 473 20.06 12.26 -11.19
CA LEU D 473 18.66 12.68 -11.02
C LEU D 473 18.50 14.18 -11.19
N LYS D 474 19.52 14.97 -10.83
CA LYS D 474 19.48 16.39 -11.10
C LYS D 474 19.51 16.68 -12.60
N GLU D 475 20.23 15.86 -13.37
CA GLU D 475 20.19 15.97 -14.82
C GLU D 475 18.79 15.65 -15.35
N GLN D 476 18.15 14.63 -14.78
CA GLN D 476 16.80 14.29 -15.20
C GLN D 476 15.80 15.39 -14.84
N LEU D 477 16.04 16.12 -13.75
CA LEU D 477 15.14 17.19 -13.35
C LEU D 477 15.25 18.43 -14.22
N SER D 478 16.27 18.52 -15.07
CA SER D 478 16.41 19.64 -16.00
C SER D 478 15.66 19.42 -17.31
N ARG D 479 15.01 18.27 -17.48
CA ARG D 479 14.35 17.90 -18.72
C ARG D 479 12.85 18.09 -18.57
N THR D 480 12.26 18.92 -19.44
CA THR D 480 10.82 19.11 -19.41
C THR D 480 10.12 17.85 -19.90
N PRO D 481 9.11 17.36 -19.18
CA PRO D 481 8.47 16.09 -19.59
C PRO D 481 7.79 16.22 -20.93
N ARG D 482 7.66 15.08 -21.60
CA ARG D 482 6.97 14.90 -22.86
C ARG D 482 5.75 14.01 -22.66
N PRO D 483 4.79 14.03 -23.59
CA PRO D 483 3.57 13.23 -23.39
C PRO D 483 3.86 11.73 -23.29
N PHE D 484 3.12 11.07 -22.41
CA PHE D 484 3.29 9.64 -22.21
C PHE D 484 2.97 8.88 -23.50
N PRO D 485 3.59 7.72 -23.71
CA PRO D 485 3.27 6.91 -24.89
C PRO D 485 2.01 6.09 -24.69
N GLN D 486 1.69 5.24 -25.67
CA GLN D 486 0.59 4.30 -25.57
C GLN D 486 1.12 2.87 -25.58
N LEU D 487 0.42 1.98 -24.88
CA LEU D 487 0.78 0.57 -24.83
C LEU D 487 -0.46 -0.25 -25.12
N LYS D 488 -0.45 -0.98 -26.24
CA LYS D 488 -1.57 -1.81 -26.65
C LYS D 488 -1.11 -3.25 -26.84
N PHE D 489 -2.04 -4.18 -26.65
CA PHE D 489 -1.79 -5.59 -26.87
C PHE D 489 -2.23 -5.98 -28.28
N LYS D 490 -1.39 -6.77 -28.96
CA LYS D 490 -1.66 -7.13 -30.34
C LYS D 490 -2.72 -8.22 -30.45
N ARG D 491 -2.86 -9.07 -29.42
CA ARG D 491 -3.84 -10.14 -29.43
C ARG D 491 -4.44 -10.30 -28.05
N LYS D 492 -5.60 -10.95 -28.00
CA LYS D 492 -6.30 -11.21 -26.75
C LYS D 492 -5.96 -12.63 -26.30
N VAL D 493 -5.21 -12.73 -25.21
CA VAL D 493 -4.81 -14.04 -24.69
C VAL D 493 -5.96 -14.66 -23.90
N GLU D 494 -5.90 -15.97 -23.73
CA GLU D 494 -6.90 -16.66 -22.92
C GLU D 494 -6.45 -16.86 -21.48
N ASN D 495 -5.13 -16.94 -21.25
CA ASN D 495 -4.58 -17.03 -19.91
C ASN D 495 -3.51 -15.96 -19.74
N ILE D 496 -3.42 -15.39 -18.54
CA ILE D 496 -2.49 -14.30 -18.29
C ILE D 496 -1.04 -14.73 -18.43
N GLU D 497 -0.75 -16.03 -18.34
CA GLU D 497 0.60 -16.52 -18.47
C GLU D 497 1.09 -16.60 -19.91
N ASP D 498 0.21 -16.38 -20.89
CA ASP D 498 0.55 -16.52 -22.29
C ASP D 498 1.11 -15.26 -22.93
N PHE D 499 1.22 -14.17 -22.17
CA PHE D 499 1.73 -12.93 -22.73
C PHE D 499 3.20 -13.06 -23.12
N LYS D 500 3.55 -12.49 -24.28
CA LYS D 500 4.90 -12.49 -24.78
C LYS D 500 5.29 -11.07 -25.15
N TRP D 501 6.60 -10.83 -25.26
CA TRP D 501 7.09 -9.48 -25.57
C TRP D 501 6.65 -9.04 -26.95
N GLU D 502 6.51 -9.97 -27.89
CA GLU D 502 6.03 -9.61 -29.23
C GLU D 502 4.57 -9.19 -29.23
N ASP D 503 3.81 -9.51 -28.18
CA ASP D 503 2.41 -9.13 -28.11
C ASP D 503 2.20 -7.68 -27.69
N ILE D 504 3.26 -6.99 -27.25
CA ILE D 504 3.16 -5.63 -26.74
C ILE D 504 3.61 -4.66 -27.84
N GLU D 505 2.81 -3.62 -28.05
CA GLU D 505 3.14 -2.56 -29.01
C GLU D 505 3.25 -1.24 -28.26
N LEU D 506 4.43 -0.62 -28.31
CA LEU D 506 4.69 0.66 -27.64
C LEU D 506 4.64 1.75 -28.70
N ILE D 507 3.61 2.60 -28.63
CA ILE D 507 3.30 3.59 -29.66
C ILE D 507 3.59 4.98 -29.12
N GLY D 508 4.44 5.72 -29.82
CA GLY D 508 4.65 7.12 -29.50
C GLY D 508 5.53 7.40 -28.30
N TYR D 509 6.62 6.64 -28.15
CA TYR D 509 7.54 6.83 -27.05
C TYR D 509 8.80 7.52 -27.57
N TYR D 510 8.95 8.81 -27.24
CA TYR D 510 10.09 9.62 -27.66
C TYR D 510 10.75 10.20 -26.41
N PRO D 511 11.50 9.40 -25.66
CA PRO D 511 12.06 9.87 -24.39
C PRO D 511 13.38 10.60 -24.58
N TYR D 512 13.85 11.18 -23.48
CA TYR D 512 15.19 11.74 -23.42
C TYR D 512 16.22 10.62 -23.33
N PRO D 513 17.49 10.90 -23.63
CA PRO D 513 18.51 9.84 -23.60
C PRO D 513 18.61 9.18 -22.22
N THR D 514 19.04 7.92 -22.25
CA THR D 514 19.13 7.13 -21.03
C THR D 514 20.21 7.67 -20.11
N ILE D 515 20.02 7.45 -18.80
CA ILE D 515 20.92 7.93 -17.76
C ILE D 515 21.39 6.73 -16.95
N LYS D 516 22.70 6.48 -16.94
CA LYS D 516 23.26 5.32 -16.28
C LYS D 516 23.36 5.56 -14.77
N MET D 517 22.87 4.60 -13.99
CA MET D 517 22.89 4.65 -12.53
C MET D 517 23.20 3.27 -11.99
N ASP D 518 24.13 3.19 -11.05
CA ASP D 518 24.53 1.91 -10.48
C ASP D 518 23.60 1.48 -9.37
N MET D 519 23.33 0.18 -9.30
CA MET D 519 22.47 -0.39 -8.28
C MET D 519 23.26 -0.72 -7.01
N ALA D 520 22.68 -0.39 -5.86
CA ALA D 520 23.29 -0.71 -4.58
C ALA D 520 22.93 -2.14 -4.19
N VAL D 521 23.93 -2.98 -3.99
CA VAL D 521 23.72 -4.39 -3.67
C VAL D 521 23.52 -4.59 -2.17
N GLU E 3 45.56 36.47 10.41
CA GLU E 3 45.61 36.09 11.82
C GLU E 3 44.31 36.43 12.53
N LYS E 4 43.47 35.41 12.75
CA LYS E 4 42.21 35.60 13.45
C LYS E 4 42.02 34.54 14.52
N ASN E 5 40.84 34.51 15.14
CA ASN E 5 40.60 33.68 16.31
C ASN E 5 40.09 32.28 15.92
N VAL E 6 40.48 31.29 16.72
CA VAL E 6 40.06 29.91 16.54
C VAL E 6 39.51 29.41 17.88
N SER E 7 38.24 28.99 17.88
CA SER E 7 37.55 28.59 19.10
C SER E 7 36.90 27.23 18.93
N ILE E 8 36.98 26.42 19.98
CA ILE E 8 36.30 25.13 20.02
C ILE E 8 34.91 25.32 20.61
N VAL E 9 33.90 24.71 19.97
CA VAL E 9 32.55 24.64 20.50
C VAL E 9 32.21 23.17 20.70
N VAL E 10 31.80 22.81 21.91
CA VAL E 10 31.55 21.41 22.25
C VAL E 10 30.54 21.34 23.38
N ALA E 11 29.75 20.27 23.39
CA ALA E 11 28.85 19.94 24.50
C ALA E 11 29.22 18.55 24.99
N ALA E 12 29.75 18.47 26.21
CA ALA E 12 30.22 17.22 26.77
C ALA E 12 29.58 16.96 28.13
N SER E 13 29.54 15.69 28.52
CA SER E 13 28.99 15.34 29.82
C SER E 13 29.92 15.80 30.95
N VAL E 14 29.35 15.91 32.15
CA VAL E 14 30.02 16.62 33.23
C VAL E 14 31.24 15.84 33.74
N LEU E 15 31.13 14.52 33.83
CA LEU E 15 32.19 13.70 34.41
C LEU E 15 33.08 13.04 33.36
N SER E 16 32.48 12.28 32.44
CA SER E 16 33.25 11.50 31.47
C SER E 16 33.50 12.25 30.16
N SER E 17 32.89 13.42 29.97
CA SER E 17 33.10 14.25 28.77
C SER E 17 32.66 13.53 27.50
N GLY E 18 31.57 12.76 27.59
CA GLY E 18 31.03 12.13 26.40
C GLY E 18 30.26 13.14 25.55
N ILE E 19 30.40 13.00 24.23
CA ILE E 19 29.81 13.96 23.32
C ILE E 19 28.95 13.28 22.26
N GLY E 20 29.05 11.96 22.14
CA GLY E 20 28.33 11.28 21.08
C GLY E 20 28.15 9.81 21.36
N ILE E 21 27.20 9.22 20.62
CA ILE E 21 26.92 7.79 20.71
C ILE E 21 26.25 7.34 19.42
N ASN E 22 26.82 6.32 18.77
CA ASN E 22 26.27 5.73 17.56
C ASN E 22 26.03 6.78 16.48
N GLY E 23 26.99 7.68 16.31
CA GLY E 23 26.90 8.68 15.27
C GLY E 23 25.91 9.80 15.52
N GLN E 24 25.40 9.94 16.74
CA GLN E 24 24.46 11.01 17.05
C GLN E 24 24.71 11.47 18.49
N LEU E 25 23.95 12.48 18.90
CA LEU E 25 24.11 13.04 20.24
C LEU E 25 23.40 12.18 21.28
N PRO E 26 23.95 12.06 22.48
CA PRO E 26 23.28 11.32 23.56
C PRO E 26 22.19 12.10 24.28
N TRP E 27 21.77 13.26 23.77
CA TRP E 27 20.73 14.05 24.39
C TRP E 27 20.11 14.95 23.33
N SER E 28 18.99 15.58 23.70
CA SER E 28 18.28 16.52 22.83
C SER E 28 17.98 17.76 23.66
N ILE E 29 18.85 18.76 23.56
CA ILE E 29 18.70 20.02 24.28
C ILE E 29 18.57 21.12 23.24
N SER E 30 17.39 21.74 23.18
CA SER E 30 17.15 22.77 22.17
C SER E 30 17.97 24.02 22.42
N GLU E 31 18.04 24.47 23.67
CA GLU E 31 18.76 25.71 23.97
C GLU E 31 20.24 25.61 23.66
N ASP E 32 20.82 24.41 23.75
CA ASP E 32 22.23 24.25 23.41
C ASP E 32 22.46 24.45 21.92
N LEU E 33 21.55 23.96 21.08
CA LEU E 33 21.68 24.18 19.65
C LEU E 33 21.55 25.66 19.31
N LYS E 34 20.63 26.36 19.97
CA LYS E 34 20.51 27.80 19.76
C LYS E 34 21.79 28.53 20.19
N PHE E 35 22.42 28.05 21.27
CA PHE E 35 23.69 28.62 21.69
C PHE E 35 24.77 28.39 20.64
N PHE E 36 24.84 27.17 20.10
CA PHE E 36 25.79 26.89 19.03
C PHE E 36 25.55 27.80 17.84
N SER E 37 24.28 28.05 17.50
CA SER E 37 23.98 28.90 16.36
C SER E 37 24.41 30.34 16.59
N LYS E 38 24.07 30.90 17.76
CA LYS E 38 24.37 32.31 18.02
C LYS E 38 25.86 32.53 18.22
N ILE E 39 26.58 31.55 18.76
CA ILE E 39 28.00 31.74 19.00
C ILE E 39 28.81 31.59 17.71
N THR E 40 28.32 30.81 16.73
CA THR E 40 29.02 30.64 15.47
C THR E 40 28.61 31.65 14.42
N ASN E 41 27.47 32.32 14.59
CA ASN E 41 27.07 33.40 13.71
C ASN E 41 27.55 34.76 14.18
N ASN E 42 28.01 34.87 15.42
CA ASN E 42 28.47 36.14 15.99
C ASN E 42 29.68 36.66 15.23
N LYS E 43 29.49 37.76 14.50
CA LYS E 43 30.56 38.35 13.72
C LYS E 43 30.44 39.87 13.78
N CYS E 44 31.51 40.55 13.36
CA CYS E 44 31.55 42.00 13.38
C CYS E 44 31.39 42.64 12.00
N ASP E 45 31.86 41.98 10.95
CA ASP E 45 31.76 42.48 9.59
C ASP E 45 30.62 41.79 8.87
N SER E 46 29.67 42.57 8.36
CA SER E 46 28.54 41.99 7.64
C SER E 46 28.95 41.42 6.28
N ASN E 47 30.06 41.88 5.72
CA ASN E 47 30.57 41.38 4.45
C ASN E 47 31.50 40.18 4.63
N LYS E 48 31.52 39.57 5.80
CA LYS E 48 32.37 38.41 6.07
C LYS E 48 31.52 37.28 6.66
N LYS E 49 32.06 36.07 6.58
CA LYS E 49 31.41 34.88 7.11
C LYS E 49 32.34 34.20 8.10
N ASN E 50 31.77 33.34 8.94
CA ASN E 50 32.54 32.50 9.84
C ASN E 50 32.66 31.09 9.27
N ALA E 51 33.78 30.42 9.58
CA ALA E 51 34.09 29.09 9.09
C ALA E 51 33.96 28.09 10.22
N LEU E 52 33.21 27.01 9.97
CA LEU E 52 32.99 25.95 10.95
C LEU E 52 33.69 24.68 10.47
N ILE E 53 34.79 24.33 11.12
CA ILE E 53 35.56 23.13 10.78
C ILE E 53 34.96 21.94 11.51
N MET E 54 34.70 20.86 10.77
CA MET E 54 34.15 19.65 11.38
C MET E 54 34.68 18.44 10.63
N GLY E 55 34.64 17.30 11.31
CA GLY E 55 35.02 16.04 10.69
C GLY E 55 33.93 15.50 9.79
N ARG E 56 34.28 14.44 9.06
CA ARG E 56 33.34 13.88 8.08
C ARG E 56 32.16 13.23 8.77
N LYS E 57 32.40 12.49 9.86
CA LYS E 57 31.30 11.82 10.54
C LYS E 57 30.32 12.82 11.15
N THR E 58 30.82 13.96 11.64
CA THR E 58 29.93 15.03 12.09
C THR E 58 29.18 15.63 10.91
N TRP E 59 29.86 15.77 9.77
CA TRP E 59 29.21 16.24 8.55
C TRP E 59 28.10 15.29 8.12
N ASP E 60 28.25 13.99 8.38
CA ASP E 60 27.18 13.05 8.08
C ASP E 60 26.05 13.17 9.09
N SER E 61 26.38 13.40 10.37
CA SER E 61 25.36 13.44 11.41
C SER E 61 24.41 14.63 11.27
N ILE E 62 24.82 15.69 10.57
CA ILE E 62 23.97 16.85 10.37
C ILE E 62 23.24 16.80 9.03
N GLY E 63 23.22 15.63 8.38
CA GLY E 63 22.48 15.45 7.14
C GLY E 63 23.19 15.95 5.90
N ARG E 64 24.45 16.36 6.00
CA ARG E 64 25.22 16.89 4.87
C ARG E 64 24.50 18.06 4.20
N ARG E 65 23.98 18.96 5.02
CA ARG E 65 23.32 20.16 4.53
C ARG E 65 23.97 21.39 5.14
N PRO E 66 24.09 22.48 4.38
CA PRO E 66 24.83 23.64 4.87
C PRO E 66 24.12 24.35 6.00
N LEU E 67 24.89 25.10 6.77
CA LEU E 67 24.39 25.93 7.85
C LEU E 67 24.26 27.38 7.39
N LYS E 68 23.14 28.00 7.75
CA LYS E 68 22.82 29.34 7.24
C LYS E 68 23.89 30.35 7.63
N ASN E 69 24.25 31.20 6.67
CA ASN E 69 25.15 32.34 6.82
C ASN E 69 26.59 31.95 7.14
N ARG E 70 26.92 30.66 7.11
CA ARG E 70 28.24 30.20 7.49
C ARG E 70 28.80 29.27 6.42
N ILE E 71 30.12 29.05 6.49
CA ILE E 71 30.84 28.18 5.58
C ILE E 71 31.36 26.98 6.37
N ILE E 72 30.97 25.78 5.94
CA ILE E 72 31.37 24.55 6.62
C ILE E 72 32.63 24.01 5.96
N VAL E 73 33.61 23.65 6.78
CA VAL E 73 34.88 23.08 6.32
C VAL E 73 34.93 21.64 6.81
N VAL E 74 34.88 20.69 5.89
CA VAL E 74 34.85 19.27 6.22
C VAL E 74 36.25 18.70 6.06
N ILE E 75 36.71 17.99 7.08
CA ILE E 75 37.98 17.27 7.03
C ILE E 75 37.69 15.83 6.61
N SER E 76 38.22 15.44 5.46
CA SER E 76 38.01 14.09 4.96
C SER E 76 39.11 13.75 3.98
N SER E 77 39.45 12.46 3.92
CA SER E 77 40.44 11.97 2.97
C SER E 77 39.80 11.41 1.70
N SER E 78 38.49 11.19 1.69
CA SER E 78 37.81 10.58 0.56
C SER E 78 36.77 11.46 -0.11
N LEU E 79 36.18 12.40 0.62
CA LEU E 79 35.11 13.22 0.06
C LEU E 79 35.60 14.01 -1.15
N PRO E 80 34.86 14.03 -2.25
CA PRO E 80 35.29 14.80 -3.43
C PRO E 80 35.27 16.28 -3.14
N GLN E 81 36.37 16.96 -3.48
CA GLN E 81 36.48 18.41 -3.31
C GLN E 81 35.57 19.09 -4.33
N ASP E 82 34.28 19.13 -4.00
CA ASP E 82 33.28 19.69 -4.88
C ASP E 82 33.35 21.22 -4.86
N GLU E 83 33.12 21.83 -6.01
CA GLU E 83 33.10 23.28 -6.14
C GLU E 83 31.71 23.83 -6.43
N ALA E 84 30.70 22.97 -6.54
CA ALA E 84 29.35 23.44 -6.81
C ALA E 84 28.78 24.22 -5.64
N ASP E 85 28.89 23.66 -4.43
CA ASP E 85 28.37 24.31 -3.24
C ASP E 85 29.40 25.28 -2.71
N PRO E 86 29.14 26.60 -2.73
CA PRO E 86 30.11 27.54 -2.16
C PRO E 86 30.09 27.62 -0.65
N ASN E 87 29.11 26.99 0.01
CA ASN E 87 29.01 27.01 1.47
C ASN E 87 29.65 25.79 2.12
N VAL E 88 30.19 24.86 1.34
CA VAL E 88 30.84 23.65 1.87
C VAL E 88 32.13 23.44 1.09
N VAL E 89 33.24 23.29 1.81
CA VAL E 89 34.54 23.05 1.21
C VAL E 89 35.21 21.91 1.96
N VAL E 90 36.04 21.14 1.26
CA VAL E 90 36.65 19.93 1.78
C VAL E 90 38.16 20.07 1.77
N PHE E 91 38.80 19.67 2.88
CA PHE E 91 40.25 19.65 2.99
C PHE E 91 40.72 18.27 3.43
N ARG E 92 41.95 17.93 3.05
CA ARG E 92 42.47 16.58 3.29
C ARG E 92 43.07 16.41 4.69
N ASN E 93 43.45 17.50 5.35
CA ASN E 93 43.97 17.42 6.70
C ASN E 93 43.62 18.70 7.44
N LEU E 94 43.73 18.64 8.77
CA LEU E 94 43.34 19.78 9.59
C LEU E 94 44.29 20.96 9.41
N GLU E 95 45.58 20.70 9.18
CA GLU E 95 46.53 21.79 9.03
C GLU E 95 46.27 22.59 7.75
N ASP E 96 46.01 21.90 6.64
CA ASP E 96 45.71 22.61 5.40
C ASP E 96 44.39 23.37 5.51
N SER E 97 43.43 22.86 6.28
CA SER E 97 42.18 23.58 6.48
C SER E 97 42.41 24.90 7.20
N ILE E 98 43.54 25.05 7.89
CA ILE E 98 43.92 26.33 8.47
C ILE E 98 44.46 27.20 7.33
N GLU E 99 43.62 27.42 6.33
CA GLU E 99 43.89 28.30 5.20
C GLU E 99 43.03 29.54 5.25
N ASN E 100 41.99 29.53 6.08
CA ASN E 100 41.24 30.75 6.37
C ASN E 100 42.12 31.80 7.03
N LEU E 101 43.22 31.38 7.66
CA LEU E 101 44.20 32.34 8.18
C LEU E 101 45.07 32.91 7.06
N MET E 102 45.73 32.03 6.29
CA MET E 102 46.73 32.46 5.32
C MET E 102 46.14 33.45 4.31
N ASN E 103 44.88 33.24 3.93
CA ASN E 103 44.22 34.17 3.02
C ASN E 103 42.73 34.17 3.34
N ASP E 104 41.89 34.31 2.32
CA ASP E 104 40.44 34.33 2.48
C ASP E 104 40.02 35.34 3.55
N ASP E 105 40.28 36.61 3.23
CA ASP E 105 39.95 37.70 4.13
C ASP E 105 38.46 37.87 4.34
N SER E 106 37.63 37.13 3.60
CA SER E 106 36.20 37.12 3.81
C SER E 106 35.78 36.25 5.00
N ILE E 107 36.73 35.58 5.64
CA ILE E 107 36.46 34.78 6.84
C ILE E 107 36.99 35.55 8.04
N GLU E 108 36.13 35.82 9.01
CA GLU E 108 36.49 36.60 10.17
C GLU E 108 36.89 35.74 11.36
N ASN E 109 36.11 34.71 11.69
CA ASN E 109 36.40 33.84 12.82
C ASN E 109 36.34 32.38 12.39
N ILE E 110 37.09 31.54 13.11
CA ILE E 110 37.17 30.12 12.83
C ILE E 110 36.69 29.36 14.06
N PHE E 111 35.83 28.37 13.84
CA PHE E 111 35.29 27.54 14.92
C PHE E 111 35.56 26.08 14.62
N VAL E 112 36.01 25.35 15.62
CA VAL E 112 36.25 23.92 15.52
C VAL E 112 35.05 23.22 16.18
N CYS E 113 34.28 22.49 15.38
CA CYS E 113 33.07 21.84 15.85
C CYS E 113 33.07 20.33 15.68
N GLY E 114 34.08 19.77 15.01
CA GLY E 114 34.10 18.37 14.65
C GLY E 114 34.11 17.41 15.81
N GLY E 115 34.17 16.11 15.51
CA GLY E 115 34.13 15.10 16.55
C GLY E 115 35.40 14.98 17.36
N GLU E 116 35.57 13.82 18.01
CA GLU E 116 36.74 13.61 18.86
C GLU E 116 38.03 13.71 18.07
N SER E 117 38.06 13.18 16.84
CA SER E 117 39.28 13.19 16.05
C SER E 117 39.72 14.62 15.74
N ILE E 118 38.75 15.50 15.43
CA ILE E 118 39.10 16.88 15.11
C ILE E 118 39.47 17.64 16.38
N TYR E 119 38.74 17.42 17.47
CA TYR E 119 39.06 18.08 18.73
C TYR E 119 40.45 17.70 19.22
N ARG E 120 40.78 16.41 19.15
CA ARG E 120 42.06 15.94 19.69
C ARG E 120 43.23 16.50 18.88
N ASP E 121 43.10 16.52 17.55
CA ASP E 121 44.19 17.04 16.73
C ASP E 121 44.27 18.56 16.76
N ALA E 122 43.18 19.25 17.11
CA ALA E 122 43.23 20.70 17.19
C ALA E 122 43.90 21.17 18.47
N LEU E 123 43.75 20.43 19.57
CA LEU E 123 44.43 20.76 20.81
C LEU E 123 45.87 20.23 20.82
N LYS E 124 46.10 19.08 20.18
CA LYS E 124 47.45 18.53 20.11
C LYS E 124 48.37 19.40 19.27
N ASP E 125 47.89 19.88 18.13
CA ASP E 125 48.69 20.73 17.24
C ASP E 125 48.66 22.19 17.65
N ASN E 126 47.98 22.53 18.75
CA ASN E 126 48.04 23.88 19.34
C ASN E 126 47.48 24.94 18.41
N PHE E 127 46.25 24.71 17.91
CA PHE E 127 45.58 25.66 17.04
C PHE E 127 44.48 26.46 17.75
N VAL E 128 44.10 26.06 18.96
CA VAL E 128 42.88 26.57 19.59
C VAL E 128 43.23 27.70 20.56
N ASP E 129 42.48 28.80 20.46
CA ASP E 129 42.60 29.94 21.37
C ASP E 129 41.57 29.92 22.48
N ARG E 130 40.31 29.57 22.18
CA ARG E 130 39.22 29.61 23.13
C ARG E 130 38.44 28.30 23.07
N ILE E 131 37.74 28.00 24.16
CA ILE E 131 36.93 26.79 24.25
C ILE E 131 35.57 27.16 24.83
N TYR E 132 34.51 26.96 24.05
CA TYR E 132 33.14 27.10 24.51
C TYR E 132 32.61 25.72 24.86
N LEU E 133 32.38 25.47 26.15
CA LEU E 133 32.01 24.15 26.65
C LEU E 133 30.62 24.20 27.28
N THR E 134 29.76 23.29 26.87
CA THR E 134 28.47 23.07 27.52
C THR E 134 28.57 21.77 28.31
N ARG E 135 28.57 21.87 29.64
CA ARG E 135 28.67 20.72 30.52
C ARG E 135 27.26 20.18 30.77
N VAL E 136 27.02 18.93 30.38
CA VAL E 136 25.70 18.30 30.50
C VAL E 136 25.73 17.29 31.63
N ALA E 137 24.69 17.31 32.46
CA ALA E 137 24.62 16.44 33.64
C ALA E 137 23.90 15.14 33.30
N LEU E 138 24.59 14.31 32.51
CA LEU E 138 24.14 12.97 32.15
C LEU E 138 25.34 12.05 32.12
N GLU E 139 25.35 11.02 32.96
CA GLU E 139 26.55 10.20 33.06
C GLU E 139 26.27 8.70 33.00
N ASP E 140 25.15 8.26 33.53
CA ASP E 140 24.85 6.83 33.54
C ASP E 140 24.23 6.34 32.24
N ILE E 141 24.75 6.82 31.10
CA ILE E 141 24.33 6.38 29.78
C ILE E 141 25.58 5.94 29.01
N GLU E 142 25.38 5.55 27.75
CA GLU E 142 26.45 4.98 26.95
C GLU E 142 27.03 6.03 26.02
N PHE E 143 28.36 6.09 25.96
CA PHE E 143 29.08 6.95 25.04
C PHE E 143 30.05 6.12 24.21
N ASP E 144 30.38 6.64 23.02
CA ASP E 144 31.47 6.08 22.23
C ASP E 144 32.38 7.16 21.65
N THR E 145 32.12 8.44 21.94
CA THR E 145 32.93 9.55 21.46
C THR E 145 33.08 10.54 22.60
N TYR E 146 34.30 10.96 22.87
CA TYR E 146 34.59 11.78 24.04
C TYR E 146 35.29 13.07 23.63
N PHE E 147 35.16 14.09 24.48
CA PHE E 147 35.93 15.31 24.34
C PHE E 147 37.25 15.17 25.10
N PRO E 148 38.39 15.43 24.47
CA PRO E 148 39.66 15.22 25.16
C PRO E 148 39.81 16.15 26.36
N GLU E 149 40.66 15.73 27.29
CA GLU E 149 40.91 16.52 28.48
C GLU E 149 41.52 17.86 28.11
N ILE E 150 40.99 18.93 28.71
CA ILE E 150 41.46 20.29 28.43
C ILE E 150 42.89 20.44 28.93
N PRO E 151 43.84 20.83 28.06
CA PRO E 151 45.23 20.95 28.50
C PRO E 151 45.43 22.07 29.50
N GLU E 152 46.54 21.99 30.23
CA GLU E 152 46.84 22.93 31.30
C GLU E 152 47.08 24.35 30.80
N THR E 153 47.29 24.55 29.50
CA THR E 153 47.47 25.90 28.97
C THR E 153 46.17 26.71 28.95
N PHE E 154 45.04 26.08 29.23
CA PHE E 154 43.75 26.76 29.26
C PHE E 154 43.31 27.00 30.69
N LEU E 155 42.62 28.13 30.90
CA LEU E 155 42.07 28.47 32.20
C LEU E 155 40.62 28.92 32.04
N PRO E 156 39.73 28.52 32.95
CA PRO E 156 38.34 28.94 32.84
C PRO E 156 38.18 30.41 33.23
N VAL E 157 37.35 31.12 32.46
CA VAL E 157 37.06 32.53 32.72
C VAL E 157 35.59 32.82 32.94
N TYR E 158 34.71 31.84 32.74
CA TYR E 158 33.28 32.07 32.88
C TYR E 158 32.57 30.76 33.16
N MET E 159 31.59 30.80 34.06
CA MET E 159 30.75 29.64 34.36
C MET E 159 29.36 30.16 34.66
N SER E 160 28.40 29.84 33.79
CA SER E 160 27.06 30.37 33.90
C SER E 160 26.29 29.67 35.03
N GLN E 161 25.09 30.19 35.30
CA GLN E 161 24.16 29.51 36.17
C GLN E 161 23.71 28.20 35.53
N THR E 162 23.11 27.34 36.35
CA THR E 162 22.61 26.07 35.86
C THR E 162 21.26 26.27 35.18
N PHE E 163 21.12 25.70 33.98
CA PHE E 163 19.86 25.73 33.23
C PHE E 163 19.25 24.34 33.21
N CYS E 164 18.00 24.26 32.78
CA CYS E 164 17.26 23.01 32.77
C CYS E 164 16.49 22.84 31.47
N THR E 165 16.57 21.64 30.90
CA THR E 165 15.78 21.26 29.73
C THR E 165 15.43 19.79 29.87
N LYS E 166 14.13 19.50 29.97
CA LYS E 166 13.64 18.13 30.15
C LYS E 166 14.27 17.47 31.36
N ASN E 167 14.33 18.21 32.46
CA ASN E 167 14.90 17.77 33.74
C ASN E 167 16.40 17.48 33.65
N ILE E 168 17.08 18.00 32.64
CA ILE E 168 18.52 17.83 32.47
C ILE E 168 19.21 19.16 32.79
N SER E 169 20.18 19.12 33.71
CA SER E 169 20.94 20.30 34.08
C SER E 169 22.15 20.46 33.16
N TYR E 170 22.47 21.70 32.82
CA TYR E 170 23.65 21.96 32.00
C TYR E 170 24.19 23.36 32.27
N ASP E 171 25.48 23.54 31.96
CA ASP E 171 26.22 24.77 32.17
C ASP E 171 26.81 25.27 30.87
N PHE E 172 27.32 26.50 30.91
CA PHE E 172 28.08 27.08 29.82
C PHE E 172 29.35 27.68 30.39
N MET E 173 30.49 27.27 29.85
CA MET E 173 31.80 27.74 30.32
C MET E 173 32.65 28.22 29.16
N ILE E 174 33.57 29.13 29.47
CA ILE E 174 34.53 29.66 28.50
C ILE E 174 35.93 29.40 29.05
N PHE E 175 36.79 28.81 28.23
CA PHE E 175 38.19 28.58 28.57
C PHE E 175 39.08 29.40 27.65
N GLU E 176 40.08 30.04 28.22
CA GLU E 176 40.99 30.89 27.49
C GLU E 176 42.41 30.35 27.62
N LYS E 177 43.20 30.50 26.55
CA LYS E 177 44.57 30.02 26.55
C LYS E 177 45.49 31.12 27.08
N GLN E 178 46.20 30.81 28.16
CA GLN E 178 47.06 31.79 28.82
C GLN E 178 48.42 31.86 28.14
N GLU E 179 48.84 33.08 27.79
CA GLU E 179 50.15 33.30 27.17
C GLU E 179 51.15 33.89 28.16
N LEU E 193 40.45 52.32 35.46
CA LEU E 193 41.83 52.73 35.17
C LEU E 193 42.69 52.52 36.41
N LYS E 194 44.00 52.46 36.22
CA LYS E 194 44.92 52.25 37.33
C LYS E 194 44.88 53.38 38.35
N SER E 195 44.43 54.58 37.95
CA SER E 195 44.41 55.71 38.86
C SER E 195 43.47 55.47 40.03
N ILE E 196 42.35 54.80 39.79
CA ILE E 196 41.39 54.54 40.86
C ILE E 196 41.95 53.51 41.84
N ASP E 197 42.54 52.43 41.32
CA ASP E 197 43.08 51.39 42.20
C ASP E 197 44.24 51.93 43.05
N ASP E 198 45.08 52.79 42.47
CA ASP E 198 46.20 53.34 43.23
C ASP E 198 45.70 54.27 44.33
N THR E 199 44.69 55.09 44.04
CA THR E 199 44.17 56.00 45.04
C THR E 199 43.54 55.25 46.21
N VAL E 200 42.76 54.20 45.92
CA VAL E 200 42.14 53.41 46.99
C VAL E 200 43.20 52.75 47.85
N ASP E 201 44.30 52.28 47.23
CA ASP E 201 45.38 51.68 48.00
C ASP E 201 46.04 52.72 48.92
N LEU E 202 46.27 53.93 48.41
CA LEU E 202 46.88 54.97 49.23
C LEU E 202 45.98 55.35 50.40
N LEU E 203 44.67 55.44 50.15
CA LEU E 203 43.74 55.70 51.26
C LEU E 203 43.72 54.54 52.25
N GLY E 204 43.96 53.32 51.78
CA GLY E 204 44.04 52.18 52.67
C GLY E 204 45.32 52.10 53.47
N GLU E 205 46.36 52.83 53.06
CA GLU E 205 47.58 52.90 53.84
C GLU E 205 47.52 54.01 54.87
N ILE E 206 46.93 55.15 54.50
CA ILE E 206 46.73 56.24 55.46
C ILE E 206 45.78 55.81 56.57
N PHE E 207 44.52 55.53 56.20
CA PHE E 207 43.57 54.98 57.16
C PHE E 207 43.75 53.47 57.26
N GLY E 208 43.80 52.97 58.48
CA GLY E 208 43.92 51.54 58.66
C GLY E 208 42.58 50.84 58.54
N ILE E 209 42.06 50.38 59.67
CA ILE E 209 40.77 49.73 59.69
C ILE E 209 39.67 50.78 59.87
N ARG E 210 40.06 52.06 59.80
CA ARG E 210 39.06 53.11 59.77
C ARG E 210 38.35 53.16 58.42
N LYS E 211 39.03 52.73 57.36
CA LYS E 211 38.41 52.59 56.06
C LYS E 211 37.72 51.23 55.97
N MET E 212 36.41 51.25 55.76
CA MET E 212 35.62 50.02 55.85
C MET E 212 36.08 48.98 54.84
N GLY E 213 36.65 49.42 53.72
CA GLY E 213 37.16 48.46 52.75
C GLY E 213 38.23 47.55 53.31
N ASN E 214 39.04 48.05 54.24
CA ASN E 214 40.09 47.23 54.83
C ASN E 214 39.55 46.18 55.78
N ARG E 215 38.31 46.33 56.24
CA ARG E 215 37.65 45.29 57.01
C ARG E 215 36.95 44.26 56.13
N HIS E 216 36.85 44.52 54.82
CA HIS E 216 36.24 43.60 53.87
C HIS E 216 37.21 43.37 52.71
N LYS E 217 38.40 42.87 53.04
CA LYS E 217 39.44 42.68 52.04
C LYS E 217 39.07 41.55 51.08
N PHE E 218 39.37 41.75 49.80
CA PHE E 218 39.11 40.72 48.80
C PHE E 218 39.98 39.50 49.07
N PRO E 219 39.43 38.29 49.00
CA PRO E 219 40.22 37.10 49.33
C PRO E 219 41.41 36.92 48.39
N LYS E 220 42.50 36.43 48.95
CA LYS E 220 43.71 36.15 48.18
C LYS E 220 43.46 34.96 47.25
N GLU E 221 44.32 34.86 46.22
CA GLU E 221 44.16 33.81 45.22
C GLU E 221 44.25 32.42 45.84
N GLU E 222 45.05 32.25 46.88
CA GLU E 222 45.28 30.93 47.46
C GLU E 222 44.05 30.39 48.19
N ILE E 223 43.04 31.22 48.45
CA ILE E 223 41.84 30.76 49.15
C ILE E 223 40.61 31.10 48.33
N TYR E 224 40.80 31.38 47.04
CA TYR E 224 39.72 31.75 46.14
C TYR E 224 39.48 30.59 45.17
N ASN E 225 38.26 30.07 45.18
CA ASN E 225 37.92 28.93 44.34
C ASN E 225 37.96 29.32 42.87
N THR E 226 38.75 28.58 42.07
CA THR E 226 38.92 28.79 40.64
C THR E 226 39.24 30.26 40.37
N PRO E 227 40.46 30.71 40.72
CA PRO E 227 40.75 32.15 40.67
C PRO E 227 40.73 32.72 39.26
N SER E 228 40.91 31.90 38.23
CA SER E 228 40.95 32.42 36.87
C SER E 228 39.59 32.96 36.42
N ILE E 229 38.51 32.55 37.07
CA ILE E 229 37.18 33.09 36.79
C ILE E 229 37.02 34.34 37.65
N ARG E 230 37.29 35.50 37.05
CA ARG E 230 37.22 36.78 37.76
C ARG E 230 35.89 37.49 37.53
N PHE E 231 35.48 37.65 36.28
CA PHE E 231 34.28 38.40 35.93
C PHE E 231 33.12 37.52 35.51
N GLY E 232 33.25 36.20 35.58
CA GLY E 232 32.20 35.31 35.14
C GLY E 232 31.76 34.31 36.20
N ARG E 233 31.70 34.79 37.44
CA ARG E 233 31.27 33.98 38.58
C ARG E 233 29.74 33.96 38.66
N GLU E 234 29.15 33.43 37.60
CA GLU E 234 27.70 33.44 37.51
C GLU E 234 27.06 32.25 38.21
N HIS E 235 27.70 31.09 38.20
CA HIS E 235 27.17 29.92 38.88
C HIS E 235 26.95 30.23 40.35
N TYR E 236 25.72 30.05 40.82
CA TYR E 236 25.36 30.54 42.14
C TYR E 236 25.94 29.72 43.27
N GLU E 237 26.65 28.63 42.98
CA GLU E 237 27.42 27.99 44.04
C GLU E 237 28.60 28.87 44.49
N PHE E 238 29.07 29.76 43.62
CA PHE E 238 30.08 30.73 44.02
C PHE E 238 29.60 31.66 45.13
N GLN E 239 28.28 31.83 45.27
CA GLN E 239 27.75 32.63 46.36
C GLN E 239 28.09 32.00 47.71
N TYR E 240 28.22 30.68 47.76
CA TYR E 240 28.62 30.01 48.99
C TYR E 240 30.14 29.90 49.11
N LEU E 241 30.82 29.53 48.03
CA LEU E 241 32.27 29.34 48.08
C LEU E 241 32.98 30.67 48.38
N ASP E 242 32.54 31.76 47.75
CA ASP E 242 33.16 33.05 48.02
C ASP E 242 32.90 33.51 49.46
N LEU E 243 31.81 33.07 50.06
CA LEU E 243 31.57 33.37 51.47
C LEU E 243 32.58 32.65 52.36
N LEU E 244 32.93 31.42 52.01
CA LEU E 244 34.02 30.74 52.71
C LEU E 244 35.32 31.52 52.56
N SER E 245 35.63 31.95 51.33
CA SER E 245 36.85 32.72 51.10
C SER E 245 36.83 34.04 51.86
N ARG E 246 35.66 34.70 51.91
CA ARG E 246 35.56 35.96 52.61
C ARG E 246 35.83 35.78 54.11
N VAL E 247 35.40 34.65 54.67
CA VAL E 247 35.65 34.38 56.09
C VAL E 247 37.11 34.06 56.33
N LEU E 248 37.71 33.22 55.48
CA LEU E 248 39.11 32.88 55.65
C LEU E 248 40.01 34.11 55.55
N GLU E 249 39.56 35.14 54.83
CA GLU E 249 40.38 36.33 54.64
C GLU E 249 40.21 37.34 55.77
N ASN E 250 38.99 37.55 56.25
CA ASN E 250 38.71 38.61 57.21
C ASN E 250 38.16 38.10 58.55
N GLY E 251 37.95 36.79 58.70
CA GLY E 251 37.36 36.25 59.90
C GLY E 251 38.18 36.47 61.15
N ALA E 252 37.55 37.03 62.18
CA ALA E 252 38.23 37.27 63.45
C ALA E 252 38.19 36.02 64.32
N TYR E 253 39.32 35.70 64.93
CA TYR E 253 39.42 34.54 65.81
C TYR E 253 38.70 34.83 67.11
N ARG E 254 37.58 34.14 67.35
CA ARG E 254 36.72 34.41 68.50
C ARG E 254 36.32 33.10 69.17
N GLU E 255 36.12 33.17 70.48
CA GLU E 255 35.62 32.05 71.25
C GLU E 255 34.10 32.09 71.32
N ASN E 256 33.51 30.94 71.64
CA ASN E 256 32.06 30.83 71.71
C ASN E 256 31.70 29.84 72.81
N ARG E 257 30.41 29.51 72.92
CA ARG E 257 29.93 28.63 73.99
C ARG E 257 30.54 27.23 73.90
N THR E 258 31.06 26.84 72.75
CA THR E 258 31.73 25.57 72.60
C THR E 258 33.24 25.74 72.85
N GLY E 259 33.93 24.62 73.03
CA GLY E 259 35.38 24.69 73.17
C GLY E 259 36.13 24.98 71.89
N ILE E 260 35.44 24.96 70.75
CA ILE E 260 36.07 25.14 69.44
C ILE E 260 35.82 26.57 68.99
N SER E 261 36.90 27.32 68.81
CA SER E 261 36.81 28.71 68.37
C SER E 261 36.57 28.78 66.87
N THR E 262 36.11 29.95 66.42
CA THR E 262 35.77 30.17 65.02
C THR E 262 36.48 31.42 64.50
N TYR E 263 36.49 31.53 63.17
CA TYR E 263 36.84 32.77 62.49
C TYR E 263 35.54 33.36 61.96
N SER E 264 35.21 34.57 62.41
CA SER E 264 33.85 35.09 62.28
C SER E 264 33.85 36.47 61.62
N ILE E 265 32.86 36.69 60.74
CA ILE E 265 32.51 38.00 60.22
C ILE E 265 31.01 38.18 60.41
N PHE E 266 30.54 39.42 60.22
CA PHE E 266 29.17 39.79 60.54
C PHE E 266 28.53 40.50 59.34
N GLY E 267 27.38 40.02 58.92
CA GLY E 267 26.60 40.65 57.85
C GLY E 267 26.97 40.20 56.45
N GLN E 268 26.42 39.06 56.01
CA GLN E 268 26.67 38.54 54.68
C GLN E 268 25.36 38.06 54.09
N MET E 269 25.39 37.72 52.79
CA MET E 269 24.19 37.23 52.11
C MET E 269 24.59 36.32 50.95
N MET E 270 23.63 35.49 50.55
CA MET E 270 23.78 34.58 49.42
C MET E 270 22.47 34.51 48.64
N ARG E 271 22.57 34.52 47.31
CA ARG E 271 21.41 34.38 46.43
C ARG E 271 21.50 33.08 45.67
N PHE E 272 20.36 32.42 45.49
CA PHE E 272 20.28 31.18 44.74
C PHE E 272 19.05 31.18 43.85
N ASP E 273 19.21 30.71 42.63
CA ASP E 273 18.09 30.52 41.73
C ASP E 273 17.44 29.17 42.04
N MET E 274 16.11 29.11 41.90
CA MET E 274 15.38 27.86 42.05
C MET E 274 14.48 27.57 40.86
N ARG E 275 14.48 28.42 39.83
CA ARG E 275 13.65 28.18 38.66
C ARG E 275 14.25 27.10 37.76
N GLU E 276 15.56 27.17 37.50
CA GLU E 276 16.21 26.29 36.54
C GLU E 276 17.10 25.24 37.18
N SER E 277 17.18 25.19 38.51
CA SER E 277 18.02 24.20 39.19
C SER E 277 17.66 24.19 40.67
N PHE E 278 18.30 23.28 41.41
CA PHE E 278 18.11 23.14 42.85
C PHE E 278 19.44 23.36 43.55
N PRO E 279 19.53 24.32 44.48
CA PRO E 279 20.85 24.68 45.04
C PRO E 279 21.40 23.66 46.02
N LEU E 280 21.78 22.47 45.52
CA LEU E 280 22.45 21.46 46.32
C LEU E 280 23.93 21.47 45.93
N LEU E 281 24.80 21.73 46.90
CA LEU E 281 26.21 21.96 46.60
C LEU E 281 26.84 20.76 45.91
N THR E 282 27.65 21.04 44.89
CA THR E 282 28.33 20.00 44.14
C THR E 282 29.78 19.81 44.55
N THR E 283 30.41 20.80 45.17
CA THR E 283 31.79 20.66 45.63
C THR E 283 31.91 19.72 46.83
N LYS E 284 30.83 19.10 47.26
CA LYS E 284 30.82 18.19 48.40
C LYS E 284 29.52 17.42 48.37
N LYS E 285 29.61 16.10 48.60
CA LYS E 285 28.41 15.27 48.64
C LYS E 285 27.59 15.61 49.88
N VAL E 286 26.39 16.15 49.68
CA VAL E 286 25.52 16.60 50.76
C VAL E 286 24.46 15.55 51.03
N ALA E 287 24.26 15.23 52.31
CA ALA E 287 23.25 14.25 52.72
C ALA E 287 21.84 14.82 52.53
N ILE E 288 21.31 14.69 51.31
CA ILE E 288 20.03 15.31 50.99
C ILE E 288 18.90 14.63 51.76
N ARG E 289 19.01 13.33 52.03
CA ARG E 289 17.93 12.63 52.72
C ARG E 289 17.77 13.12 54.15
N SER E 290 18.89 13.32 54.87
CA SER E 290 18.81 13.85 56.22
C SER E 290 18.23 15.26 56.24
N ILE E 291 18.53 16.07 55.21
CA ILE E 291 17.97 17.41 55.13
C ILE E 291 16.45 17.36 55.04
N PHE E 292 15.93 16.52 54.13
CA PHE E 292 14.49 16.40 53.97
C PHE E 292 13.85 15.85 55.24
N GLU E 293 14.44 14.79 55.81
CA GLU E 293 13.85 14.16 56.98
C GLU E 293 13.78 15.13 58.16
N GLU E 294 14.74 16.06 58.24
CA GLU E 294 14.67 17.11 59.25
C GLU E 294 13.59 18.13 58.92
N LEU E 295 13.42 18.47 57.64
CA LEU E 295 12.45 19.48 57.26
C LEU E 295 11.02 19.00 57.52
N ILE E 296 10.70 17.77 57.09
CA ILE E 296 9.36 17.24 57.35
C ILE E 296 9.16 17.05 58.85
N TRP E 297 10.25 16.86 59.59
CA TRP E 297 10.18 16.80 61.04
C TRP E 297 9.77 18.16 61.61
N PHE E 298 10.23 19.25 61.00
CA PHE E 298 9.79 20.58 61.39
C PHE E 298 8.33 20.80 61.01
N ILE E 299 7.96 20.47 59.77
CA ILE E 299 6.62 20.76 59.28
C ILE E 299 5.57 20.06 60.13
N LYS E 300 5.81 18.79 60.49
CA LYS E 300 4.88 18.04 61.31
C LYS E 300 4.75 18.60 62.73
N GLY E 301 5.60 19.54 63.11
CA GLY E 301 5.55 20.10 64.45
C GLY E 301 6.25 19.28 65.51
N ASP E 302 7.11 18.36 65.11
CA ASP E 302 7.71 17.40 66.04
C ASP E 302 8.97 17.97 66.66
N THR E 303 9.15 17.69 67.95
CA THR E 303 10.38 18.03 68.66
C THR E 303 11.03 16.82 69.31
N ASN E 304 10.55 15.62 69.03
CA ASN E 304 11.11 14.38 69.56
C ASN E 304 12.33 14.00 68.73
N GLY E 305 13.52 14.09 69.33
CA GLY E 305 14.74 13.76 68.62
C GLY E 305 14.87 12.30 68.23
N ASN E 306 14.13 11.41 68.90
CA ASN E 306 14.23 10.00 68.57
C ASN E 306 13.64 9.69 67.20
N HIS E 307 12.63 10.46 66.77
CA HIS E 307 12.02 10.19 65.47
C HIS E 307 13.00 10.39 64.33
N LEU E 308 14.01 11.25 64.52
CA LEU E 308 15.06 11.40 63.52
C LEU E 308 16.09 10.28 63.62
N ILE E 309 16.42 9.86 64.85
CA ILE E 309 17.37 8.78 65.03
C ILE E 309 16.79 7.46 64.54
N GLU E 310 15.48 7.26 64.68
CA GLU E 310 14.84 6.05 64.17
C GLU E 310 14.92 5.96 62.65
N LYS E 311 15.01 7.09 61.97
CA LYS E 311 15.19 7.13 60.53
C LYS E 311 16.66 7.29 60.13
N LYS E 312 17.58 6.98 61.06
CA LYS E 312 19.02 7.05 60.83
C LYS E 312 19.46 8.46 60.43
N VAL E 313 18.98 9.45 61.18
CA VAL E 313 19.38 10.84 61.03
C VAL E 313 19.84 11.31 62.40
N TYR E 314 21.13 11.60 62.53
CA TYR E 314 21.74 11.87 63.83
C TYR E 314 22.26 13.30 63.95
N ILE E 315 21.69 14.24 63.20
CA ILE E 315 22.20 15.61 63.23
C ILE E 315 21.82 16.35 64.51
N TRP E 316 20.79 15.90 65.22
CA TRP E 316 20.37 16.53 66.47
C TRP E 316 20.73 15.69 67.70
N SER E 317 21.63 14.71 67.54
CA SER E 317 22.02 13.88 68.67
C SER E 317 22.92 14.65 69.64
N GLY E 318 23.82 15.48 69.11
CA GLY E 318 24.76 16.18 69.98
C GLY E 318 24.06 17.16 70.90
N ASN E 319 23.16 17.97 70.36
CA ASN E 319 22.44 18.95 71.16
C ASN E 319 21.27 18.35 71.91
N GLY E 320 21.13 17.03 71.90
CA GLY E 320 20.03 16.39 72.61
C GLY E 320 20.48 15.16 73.39
N SER E 321 21.70 15.19 73.91
CA SER E 321 22.19 14.10 74.75
C SER E 321 21.94 14.42 76.22
N LYS E 322 22.01 13.39 77.05
CA LYS E 322 21.80 13.58 78.48
C LYS E 322 22.87 14.47 79.09
N GLU E 323 24.11 14.36 78.60
CA GLU E 323 25.19 15.19 79.12
C GLU E 323 25.04 16.65 78.70
N TYR E 324 24.66 16.89 77.44
CA TYR E 324 24.51 18.27 76.99
C TYR E 324 23.31 18.95 77.64
N LEU E 325 22.18 18.25 77.74
CA LEU E 325 20.99 18.88 78.31
C LEU E 325 21.22 19.23 79.78
N GLU E 326 21.86 18.34 80.53
CA GLU E 326 22.17 18.64 81.93
C GLU E 326 23.21 19.75 82.05
N ARG E 327 24.11 19.86 81.08
CA ARG E 327 25.14 20.90 81.12
C ARG E 327 24.55 22.29 80.90
N ILE E 328 23.48 22.40 80.11
CA ILE E 328 22.88 23.69 79.82
C ILE E 328 21.73 23.96 80.78
N GLY E 329 21.55 23.09 81.77
CA GLY E 329 20.53 23.28 82.77
C GLY E 329 19.18 22.67 82.49
N LEU E 330 19.12 21.64 81.64
CA LEU E 330 17.86 20.97 81.34
C LEU E 330 17.93 19.49 81.70
N GLY E 331 18.46 19.19 82.88
CA GLY E 331 18.60 17.82 83.33
C GLY E 331 17.28 17.11 83.56
N HIS E 332 16.21 17.86 83.83
CA HIS E 332 14.90 17.28 84.00
C HIS E 332 14.36 16.65 82.72
N ARG E 333 14.84 17.08 81.56
CA ARG E 333 14.29 16.64 80.30
C ARG E 333 14.68 15.19 80.00
N GLU E 334 13.81 14.51 79.26
CA GLU E 334 14.11 13.17 78.78
C GLU E 334 15.26 13.24 77.78
N GLU E 335 15.85 12.07 77.50
CA GLU E 335 17.06 11.94 76.68
C GLU E 335 17.10 12.87 75.48
N ASN E 336 16.20 12.68 74.52
CA ASN E 336 16.24 13.45 73.27
C ASN E 336 15.11 14.45 73.16
N ASP E 337 14.57 14.91 74.29
CA ASP E 337 13.56 15.96 74.29
C ASP E 337 14.25 17.30 74.09
N LEU E 338 14.10 17.87 72.90
CA LEU E 338 14.78 19.09 72.51
C LEU E 338 14.06 20.35 72.96
N GLY E 339 12.81 20.23 73.37
CA GLY E 339 12.04 21.37 73.84
C GLY E 339 11.35 22.06 72.69
N PRO E 340 10.73 23.20 72.97
CA PRO E 340 10.04 23.93 71.90
C PRO E 340 11.04 24.56 70.95
N ILE E 341 11.16 24.02 69.74
CA ILE E 341 12.16 24.51 68.79
C ILE E 341 11.46 24.60 67.45
N TYR E 342 12.24 24.63 66.36
CA TYR E 342 11.66 24.57 65.02
C TYR E 342 10.57 23.51 64.95
N GLY E 343 9.47 23.87 64.32
CA GLY E 343 8.29 23.02 64.25
C GLY E 343 7.39 23.09 65.46
N PHE E 344 7.82 23.70 66.56
CA PHE E 344 6.89 23.96 67.64
C PHE E 344 6.50 25.42 67.68
N GLN E 345 7.40 26.31 67.27
CA GLN E 345 7.02 27.67 66.98
C GLN E 345 6.33 27.80 65.63
N TRP E 346 6.58 26.86 64.71
CA TRP E 346 5.90 26.90 63.42
C TRP E 346 4.42 26.55 63.56
N ARG E 347 4.10 25.55 64.37
CA ARG E 347 2.74 25.04 64.46
C ARG E 347 2.03 25.41 65.76
N HIS E 348 2.76 25.69 66.84
CA HIS E 348 2.16 25.99 68.12
C HIS E 348 2.91 27.16 68.78
N TYR E 349 2.94 28.29 68.09
CA TYR E 349 3.68 29.45 68.60
C TYR E 349 3.04 29.96 69.89
N ASN E 350 3.89 30.32 70.85
CA ASN E 350 3.46 30.78 72.18
C ASN E 350 2.69 29.70 72.94
N GLY E 351 2.88 28.44 72.59
CA GLY E 351 2.21 27.36 73.29
C GLY E 351 3.03 26.90 74.49
N GLU E 352 2.34 26.65 75.60
CA GLU E 352 2.99 26.20 76.82
C GLU E 352 3.51 24.78 76.63
N TYR E 353 4.83 24.63 76.62
CA TYR E 353 5.47 23.34 76.36
C TYR E 353 5.59 22.55 77.66
N LYS E 354 5.25 21.27 77.60
CA LYS E 354 5.44 20.37 78.74
C LYS E 354 6.57 19.39 78.42
N THR E 355 6.24 18.32 77.73
CA THR E 355 7.23 17.35 77.25
C THR E 355 6.97 17.08 75.77
N MET E 356 7.80 16.20 75.21
CA MET E 356 7.66 15.82 73.81
C MET E 356 6.59 14.76 73.58
N HIS E 357 5.95 14.25 74.64
CA HIS E 357 4.95 13.21 74.52
C HIS E 357 3.52 13.73 74.57
N ASP E 358 3.33 14.99 74.95
CA ASP E 358 1.99 15.53 75.11
C ASP E 358 1.35 15.85 73.76
N ASP E 359 0.03 16.06 73.79
CA ASP E 359 -0.75 16.40 72.61
C ASP E 359 -0.90 17.91 72.56
N TYR E 360 -0.41 18.52 71.47
CA TYR E 360 -0.45 19.97 71.32
C TYR E 360 -1.39 20.41 70.19
N THR E 361 -2.29 19.54 69.75
CA THR E 361 -3.22 19.89 68.69
C THR E 361 -4.20 20.94 69.19
N GLY E 362 -4.12 22.15 68.63
CA GLY E 362 -5.01 23.24 68.95
C GLY E 362 -4.34 24.38 69.71
N VAL E 363 -3.27 24.08 70.44
CA VAL E 363 -2.61 25.09 71.26
C VAL E 363 -1.60 25.86 70.41
N GLY E 364 -1.49 27.15 70.67
CA GLY E 364 -0.55 28.00 69.95
C GLY E 364 -1.06 28.44 68.60
N VAL E 365 -0.30 29.35 67.99
CA VAL E 365 -0.62 29.89 66.67
C VAL E 365 0.03 29.01 65.62
N ASP E 366 -0.77 28.55 64.65
CA ASP E 366 -0.27 27.72 63.55
C ASP E 366 0.18 28.66 62.43
N GLN E 367 1.45 29.06 62.48
CA GLN E 367 1.99 29.99 61.50
C GLN E 367 2.00 29.38 60.10
N LEU E 368 2.41 28.11 60.00
CA LEU E 368 2.53 27.49 58.68
C LEU E 368 1.17 27.39 57.99
N ALA E 369 0.12 27.06 58.75
CA ALA E 369 -1.22 26.98 58.17
C ALA E 369 -1.68 28.35 57.67
N LYS E 370 -1.51 29.38 58.50
CA LYS E 370 -1.92 30.72 58.09
C LYS E 370 -1.05 31.23 56.94
N LEU E 371 0.21 30.79 56.87
CA LEU E 371 1.07 31.16 55.77
C LEU E 371 0.54 30.59 54.45
N ILE E 372 0.21 29.30 54.45
CA ILE E 372 -0.35 28.68 53.25
C ILE E 372 -1.66 29.33 52.86
N GLU E 373 -2.50 29.66 53.85
CA GLU E 373 -3.78 30.30 53.57
C GLU E 373 -3.59 31.68 52.97
N THR E 374 -2.63 32.46 53.49
CA THR E 374 -2.41 33.81 52.99
C THR E 374 -1.70 33.82 51.64
N LEU E 375 -0.86 32.82 51.37
CA LEU E 375 -0.11 32.79 50.12
C LEU E 375 -1.03 32.65 48.91
N LYS E 376 -2.13 31.91 49.03
CA LYS E 376 -3.01 31.70 47.90
C LYS E 376 -4.27 32.56 47.94
N ASN E 377 -4.62 33.12 49.09
CA ASN E 377 -5.77 34.02 49.16
C ASN E 377 -5.39 35.48 48.99
N ASN E 378 -4.17 35.85 49.35
CA ASN E 378 -3.67 37.21 49.18
C ASN E 378 -2.20 37.13 48.82
N PRO E 379 -1.89 36.84 47.55
CA PRO E 379 -0.49 36.60 47.18
C PRO E 379 0.39 37.84 47.30
N LYS E 380 -0.09 38.99 46.85
CA LYS E 380 0.71 40.21 46.86
C LYS E 380 0.78 40.86 48.23
N ASP E 381 0.27 40.19 49.27
CA ASP E 381 0.44 40.67 50.63
C ASP E 381 1.91 40.70 50.99
N ARG E 382 2.31 41.69 51.79
CA ARG E 382 3.71 41.87 52.20
C ARG E 382 3.95 41.42 53.62
N ARG E 383 3.26 40.38 54.08
CA ARG E 383 3.41 39.91 55.46
C ARG E 383 3.51 38.40 55.56
N HIS E 384 3.91 37.71 54.49
CA HIS E 384 4.09 36.26 54.51
C HIS E 384 5.35 35.94 55.29
N ILE E 385 5.22 35.89 56.62
CA ILE E 385 6.36 35.77 57.52
C ILE E 385 6.18 34.56 58.42
N LEU E 386 7.24 33.76 58.53
CA LEU E 386 7.30 32.64 59.45
C LEU E 386 8.48 32.87 60.39
N THR E 387 8.20 32.97 61.69
CA THR E 387 9.25 33.24 62.68
C THR E 387 9.35 32.11 63.69
N ALA E 388 10.55 31.96 64.25
CA ALA E 388 10.80 30.98 65.28
C ALA E 388 11.42 31.57 66.53
N TRP E 389 11.73 32.87 66.54
CA TRP E 389 12.38 33.50 67.69
C TRP E 389 11.31 33.91 68.69
N ASN E 390 11.16 33.11 69.75
CA ASN E 390 10.20 33.38 70.81
C ASN E 390 10.95 33.69 72.10
N PRO E 391 11.07 34.96 72.49
CA PRO E 391 11.82 35.28 73.71
C PRO E 391 11.27 34.61 74.97
N SER E 392 10.00 34.23 74.99
CA SER E 392 9.42 33.57 76.16
C SER E 392 9.79 32.10 76.26
N ALA E 393 10.31 31.51 75.19
CA ALA E 393 10.61 30.08 75.17
C ALA E 393 12.09 29.77 75.00
N LEU E 394 12.94 30.79 74.86
CA LEU E 394 14.35 30.54 74.59
C LEU E 394 15.00 29.71 75.69
N SER E 395 14.63 29.95 76.95
CA SER E 395 15.25 29.24 78.06
C SER E 395 14.91 27.75 78.05
N GLN E 396 13.77 27.38 77.47
CA GLN E 396 13.36 25.98 77.42
C GLN E 396 13.95 25.23 76.23
N MET E 397 14.58 25.93 75.29
CA MET E 397 15.07 25.30 74.08
C MET E 397 16.44 24.68 74.31
N ALA E 398 16.65 23.49 73.72
CA ALA E 398 17.98 22.89 73.75
C ALA E 398 18.97 23.73 72.97
N LEU E 399 18.48 24.49 71.99
CA LEU E 399 19.31 25.38 71.19
C LEU E 399 18.42 26.44 70.57
N PRO E 400 18.71 27.73 70.78
CA PRO E 400 17.89 28.79 70.19
C PRO E 400 17.92 28.72 68.67
N PRO E 401 16.91 29.28 68.01
CA PRO E 401 16.82 29.13 66.54
C PRO E 401 17.96 29.83 65.84
N CYS E 402 18.58 29.12 64.89
CA CYS E 402 19.63 29.71 64.05
C CYS E 402 19.02 30.40 62.82
N HIS E 403 18.30 29.64 61.99
CA HIS E 403 17.47 30.24 60.96
C HIS E 403 16.24 30.84 61.64
N VAL E 404 16.29 32.15 61.88
CA VAL E 404 15.38 32.79 62.82
C VAL E 404 14.05 33.15 62.16
N LEU E 405 14.09 33.82 61.01
CA LEU E 405 12.89 34.35 60.40
C LEU E 405 12.98 34.20 58.89
N SER E 406 11.84 33.87 58.27
CA SER E 406 11.76 33.71 56.82
C SER E 406 10.54 34.45 56.29
N GLN E 407 10.70 35.06 55.10
CA GLN E 407 9.63 35.79 54.45
C GLN E 407 9.45 35.26 53.02
N TYR E 408 8.22 35.31 52.53
CA TYR E 408 7.89 34.73 51.24
C TYR E 408 7.16 35.76 50.37
N TYR E 409 7.31 35.59 49.05
CA TYR E 409 6.94 36.62 48.08
C TYR E 409 6.43 35.95 46.82
N VAL E 410 5.28 36.40 46.34
CA VAL E 410 4.67 35.85 45.12
C VAL E 410 4.88 36.85 43.99
N THR E 411 5.63 36.44 42.98
CA THR E 411 5.91 37.32 41.85
C THR E 411 4.68 37.45 40.95
N ASN E 412 4.79 38.36 39.97
CA ASN E 412 3.67 38.55 39.05
C ASN E 412 3.49 37.36 38.12
N ASP E 413 4.55 36.60 37.85
CA ASP E 413 4.47 35.38 37.06
C ASP E 413 4.30 34.14 37.92
N ASN E 414 3.68 34.27 39.08
CA ASN E 414 3.27 33.14 39.93
C ASN E 414 4.45 32.28 40.35
N CYS E 415 5.51 32.93 40.81
CA CYS E 415 6.66 32.25 41.40
C CYS E 415 6.77 32.63 42.87
N LEU E 416 7.29 31.70 43.66
CA LEU E 416 7.39 31.86 45.11
C LEU E 416 8.87 31.98 45.49
N SER E 417 9.27 33.17 45.92
CA SER E 417 10.62 33.42 46.41
C SER E 417 10.64 33.40 47.94
N CYS E 418 11.85 33.25 48.49
CA CYS E 418 12.02 33.13 49.92
C CYS E 418 13.24 33.91 50.39
N ASN E 419 13.06 34.70 51.44
CA ASN E 419 14.16 35.34 52.16
C ASN E 419 14.27 34.70 53.54
N LEU E 420 15.50 34.48 53.98
CA LEU E 420 15.76 33.87 55.28
C LEU E 420 16.85 34.67 56.00
N TYR E 421 16.59 35.01 57.26
CA TYR E 421 17.62 35.60 58.11
C TYR E 421 18.13 34.55 59.09
N GLN E 422 19.45 34.39 59.14
CA GLN E 422 20.10 33.38 59.98
C GLN E 422 21.08 34.11 60.90
N ARG E 423 20.84 34.00 62.21
CA ARG E 423 21.64 34.75 63.18
C ARG E 423 23.05 34.19 63.32
N SER E 424 23.20 32.88 63.20
CA SER E 424 24.48 32.22 63.37
C SER E 424 24.60 31.13 62.31
N CYS E 425 25.76 31.04 61.68
CA CYS E 425 25.92 30.19 60.50
C CYS E 425 27.21 29.39 60.60
N ASP E 426 27.08 28.10 60.87
CA ASP E 426 28.17 27.14 60.73
C ASP E 426 28.33 26.83 59.24
N LEU E 427 29.33 27.45 58.61
CA LEU E 427 29.53 27.31 57.18
C LEU E 427 29.96 25.90 56.78
N GLY E 428 30.56 25.14 57.69
CA GLY E 428 31.03 23.81 57.37
C GLY E 428 29.92 22.78 57.32
N LEU E 429 28.97 22.88 58.24
CA LEU E 429 27.90 21.89 58.37
C LEU E 429 26.51 22.49 58.20
N GLY E 430 26.18 23.54 58.94
CA GLY E 430 24.82 24.06 58.91
C GLY E 430 24.46 24.71 57.59
N SER E 431 25.37 25.51 57.04
CA SER E 431 25.04 26.33 55.87
C SER E 431 24.61 25.50 54.66
N PRO E 432 25.31 24.44 54.24
CA PRO E 432 24.80 23.63 53.12
C PRO E 432 23.43 23.04 53.41
N PHE E 433 23.16 22.66 54.66
CA PHE E 433 21.85 22.16 55.03
C PHE E 433 20.79 23.25 54.92
N ASN E 434 21.09 24.46 55.41
CA ASN E 434 20.10 25.52 55.39
C ASN E 434 19.73 25.93 53.97
N ILE E 435 20.70 25.94 53.06
CA ILE E 435 20.42 26.31 51.68
C ILE E 435 19.44 25.33 51.04
N ALA E 436 19.72 24.03 51.18
CA ALA E 436 18.85 23.01 50.59
C ALA E 436 17.52 22.92 51.32
N SER E 437 17.54 23.08 52.64
CA SER E 437 16.32 22.92 53.43
C SER E 437 15.25 23.92 53.02
N TYR E 438 15.59 25.22 53.09
CA TYR E 438 14.62 26.24 52.73
C TYR E 438 14.32 26.27 51.23
N ALA E 439 15.19 25.66 50.41
CA ALA E 439 14.85 25.47 49.00
C ALA E 439 13.73 24.44 48.86
N ILE E 440 13.83 23.33 49.59
CA ILE E 440 12.78 22.31 49.55
C ILE E 440 11.48 22.88 50.12
N LEU E 441 11.57 23.60 51.24
CA LEU E 441 10.37 24.15 51.87
C LEU E 441 9.65 25.12 50.93
N THR E 442 10.41 25.95 50.21
CA THR E 442 9.79 26.87 49.26
C THR E 442 9.14 26.13 48.11
N MET E 443 9.74 25.01 47.68
CA MET E 443 9.13 24.20 46.64
C MET E 443 7.84 23.53 47.12
N MET E 444 7.84 23.04 48.36
CA MET E 444 6.64 22.44 48.93
C MET E 444 5.51 23.46 49.01
N LEU E 445 5.81 24.65 49.56
CA LEU E 445 4.81 25.70 49.63
C LEU E 445 4.31 26.10 48.25
N ALA E 446 5.18 26.03 47.23
CA ALA E 446 4.77 26.40 45.89
C ALA E 446 3.77 25.41 45.32
N GLN E 447 3.98 24.12 45.54
CA GLN E 447 3.06 23.11 45.01
C GLN E 447 1.72 23.16 45.74
N VAL E 448 1.75 23.33 47.07
CA VAL E 448 0.52 23.38 47.84
C VAL E 448 -0.29 24.64 47.51
N CYS E 449 0.39 25.74 47.20
CA CYS E 449 -0.27 26.99 46.86
C CYS E 449 -0.46 27.18 45.37
N GLY E 450 0.08 26.28 44.54
CA GLY E 450 -0.10 26.38 43.10
C GLY E 450 0.83 27.35 42.41
N TYR E 451 2.10 27.41 42.83
CA TYR E 451 3.09 28.27 42.21
C TYR E 451 4.29 27.45 41.79
N GLU E 452 5.24 28.11 41.13
CA GLU E 452 6.54 27.58 40.76
C GLU E 452 7.61 28.15 41.68
N PRO E 453 8.71 27.44 41.89
CA PRO E 453 9.78 27.97 42.74
C PRO E 453 10.43 29.19 42.11
N GLY E 454 10.81 30.14 42.96
CA GLY E 454 11.42 31.38 42.50
C GLY E 454 12.89 31.50 42.87
N GLU E 455 13.20 32.44 43.75
CA GLU E 455 14.57 32.69 44.18
C GLU E 455 14.70 32.47 45.67
N LEU E 456 15.93 32.26 46.12
CA LEU E 456 16.24 32.05 47.54
C LEU E 456 17.39 32.95 47.94
N ALA E 457 17.13 33.85 48.89
CA ALA E 457 18.14 34.74 49.44
C ALA E 457 18.29 34.47 50.93
N ILE E 458 19.53 34.30 51.38
CA ILE E 458 19.83 34.00 52.78
C ILE E 458 20.69 35.13 53.32
N PHE E 459 20.20 35.82 54.34
CA PHE E 459 20.92 36.90 55.00
C PHE E 459 21.47 36.40 56.33
N ILE E 460 22.77 36.56 56.53
CA ILE E 460 23.49 35.91 57.61
C ILE E 460 24.02 36.94 58.59
N GLY E 461 23.86 36.66 59.88
CA GLY E 461 24.48 37.46 60.92
C GLY E 461 25.92 37.06 61.17
N ASP E 462 26.13 36.13 62.10
CA ASP E 462 27.47 35.67 62.47
C ASP E 462 27.86 34.49 61.57
N ALA E 463 28.49 34.81 60.44
CA ALA E 463 29.02 33.79 59.54
C ALA E 463 30.43 33.41 59.99
N HIS E 464 30.63 32.12 60.31
CA HIS E 464 31.87 31.69 60.93
C HIS E 464 32.28 30.31 60.43
N ILE E 465 33.55 30.00 60.65
CA ILE E 465 34.14 28.71 60.30
C ILE E 465 34.84 28.17 61.55
N TYR E 466 34.44 26.97 61.99
CA TYR E 466 35.09 26.36 63.13
C TYR E 466 36.50 25.92 62.76
N GLU E 467 37.43 26.12 63.71
CA GLU E 467 38.85 25.95 63.40
C GLU E 467 39.22 24.51 63.06
N ASN E 468 38.40 23.55 63.44
CA ASN E 468 38.64 22.15 63.05
C ASN E 468 38.08 21.83 61.66
N HIS E 469 37.57 22.83 60.94
CA HIS E 469 37.09 22.66 59.57
C HIS E 469 37.99 23.31 58.55
N LEU E 470 39.14 23.86 58.97
CA LEU E 470 39.99 24.63 58.07
C LEU E 470 40.58 23.75 56.98
N THR E 471 41.15 22.60 57.36
CA THR E 471 41.70 21.69 56.35
C THR E 471 40.63 21.21 55.39
N GLN E 472 39.44 20.90 55.90
CA GLN E 472 38.37 20.37 55.06
C GLN E 472 37.85 21.42 54.08
N LEU E 473 37.56 22.63 54.58
CA LEU E 473 36.99 23.66 53.72
C LEU E 473 37.99 24.15 52.69
N LYS E 474 39.29 24.16 53.04
CA LYS E 474 40.30 24.49 52.04
C LYS E 474 40.37 23.42 50.96
N GLU E 475 40.16 22.15 51.34
CA GLU E 475 40.07 21.09 50.35
C GLU E 475 38.87 21.28 49.45
N GLN E 476 37.73 21.70 50.03
CA GLN E 476 36.54 21.94 49.23
C GLN E 476 36.73 23.11 48.27
N LEU E 477 37.53 24.10 48.67
CA LEU E 477 37.76 25.26 47.82
C LEU E 477 38.67 24.97 46.63
N SER E 478 39.31 23.80 46.61
CA SER E 478 40.15 23.39 45.50
C SER E 478 39.35 22.70 44.40
N ARG E 479 38.04 22.52 44.58
CA ARG E 479 37.21 21.78 43.63
C ARG E 479 36.38 22.76 42.81
N THR E 480 36.53 22.69 41.49
CA THR E 480 35.72 23.56 40.62
C THR E 480 34.27 23.10 40.65
N PRO E 481 33.32 24.01 40.84
CA PRO E 481 31.92 23.59 40.96
C PRO E 481 31.40 22.97 39.66
N ARG E 482 30.38 22.12 39.82
CA ARG E 482 29.65 21.46 38.75
C ARG E 482 28.22 21.95 38.73
N PRO E 483 27.50 21.77 37.63
CA PRO E 483 26.13 22.30 37.54
C PRO E 483 25.22 21.71 38.62
N PHE E 484 24.34 22.55 39.15
CA PHE E 484 23.39 22.13 40.17
C PHE E 484 22.47 21.04 39.62
N PRO E 485 21.98 20.15 40.48
CA PRO E 485 21.03 19.13 40.02
C PRO E 485 19.60 19.65 39.93
N GLN E 486 18.66 18.76 39.63
CA GLN E 486 17.24 19.08 39.63
C GLN E 486 16.55 18.29 40.73
N LEU E 487 15.50 18.87 41.30
CA LEU E 487 14.70 18.21 42.33
C LEU E 487 13.24 18.38 41.96
N LYS E 488 12.56 17.26 41.69
CA LYS E 488 11.16 17.27 41.31
C LYS E 488 10.36 16.36 42.24
N PHE E 489 9.07 16.66 42.36
CA PHE E 489 8.15 15.87 43.16
C PHE E 489 7.41 14.89 42.25
N LYS E 490 7.29 13.64 42.71
CA LYS E 490 6.66 12.61 41.89
C LYS E 490 5.14 12.69 41.89
N ARG E 491 4.54 13.27 42.94
CA ARG E 491 3.10 13.39 43.02
C ARG E 491 2.73 14.73 43.65
N LYS E 492 1.49 15.13 43.44
CA LYS E 492 0.95 16.35 44.01
C LYS E 492 0.19 16.00 45.28
N VAL E 493 0.73 16.41 46.42
CA VAL E 493 0.09 16.11 47.70
C VAL E 493 -1.05 17.08 47.95
N GLU E 494 -1.96 16.69 48.84
CA GLU E 494 -3.07 17.55 49.21
C GLU E 494 -2.76 18.38 50.46
N ASN E 495 -1.91 17.88 51.35
CA ASN E 495 -1.47 18.61 52.52
C ASN E 495 0.04 18.59 52.58
N ILE E 496 0.63 19.69 53.06
CA ILE E 496 2.09 19.81 53.08
C ILE E 496 2.72 18.78 54.02
N GLU E 497 1.93 18.23 54.95
CA GLU E 497 2.45 17.23 55.87
C GLU E 497 2.55 15.84 55.27
N ASP E 498 2.04 15.64 54.06
CA ASP E 498 2.00 14.31 53.43
C ASP E 498 3.25 13.99 52.63
N PHE E 499 4.21 14.91 52.54
CA PHE E 499 5.41 14.65 51.75
C PHE E 499 6.23 13.52 52.35
N LYS E 500 6.75 12.65 51.49
CA LYS E 500 7.59 11.53 51.89
C LYS E 500 8.87 11.53 51.06
N TRP E 501 9.88 10.84 51.57
CA TRP E 501 11.18 10.80 50.87
C TRP E 501 11.08 10.13 49.51
N GLU E 502 10.17 9.16 49.37
CA GLU E 502 9.99 8.49 48.09
C GLU E 502 9.37 9.42 47.05
N ASP E 503 8.74 10.51 47.48
CA ASP E 503 8.12 11.47 46.57
C ASP E 503 9.13 12.39 45.91
N ILE E 504 10.37 12.42 46.37
CA ILE E 504 11.39 13.33 45.88
C ILE E 504 12.28 12.60 44.88
N GLU E 505 12.51 13.23 43.73
CA GLU E 505 13.40 12.69 42.71
C GLU E 505 14.54 13.68 42.49
N LEU E 506 15.77 13.23 42.75
CA LEU E 506 16.96 14.06 42.58
C LEU E 506 17.65 13.64 41.28
N ILE E 507 17.62 14.52 40.29
CA ILE E 507 18.06 14.20 38.94
C ILE E 507 19.35 14.96 38.63
N GLY E 508 20.38 14.21 38.26
CA GLY E 508 21.61 14.82 37.78
C GLY E 508 22.54 15.37 38.85
N TYR E 509 22.69 14.68 39.97
CA TYR E 509 23.55 15.12 41.06
C TYR E 509 24.83 14.29 41.02
N TYR E 510 25.92 14.92 40.59
CA TYR E 510 27.23 14.28 40.47
C TYR E 510 28.25 15.09 41.27
N PRO E 511 28.24 14.98 42.58
CA PRO E 511 29.11 15.81 43.41
C PRO E 511 30.51 15.22 43.57
N TYR E 512 31.38 16.02 44.18
CA TYR E 512 32.69 15.54 44.59
C TYR E 512 32.53 14.68 45.84
N PRO E 513 33.54 13.87 46.17
CA PRO E 513 33.42 12.99 47.33
C PRO E 513 33.14 13.75 48.62
N THR E 514 32.47 13.07 49.54
CA THR E 514 32.06 13.69 50.80
C THR E 514 33.27 14.03 51.66
N ILE E 515 33.11 15.06 52.49
CA ILE E 515 34.17 15.56 53.36
C ILE E 515 33.66 15.50 54.80
N LYS E 516 34.35 14.73 55.64
CA LYS E 516 33.91 14.53 57.01
C LYS E 516 34.30 15.72 57.89
N MET E 517 33.33 16.24 58.63
CA MET E 517 33.55 17.37 59.52
C MET E 517 32.80 17.13 60.81
N ASP E 518 33.47 17.33 61.94
CA ASP E 518 32.86 17.09 63.24
C ASP E 518 32.05 18.30 63.70
N MET E 519 30.92 18.05 64.33
CA MET E 519 30.05 19.12 64.82
C MET E 519 30.47 19.55 66.21
N ALA E 520 30.46 20.86 66.44
CA ALA E 520 30.77 21.41 67.75
C ALA E 520 29.50 21.39 68.61
N VAL E 521 29.57 20.71 69.74
CA VAL E 521 28.43 20.56 70.63
C VAL E 521 28.31 21.75 71.59
PA NDP F . -36.58 -0.59 -13.01
O1A NDP F . -37.81 -0.75 -13.89
O2A NDP F . -35.70 0.48 -13.61
O5B NDP F . -36.99 -0.13 -11.61
C5B NDP F . -37.81 -0.95 -10.81
C4B NDP F . -38.26 -0.38 -9.53
O4B NDP F . -39.17 0.67 -9.75
C3B NDP F . -38.98 -1.36 -8.71
O3B NDP F . -38.13 -2.14 -7.95
C2B NDP F . -39.79 -0.50 -7.87
O2B NDP F . -39.01 0.09 -6.86
C1B NDP F . -40.21 0.55 -8.79
N9A NDP F . -41.45 0.19 -9.39
C8A NDP F . -41.61 -0.39 -10.61
N7A NDP F . -42.93 -0.57 -10.84
C5A NDP F . -43.62 -0.10 -9.76
C6A NDP F . -45.00 -0.01 -9.42
N6A NDP F . -46.01 -0.52 -10.37
N1A NDP F . -45.38 0.54 -8.23
C2A NDP F . -44.43 0.99 -7.38
N3A NDP F . -43.12 0.93 -7.65
C4A NDP F . -42.69 0.39 -8.84
O3 NDP F . -35.78 -1.96 -12.90
PN NDP F . -35.26 -2.74 -14.18
O1N NDP F . -34.58 -4.06 -13.78
O2N NDP F . -36.44 -3.04 -15.08
O5D NDP F . -34.19 -1.81 -14.97
C5D NDP F . -32.81 -1.97 -14.73
C4D NDP F . -31.95 -2.33 -15.85
O4D NDP F . -32.44 -1.73 -17.05
C3D NDP F . -30.59 -1.83 -15.66
O3D NDP F . -29.68 -2.75 -16.20
C2D NDP F . -30.56 -0.63 -16.42
O2D NDP F . -29.25 -0.32 -16.80
C1D NDP F . -31.42 -0.97 -17.58
N1N NDP F . -31.89 0.21 -18.25
C2N NDP F . -31.69 0.30 -19.57
C3N NDP F . -32.13 1.44 -20.28
C7N NDP F . -31.89 1.51 -21.78
O7N NDP F . -32.36 2.46 -22.42
N7N NDP F . -31.14 0.49 -22.46
C4N NDP F . -32.79 2.48 -19.60
C5N NDP F . -32.98 2.34 -18.22
C6N NDP F . -32.52 1.20 -17.56
P2B NDP F . -39.23 -0.26 -5.36
O1X NDP F . -38.72 -1.70 -5.13
O2X NDP F . -38.48 0.68 -4.53
O3X NDP F . -40.67 -0.17 -4.99
N1 UFP G . -26.01 -9.08 -63.86
C2 UFP G . -25.95 -8.08 -62.95
N3 UFP G . -24.81 -7.84 -62.26
C4 UFP G . -23.70 -8.58 -62.47
C5 UFP G . -23.75 -9.62 -63.42
C6 UFP G . -24.91 -9.84 -64.09
O2 UFP G . -26.90 -7.36 -62.69
O4 UFP G . -22.69 -8.35 -61.85
F5 UFP G . -22.67 -10.40 -63.67
C1' UFP G . -27.19 -9.45 -64.67
C2' UFP G . -27.83 -8.28 -65.45
C3' UFP G . -28.69 -9.08 -66.47
C4' UFP G . -27.74 -10.24 -66.84
O3' UFP G . -29.85 -9.60 -65.84
O4' UFP G . -26.78 -10.34 -65.74
C5' UFP G . -27.02 -9.98 -68.17
O5' UFP G . -27.37 -8.70 -68.67
P UFP G . -27.50 -8.81 -70.27
O1P UFP G . -28.03 -7.53 -70.81
O2P UFP G . -28.53 -9.99 -70.64
O3P UFP G . -26.07 -9.12 -70.93
O1 OED H . -26.82 -12.03 -61.30
C6 OED H . -23.41 -13.58 -63.68
C7 OED H . -23.57 -12.75 -61.24
C9 OED H . -24.65 -12.98 -58.94
C10 OED H . -25.37 -13.72 -57.99
C11 OED H . -25.81 -15.03 -58.28
C12 OED H . -25.51 -15.58 -59.54
C13 OED H . -24.78 -14.84 -60.49
C14 OED H . -26.60 -15.85 -57.28
C15 OED H . -27.23 -15.93 -54.87
C16 OED H . -26.88 -17.21 -54.36
C18 OED H . -28.57 -16.96 -52.59
C20 OED H . -28.26 -15.19 -54.24
C21 OED H . -30.68 -14.04 -53.14
C22 OED H . -25.79 -18.09 -54.96
C23 OED H . -24.58 -18.20 -54.03
C1 OED H . -25.53 -13.34 -64.36
C17 OED H . -27.56 -17.70 -53.21
C19 OED H . -28.94 -15.69 -53.09
C2 OED H . -25.48 -12.92 -63.06
C3 OED H . -26.74 -12.44 -62.45
C4 OED H . -27.75 -12.93 -64.59
C5 OED H . -24.13 -13.07 -62.61
C8 OED H . -24.34 -13.54 -60.20
N1 OED H . -26.67 -13.37 -65.16
N2 OED H . -27.82 -12.48 -63.27
N3 OED H . -24.27 -13.74 -64.74
N4 OED H . -28.98 -12.87 -65.22
N5 OED H . -26.58 -15.39 -56.02
O2 OED H . -27.21 -16.85 -57.66
O3 OED H . -29.94 -15.02 -52.43
O4 OED H . -23.92 -19.23 -53.90
O5 OED H . -24.34 -17.04 -53.36
N1 MTX I . -30.04 5.07 -24.03
C2 MTX I . -31.16 5.44 -24.66
NA2 MTX I . -31.15 5.52 -26.10
N3 MTX I . -32.29 5.75 -23.99
C4 MTX I . -32.33 5.67 -22.65
NA4 MTX I . -33.51 5.98 -21.91
C4A MTX I . -31.17 5.28 -21.94
N5 MTX I . -31.16 5.20 -20.58
C6 MTX I . -30.03 4.82 -19.96
C7 MTX I . -28.86 4.51 -20.66
N8 MTX I . -28.88 4.60 -22.01
C8A MTX I . -30.02 4.98 -22.67
C9 MTX I . -30.03 4.73 -18.44
N10 MTX I . -28.76 5.02 -17.82
CM MTX I . -28.08 3.98 -17.07
C11 MTX I . -26.96 8.86 -18.21
C12 MTX I . -26.18 7.72 -18.09
C13 MTX I . -26.78 6.46 -17.96
C14 MTX I . -28.16 6.35 -17.95
C15 MTX I . -28.95 7.48 -18.08
C16 MTX I . -28.35 8.74 -18.21
C MTX I . -26.29 10.20 -18.36
O MTX I . -25.21 10.39 -17.81
N MTX I . -26.87 11.28 -19.13
CA MTX I . -26.20 12.54 -19.24
CT MTX I . -27.21 13.60 -19.41
O1 MTX I . -28.43 13.30 -19.46
O2 MTX I . -26.85 14.83 -19.50
CB MTX I . -25.36 12.53 -20.47
CG MTX I . -23.96 12.03 -20.40
CD MTX I . -23.09 12.35 -21.57
OE1 MTX I . -23.27 13.43 -22.17
OE2 MTX I . -22.54 11.41 -22.20
PA NDP J . -9.22 46.63 30.12
O1A NDP J . -10.22 46.55 28.98
O2A NDP J . -7.91 46.09 29.67
O5B NDP J . -9.03 48.10 30.52
C5B NDP J . -10.12 48.84 31.01
C4B NDP J . -9.89 50.27 31.25
O4B NDP J . -9.74 50.96 30.02
C3B NDP J . -11.01 50.94 31.91
O3B NDP J . -10.95 50.78 33.28
C2B NDP J . -10.81 52.31 31.52
O2B NDP J . -9.75 52.89 32.24
C1B NDP J . -10.40 52.20 30.13
N9A NDP J . -11.53 52.25 29.27
C8A NDP J . -12.17 51.19 28.71
N7A NDP J . -13.18 51.63 27.95
C5A NDP J . -13.20 53.00 28.02
C6A NDP J . -14.01 54.01 27.43
N6A NDP J . -15.13 53.61 26.54
N1A NDP J . -13.77 55.32 27.69
C2A NDP J . -12.74 55.66 28.51
N3A NDP J . -11.93 54.74 29.08
C4A NDP J . -12.15 53.40 28.84
O3 NDP J . -9.74 45.80 31.38
PN NDP J . -10.26 44.30 31.24
O1N NDP J . -10.75 43.77 32.60
O2N NDP J . -11.42 44.28 30.26
O5D NDP J . -9.06 43.36 30.71
C5D NDP J . -8.09 42.88 31.62
C4D NDP J . -7.94 41.44 31.76
O4D NDP J . -7.95 40.81 30.48
C3D NDP J . -6.67 41.09 32.39
O3D NDP J . -6.81 39.93 33.14
C2D NDP J . -5.81 40.83 31.29
O2D NDP J . -4.77 39.99 31.68
C1D NDP J . -6.72 40.20 30.29
N1N NDP J . -6.23 40.37 28.95
C2N NDP J . -6.16 39.28 28.16
C3N NDP J . -5.70 39.40 26.84
C7N NDP J . -5.63 38.14 25.99
O7N NDP J . -5.33 38.24 24.78
N7N NDP J . -5.91 36.84 26.56
C4N NDP J . -5.31 40.64 26.33
C5N NDP J . -5.41 41.75 27.18
C6N NDP J . -5.87 41.60 28.48
P2B NDP J . -10.00 53.94 33.36
O1X NDP J . -10.62 53.24 34.58
O2X NDP J . -8.71 54.55 33.75
O3X NDP J . -10.89 55.03 32.87
N1 UFP K . -14.20 -1.30 8.72
C2 UFP K . -13.32 -0.26 8.78
N3 UFP K . -12.34 -0.26 9.71
C4 UFP K . -12.21 -1.25 10.60
C5 UFP K . -13.13 -2.34 10.56
C6 UFP K . -14.10 -2.32 9.62
O2 UFP K . -13.34 0.69 8.02
O4 UFP K . -11.32 -1.23 11.43
F5 UFP K . -13.05 -3.36 11.44
C1' UFP K . -15.31 -1.42 7.75
C2' UFP K . -14.90 -1.31 6.26
C3' UFP K . -16.12 -1.94 5.58
C4' UFP K . -16.45 -3.11 6.53
O3' UFP K . -17.21 -1.02 5.54
O4' UFP K . -15.85 -2.78 7.81
C5' UFP K . -15.89 -4.43 6.00
O5' UFP K . -15.28 -4.21 4.72
P UFP K . -15.71 -5.42 3.76
O1P UFP K . -15.24 -5.13 2.38
O2P UFP K . -17.31 -5.56 3.76
O3P UFP K . -15.04 -6.79 4.26
O1 OED L . -16.68 -0.03 11.54
C6 OED L . -15.97 -4.22 12.84
C7 OED L . -15.16 -1.97 13.81
C9 OED L . -15.74 0.31 14.78
C10 OED L . -16.65 1.20 15.41
C11 OED L . -17.95 0.78 15.75
C12 OED L . -18.34 -0.55 15.45
C13 OED L . -17.44 -1.44 14.81
C14 OED L . -18.94 1.71 16.40
C15 OED L . -19.10 3.92 17.57
C16 OED L . -19.74 3.72 18.83
C18 OED L . -20.45 6.07 18.82
C20 OED L . -19.16 5.20 16.96
C21 OED L . -19.83 7.68 15.62
C22 OED L . -19.73 2.39 19.58
C23 OED L . -18.88 2.44 20.84
C1 OED L . -17.20 -3.53 11.09
C17 OED L . -20.40 4.82 19.44
C19 OED L . -19.83 6.28 17.57
C2 OED L . -16.70 -2.41 11.70
C3 OED L . -17.06 -1.10 11.09
C4 OED L . -18.31 -2.39 9.48
C5 OED L . -15.90 -2.85 12.82
C8 OED L . -16.12 -1.01 14.49
N1 OED L . -18.01 -3.56 9.97
N2 OED L . -17.86 -1.17 10.01
N3 OED L . -16.76 -4.63 11.78
N4 OED L . -19.10 -2.18 8.37
N5 OED L . -18.42 2.84 16.92
O2 OED L . -20.14 1.43 16.44
O3 OED L . -19.92 7.55 17.03
O4 OED L . -17.82 1.81 20.95
O5 OED L . -19.42 3.22 21.82
N1 MTX M . -2.08 36.55 23.43
C2 MTX M . -2.57 36.79 22.20
NA2 MTX M . -2.65 35.68 21.28
N3 MTX M . -3.00 38.00 21.81
C4 MTX M . -2.94 39.05 22.66
NA4 MTX M . -3.37 40.36 22.28
C4A MTX M . -2.42 38.85 23.96
N5 MTX M . -2.33 39.89 24.84
C6 MTX M . -1.84 39.66 26.07
C7 MTX M . -1.40 38.39 26.47
N8 MTX M . -1.49 37.38 25.58
C8A MTX M . -1.99 37.59 24.32
C9 MTX M . -1.76 40.82 27.04
N10 MTX M . -0.67 40.74 27.99
CM MTX M . -0.97 40.63 29.40
C11 MTX M . 3.36 40.79 26.64
C12 MTX M . 2.99 40.09 27.80
C13 MTX M . 1.68 40.08 28.23
C14 MTX M . 0.71 40.76 27.52
C15 MTX M . 1.06 41.46 26.36
C16 MTX M . 2.39 41.47 25.92
C MTX M . 4.80 40.76 26.20
O MTX M . 5.67 40.67 27.04
N MTX M . 5.16 40.84 24.80
CA MTX M . 6.55 40.81 24.41
CT MTX M . 6.72 41.57 23.16
O1 MTX M . 5.71 41.98 22.53
O2 MTX M . 7.88 41.80 22.70
CB MTX M . 6.92 39.40 24.12
CG MTX M . 7.68 38.59 25.14
CD MTX M . 8.28 37.31 24.65
OE1 MTX M . 8.72 37.25 23.47
OE2 MTX M . 8.05 36.24 25.26
PA NDP N . 29.07 -29.36 -2.57
O1A NDP N . 28.28 -29.78 -3.78
O2A NDP N . 29.48 -30.57 -1.78
O5B NDP N . 30.34 -28.64 -3.03
C5B NDP N . 30.29 -27.45 -3.76
C4B NDP N . 31.56 -26.94 -4.27
O4B NDP N . 32.02 -27.74 -5.33
C3B NDP N . 31.45 -25.59 -4.84
O3B NDP N . 31.58 -24.61 -3.87
C2B NDP N . 32.56 -25.55 -5.76
O2B NDP N . 33.77 -25.35 -5.09
C1B NDP N . 32.56 -26.89 -6.32
N9A NDP N . 31.76 -26.94 -7.50
C8A NDP N . 30.48 -27.37 -7.59
N7A NDP N . 30.05 -27.27 -8.86
C5A NDP N . 31.08 -26.77 -9.62
C6A NDP N . 31.25 -26.46 -10.98
N6A NDP N . 30.11 -26.67 -11.92
N1A NDP N . 32.43 -25.96 -11.44
C2A NDP N . 33.46 -25.78 -10.56
N3A NDP N . 33.36 -26.06 -9.26
C4A NDP N . 32.17 -26.57 -8.76
O3 NDP N . 28.22 -28.38 -1.63
PN NDP N . 26.71 -28.71 -1.22
O1N NDP N . 26.12 -27.58 -0.36
O2N NDP N . 25.88 -28.85 -2.46
O5D NDP N . 26.70 -30.09 -0.36
C5D NDP N . 27.16 -30.12 0.96
C4D NDP N . 26.22 -30.54 1.98
O4D NDP N . 25.62 -31.77 1.56
C3D NDP N . 26.89 -30.81 3.26
O3D NDP N . 26.03 -30.52 4.31
C2D NDP N . 27.12 -32.21 3.24
O2D NDP N . 27.20 -32.72 4.53
C1D NDP N . 25.92 -32.73 2.52
N1N NDP N . 26.19 -34.00 1.91
C2N NDP N . 25.32 -35.00 2.13
C3N NDP N . 25.52 -36.27 1.56
C7N NDP N . 24.51 -37.37 1.83
O7N NDP N . 24.62 -38.45 1.24
N7N NDP N . 23.43 -37.17 2.75
C4N NDP N . 26.65 -36.49 0.75
C5N NDP N . 27.54 -35.42 0.54
C6N NDP N . 27.30 -34.18 1.13
P2B NDP N . 34.52 -23.99 -5.12
O1X NDP N . 33.72 -22.96 -4.29
O2X NDP N . 35.87 -24.14 -4.55
O3X NDP N . 34.65 -23.50 -6.52
N1 UFP O . -12.57 -59.73 8.88
C2 UFP O . -11.22 -59.86 8.82
N3 UFP O . -10.46 -59.65 9.92
C4 UFP O . -11.02 -59.31 11.09
C5 UFP O . -12.42 -59.18 11.17
C6 UFP O . -13.16 -59.37 10.07
O2 UFP O . -10.62 -60.16 7.80
O4 UFP O . -10.31 -59.13 12.07
F5 UFP O . -13.04 -58.83 12.33
C1' UFP O . -13.52 -59.93 7.76
C2' UFP O . -13.33 -61.22 6.95
C3' UFP O . -14.68 -61.28 6.23
C4' UFP O . -15.66 -60.82 7.33
O3' UFP O . -14.72 -60.35 5.14
O4' UFP O . -14.85 -60.10 8.30
C5' UFP O . -16.39 -61.99 7.99
O5' UFP O . -15.89 -63.22 7.47
P UFP O . -17.12 -64.23 7.22
O1P UFP O . -18.22 -63.52 6.29
O2P UFP O . -16.60 -65.43 6.52
O3P UFP O . -17.78 -64.67 8.61
O1 OED P . -12.80 -55.68 8.53
C6 OED P . -15.28 -56.55 12.10
C7 OED P . -12.98 -55.42 11.86
C9 OED P . -11.56 -53.53 10.87
C10 OED P . -11.44 -52.25 10.27
C11 OED P . -12.59 -51.46 10.02
C12 OED P . -13.85 -51.98 10.36
C13 OED P . -13.97 -53.25 10.96
C14 OED P . -12.49 -50.10 9.37
C15 OED P . -10.84 -48.33 8.73
C16 OED P . -11.24 -47.10 9.31
C18 OED P . -10.00 -45.91 7.56
C20 OED P . -10.02 -48.33 7.57
C21 OED P . -8.65 -48.22 5.06
C22 OED P . -12.11 -47.01 10.56
C23 OED P . -11.41 -46.53 11.83
C1 OED P . -15.79 -57.01 9.96
C17 OED P . -10.81 -45.89 8.70
C19 OED P . -9.60 -47.12 6.97
C2 OED P . -14.56 -56.40 9.97
C3 OED P . -13.90 -56.21 8.66
C4 OED P . -15.85 -57.27 7.70
C5 OED P . -14.22 -56.11 11.34
C8 OED P . -12.83 -54.04 11.22
N1 OED P . -16.47 -57.46 8.85
N2 OED P . -14.59 -56.66 7.60
N3 OED P . -16.22 -57.10 11.26
N4 OED P . -16.34 -57.64 6.47
N5 OED P . -11.24 -49.57 9.30
O2 OED P . -13.49 -49.55 8.93
O3 OED P . -8.81 -47.05 5.84
O4 OED P . -11.67 -46.97 12.95
O5 OED P . -10.47 -45.56 11.59
N1 MTX Q . 25.70 -41.82 2.98
C2 MTX Q . 25.39 -42.42 1.82
NA2 MTX Q . 24.44 -43.50 1.83
N3 MTX Q . 25.93 -42.05 0.65
C4 MTX Q . 26.83 -41.04 0.60
NA4 MTX Q . 27.43 -40.61 -0.62
C4A MTX Q . 27.18 -40.37 1.79
N5 MTX Q . 28.07 -39.35 1.77
C6 MTX Q . 28.39 -38.73 2.93
C7 MTX Q . 27.81 -39.13 4.15
N8 MTX Q . 26.93 -40.15 4.15
C8A MTX Q . 26.60 -40.79 2.98
C9 MTX Q . 29.39 -37.61 2.91
N10 MTX Q . 30.14 -37.48 4.13
CM MTX Q . 30.02 -36.27 4.91
C11 MTX Q . 32.59 -40.68 5.48
C12 MTX Q . 31.97 -39.81 6.38
C13 MTX Q . 31.17 -38.77 5.93
C14 MTX Q . 30.99 -38.58 4.57
C15 MTX Q . 31.59 -39.44 3.65
C16 MTX Q . 32.40 -40.49 4.12
C MTX Q . 33.44 -41.80 6.01
O MTX Q . 34.04 -41.63 7.06
N MTX Q . 33.57 -43.07 5.33
CA MTX Q . 34.39 -44.11 5.90
CT MTX Q . 34.94 -44.94 4.80
O1 MTX Q . 34.44 -44.84 3.65
O2 MTX Q . 35.88 -45.75 5.03
CB MTX Q . 33.56 -45.00 6.75
CG MTX Q . 33.61 -44.87 8.24
CD MTX Q . 33.00 -46.01 9.02
OE1 MTX Q . 33.10 -47.17 8.56
OE2 MTX Q . 32.09 -45.75 9.85
PA NDP R . 0.96 29.93 -44.83
O1A NDP R . 1.89 30.56 -43.80
O2A NDP R . -0.26 29.41 -44.13
O5B NDP R . 0.54 30.98 -45.85
C5B NDP R . 1.49 31.62 -46.67
C4B NDP R . 0.98 32.70 -47.53
O4B NDP R . 0.57 33.80 -46.76
C3B NDP R . 2.01 33.24 -48.43
O3B NDP R . 2.18 32.48 -49.57
C2B NDP R . 1.47 34.54 -48.73
O2B NDP R . 0.38 34.44 -49.61
C1B NDP R . 0.95 34.98 -47.45
N9A NDP R . 1.95 35.70 -46.74
C8A NDP R . 2.76 35.21 -45.76
N7A NDP R . 3.55 36.19 -45.31
C5A NDP R . 3.26 37.34 -46.01
C6A NDP R . 3.76 38.67 -45.98
N6A NDP R . 4.84 39.04 -45.04
N1A NDP R . 3.24 39.61 -46.82
C2A NDP R . 2.25 39.25 -47.68
N3A NDP R . 1.75 38.01 -47.73
C4A NDP R . 2.24 37.02 -46.90
O3 NDP R . 1.70 28.72 -45.58
PN NDP R . 2.44 27.55 -44.79
O1N NDP R . 3.10 26.56 -45.75
O2N NDP R . 3.51 28.16 -43.91
O5D NDP R . 1.33 26.76 -43.89
C5D NDP R . 0.57 25.72 -44.46
C4D NDP R . 0.69 24.39 -43.89
O4D NDP R . 0.77 24.48 -42.46
C3D NDP R . -0.48 23.58 -44.19
O3D NDP R . -0.10 22.25 -44.35
C2D NDP R . -1.30 23.68 -43.03
O2D NDP R . -2.13 22.56 -42.91
C1D NDP R . -0.31 23.76 -41.94
N1N NDP R . -0.86 24.41 -40.79
C2N NDP R . -0.78 23.77 -39.60
C3N NDP R . -1.31 24.34 -38.44
C7N NDP R . -1.18 23.58 -37.13
O7N NDP R . -1.56 24.11 -36.07
N7N NDP R . -0.63 22.26 -37.10
C4N NDP R . -1.93 25.61 -38.50
C5N NDP R . -1.99 26.24 -39.75
C6N NDP R . -1.45 25.64 -40.88
P2B NDP R . 0.41 35.10 -51.02
O1X NDP R . 1.40 34.32 -51.91
O2X NDP R . -0.94 35.05 -51.60
O3X NDP R . 0.83 36.54 -50.92
N1 UFP S . 13.76 -1.60 -4.74
C2 UFP S . 12.65 -0.93 -5.16
N3 UFP S . 11.73 -1.55 -5.93
C4 UFP S . 11.89 -2.84 -6.31
C5 UFP S . 13.04 -3.55 -5.87
C6 UFP S . 13.94 -2.91 -5.11
O2 UFP S . 12.41 0.23 -4.89
O4 UFP S . 11.05 -3.38 -6.99
F5 UFP S . 13.23 -4.84 -6.22
C1' UFP S . 14.84 -1.04 -3.89
C2' UFP S . 14.38 -0.31 -2.61
C3' UFP S . 15.68 -0.31 -1.80
C4' UFP S . 16.34 -1.65 -2.17
O3' UFP S . 16.53 0.77 -2.19
O4' UFP S . 15.64 -2.13 -3.36
C5' UFP S . 16.26 -2.66 -1.03
O5' UFP S . 15.28 -2.22 -0.09
P UFP S . 15.72 -2.70 1.38
O1P UFP S . 14.80 -2.10 2.36
O2P UFP S . 17.23 -2.23 1.67
O3P UFP S . 15.64 -4.30 1.50
O1 OED T . 16.07 -1.22 -8.02
C6 OED T . 16.18 -5.55 -7.14
C7 OED T . 15.02 -4.19 -9.00
C9 OED T . 15.25 -2.55 -10.94
C10 OED T . 16.00 -1.90 -11.94
C11 OED T . 17.39 -2.19 -12.08
C12 OED T . 17.98 -3.12 -11.21
C13 OED T . 17.22 -3.78 -10.23
C14 OED T . 18.23 -1.50 -13.13
C15 OED T . 18.03 -0.08 -15.19
C16 OED T . 18.76 -0.68 -16.24
C18 OED T . 18.98 1.51 -17.33
C20 OED T . 17.78 1.32 -15.23
C21 OED T . 18.09 4.26 -15.22
C22 OED T . 19.09 -2.18 -16.28
C23 OED T . 18.33 -2.97 -17.35
C1 OED T . 17.22 -3.92 -6.00
C17 OED T . 19.23 0.13 -17.30
C19 OED T . 18.25 2.12 -16.29
C2 OED T . 16.53 -3.33 -7.03
C3 OED T . 16.63 -1.86 -7.13
C4 OED T . 18.04 -1.98 -5.18
C5 OED T . 15.87 -4.36 -7.77
C8 OED T . 15.83 -3.50 -10.08
N1 OED T . 17.98 -3.27 -5.04
N2 OED T . 17.39 -1.26 -6.19
N3 OED T . 16.99 -5.27 -6.06
N4 OED T . 18.75 -1.13 -4.34
N5 OED T . 17.54 -0.84 -14.09
O2 OED T . 19.45 -1.54 -13.06
O3 OED T . 18.03 3.48 -16.40
O4 OED T . 17.95 -4.12 -17.18
O5 OED T . 18.12 -2.26 -18.50
N1 MTX U . -4.59 22.78 -34.21
C2 MTX U . -4.18 23.67 -33.28
NA2 MTX U . -3.92 23.18 -31.95
N3 MTX U . -4.02 24.97 -33.54
C4 MTX U . -4.26 25.44 -34.79
NA4 MTX U . -4.09 26.83 -35.10
C4A MTX U . -4.69 24.56 -35.81
N5 MTX U . -4.94 25.02 -37.07
C6 MTX U . -5.34 24.13 -38.00
C7 MTX U . -5.50 22.77 -37.71
N8 MTX U . -5.25 22.34 -36.45
C8A MTX U . -4.84 23.23 -35.49
C9 MTX U . -5.61 24.64 -39.40
N10 MTX U . -6.64 23.90 -40.10
CM MTX U . -6.30 23.18 -41.31
C11 MTX U . -10.62 23.82 -38.63
C12 MTX U . -10.12 22.74 -39.35
C13 MTX U . -8.81 22.78 -39.83
C14 MTX U . -8.01 23.89 -39.59
C15 MTX U . -8.51 24.97 -38.87
C16 MTX U . -9.83 24.94 -38.39
C MTX U . -12.05 23.76 -38.11
O MTX U . -12.89 23.15 -38.74
N MTX U . -12.45 24.42 -36.88
CA MTX U . -13.82 24.34 -36.44
CT MTX U . -14.13 25.55 -35.67
O1 MTX U . -13.20 26.33 -35.37
O2 MTX U . -15.32 25.78 -35.30
CB MTX U . -13.98 23.17 -35.53
CG MTX U . -14.37 21.83 -36.07
CD MTX U . -14.83 20.83 -35.06
OE1 MTX U . -15.47 21.24 -34.05
OE2 MTX U . -14.27 19.71 -34.99
PA NDP V . 34.53 12.83 13.42
O1A NDP V . 35.69 13.43 14.18
O2A NDP V . 33.37 13.80 13.42
O5B NDP V . 34.94 12.62 11.96
C5B NDP V . 35.98 11.73 11.62
C4B NDP V . 36.36 11.72 10.21
O4B NDP V . 37.06 12.91 9.89
C3B NDP V . 37.28 10.65 9.85
O3B NDP V . 36.61 9.46 9.59
C2B NDP V . 37.91 11.16 8.66
O2B NDP V . 37.05 11.06 7.55
C1B NDP V . 38.08 12.56 8.97
N9A NDP V . 39.36 12.79 9.54
C8A NDP V . 39.65 12.87 10.87
N7A NDP V . 40.97 13.09 11.02
C5A NDP V . 41.54 13.15 9.77
C6A NDP V . 42.87 13.34 9.29
N6A NDP V . 43.97 13.55 10.26
N1A NDP V . 43.11 13.35 7.95
C2A NDP V . 42.07 13.16 7.09
N3A NDP V . 40.82 12.96 7.49
C4A NDP V . 40.52 12.96 8.84
O3 NDP V . 34.06 11.44 14.06
PN NDP V . 33.85 11.23 15.63
O1N NDP V . 33.45 9.78 15.97
O2N NDP V . 35.15 11.53 16.34
O5D NDP V . 32.69 12.24 16.13
C5D NDP V . 31.33 11.99 15.86
C4D NDP V . 30.44 11.86 16.99
O4D NDP V . 30.65 12.95 17.88
C3D NDP V . 29.03 11.93 16.57
O3D NDP V . 28.25 11.13 17.39
C2D NDP V . 28.68 13.29 16.77
O2D NDP V . 27.31 13.43 16.97
C1D NDP V . 29.45 13.64 17.99
N1N NDP V . 29.67 15.06 18.07
C2N NDP V . 29.36 15.69 19.22
C3N NDP V . 29.55 17.07 19.37
C7N NDP V . 29.18 17.73 20.68
O7N NDP V . 29.46 18.93 20.88
N7N NDP V . 28.49 17.00 21.72
C4N NDP V . 30.08 17.81 18.30
C5N NDP V . 30.41 17.13 17.12
C6N NDP V . 30.20 15.75 17.01
P2B NDP V . 37.35 10.11 6.36
O1X NDP V . 37.15 8.65 6.82
O2X NDP V . 36.43 10.42 5.25
O3X NDP V . 38.75 10.29 5.87
N1 UFP W . 23.77 26.12 63.03
C2 UFP W . 23.54 26.57 61.76
N3 UFP W . 22.40 26.24 61.11
C4 UFP W . 21.46 25.45 61.70
C5 UFP W . 21.68 24.98 63.01
C6 UFP W . 22.83 25.33 63.64
O2 UFP W . 24.32 27.27 61.15
O4 UFP W . 20.44 25.17 61.10
F5 UFP W . 20.79 24.20 63.64
C1' UFP W . 24.97 26.42 63.84
C2' UFP W . 25.39 27.91 63.92
C3' UFP W . 26.33 27.88 65.15
C4' UFP W . 25.74 26.75 66.03
O3' UFP W . 27.67 27.54 64.76
O4' UFP W . 24.72 26.12 65.24
C5' UFP W . 25.21 27.29 67.36
O5' UFP W . 24.89 28.69 67.24
P UFP W . 24.94 29.39 68.69
O1P UFP W . 24.77 30.84 68.51
O2P UFP W . 26.35 29.10 69.41
O3P UFP W . 23.77 28.83 69.62
O1 OED X . 25.17 22.58 62.02
C6 OED X . 22.00 21.46 64.90
C7 OED X . 22.16 21.26 62.34
C9 OED X . 23.39 20.25 60.34
C10 OED X . 24.29 19.31 59.79
C11 OED X . 24.94 18.34 60.61
C12 OED X . 24.67 18.36 61.99
C13 OED X . 23.77 19.29 62.55
C14 OED X . 25.91 17.34 60.03
C15 OED X . 26.65 16.39 57.83
C16 OED X . 26.56 14.97 57.87
C18 OED X . 28.25 14.81 56.11
C20 OED X . 27.56 16.99 56.92
C21 OED X . 29.97 17.92 55.51
C22 OED X . 25.61 14.23 58.81
C23 OED X . 24.48 13.56 58.04
C1 OED X . 23.99 22.40 65.38
C17 OED X . 27.36 14.20 57.01
C19 OED X . 28.36 16.21 56.05
C2 OED X . 23.92 22.24 64.02
C3 OED X . 25.11 22.68 63.24
C4 OED X . 26.06 23.31 65.37
C5 OED X . 22.66 21.65 63.71
C8 OED X . 23.12 20.25 61.73
N1 OED X . 25.04 22.94 66.10
N2 OED X . 26.11 23.20 63.96
N3 OED X . 22.81 21.94 65.91
N4 OED X . 27.21 23.88 65.88
N5 OED X . 25.87 17.21 58.69
O2 OED X . 26.65 16.70 60.76
O3 OED X . 29.26 16.73 55.15
O4 OED X . 23.32 13.96 58.05
O5 OED X . 24.91 12.45 57.36
N1 MTX Y . 26.63 21.57 20.88
C2 MTX Y . 27.70 22.33 21.23
NA2 MTX Y . 27.63 23.06 22.48
N3 MTX Y . 28.79 22.42 20.48
C4 MTX Y . 28.88 21.75 19.31
NA4 MTX Y . 30.03 21.84 18.47
C4A MTX Y . 27.80 20.95 18.89
N5 MTX Y . 27.85 20.26 17.72
C6 MTX Y . 26.79 19.49 17.36
C7 MTX Y . 25.64 19.40 18.16
N8 MTX Y . 25.61 20.09 19.32
C8A MTX Y . 26.67 20.87 19.71
C9 MTX Y . 26.84 18.74 16.06
N10 MTX Y . 25.54 18.53 15.45
CM MTX Y . 25.05 17.19 15.27
C11 MTX Y . 23.08 21.81 14.29
C12 MTX Y . 22.52 20.60 14.71
C13 MTX Y . 23.34 19.55 15.09
C14 MTX Y . 24.73 19.67 15.05
C15 MTX Y . 25.29 20.88 14.62
C16 MTX Y . 24.46 21.95 14.24
C MTX Y . 22.15 22.94 13.89
O MTX Y . 21.09 22.67 13.38
N MTX Y . 22.50 24.33 14.11
CA MTX Y . 21.57 25.36 13.69
CT MTX Y . 22.35 26.55 13.29
O1 MTX Y . 23.57 26.60 13.56
O2 MTX Y . 21.78 27.50 12.68
CB MTX Y . 20.73 25.75 14.86
CG MTX Y . 19.35 25.18 15.02
CD MTX Y . 18.47 25.88 16.01
OE1 MTX Y . 18.59 27.13 16.15
OE2 MTX Y . 17.92 25.22 16.93
#